data_8G8N
#
_entry.id   8G8N
#
_cell.length_a   72.430
_cell.length_b   203.510
_cell.length_c   225.520
_cell.angle_alpha   90.000
_cell.angle_beta   90.000
_cell.angle_gamma   90.000
#
_symmetry.space_group_name_H-M   'P 21 21 21'
#
loop_
_entity.id
_entity.type
_entity.pdbx_description
1 polymer 'Fab heavy chain'
2 polymer 'Fab light chain'
3 polymer CYS-PRO-GLY-LYS-GLY-LEU-PRO-SER-CYS
#
loop_
_entity_poly.entity_id
_entity_poly.type
_entity_poly.pdbx_seq_one_letter_code
_entity_poly.pdbx_strand_id
1 'polypeptide(L)'
;QVQLVQSGAEVKKPGSSVKVSCKASGYTFTNYFMNWVRQAPGQGLEWMGRVDPEQGRADYAEKFKKRVTITADKSTSTAY
MELSSLRSEDTAVYYCARRAMDNYGFAYWGQGTLVTVSSASTKGPSVFPLAPSSKSTSGGTAALGCLVKDYFPEPVTVSW
NSGALTSGVHTFPAVLQSSGLYSLSSVVTVPSSSLGTQTYICNVNHKPSNTKVDKKVEPKSC
;
A,D,G,H,K,O
2 'polypeptide(L)'
;EIVLTQSPDFQSVTPKEKVTITCSANSALSYMYWYQQKPDQSPKLWVHGTSNLASGVPSRFSGSGSGTDFTLTINSLEAE
DAATYYCHHWSNTQWTFGGGTKVEIKRTVAAPSVFIFPPSDEQLKSGTASVVCLLNNFYPREAKVQWKVDNALQSGNSQE
SVTEQDSKDSTYSLSSTLTLSKADYEKHKVYACEVTHQGLSSPVTKSFNRGEC
;
B,E,I,L,M,Q
3 'polypeptide(L)' CPGKGLPSC C,F,J,P,R,Z
#
# COMPACT_ATOMS: atom_id res chain seq x y z
N GLN A 1 36.64 -29.83 9.66
CA GLN A 1 35.35 -29.42 9.02
C GLN A 1 34.84 -30.56 8.14
N VAL A 2 33.56 -30.91 8.32
CA VAL A 2 32.94 -31.96 7.51
C VAL A 2 32.90 -31.50 6.06
N GLN A 3 33.39 -32.34 5.16
CA GLN A 3 33.50 -31.99 3.75
C GLN A 3 33.05 -33.16 2.89
N LEU A 4 32.25 -32.86 1.86
CA LEU A 4 31.78 -33.84 0.90
C LEU A 4 32.09 -33.32 -0.49
N VAL A 5 33.11 -33.89 -1.13
CA VAL A 5 33.55 -33.49 -2.46
C VAL A 5 33.14 -34.58 -3.43
N GLN A 6 32.34 -34.22 -4.43
CA GLN A 6 31.77 -35.17 -5.38
C GLN A 6 32.56 -35.16 -6.69
N SER A 7 32.23 -36.11 -7.55
CA SER A 7 32.84 -36.20 -8.87
C SER A 7 32.29 -35.11 -9.79
N GLY A 8 32.91 -34.97 -10.96
CA GLY A 8 32.55 -33.91 -11.88
C GLY A 8 31.32 -34.22 -12.71
N ALA A 9 30.88 -33.20 -13.44
CA ALA A 9 29.71 -33.33 -14.29
C ALA A 9 29.92 -34.43 -15.34
N GLU A 10 28.81 -34.89 -15.91
CA GLU A 10 28.86 -35.99 -16.86
C GLU A 10 27.78 -35.82 -17.91
N VAL A 11 28.10 -36.21 -19.14
CA VAL A 11 27.15 -36.26 -20.26
C VAL A 11 26.88 -37.72 -20.56
N LYS A 12 25.61 -38.07 -20.76
CA LYS A 12 25.22 -39.45 -20.95
C LYS A 12 24.17 -39.57 -22.05
N LYS A 13 24.29 -40.63 -22.86
CA LYS A 13 23.27 -40.97 -23.83
C LYS A 13 22.20 -41.86 -23.17
N PRO A 14 20.96 -41.82 -23.64
CA PRO A 14 19.94 -42.68 -23.05
C PRO A 14 20.33 -44.14 -23.10
N GLY A 15 19.99 -44.87 -22.04
CA GLY A 15 20.32 -46.28 -21.93
C GLY A 15 21.60 -46.58 -21.20
N SER A 16 22.49 -45.59 -21.05
CA SER A 16 23.74 -45.79 -20.36
C SER A 16 23.54 -45.69 -18.85
N SER A 17 24.62 -45.91 -18.10
CA SER A 17 24.62 -45.80 -16.66
C SER A 17 25.71 -44.82 -16.22
N VAL A 18 25.46 -44.12 -15.12
CA VAL A 18 26.38 -43.12 -14.58
C VAL A 18 26.68 -43.48 -13.14
N LYS A 19 27.96 -43.46 -12.78
CA LYS A 19 28.42 -43.70 -11.41
C LYS A 19 29.02 -42.41 -10.87
N VAL A 20 28.53 -41.97 -9.72
CA VAL A 20 28.93 -40.70 -9.12
C VAL A 20 29.57 -41.00 -7.77
N SER A 21 30.69 -40.33 -7.49
CA SER A 21 31.45 -40.52 -6.27
C SER A 21 31.24 -39.35 -5.32
N CYS A 22 31.60 -39.57 -4.05
CA CYS A 22 31.47 -38.55 -3.02
C CYS A 22 32.53 -38.83 -1.95
N LYS A 23 33.61 -38.06 -1.99
CA LYS A 23 34.69 -38.21 -1.01
C LYS A 23 34.33 -37.47 0.27
N ALA A 24 34.41 -38.16 1.40
CA ALA A 24 34.06 -37.62 2.70
C ALA A 24 35.32 -37.39 3.52
N SER A 25 35.31 -36.28 4.28
CA SER A 25 36.44 -35.94 5.12
C SER A 25 35.95 -35.10 6.28
N GLY A 26 36.79 -34.98 7.31
CA GLY A 26 36.45 -34.21 8.48
C GLY A 26 35.63 -34.94 9.52
N TYR A 27 35.36 -36.23 9.31
CA TYR A 27 34.60 -37.02 10.26
C TYR A 27 34.85 -38.49 9.99
N THR A 28 34.60 -39.32 11.01
CA THR A 28 34.76 -40.76 10.85
C THR A 28 33.71 -41.27 9.87
N PHE A 29 34.17 -41.86 8.76
CA PHE A 29 33.29 -42.13 7.63
C PHE A 29 32.18 -43.11 8.01
N THR A 30 32.51 -44.16 8.76
CA THR A 30 31.58 -45.26 8.97
C THR A 30 30.54 -44.98 10.05
N ASN A 31 30.63 -43.86 10.77
CA ASN A 31 29.69 -43.58 11.84
C ASN A 31 28.39 -42.94 11.35
N TYR A 32 28.30 -42.58 10.08
CA TYR A 32 27.15 -41.85 9.56
C TYR A 32 26.67 -42.47 8.26
N PHE A 33 25.35 -42.47 8.08
CA PHE A 33 24.77 -42.79 6.78
C PHE A 33 25.24 -41.77 5.74
N MET A 34 25.33 -42.21 4.49
CA MET A 34 25.57 -41.33 3.36
C MET A 34 24.35 -41.37 2.46
N ASN A 35 23.59 -40.28 2.44
CA ASN A 35 22.37 -40.19 1.63
C ASN A 35 22.69 -39.61 0.27
N TRP A 36 21.86 -39.97 -0.71
CA TRP A 36 21.97 -39.45 -2.07
C TRP A 36 20.65 -38.80 -2.45
N VAL A 37 20.73 -37.55 -2.93
CA VAL A 37 19.56 -36.76 -3.30
C VAL A 37 19.80 -36.18 -4.68
N ARG A 38 18.72 -35.99 -5.43
CA ARG A 38 18.81 -35.42 -6.77
C ARG A 38 17.73 -34.36 -6.95
N GLN A 39 18.00 -33.43 -7.86
CA GLN A 39 17.11 -32.30 -8.09
C GLN A 39 17.23 -31.90 -9.56
N ALA A 40 16.19 -32.17 -10.34
CA ALA A 40 16.16 -31.70 -11.71
C ALA A 40 16.14 -30.18 -11.74
N PRO A 41 16.73 -29.56 -12.77
CA PRO A 41 16.80 -28.08 -12.79
C PRO A 41 15.47 -27.42 -12.55
N GLY A 42 15.35 -26.69 -11.44
CA GLY A 42 14.14 -25.98 -11.10
C GLY A 42 13.05 -26.82 -10.47
N GLN A 43 13.31 -28.10 -10.22
CA GLN A 43 12.32 -29.03 -9.68
C GLN A 43 12.67 -29.36 -8.23
N GLY A 44 11.82 -30.20 -7.62
CA GLY A 44 11.95 -30.50 -6.21
C GLY A 44 13.04 -31.52 -5.92
N LEU A 45 13.33 -31.68 -4.63
CA LEU A 45 14.34 -32.62 -4.18
C LEU A 45 13.75 -34.02 -4.10
N GLU A 46 14.57 -35.02 -4.47
CA GLU A 46 14.18 -36.41 -4.42
C GLU A 46 15.23 -37.20 -3.65
N TRP A 47 14.80 -37.87 -2.58
CA TRP A 47 15.69 -38.81 -1.89
C TRP A 47 15.79 -40.09 -2.72
N MET A 48 17.02 -40.51 -2.98
CA MET A 48 17.28 -41.70 -3.79
C MET A 48 17.60 -42.93 -2.94
N GLY A 49 18.49 -42.79 -1.98
CA GLY A 49 18.86 -43.90 -1.14
C GLY A 49 19.97 -43.51 -0.19
N ARG A 50 20.46 -44.50 0.53
CA ARG A 50 21.56 -44.29 1.47
C ARG A 50 22.30 -45.60 1.66
N VAL A 51 23.52 -45.50 2.16
CA VAL A 51 24.35 -46.66 2.47
C VAL A 51 25.03 -46.43 3.81
N ASP A 52 25.01 -47.45 4.67
CA ASP A 52 25.77 -47.42 5.91
C ASP A 52 27.16 -47.93 5.60
N PRO A 53 28.20 -47.10 5.67
CA PRO A 53 29.54 -47.56 5.24
C PRO A 53 30.21 -48.51 6.22
N GLU A 54 29.60 -48.76 7.39
CA GLU A 54 30.18 -49.71 8.34
C GLU A 54 30.04 -51.13 7.83
N GLN A 55 28.81 -51.54 7.51
CA GLN A 55 28.55 -52.87 6.98
C GLN A 55 28.31 -52.87 5.47
N GLY A 56 27.93 -51.73 4.89
CA GLY A 56 27.57 -51.66 3.50
C GLY A 56 26.11 -51.85 3.21
N ARG A 57 25.25 -51.81 4.22
CA ARG A 57 23.82 -51.99 4.02
C ARG A 57 23.22 -50.71 3.45
N ALA A 58 22.34 -50.86 2.47
CA ALA A 58 21.77 -49.73 1.75
C ALA A 58 20.25 -49.80 1.77
N ASP A 59 19.63 -48.62 1.77
CA ASP A 59 18.18 -48.48 1.68
C ASP A 59 17.85 -47.55 0.53
N TYR A 60 16.90 -47.95 -0.31
CA TYR A 60 16.54 -47.20 -1.50
C TYR A 60 15.07 -46.81 -1.45
N ALA A 61 14.76 -45.66 -2.06
CA ALA A 61 13.38 -45.28 -2.29
C ALA A 61 12.76 -46.24 -3.30
N GLU A 62 11.45 -46.43 -3.19
CA GLU A 62 10.78 -47.41 -4.05
C GLU A 62 10.93 -47.04 -5.52
N LYS A 63 10.87 -45.75 -5.84
CA LYS A 63 11.02 -45.32 -7.22
C LYS A 63 12.38 -45.74 -7.78
N PHE A 64 13.41 -45.72 -6.95
CA PHE A 64 14.79 -45.91 -7.40
C PHE A 64 15.36 -47.29 -7.06
N LYS A 65 14.55 -48.19 -6.48
CA LYS A 65 15.11 -49.48 -6.08
C LYS A 65 15.57 -50.29 -7.28
N LYS A 66 14.91 -50.14 -8.43
CA LYS A 66 15.18 -51.01 -9.57
C LYS A 66 16.53 -50.68 -10.22
N ARG A 67 16.90 -49.40 -10.26
CA ARG A 67 18.01 -48.96 -11.09
C ARG A 67 19.20 -48.41 -10.31
N VAL A 68 19.04 -48.04 -9.04
CA VAL A 68 20.08 -47.36 -8.28
C VAL A 68 20.80 -48.38 -7.40
N THR A 69 22.12 -48.37 -7.46
CA THR A 69 22.97 -49.15 -6.58
C THR A 69 23.92 -48.19 -5.87
N ILE A 70 23.85 -48.14 -4.55
CA ILE A 70 24.66 -47.26 -3.72
C ILE A 70 25.64 -48.11 -2.93
N THR A 71 26.93 -47.74 -2.99
CA THR A 71 27.98 -48.48 -2.31
C THR A 71 28.91 -47.48 -1.62
N ALA A 72 29.80 -48.02 -0.78
CA ALA A 72 30.75 -47.20 -0.04
C ALA A 72 32.04 -47.99 0.14
N ASP A 73 33.17 -47.29 0.01
CA ASP A 73 34.49 -47.87 0.22
C ASP A 73 35.09 -47.21 1.47
N LYS A 74 35.26 -48.01 2.53
CA LYS A 74 35.77 -47.47 3.78
C LYS A 74 37.22 -47.01 3.66
N SER A 75 38.01 -47.70 2.83
CA SER A 75 39.43 -47.41 2.77
C SER A 75 39.70 -45.98 2.32
N THR A 76 38.95 -45.50 1.33
CA THR A 76 39.11 -44.15 0.80
C THR A 76 38.01 -43.21 1.28
N SER A 77 37.16 -43.65 2.19
CA SER A 77 36.05 -42.84 2.70
C SER A 77 35.29 -42.19 1.56
N THR A 78 34.98 -42.98 0.54
CA THR A 78 34.27 -42.52 -0.65
C THR A 78 33.00 -43.32 -0.83
N ALA A 79 31.92 -42.62 -1.14
CA ALA A 79 30.62 -43.23 -1.41
C ALA A 79 30.27 -43.09 -2.88
N TYR A 80 29.51 -44.05 -3.39
CA TYR A 80 29.18 -44.11 -4.81
C TYR A 80 27.69 -44.34 -5.00
N MET A 81 27.16 -43.78 -6.09
CA MET A 81 25.77 -44.00 -6.49
C MET A 81 25.76 -44.22 -8.00
N GLU A 82 25.26 -45.38 -8.42
CA GLU A 82 25.19 -45.73 -9.83
C GLU A 82 23.73 -45.82 -10.25
N LEU A 83 23.38 -45.11 -11.32
CA LEU A 83 22.04 -45.12 -11.88
C LEU A 83 22.11 -45.71 -13.28
N SER A 84 21.28 -46.72 -13.53
CA SER A 84 21.30 -47.45 -14.80
C SER A 84 20.10 -47.08 -15.65
N SER A 85 20.15 -47.50 -16.91
CA SER A 85 19.07 -47.27 -17.87
C SER A 85 18.61 -45.81 -17.85
N LEU A 86 19.54 -44.93 -18.18
CA LEU A 86 19.29 -43.51 -18.08
C LEU A 86 18.31 -43.04 -19.15
N ARG A 87 17.60 -41.96 -18.84
CA ARG A 87 16.69 -41.31 -19.77
C ARG A 87 16.83 -39.81 -19.60
N SER A 88 16.22 -39.06 -20.53
CA SER A 88 16.33 -37.60 -20.47
C SER A 88 15.79 -37.05 -19.15
N GLU A 89 14.74 -37.69 -18.60
CA GLU A 89 14.17 -37.22 -17.34
C GLU A 89 15.10 -37.43 -16.16
N ASP A 90 16.18 -38.20 -16.32
CA ASP A 90 17.17 -38.35 -15.27
C ASP A 90 18.16 -37.19 -15.23
N THR A 91 18.07 -36.25 -16.17
CA THR A 91 18.90 -35.06 -16.12
C THR A 91 18.65 -34.30 -14.83
N ALA A 92 19.67 -34.20 -13.99
CA ALA A 92 19.51 -33.58 -12.68
C ALA A 92 20.89 -33.37 -12.06
N VAL A 93 20.91 -32.58 -10.99
CA VAL A 93 22.07 -32.45 -10.12
C VAL A 93 21.93 -33.49 -9.00
N TYR A 94 23.02 -34.20 -8.72
CA TYR A 94 23.00 -35.29 -7.76
C TYR A 94 23.91 -34.93 -6.59
N TYR A 95 23.31 -34.89 -5.39
CA TYR A 95 24.02 -34.55 -4.17
C TYR A 95 24.21 -35.78 -3.30
N CYS A 96 25.32 -35.80 -2.57
CA CYS A 96 25.52 -36.69 -1.43
C CYS A 96 25.41 -35.86 -0.15
N ALA A 97 24.64 -36.35 0.81
CA ALA A 97 24.34 -35.58 2.00
C ALA A 97 24.53 -36.43 3.25
N ARG A 98 24.83 -35.75 4.36
CA ARG A 98 25.04 -36.38 5.65
C ARG A 98 24.24 -35.62 6.71
N ARG A 99 23.86 -36.34 7.76
CA ARG A 99 23.01 -35.76 8.79
C ARG A 99 23.79 -34.79 9.66
N ALA A 100 23.05 -33.96 10.39
CA ALA A 100 23.65 -33.04 11.34
C ALA A 100 24.24 -33.79 12.51
N MET A 101 25.13 -33.12 13.24
CA MET A 101 25.81 -33.77 14.36
C MET A 101 24.82 -34.27 15.40
N ASP A 102 23.83 -33.46 15.75
CA ASP A 102 22.95 -33.73 16.88
C ASP A 102 21.50 -33.98 16.49
N ASN A 103 21.21 -34.15 15.20
CA ASN A 103 19.85 -34.47 14.78
C ASN A 103 19.90 -35.17 13.43
N TYR A 104 18.74 -35.66 13.00
CA TYR A 104 18.65 -36.50 11.81
C TYR A 104 18.54 -35.72 10.50
N GLY A 105 18.40 -34.40 10.56
CA GLY A 105 18.28 -33.63 9.34
C GLY A 105 19.58 -33.57 8.56
N PHE A 106 19.46 -33.37 7.25
CA PHE A 106 20.62 -33.31 6.37
C PHE A 106 21.25 -31.92 6.49
N ALA A 107 22.36 -31.84 7.23
CA ALA A 107 23.04 -30.56 7.40
C ALA A 107 24.22 -30.38 6.47
N TYR A 108 24.83 -31.46 5.98
CA TYR A 108 26.03 -31.40 5.17
C TYR A 108 25.73 -31.96 3.79
N TRP A 109 26.06 -31.18 2.76
CA TRP A 109 25.79 -31.54 1.37
C TRP A 109 27.05 -31.36 0.54
N GLY A 110 27.18 -32.17 -0.51
CA GLY A 110 28.22 -31.97 -1.48
C GLY A 110 27.88 -30.84 -2.44
N GLN A 111 28.86 -30.48 -3.27
CA GLN A 111 28.66 -29.39 -4.21
C GLN A 111 27.61 -29.73 -5.27
N GLY A 112 27.35 -31.01 -5.50
CA GLY A 112 26.42 -31.42 -6.53
C GLY A 112 27.12 -31.84 -7.80
N THR A 113 26.60 -32.87 -8.46
CA THR A 113 27.17 -33.39 -9.70
C THR A 113 26.08 -33.39 -10.76
N LEU A 114 26.25 -32.56 -11.79
CA LEU A 114 25.28 -32.48 -12.86
C LEU A 114 25.48 -33.64 -13.83
N VAL A 115 24.40 -34.38 -14.08
CA VAL A 115 24.38 -35.43 -15.10
C VAL A 115 23.31 -35.04 -16.12
N THR A 116 23.73 -34.80 -17.35
CA THR A 116 22.82 -34.44 -18.43
C THR A 116 22.64 -35.65 -19.34
N VAL A 117 21.40 -36.13 -19.46
CA VAL A 117 21.08 -37.28 -20.30
C VAL A 117 20.40 -36.75 -21.55
N SER A 118 20.98 -37.03 -22.71
CA SER A 118 20.46 -36.54 -23.99
C SER A 118 21.24 -37.20 -25.10
N SER A 119 20.62 -37.26 -26.28
CA SER A 119 21.26 -37.81 -27.47
C SER A 119 22.15 -36.79 -28.16
N ALA A 120 22.19 -35.55 -27.68
CA ALA A 120 23.08 -34.55 -28.25
C ALA A 120 24.50 -34.76 -27.77
N SER A 121 25.45 -34.31 -28.59
CA SER A 121 26.86 -34.39 -28.27
C SER A 121 27.36 -33.09 -27.65
N THR A 122 28.44 -33.20 -26.90
CA THR A 122 29.05 -32.01 -26.29
C THR A 122 29.54 -31.07 -27.40
N LYS A 123 29.32 -29.78 -27.19
CA LYS A 123 29.63 -28.79 -28.21
C LYS A 123 29.86 -27.44 -27.55
N GLY A 124 30.91 -26.75 -27.98
CA GLY A 124 31.21 -25.42 -27.48
C GLY A 124 30.30 -24.38 -28.10
N PRO A 125 30.21 -23.21 -27.49
CA PRO A 125 29.31 -22.17 -28.00
C PRO A 125 29.95 -21.33 -29.09
N SER A 126 29.10 -20.62 -29.82
CA SER A 126 29.51 -19.57 -30.74
C SER A 126 29.09 -18.24 -30.14
N VAL A 127 30.06 -17.37 -29.88
CA VAL A 127 29.83 -16.09 -29.21
C VAL A 127 29.73 -15.00 -30.27
N PHE A 128 28.63 -14.24 -30.23
CA PHE A 128 28.39 -13.17 -31.18
C PHE A 128 28.17 -11.86 -30.46
N PRO A 129 28.65 -10.74 -31.00
CA PRO A 129 28.48 -9.47 -30.32
C PRO A 129 27.04 -8.96 -30.40
N LEU A 130 26.63 -8.28 -29.33
CA LEU A 130 25.38 -7.52 -29.29
C LEU A 130 25.83 -6.06 -29.12
N ALA A 131 26.12 -5.41 -30.25
CA ALA A 131 26.82 -4.14 -30.22
C ALA A 131 25.91 -3.02 -29.72
N PRO A 132 26.48 -1.99 -29.10
CA PRO A 132 25.67 -0.90 -28.53
C PRO A 132 25.34 0.19 -29.54
N SER A 133 24.36 0.99 -29.17
CA SER A 133 24.00 2.20 -29.91
C SER A 133 23.03 3.05 -29.10
N GLY A 140 23.28 9.51 -20.67
CA GLY A 140 22.43 8.37 -20.97
C GLY A 140 23.14 7.05 -20.81
N THR A 141 22.37 5.97 -20.83
CA THR A 141 22.88 4.62 -20.61
C THR A 141 22.70 3.79 -21.88
N ALA A 142 23.76 3.08 -22.27
CA ALA A 142 23.74 2.20 -23.42
C ALA A 142 23.94 0.76 -22.98
N ALA A 143 23.38 -0.17 -23.75
CA ALA A 143 23.43 -1.59 -23.43
C ALA A 143 24.17 -2.34 -24.53
N LEU A 144 24.90 -3.37 -24.11
CA LEU A 144 25.64 -4.24 -25.03
C LEU A 144 25.70 -5.62 -24.39
N GLY A 145 26.10 -6.61 -25.20
CA GLY A 145 26.14 -7.96 -24.67
C GLY A 145 26.76 -8.93 -25.65
N CYS A 146 26.74 -10.20 -25.28
CA CYS A 146 27.22 -11.30 -26.09
C CYS A 146 26.14 -12.37 -26.18
N LEU A 147 25.98 -12.93 -27.37
CA LEU A 147 25.02 -14.02 -27.61
C LEU A 147 25.79 -15.33 -27.65
N VAL A 148 25.63 -16.13 -26.60
CA VAL A 148 26.29 -17.43 -26.51
C VAL A 148 25.29 -18.47 -27.02
N LYS A 149 25.58 -19.04 -28.18
CA LYS A 149 24.60 -19.82 -28.92
C LYS A 149 25.11 -21.21 -29.25
N ASP A 150 24.20 -22.18 -29.22
CA ASP A 150 24.42 -23.54 -29.73
C ASP A 150 25.59 -24.22 -29.02
N TYR A 151 25.39 -24.44 -27.73
CA TYR A 151 26.32 -25.21 -26.91
C TYR A 151 25.58 -26.32 -26.19
N PHE A 152 26.32 -27.36 -25.80
CA PHE A 152 25.74 -28.46 -25.04
C PHE A 152 26.87 -29.19 -24.31
N PRO A 153 26.66 -29.60 -23.05
CA PRO A 153 25.49 -29.36 -22.19
C PRO A 153 25.63 -28.03 -21.46
N GLU A 154 24.79 -27.79 -20.47
CA GLU A 154 25.01 -26.69 -19.55
C GLU A 154 26.10 -27.09 -18.56
N PRO A 155 26.71 -26.10 -17.87
CA PRO A 155 26.45 -24.67 -17.90
C PRO A 155 27.49 -23.84 -18.66
N VAL A 156 27.18 -22.57 -18.90
CA VAL A 156 28.14 -21.61 -19.41
C VAL A 156 28.19 -20.44 -18.43
N THR A 157 29.40 -19.93 -18.19
CA THR A 157 29.60 -18.78 -17.31
C THR A 157 30.18 -17.63 -18.12
N VAL A 158 29.72 -16.42 -17.82
CA VAL A 158 30.13 -15.23 -18.56
C VAL A 158 30.66 -14.19 -17.57
N SER A 159 31.82 -13.62 -17.88
CA SER A 159 32.35 -12.47 -17.17
C SER A 159 32.67 -11.39 -18.20
N TRP A 160 32.84 -10.17 -17.71
CA TRP A 160 33.11 -9.02 -18.57
C TRP A 160 34.41 -8.35 -18.12
N ASN A 161 35.31 -8.13 -19.08
CA ASN A 161 36.61 -7.52 -18.80
C ASN A 161 37.35 -8.30 -17.71
N SER A 162 37.28 -9.63 -17.80
CA SER A 162 37.97 -10.52 -16.86
C SER A 162 37.59 -10.22 -15.42
N GLY A 163 36.30 -9.98 -15.19
CA GLY A 163 35.80 -9.73 -13.85
C GLY A 163 35.88 -8.29 -13.40
N ALA A 164 36.51 -7.41 -14.18
CA ALA A 164 36.57 -6.01 -13.80
C ALA A 164 35.18 -5.37 -13.82
N LEU A 165 34.28 -5.85 -14.66
CA LEU A 165 32.95 -5.30 -14.80
C LEU A 165 31.93 -6.30 -14.25
N THR A 166 31.26 -5.93 -13.19
CA THR A 166 30.20 -6.75 -12.62
C THR A 166 28.92 -5.96 -12.45
N SER A 167 29.03 -4.68 -12.12
CA SER A 167 27.86 -3.83 -11.96
C SER A 167 27.10 -3.74 -13.27
N GLY A 168 25.80 -3.96 -13.21
CA GLY A 168 24.93 -3.83 -14.36
C GLY A 168 24.86 -5.03 -15.27
N VAL A 169 25.60 -6.10 -14.97
CA VAL A 169 25.61 -7.27 -15.84
C VAL A 169 24.39 -8.13 -15.55
N HIS A 170 23.84 -8.73 -16.60
CA HIS A 170 22.70 -9.66 -16.47
C HIS A 170 22.95 -10.80 -17.47
N THR A 171 23.35 -11.97 -16.95
CA THR A 171 23.50 -13.17 -17.75
C THR A 171 22.24 -14.00 -17.62
N PHE A 172 21.58 -14.25 -18.74
CA PHE A 172 20.24 -14.84 -18.72
C PHE A 172 20.31 -16.36 -18.58
N PRO A 173 19.25 -16.96 -18.04
CA PRO A 173 19.19 -18.43 -18.02
C PRO A 173 19.19 -19.00 -19.42
N ALA A 174 19.81 -20.17 -19.56
CA ALA A 174 19.91 -20.82 -20.86
C ALA A 174 18.53 -21.26 -21.34
N VAL A 175 18.34 -21.24 -22.65
CA VAL A 175 17.13 -21.69 -23.30
C VAL A 175 17.46 -22.92 -24.13
N LEU A 176 16.69 -23.99 -23.97
CA LEU A 176 16.87 -25.20 -24.75
C LEU A 176 16.15 -25.05 -26.07
N GLN A 177 16.91 -25.06 -27.17
CA GLN A 177 16.35 -24.84 -28.49
C GLN A 177 15.76 -26.13 -29.05
N SER A 178 14.99 -25.98 -30.14
CA SER A 178 14.41 -27.15 -30.80
C SER A 178 15.49 -28.11 -31.26
N SER A 179 16.68 -27.60 -31.58
CA SER A 179 17.78 -28.44 -32.01
C SER A 179 18.35 -29.30 -30.88
N GLY A 180 17.96 -29.05 -29.64
CA GLY A 180 18.55 -29.71 -28.50
C GLY A 180 19.76 -29.02 -27.92
N LEU A 181 20.21 -27.93 -28.52
CA LEU A 181 21.33 -27.15 -28.03
C LEU A 181 20.83 -25.96 -27.22
N TYR A 182 21.69 -25.48 -26.32
CA TYR A 182 21.36 -24.38 -25.44
C TYR A 182 21.81 -23.05 -26.04
N SER A 183 21.23 -21.97 -25.53
CA SER A 183 21.57 -20.63 -25.99
C SER A 183 21.17 -19.62 -24.91
N LEU A 184 22.07 -18.69 -24.60
CA LEU A 184 21.79 -17.62 -23.66
C LEU A 184 22.49 -16.36 -24.14
N SER A 185 22.14 -15.24 -23.51
CA SER A 185 22.77 -13.95 -23.79
C SER A 185 23.16 -13.29 -22.46
N SER A 186 24.32 -12.64 -22.47
CA SER A 186 24.78 -11.84 -21.34
C SER A 186 24.84 -10.39 -21.77
N VAL A 187 24.20 -9.51 -21.01
CA VAL A 187 24.14 -8.09 -21.34
C VAL A 187 24.66 -7.29 -20.16
N VAL A 188 25.00 -6.04 -20.43
CA VAL A 188 25.47 -5.12 -19.40
C VAL A 188 25.18 -3.70 -19.85
N THR A 189 24.83 -2.85 -18.88
CA THR A 189 24.51 -1.45 -19.15
C THR A 189 25.69 -0.58 -18.74
N VAL A 190 26.11 0.30 -19.64
CA VAL A 190 27.28 1.16 -19.41
C VAL A 190 26.96 2.56 -19.87
N PRO A 191 27.69 3.56 -19.38
CA PRO A 191 27.48 4.93 -19.85
C PRO A 191 27.71 5.02 -21.36
N SER A 192 26.85 5.79 -22.03
CA SER A 192 26.96 5.90 -23.48
C SER A 192 28.25 6.58 -23.90
N SER A 193 28.76 7.50 -23.07
CA SER A 193 29.99 8.21 -23.41
C SER A 193 31.19 7.28 -23.46
N SER A 194 31.11 6.12 -22.81
CA SER A 194 32.25 5.19 -22.76
C SER A 194 32.45 4.43 -24.06
N LEU A 195 31.53 4.54 -25.01
CA LEU A 195 31.67 3.83 -26.28
C LEU A 195 32.76 4.47 -27.12
N GLY A 196 33.68 3.63 -27.61
CA GLY A 196 34.80 4.08 -28.39
C GLY A 196 36.05 4.40 -27.59
N THR A 197 35.91 4.62 -26.28
CA THR A 197 37.04 4.82 -25.38
C THR A 197 37.26 3.63 -24.45
N GLN A 198 36.18 3.03 -23.95
CA GLN A 198 36.26 1.89 -23.06
C GLN A 198 36.00 0.62 -23.86
N THR A 199 36.91 -0.35 -23.76
CA THR A 199 36.82 -1.60 -24.50
C THR A 199 36.14 -2.65 -23.62
N TYR A 200 35.17 -3.35 -24.20
CA TYR A 200 34.37 -4.32 -23.47
C TYR A 200 34.53 -5.70 -24.12
N ILE A 201 34.99 -6.66 -23.33
CA ILE A 201 35.15 -8.05 -23.78
C ILE A 201 34.36 -8.95 -22.84
N CYS A 202 33.61 -9.88 -23.42
CA CYS A 202 32.90 -10.89 -22.65
C CYS A 202 33.69 -12.18 -22.67
N ASN A 203 33.98 -12.71 -21.48
CA ASN A 203 34.73 -13.96 -21.34
C ASN A 203 33.75 -15.09 -21.09
N VAL A 204 33.67 -16.02 -22.03
CA VAL A 204 32.70 -17.10 -22.00
C VAL A 204 33.44 -18.40 -21.74
N ASN A 205 33.06 -19.10 -20.66
CA ASN A 205 33.67 -20.36 -20.29
C ASN A 205 32.62 -21.47 -20.36
N HIS A 206 32.97 -22.56 -21.05
CA HIS A 206 32.12 -23.75 -21.16
C HIS A 206 33.00 -24.94 -20.80
N LYS A 207 33.08 -25.25 -19.50
CA LYS A 207 33.94 -26.34 -19.06
C LYS A 207 33.61 -27.67 -19.70
N PRO A 208 32.34 -28.04 -19.91
CA PRO A 208 32.07 -29.37 -20.49
C PRO A 208 32.81 -29.63 -21.80
N SER A 209 32.93 -28.62 -22.65
CA SER A 209 33.70 -28.75 -23.89
C SER A 209 35.13 -28.27 -23.74
N ASN A 210 35.54 -27.87 -22.53
CA ASN A 210 36.89 -27.37 -22.29
C ASN A 210 37.21 -26.18 -23.19
N THR A 211 36.25 -25.25 -23.26
CA THR A 211 36.34 -24.12 -24.18
C THR A 211 36.16 -22.81 -23.42
N LYS A 212 37.07 -21.87 -23.66
CA LYS A 212 36.95 -20.49 -23.19
C LYS A 212 37.05 -19.56 -24.39
N VAL A 213 36.18 -18.55 -24.43
CA VAL A 213 36.10 -17.65 -25.57
C VAL A 213 36.02 -16.22 -25.07
N ASP A 214 36.90 -15.36 -25.59
CA ASP A 214 36.85 -13.93 -25.34
C ASP A 214 36.38 -13.25 -26.62
N LYS A 215 35.34 -12.43 -26.52
CA LYS A 215 34.77 -11.74 -27.67
C LYS A 215 34.70 -10.25 -27.38
N LYS A 216 35.30 -9.45 -28.26
CA LYS A 216 35.30 -7.99 -28.12
C LYS A 216 34.05 -7.44 -28.81
N VAL A 217 33.33 -6.57 -28.10
CA VAL A 217 32.10 -5.96 -28.60
C VAL A 217 32.37 -4.48 -28.82
N GLU A 218 32.25 -4.04 -30.06
CA GLU A 218 32.48 -2.65 -30.44
C GLU A 218 31.27 -2.11 -31.17
N PRO A 219 31.08 -0.79 -31.17
CA PRO A 219 29.94 -0.16 -31.88
C PRO A 219 29.92 -0.51 -33.36
N GLU B 1 1.27 -43.39 0.73
CA GLU B 1 2.71 -43.57 0.86
C GLU B 1 3.38 -42.25 1.25
N ILE B 2 2.84 -41.63 2.30
CA ILE B 2 3.28 -40.34 2.83
C ILE B 2 3.79 -39.43 1.71
N VAL B 3 2.92 -38.53 1.24
CA VAL B 3 3.27 -37.54 0.23
C VAL B 3 3.14 -36.16 0.86
N LEU B 4 4.20 -35.35 0.77
CA LEU B 4 4.22 -34.03 1.35
C LEU B 4 3.92 -33.01 0.27
N THR B 5 2.80 -32.29 0.42
CA THR B 5 2.36 -31.28 -0.52
C THR B 5 2.58 -29.90 0.10
N GLN B 6 3.34 -29.05 -0.57
CA GLN B 6 3.67 -27.73 -0.08
C GLN B 6 2.85 -26.69 -0.84
N SER B 7 2.21 -25.79 -0.08
CA SER B 7 1.46 -24.69 -0.66
C SER B 7 1.88 -23.39 0.01
N PRO B 8 2.02 -22.29 -0.74
CA PRO B 8 1.93 -22.17 -2.21
C PRO B 8 3.25 -22.54 -2.90
N ASP B 9 3.21 -22.74 -4.22
CA ASP B 9 4.46 -22.96 -4.96
C ASP B 9 5.28 -21.69 -5.05
N PHE B 10 4.62 -20.53 -5.15
CA PHE B 10 5.28 -19.24 -5.36
C PHE B 10 4.63 -18.20 -4.45
N GLN B 11 5.46 -17.32 -3.90
CA GLN B 11 4.95 -16.27 -3.02
C GLN B 11 5.90 -15.07 -3.08
N SER B 12 5.33 -13.89 -3.22
CA SER B 12 6.07 -12.63 -3.19
C SER B 12 5.66 -11.86 -1.95
N VAL B 13 6.65 -11.39 -1.18
CA VAL B 13 6.41 -10.78 0.12
C VAL B 13 7.17 -9.46 0.20
N THR B 14 6.48 -8.41 0.65
CA THR B 14 7.17 -7.16 0.93
C THR B 14 8.03 -7.32 2.18
N PRO B 15 9.22 -6.71 2.23
CA PRO B 15 10.04 -6.81 3.44
C PRO B 15 9.31 -6.27 4.65
N LYS B 16 9.62 -6.87 5.81
CA LYS B 16 9.04 -6.58 7.12
C LYS B 16 7.69 -7.25 7.31
N GLU B 17 7.19 -8.01 6.32
CA GLU B 17 5.89 -8.66 6.43
C GLU B 17 6.05 -10.11 6.86
N LYS B 18 4.91 -10.71 7.21
CA LYS B 18 4.85 -12.09 7.67
C LYS B 18 4.47 -13.00 6.51
N VAL B 19 5.13 -14.16 6.45
CA VAL B 19 4.83 -15.17 5.44
C VAL B 19 4.81 -16.54 6.12
N THR B 20 3.79 -17.35 5.80
CA THR B 20 3.65 -18.69 6.34
C THR B 20 3.67 -19.69 5.19
N ILE B 21 4.51 -20.72 5.31
CA ILE B 21 4.65 -21.76 4.31
C ILE B 21 4.09 -23.06 4.89
N THR B 22 3.14 -23.66 4.18
CA THR B 22 2.47 -24.87 4.64
C THR B 22 3.04 -26.10 3.93
N CYS B 23 3.23 -27.17 4.69
CA CYS B 23 3.66 -28.46 4.16
C CYS B 23 2.67 -29.49 4.70
N SER B 24 1.63 -29.80 3.92
CA SER B 24 0.57 -30.68 4.33
C SER B 24 0.89 -32.11 3.93
N ALA B 25 0.29 -33.06 4.66
CA ALA B 25 0.50 -34.47 4.47
C ALA B 25 -0.82 -35.18 4.22
N ASN B 26 -0.73 -36.48 3.92
CA ASN B 26 -1.91 -37.33 3.77
C ASN B 26 -2.26 -38.02 5.09
N SER B 27 -1.24 -38.38 5.86
CA SER B 27 -1.41 -39.02 7.18
C SER B 27 -0.86 -38.12 8.27
N ALA B 28 -1.26 -38.38 9.51
CA ALA B 28 -0.68 -37.69 10.65
C ALA B 28 0.75 -38.18 10.83
N LEU B 29 1.71 -37.24 10.83
CA LEU B 29 3.12 -37.58 10.93
C LEU B 29 3.78 -36.58 11.87
N SER B 30 4.98 -36.94 12.35
CA SER B 30 5.72 -36.11 13.29
C SER B 30 7.15 -35.94 12.80
N TYR B 31 7.87 -35.05 13.49
CA TYR B 31 9.30 -34.81 13.24
C TYR B 31 9.54 -34.34 11.81
N MET B 32 9.03 -33.14 11.54
CA MET B 32 9.22 -32.47 10.26
C MET B 32 10.54 -31.69 10.25
N TYR B 33 11.13 -31.57 9.06
CA TYR B 33 12.38 -30.85 8.87
C TYR B 33 12.22 -29.90 7.68
N TRP B 34 12.96 -28.80 7.72
CA TRP B 34 12.87 -27.77 6.70
C TRP B 34 14.27 -27.37 6.21
N TYR B 35 14.33 -26.90 4.97
CA TYR B 35 15.58 -26.51 4.34
C TYR B 35 15.39 -25.23 3.54
N GLN B 36 16.46 -24.44 3.45
CA GLN B 36 16.51 -23.25 2.61
C GLN B 36 17.53 -23.47 1.52
N GLN B 37 17.12 -23.28 0.26
CA GLN B 37 18.00 -23.43 -0.88
C GLN B 37 17.95 -22.18 -1.74
N LYS B 38 19.11 -21.65 -2.09
CA LYS B 38 19.24 -20.51 -2.98
C LYS B 38 19.87 -20.96 -4.30
N PRO B 39 19.68 -20.19 -5.37
CA PRO B 39 20.09 -20.68 -6.69
C PRO B 39 21.56 -21.06 -6.75
N ASP B 40 21.84 -22.14 -7.47
CA ASP B 40 23.20 -22.62 -7.68
C ASP B 40 23.88 -22.98 -6.35
N GLN B 41 23.09 -23.53 -5.43
CA GLN B 41 23.62 -23.93 -4.13
C GLN B 41 22.87 -25.16 -3.64
N SER B 42 23.50 -25.86 -2.70
CA SER B 42 22.85 -26.96 -2.00
C SER B 42 21.90 -26.41 -0.95
N PRO B 43 20.90 -27.21 -0.54
CA PRO B 43 20.02 -26.77 0.55
C PRO B 43 20.77 -26.67 1.87
N LYS B 44 20.28 -25.78 2.73
CA LYS B 44 20.78 -25.62 4.08
C LYS B 44 19.71 -26.06 5.07
N LEU B 45 20.09 -26.92 6.02
CA LEU B 45 19.15 -27.32 7.06
C LEU B 45 18.70 -26.09 7.84
N TRP B 46 17.39 -25.95 8.01
CA TRP B 46 16.80 -24.76 8.63
C TRP B 46 16.06 -25.09 9.92
N VAL B 47 15.21 -26.11 9.91
CA VAL B 47 14.43 -26.48 11.08
C VAL B 47 14.46 -28.00 11.22
N HIS B 48 14.56 -28.48 12.46
CA HIS B 48 14.54 -29.90 12.77
C HIS B 48 13.67 -30.13 14.00
N GLY B 49 13.11 -31.33 14.08
CA GLY B 49 12.18 -31.62 15.17
C GLY B 49 10.92 -30.80 15.11
N THR B 50 10.61 -30.23 13.95
CA THR B 50 9.39 -29.48 13.69
C THR B 50 9.36 -28.09 14.32
N SER B 51 10.25 -27.81 15.26
CA SER B 51 10.24 -26.48 15.86
C SER B 51 11.62 -25.94 16.23
N ASN B 52 12.70 -26.70 16.07
CA ASN B 52 14.02 -26.30 16.52
C ASN B 52 14.78 -25.72 15.34
N LEU B 53 15.21 -24.47 15.48
CA LEU B 53 15.98 -23.82 14.43
C LEU B 53 17.39 -24.38 14.37
N ALA B 54 17.89 -24.57 13.16
CA ALA B 54 19.27 -24.98 12.99
C ALA B 54 20.21 -23.83 13.36
N SER B 55 21.44 -24.20 13.75
CA SER B 55 22.39 -23.21 14.23
C SER B 55 22.62 -22.12 13.19
N GLY B 56 22.57 -20.86 13.62
CA GLY B 56 22.75 -19.73 12.75
C GLY B 56 21.47 -19.19 12.14
N VAL B 57 20.35 -19.88 12.30
CA VAL B 57 19.08 -19.42 11.74
C VAL B 57 18.51 -18.33 12.64
N PRO B 58 18.18 -17.15 12.12
CA PRO B 58 17.66 -16.09 12.99
C PRO B 58 16.30 -16.46 13.57
N SER B 59 16.00 -15.87 14.72
CA SER B 59 14.81 -16.23 15.49
C SER B 59 13.52 -15.77 14.84
N ARG B 60 13.57 -14.92 13.81
CA ARG B 60 12.34 -14.55 13.11
C ARG B 60 11.74 -15.73 12.37
N PHE B 61 12.53 -16.77 12.09
CA PHE B 61 12.01 -18.01 11.55
C PHE B 61 11.38 -18.82 12.68
N SER B 62 10.23 -19.42 12.39
CA SER B 62 9.51 -20.21 13.38
C SER B 62 8.97 -21.47 12.73
N GLY B 63 9.35 -22.63 13.26
CA GLY B 63 8.82 -23.91 12.81
C GLY B 63 7.72 -24.38 13.73
N SER B 64 6.74 -25.06 13.14
CA SER B 64 5.57 -25.51 13.89
C SER B 64 4.83 -26.55 13.07
N GLY B 65 3.83 -27.16 13.67
CA GLY B 65 2.99 -28.12 13.00
C GLY B 65 2.47 -29.18 13.95
N SER B 66 1.37 -29.81 13.54
CA SER B 66 0.78 -30.91 14.28
C SER B 66 -0.09 -31.71 13.33
N GLY B 67 -0.24 -33.00 13.63
CA GLY B 67 -1.08 -33.87 12.83
C GLY B 67 -0.65 -33.93 11.37
N THR B 68 -1.46 -33.35 10.49
CA THR B 68 -1.21 -33.40 9.05
C THR B 68 -0.64 -32.10 8.50
N ASP B 69 -0.68 -31.01 9.26
CA ASP B 69 -0.31 -29.69 8.76
C ASP B 69 0.91 -29.18 9.52
N PHE B 70 1.91 -28.73 8.77
CA PHE B 70 3.15 -28.19 9.33
C PHE B 70 3.47 -26.88 8.64
N THR B 71 4.03 -25.93 9.40
CA THR B 71 4.24 -24.58 8.89
C THR B 71 5.64 -24.08 9.23
N LEU B 72 6.21 -23.30 8.30
CA LEU B 72 7.40 -22.51 8.53
C LEU B 72 7.03 -21.05 8.33
N THR B 73 7.33 -20.21 9.31
CA THR B 73 6.89 -18.83 9.33
C THR B 73 8.07 -17.88 9.42
N ILE B 74 8.07 -16.86 8.57
CA ILE B 74 9.03 -15.76 8.63
C ILE B 74 8.24 -14.52 9.05
N ASN B 75 8.63 -13.93 10.18
CA ASN B 75 7.80 -12.92 10.82
C ASN B 75 8.10 -11.50 10.35
N SER B 76 9.36 -11.19 10.07
CA SER B 76 9.75 -9.91 9.47
C SER B 76 10.70 -10.25 8.32
N LEU B 77 10.14 -10.39 7.12
CA LEU B 77 10.90 -10.85 5.97
C LEU B 77 12.03 -9.87 5.64
N GLU B 78 13.17 -10.42 5.23
CA GLU B 78 14.32 -9.64 4.82
C GLU B 78 14.78 -10.11 3.44
N ALA B 79 15.53 -9.24 2.77
CA ALA B 79 15.98 -9.53 1.41
C ALA B 79 16.65 -10.89 1.32
N GLU B 80 17.52 -11.19 2.28
CA GLU B 80 18.26 -12.46 2.26
C GLU B 80 17.33 -13.67 2.39
N ASP B 81 16.12 -13.48 2.91
CA ASP B 81 15.22 -14.60 3.13
C ASP B 81 14.62 -15.16 1.84
N ALA B 82 14.80 -14.49 0.71
CA ALA B 82 14.29 -15.00 -0.55
C ALA B 82 15.00 -16.30 -0.92
N ALA B 83 14.23 -17.36 -1.11
CA ALA B 83 14.78 -18.68 -1.41
C ALA B 83 13.66 -19.67 -1.64
N THR B 84 14.00 -20.90 -2.02
CA THR B 84 13.04 -21.99 -2.12
C THR B 84 13.18 -22.85 -0.86
N TYR B 85 12.07 -23.02 -0.15
CA TYR B 85 12.04 -23.73 1.12
C TYR B 85 11.37 -25.08 0.95
N TYR B 86 12.01 -26.13 1.45
CA TYR B 86 11.53 -27.50 1.31
C TYR B 86 11.25 -28.10 2.68
N CYS B 87 10.28 -29.00 2.73
CA CYS B 87 10.01 -29.79 3.93
C CYS B 87 10.42 -31.24 3.68
N HIS B 88 10.65 -31.95 4.79
CA HIS B 88 11.39 -33.22 4.76
C HIS B 88 10.93 -34.08 5.92
N HIS B 89 10.59 -35.33 5.63
CA HIS B 89 10.06 -36.22 6.65
C HIS B 89 10.49 -37.65 6.37
N TRP B 90 10.57 -38.45 7.43
CA TRP B 90 10.98 -39.85 7.35
C TRP B 90 9.78 -40.74 7.69
N SER B 91 9.29 -41.48 6.70
CA SER B 91 8.32 -42.54 6.92
C SER B 91 9.00 -43.86 6.58
N ASN B 92 8.89 -44.84 7.48
CA ASN B 92 9.66 -46.06 7.35
C ASN B 92 9.44 -46.69 5.98
N THR B 93 10.53 -46.94 5.24
CA THR B 93 11.94 -46.79 5.57
C THR B 93 12.63 -45.89 4.54
N GLN B 94 12.01 -44.75 4.25
CA GLN B 94 12.52 -43.81 3.27
C GLN B 94 12.28 -42.38 3.73
N TRP B 95 13.10 -41.48 3.21
CA TRP B 95 12.85 -40.05 3.33
C TRP B 95 11.97 -39.58 2.16
N THR B 96 11.33 -38.44 2.35
CA THR B 96 10.55 -37.82 1.28
C THR B 96 10.57 -36.31 1.46
N PHE B 97 10.66 -35.59 0.35
CA PHE B 97 10.74 -34.14 0.35
C PHE B 97 9.44 -33.52 -0.12
N GLY B 98 9.23 -32.26 0.27
CA GLY B 98 8.13 -31.49 -0.26
C GLY B 98 8.45 -30.91 -1.63
N GLY B 99 7.41 -30.38 -2.26
CA GLY B 99 7.59 -29.81 -3.59
C GLY B 99 8.51 -28.60 -3.60
N GLY B 100 8.39 -27.74 -2.59
CA GLY B 100 9.19 -26.54 -2.50
C GLY B 100 8.33 -25.30 -2.67
N THR B 101 8.63 -24.27 -1.88
CA THR B 101 7.93 -22.99 -1.93
C THR B 101 8.97 -21.90 -2.19
N LYS B 102 8.90 -21.28 -3.37
CA LYS B 102 9.83 -20.22 -3.71
C LYS B 102 9.31 -18.89 -3.16
N VAL B 103 10.18 -18.18 -2.45
CA VAL B 103 9.84 -16.90 -1.84
C VAL B 103 10.64 -15.81 -2.53
N GLU B 104 9.96 -14.75 -2.95
CA GLU B 104 10.57 -13.64 -3.66
C GLU B 104 10.14 -12.33 -3.02
N ILE B 105 10.93 -11.29 -3.29
CA ILE B 105 10.71 -9.99 -2.67
C ILE B 105 9.72 -9.19 -3.50
N LYS B 106 8.86 -8.44 -2.81
CA LYS B 106 7.88 -7.57 -3.44
C LYS B 106 8.35 -6.13 -3.28
N ARG B 107 8.47 -5.42 -4.40
CA ARG B 107 8.94 -4.04 -4.42
C ARG B 107 7.97 -3.20 -5.24
N THR B 108 8.26 -1.90 -5.32
CA THR B 108 7.42 -0.99 -6.09
C THR B 108 7.57 -1.28 -7.58
N VAL B 109 6.53 -0.93 -8.34
CA VAL B 109 6.52 -1.21 -9.77
C VAL B 109 7.64 -0.44 -10.46
N ALA B 110 8.25 -1.07 -11.46
CA ALA B 110 9.35 -0.47 -12.20
C ALA B 110 9.23 -0.86 -13.67
N ALA B 111 9.24 0.14 -14.55
CA ALA B 111 9.12 -0.11 -15.97
C ALA B 111 10.45 -0.63 -16.55
N PRO B 112 10.38 -1.40 -17.63
CA PRO B 112 11.62 -1.91 -18.24
C PRO B 112 12.28 -0.90 -19.17
N SER B 113 13.60 -1.00 -19.25
CA SER B 113 14.38 -0.27 -20.24
C SER B 113 14.63 -1.22 -21.41
N VAL B 114 14.14 -0.85 -22.59
CA VAL B 114 14.06 -1.75 -23.74
C VAL B 114 15.18 -1.43 -24.72
N PHE B 115 15.85 -2.48 -25.19
CA PHE B 115 16.88 -2.37 -26.20
C PHE B 115 16.68 -3.49 -27.22
N ILE B 116 16.97 -3.20 -28.49
CA ILE B 116 16.89 -4.18 -29.56
C ILE B 116 18.26 -4.26 -30.24
N PHE B 117 18.73 -5.49 -30.45
CA PHE B 117 20.05 -5.73 -31.03
C PHE B 117 19.90 -6.44 -32.37
N PRO B 118 20.43 -5.89 -33.46
CA PRO B 118 20.38 -6.61 -34.75
C PRO B 118 21.36 -7.77 -34.75
N PRO B 119 21.19 -8.72 -35.66
CA PRO B 119 22.15 -9.83 -35.74
C PRO B 119 23.52 -9.35 -36.20
N SER B 120 24.55 -10.04 -35.73
CA SER B 120 25.92 -9.72 -36.13
C SER B 120 26.17 -10.18 -37.55
N ASP B 121 26.95 -9.38 -38.30
CA ASP B 121 27.37 -9.80 -39.63
C ASP B 121 28.08 -11.14 -39.59
N GLU B 122 28.81 -11.41 -38.50
CA GLU B 122 29.48 -12.69 -38.35
C GLU B 122 28.48 -13.84 -38.36
N GLN B 123 27.37 -13.69 -37.61
CA GLN B 123 26.36 -14.74 -37.59
C GLN B 123 25.63 -14.84 -38.92
N LEU B 124 25.41 -13.72 -39.59
CA LEU B 124 24.71 -13.75 -40.87
C LEU B 124 25.46 -14.62 -41.88
N LYS B 125 26.79 -14.47 -41.93
CA LYS B 125 27.58 -15.29 -42.85
C LYS B 125 27.51 -16.77 -42.52
N SER B 126 27.05 -17.13 -41.33
CA SER B 126 26.86 -18.54 -40.96
C SER B 126 25.50 -19.08 -41.35
N GLY B 127 24.59 -18.24 -41.85
CA GLY B 127 23.30 -18.68 -42.35
C GLY B 127 22.14 -18.44 -41.41
N THR B 128 22.38 -18.02 -40.18
CA THR B 128 21.32 -17.81 -39.21
C THR B 128 21.39 -16.37 -38.68
N ALA B 129 20.23 -15.85 -38.27
CA ALA B 129 20.12 -14.50 -37.75
C ALA B 129 19.31 -14.52 -36.47
N SER B 130 19.93 -14.05 -35.38
CA SER B 130 19.27 -13.93 -34.09
C SER B 130 19.05 -12.45 -33.78
N VAL B 131 17.80 -12.07 -33.55
CA VAL B 131 17.43 -10.71 -33.18
C VAL B 131 17.02 -10.72 -31.72
N VAL B 132 17.68 -9.91 -30.91
CA VAL B 132 17.54 -9.94 -29.46
C VAL B 132 16.89 -8.65 -28.98
N CYS B 133 15.87 -8.78 -28.13
CA CYS B 133 15.22 -7.65 -27.48
C CYS B 133 15.42 -7.80 -25.98
N LEU B 134 15.86 -6.73 -25.33
CA LEU B 134 16.24 -6.75 -23.92
C LEU B 134 15.28 -5.87 -23.12
N LEU B 135 14.61 -6.47 -22.15
CA LEU B 135 13.82 -5.75 -21.16
C LEU B 135 14.59 -5.80 -19.84
N ASN B 136 14.99 -4.64 -19.33
CA ASN B 136 15.98 -4.55 -18.26
C ASN B 136 15.39 -3.90 -17.02
N ASN B 137 15.59 -4.55 -15.87
CA ASN B 137 15.37 -3.95 -14.56
C ASN B 137 13.93 -3.44 -14.40
N PHE B 138 13.01 -4.40 -14.39
CA PHE B 138 11.59 -4.10 -14.22
C PHE B 138 10.99 -4.99 -13.15
N TYR B 139 9.90 -4.51 -12.56
CA TYR B 139 9.09 -5.27 -11.61
C TYR B 139 7.62 -4.91 -11.87
N PRO B 140 6.71 -5.89 -11.85
CA PRO B 140 6.91 -7.31 -11.56
C PRO B 140 7.40 -8.12 -12.76
N ARG B 141 7.50 -9.44 -12.58
CA ARG B 141 8.09 -10.30 -13.60
C ARG B 141 7.27 -10.33 -14.88
N GLU B 142 5.96 -10.09 -14.78
CA GLU B 142 5.08 -10.31 -15.92
C GLU B 142 5.25 -9.19 -16.95
N ALA B 143 5.47 -9.59 -18.20
CA ALA B 143 5.59 -8.64 -19.30
C ALA B 143 5.17 -9.34 -20.59
N LYS B 144 4.83 -8.54 -21.60
CA LYS B 144 4.43 -9.04 -22.91
C LYS B 144 5.35 -8.42 -23.95
N VAL B 145 6.18 -9.25 -24.57
CA VAL B 145 7.02 -8.84 -25.69
C VAL B 145 6.38 -9.35 -26.97
N GLN B 146 6.45 -8.54 -28.03
CA GLN B 146 5.79 -8.87 -29.28
C GLN B 146 6.70 -8.47 -30.44
N TRP B 147 6.84 -9.36 -31.42
CA TRP B 147 7.71 -9.17 -32.56
C TRP B 147 6.89 -8.85 -33.80
N LYS B 148 7.39 -7.92 -34.61
CA LYS B 148 6.74 -7.54 -35.86
C LYS B 148 7.80 -7.27 -36.90
N VAL B 149 7.81 -8.07 -37.97
CA VAL B 149 8.67 -7.84 -39.13
C VAL B 149 7.84 -7.15 -40.19
N ASP B 150 8.26 -5.95 -40.59
CA ASP B 150 7.51 -5.14 -41.54
C ASP B 150 6.03 -5.09 -41.15
N ASN B 151 5.78 -4.92 -39.85
CA ASN B 151 4.47 -4.82 -39.22
C ASN B 151 3.71 -6.15 -39.21
N ALA B 152 4.30 -7.23 -39.71
CA ALA B 152 3.66 -8.54 -39.68
C ALA B 152 4.01 -9.22 -38.36
N LEU B 153 2.98 -9.57 -37.59
CA LEU B 153 3.21 -10.20 -36.29
C LEU B 153 3.89 -11.54 -36.46
N GLN B 154 4.90 -11.78 -35.63
CA GLN B 154 5.61 -13.06 -35.60
C GLN B 154 5.04 -13.94 -34.50
N SER B 155 5.06 -15.24 -34.73
CA SER B 155 4.44 -16.20 -33.81
C SER B 155 5.19 -17.51 -33.86
N GLY B 156 5.77 -17.92 -32.72
CA GLY B 156 6.40 -19.21 -32.59
C GLY B 156 7.88 -19.24 -32.87
N ASN B 157 8.44 -18.21 -33.52
CA ASN B 157 9.84 -18.17 -33.88
C ASN B 157 10.67 -17.34 -32.90
N SER B 158 10.25 -17.27 -31.64
CA SER B 158 10.99 -16.53 -30.62
C SER B 158 10.90 -17.26 -29.29
N GLN B 159 11.92 -17.05 -28.46
CA GLN B 159 12.00 -17.66 -27.14
C GLN B 159 12.44 -16.61 -26.14
N GLU B 160 12.06 -16.82 -24.87
CA GLU B 160 12.27 -15.82 -23.84
C GLU B 160 13.00 -16.43 -22.64
N SER B 161 13.70 -15.55 -21.91
CA SER B 161 14.35 -15.90 -20.66
C SER B 161 14.14 -14.77 -19.67
N VAL B 162 14.08 -15.13 -18.38
CA VAL B 162 13.93 -14.15 -17.30
C VAL B 162 14.96 -14.47 -16.23
N THR B 163 15.69 -13.44 -15.80
CA THR B 163 16.67 -13.60 -14.75
C THR B 163 15.98 -13.84 -13.40
N GLU B 164 16.74 -14.40 -12.47
CA GLU B 164 16.29 -14.45 -11.08
C GLU B 164 16.28 -13.04 -10.51
N GLN B 165 15.43 -12.84 -9.50
CA GLN B 165 15.29 -11.50 -8.92
C GLN B 165 16.65 -10.98 -8.47
N ASP B 166 16.98 -9.77 -8.90
CA ASP B 166 18.26 -9.17 -8.53
C ASP B 166 18.33 -8.97 -7.02
N SER B 167 19.50 -9.29 -6.45
CA SER B 167 19.64 -9.26 -5.01
C SER B 167 19.72 -7.85 -4.45
N LYS B 168 20.07 -6.86 -5.26
CA LYS B 168 20.28 -5.50 -4.77
C LYS B 168 19.08 -4.58 -5.00
N ASP B 169 18.45 -4.63 -6.17
CA ASP B 169 17.28 -3.79 -6.45
C ASP B 169 16.01 -4.59 -6.69
N SER B 170 16.06 -5.92 -6.61
CA SER B 170 14.87 -6.76 -6.66
C SER B 170 14.11 -6.64 -7.98
N THR B 171 14.81 -6.30 -9.05
CA THR B 171 14.21 -6.21 -10.38
C THR B 171 14.52 -7.47 -11.18
N TYR B 172 13.76 -7.63 -12.27
CA TYR B 172 13.98 -8.70 -13.24
C TYR B 172 14.45 -8.09 -14.56
N SER B 173 15.05 -8.95 -15.39
CA SER B 173 15.39 -8.62 -16.76
C SER B 173 14.97 -9.78 -17.65
N LEU B 174 14.57 -9.46 -18.88
CA LEU B 174 14.04 -10.44 -19.81
C LEU B 174 14.70 -10.27 -21.18
N SER B 175 14.95 -11.39 -21.84
CA SER B 175 15.48 -11.40 -23.19
C SER B 175 14.53 -12.18 -24.09
N SER B 176 14.15 -11.57 -25.22
CA SER B 176 13.35 -12.23 -26.25
C SER B 176 14.21 -12.31 -27.51
N THR B 177 14.40 -13.53 -28.00
CA THR B 177 15.29 -13.79 -29.14
C THR B 177 14.47 -14.27 -30.31
N LEU B 178 14.46 -13.50 -31.39
CA LEU B 178 13.81 -13.89 -32.64
C LEU B 178 14.87 -14.51 -33.55
N THR B 179 14.62 -15.74 -34.01
CA THR B 179 15.57 -16.49 -34.80
C THR B 179 14.95 -16.83 -36.15
N LEU B 180 15.64 -16.43 -37.22
CA LEU B 180 15.23 -16.75 -38.58
C LEU B 180 16.47 -17.06 -39.40
N SER B 181 16.25 -17.66 -40.57
CA SER B 181 17.34 -17.92 -41.49
C SER B 181 17.85 -16.61 -42.09
N LYS B 182 19.08 -16.65 -42.60
CA LYS B 182 19.60 -15.51 -43.33
C LYS B 182 18.68 -15.14 -44.49
N ALA B 183 18.14 -16.16 -45.18
CA ALA B 183 17.24 -15.90 -46.28
C ALA B 183 15.98 -15.17 -45.81
N ASP B 184 15.32 -15.70 -44.78
CA ASP B 184 14.11 -15.06 -44.27
C ASP B 184 14.41 -13.67 -43.74
N TYR B 185 15.57 -13.49 -43.09
CA TYR B 185 15.91 -12.19 -42.53
C TYR B 185 16.03 -11.13 -43.61
N GLU B 186 16.62 -11.47 -44.75
CA GLU B 186 16.89 -10.49 -45.79
C GLU B 186 15.69 -10.18 -46.67
N LYS B 187 14.58 -10.91 -46.51
CA LYS B 187 13.36 -10.57 -47.22
C LYS B 187 12.58 -9.45 -46.56
N HIS B 188 13.00 -9.00 -45.37
CA HIS B 188 12.27 -8.00 -44.60
C HIS B 188 13.23 -6.92 -44.13
N LYS B 189 12.67 -5.74 -43.86
CA LYS B 189 13.46 -4.58 -43.45
C LYS B 189 13.21 -4.17 -42.01
N VAL B 190 11.95 -3.90 -41.66
CA VAL B 190 11.62 -3.32 -40.36
C VAL B 190 11.47 -4.45 -39.34
N TYR B 191 12.24 -4.37 -38.26
CA TYR B 191 12.21 -5.34 -37.18
C TYR B 191 11.88 -4.61 -35.89
N ALA B 192 10.72 -4.90 -35.31
CA ALA B 192 10.19 -4.16 -34.18
C ALA B 192 9.94 -5.08 -32.99
N CYS B 193 10.25 -4.60 -31.80
CA CYS B 193 9.98 -5.29 -30.54
C CYS B 193 9.09 -4.39 -29.70
N GLU B 194 7.88 -4.85 -29.42
CA GLU B 194 6.88 -4.07 -28.68
C GLU B 194 6.67 -4.71 -27.32
N VAL B 195 6.77 -3.89 -26.27
CA VAL B 195 6.70 -4.36 -24.89
C VAL B 195 5.47 -3.76 -24.22
N THR B 196 4.76 -4.59 -23.44
CA THR B 196 3.71 -4.14 -22.55
C THR B 196 4.08 -4.57 -21.13
N HIS B 197 3.94 -3.65 -20.18
CA HIS B 197 4.29 -3.94 -18.80
C HIS B 197 3.50 -3.02 -17.89
N GLN B 198 3.26 -3.50 -16.66
CA GLN B 198 2.40 -2.78 -15.74
C GLN B 198 2.91 -1.37 -15.47
N GLY B 199 4.24 -1.20 -15.41
CA GLY B 199 4.82 0.09 -15.15
C GLY B 199 4.79 1.06 -16.30
N LEU B 200 4.39 0.61 -17.48
CA LEU B 200 4.27 1.48 -18.65
C LEU B 200 2.81 1.89 -18.83
N SER B 201 2.60 3.18 -19.07
CA SER B 201 1.24 3.69 -19.32
C SER B 201 0.78 3.45 -20.75
N SER B 202 1.68 3.00 -21.63
CA SER B 202 1.31 2.55 -22.97
C SER B 202 2.45 1.71 -23.52
N PRO B 203 2.18 0.88 -24.53
CA PRO B 203 3.24 0.01 -25.06
C PRO B 203 4.40 0.81 -25.64
N VAL B 204 5.58 0.20 -25.61
CA VAL B 204 6.82 0.82 -26.06
C VAL B 204 7.45 -0.06 -27.12
N THR B 205 7.86 0.55 -28.23
CA THR B 205 8.39 -0.18 -29.39
C THR B 205 9.83 0.25 -29.64
N LYS B 206 10.72 -0.74 -29.78
CA LYS B 206 12.08 -0.52 -30.23
C LYS B 206 12.27 -1.29 -31.53
N SER B 207 12.74 -0.60 -32.57
CA SER B 207 12.84 -1.19 -33.90
C SER B 207 14.08 -0.67 -34.62
N PHE B 208 14.47 -1.39 -35.66
CA PHE B 208 15.58 -0.98 -36.51
C PHE B 208 15.28 -1.37 -37.95
N ASN B 209 15.94 -0.70 -38.87
CA ASN B 209 15.85 -1.00 -40.30
C ASN B 209 17.11 -1.76 -40.70
N ARG B 210 16.93 -2.98 -41.23
CA ARG B 210 18.06 -3.83 -41.61
C ARG B 210 19.04 -3.05 -42.47
N GLY B 211 20.26 -2.87 -41.94
CA GLY B 211 21.26 -2.08 -42.62
C GLY B 211 21.96 -1.10 -41.69
N CYS C 1 15.38 -46.66 10.55
CA CYS C 1 15.75 -45.43 11.30
C CYS C 1 16.10 -44.28 10.36
N PRO C 2 15.76 -43.04 10.72
CA PRO C 2 16.26 -41.91 9.95
C PRO C 2 17.78 -41.88 9.86
N GLY C 3 18.47 -42.30 10.91
CA GLY C 3 19.91 -42.36 10.89
C GLY C 3 20.43 -43.34 11.92
N LYS C 4 21.74 -43.30 12.12
CA LYS C 4 22.42 -44.15 13.09
C LYS C 4 23.20 -43.29 14.08
N GLY C 5 23.58 -43.90 15.19
CA GLY C 5 24.38 -43.21 16.17
C GLY C 5 23.66 -42.14 16.95
N LEU C 6 22.34 -42.20 17.04
CA LEU C 6 21.57 -41.29 17.87
C LEU C 6 20.62 -42.11 18.74
N PRO C 7 20.39 -41.67 19.99
CA PRO C 7 19.61 -42.51 20.92
C PRO C 7 18.14 -42.60 20.58
N SER C 8 17.63 -41.77 19.66
CA SER C 8 16.22 -41.77 19.36
C SER C 8 15.73 -43.10 18.79
N CYS C 9 16.64 -43.92 18.29
CA CYS C 9 16.25 -45.08 17.50
C CYS C 9 17.48 -45.84 17.01
N GLN D 1 48.04 7.04 37.57
CA GLN D 1 48.89 6.52 36.46
C GLN D 1 48.04 6.29 35.20
N VAL D 2 48.65 5.69 34.18
CA VAL D 2 47.97 5.52 32.91
C VAL D 2 46.83 4.52 33.07
N GLN D 3 45.66 4.87 32.56
CA GLN D 3 44.46 4.04 32.71
C GLN D 3 43.63 4.11 31.44
N LEU D 4 43.18 2.93 30.98
CA LEU D 4 42.27 2.81 29.84
C LEU D 4 41.06 2.01 30.30
N VAL D 5 39.93 2.68 30.45
CA VAL D 5 38.68 2.05 30.89
C VAL D 5 37.72 2.04 29.71
N GLN D 6 37.29 0.85 29.31
CA GLN D 6 36.45 0.65 28.14
C GLN D 6 34.98 0.54 28.53
N SER D 7 34.13 0.50 27.51
CA SER D 7 32.71 0.33 27.71
C SER D 7 32.39 -1.13 28.07
N GLY D 8 31.14 -1.36 28.47
CA GLY D 8 30.72 -2.66 28.92
C GLY D 8 30.44 -3.63 27.79
N ALA D 9 30.24 -4.90 28.17
CA ALA D 9 29.97 -5.95 27.20
C ALA D 9 28.67 -5.68 26.47
N GLU D 10 28.54 -6.26 25.28
CA GLU D 10 27.43 -5.99 24.40
C GLU D 10 26.96 -7.27 23.72
N VAL D 11 25.66 -7.36 23.48
CA VAL D 11 25.05 -8.43 22.69
C VAL D 11 24.45 -7.80 21.43
N LYS D 12 24.80 -8.33 20.27
CA LYS D 12 24.39 -7.77 19.00
C LYS D 12 23.83 -8.85 18.09
N LYS D 13 22.79 -8.48 17.33
CA LYS D 13 22.25 -9.34 16.28
C LYS D 13 23.04 -9.15 14.99
N PRO D 14 23.14 -10.19 14.14
CA PRO D 14 23.86 -10.01 12.88
C PRO D 14 23.25 -8.88 12.04
N GLY D 15 24.13 -8.12 11.40
CA GLY D 15 23.73 -6.97 10.62
C GLY D 15 23.78 -5.66 11.37
N SER D 16 23.81 -5.69 12.70
CA SER D 16 23.88 -4.48 13.49
C SER D 16 25.31 -3.95 13.52
N SER D 17 25.48 -2.77 14.14
CA SER D 17 26.78 -2.17 14.36
C SER D 17 26.96 -1.89 15.84
N VAL D 18 28.19 -2.00 16.32
CA VAL D 18 28.53 -1.78 17.72
C VAL D 18 29.63 -0.73 17.79
N LYS D 19 29.44 0.26 18.67
CA LYS D 19 30.45 1.28 18.93
C LYS D 19 30.99 1.05 20.35
N VAL D 20 32.30 0.91 20.46
CA VAL D 20 32.97 0.63 21.72
C VAL D 20 33.82 1.83 22.10
N SER D 21 33.73 2.25 23.36
CA SER D 21 34.44 3.41 23.87
C SER D 21 35.65 2.99 24.70
N CYS D 22 36.55 3.95 24.91
CA CYS D 22 37.77 3.70 25.68
C CYS D 22 38.20 5.03 26.30
N LYS D 23 37.91 5.19 27.59
CA LYS D 23 38.25 6.42 28.30
C LYS D 23 39.71 6.34 28.76
N ALA D 24 40.47 7.38 28.43
CA ALA D 24 41.90 7.44 28.75
C ALA D 24 42.16 8.46 29.83
N SER D 25 43.09 8.14 30.73
CA SER D 25 43.43 9.03 31.83
C SER D 25 44.86 8.73 32.26
N GLY D 26 45.43 9.66 33.03
CA GLY D 26 46.79 9.53 33.50
C GLY D 26 47.86 9.97 32.52
N TYR D 27 47.46 10.53 31.38
CA TYR D 27 48.42 11.00 30.38
C TYR D 27 47.68 11.94 29.43
N THR D 28 48.46 12.80 28.77
CA THR D 28 47.88 13.72 27.80
C THR D 28 47.33 12.94 26.62
N PHE D 29 46.00 13.03 26.42
CA PHE D 29 45.32 12.12 25.51
C PHE D 29 45.84 12.25 24.09
N THR D 30 46.10 13.47 23.63
CA THR D 30 46.37 13.70 22.21
C THR D 30 47.80 13.39 21.80
N ASN D 31 48.69 13.09 22.75
CA ASN D 31 50.09 12.85 22.43
C ASN D 31 50.37 11.42 21.98
N TYR D 32 49.40 10.52 22.07
CA TYR D 32 49.63 9.11 21.77
C TYR D 32 48.53 8.58 20.85
N PHE D 33 48.94 7.71 19.92
CA PHE D 33 47.98 6.94 19.14
C PHE D 33 47.16 6.05 20.07
N MET D 34 45.91 5.79 19.68
CA MET D 34 45.07 4.82 20.35
C MET D 34 44.79 3.68 19.38
N ASN D 35 45.36 2.51 19.67
CA ASN D 35 45.20 1.33 18.84
C ASN D 35 44.01 0.51 19.32
N TRP D 36 43.41 -0.24 18.39
CA TRP D 36 42.31 -1.15 18.70
C TRP D 36 42.70 -2.55 18.25
N VAL D 37 42.56 -3.51 19.16
CA VAL D 37 42.90 -4.90 18.92
C VAL D 37 41.73 -5.76 19.38
N ARG D 38 41.55 -6.90 18.71
CA ARG D 38 40.48 -7.83 19.05
C ARG D 38 41.03 -9.25 19.10
N GLN D 39 40.36 -10.09 19.87
CA GLN D 39 40.78 -11.47 20.06
C GLN D 39 39.55 -12.31 20.29
N ALA D 40 39.21 -13.17 19.31
CA ALA D 40 38.13 -14.12 19.51
C ALA D 40 38.53 -15.10 20.62
N PRO D 41 37.54 -15.68 21.31
CA PRO D 41 37.84 -16.40 22.56
C PRO D 41 39.10 -17.24 22.55
N GLY D 42 39.21 -18.19 21.63
CA GLY D 42 40.36 -19.07 21.54
C GLY D 42 41.37 -18.73 20.47
N GLN D 43 41.28 -17.54 19.88
CA GLN D 43 42.07 -17.18 18.71
C GLN D 43 43.16 -16.17 19.09
N GLY D 44 43.95 -15.80 18.09
CA GLY D 44 45.03 -14.86 18.28
C GLY D 44 44.56 -13.42 18.21
N LEU D 45 45.54 -12.52 18.25
CA LEU D 45 45.28 -11.09 18.28
C LEU D 45 45.23 -10.54 16.86
N GLU D 46 44.30 -9.62 16.63
CA GLU D 46 44.15 -8.94 15.36
C GLU D 46 44.23 -7.44 15.59
N TRP D 47 45.18 -6.78 14.95
CA TRP D 47 45.20 -5.32 14.95
C TRP D 47 44.13 -4.82 14.00
N MET D 48 43.29 -3.91 14.49
CA MET D 48 42.17 -3.38 13.72
C MET D 48 42.47 -2.02 13.13
N GLY D 49 43.01 -1.10 13.93
CA GLY D 49 43.32 0.22 13.45
C GLY D 49 43.78 1.10 14.59
N ARG D 50 43.93 2.39 14.29
CA ARG D 50 44.36 3.36 15.28
C ARG D 50 43.90 4.74 14.83
N VAL D 51 43.88 5.68 15.78
CA VAL D 51 43.49 7.05 15.52
C VAL D 51 44.42 7.98 16.28
N ASP D 52 44.91 9.03 15.61
CA ASP D 52 45.61 10.11 16.28
C ASP D 52 44.59 11.08 16.83
N PRO D 53 44.48 11.25 18.16
CA PRO D 53 43.43 12.12 18.69
C PRO D 53 43.71 13.61 18.53
N GLU D 54 44.92 14.00 18.11
CA GLU D 54 45.21 15.43 17.96
C GLU D 54 44.52 16.01 16.72
N GLN D 55 44.53 15.27 15.60
CA GLN D 55 43.88 15.69 14.38
C GLN D 55 42.74 14.77 13.95
N GLY D 56 42.65 13.56 14.52
CA GLY D 56 41.63 12.62 14.13
C GLY D 56 41.98 11.71 12.98
N ARG D 57 43.23 11.68 12.57
CA ARG D 57 43.65 10.84 11.46
C ARG D 57 43.77 9.38 11.91
N ALA D 58 43.26 8.48 11.09
CA ALA D 58 43.16 7.06 11.45
C ALA D 58 43.80 6.19 10.39
N ASP D 59 44.31 5.04 10.83
CA ASP D 59 44.87 4.01 9.96
C ASP D 59 44.20 2.69 10.29
N TYR D 60 43.87 1.93 9.25
CA TYR D 60 43.14 0.67 9.40
C TYR D 60 43.89 -0.46 8.72
N ALA D 61 43.69 -1.67 9.24
CA ALA D 61 44.19 -2.87 8.59
C ALA D 61 43.33 -3.18 7.36
N GLU D 62 43.91 -3.95 6.44
CA GLU D 62 43.23 -4.26 5.18
C GLU D 62 41.87 -4.88 5.42
N LYS D 63 41.81 -5.90 6.29
CA LYS D 63 40.56 -6.62 6.50
C LYS D 63 39.48 -5.72 7.07
N PHE D 64 39.85 -4.73 7.89
CA PHE D 64 38.89 -3.92 8.63
C PHE D 64 38.67 -2.54 8.02
N LYS D 65 39.24 -2.27 6.85
CA LYS D 65 39.05 -0.96 6.24
C LYS D 65 37.58 -0.70 5.94
N LYS D 66 36.87 -1.70 5.43
CA LYS D 66 35.53 -1.47 4.90
C LYS D 66 34.52 -1.15 5.99
N ARG D 67 34.63 -1.81 7.15
CA ARG D 67 33.57 -1.81 8.14
C ARG D 67 33.90 -1.08 9.44
N VAL D 68 35.17 -0.77 9.69
CA VAL D 68 35.59 -0.19 10.96
C VAL D 68 35.85 1.29 10.77
N THR D 69 35.28 2.11 11.67
CA THR D 69 35.59 3.53 11.76
C THR D 69 36.03 3.83 13.19
N ILE D 70 37.24 4.35 13.34
CA ILE D 70 37.81 4.66 14.65
C ILE D 70 37.92 6.17 14.78
N THR D 71 37.38 6.70 15.88
CA THR D 71 37.37 8.13 16.13
C THR D 71 37.84 8.40 17.56
N ALA D 72 38.07 9.67 17.86
CA ALA D 72 38.51 10.08 19.19
C ALA D 72 37.97 11.47 19.48
N ASP D 73 37.56 11.68 20.73
CA ASP D 73 37.05 12.97 21.19
C ASP D 73 38.01 13.55 22.22
N LYS D 74 38.62 14.69 21.89
CA LYS D 74 39.60 15.28 22.79
C LYS D 74 38.95 15.78 24.08
N SER D 75 37.72 16.27 24.00
CA SER D 75 37.10 16.91 25.16
C SER D 75 36.98 15.95 26.33
N THR D 76 36.56 14.72 26.06
CA THR D 76 36.38 13.71 27.10
C THR D 76 37.51 12.68 27.13
N SER D 77 38.57 12.88 26.34
CA SER D 77 39.69 11.95 26.28
C SER D 77 39.20 10.52 26.10
N THR D 78 38.24 10.34 25.20
CA THR D 78 37.63 9.04 24.93
C THR D 78 37.81 8.69 23.46
N ALA D 79 38.17 7.43 23.21
CA ALA D 79 38.35 6.90 21.87
C ALA D 79 37.26 5.88 21.57
N TYR D 80 36.89 5.79 20.29
CA TYR D 80 35.77 4.96 19.88
C TYR D 80 36.16 4.10 18.67
N MET D 81 35.57 2.91 18.62
CA MET D 81 35.70 2.01 17.48
C MET D 81 34.32 1.47 17.15
N GLU D 82 33.87 1.71 15.92
CA GLU D 82 32.56 1.25 15.46
C GLU D 82 32.74 0.21 14.37
N LEU D 83 32.13 -0.95 14.57
CA LEU D 83 32.18 -2.06 13.62
C LEU D 83 30.76 -2.28 13.07
N SER D 84 30.62 -2.24 11.75
CA SER D 84 29.32 -2.35 11.11
C SER D 84 29.14 -3.72 10.49
N SER D 85 27.91 -4.01 10.07
CA SER D 85 27.56 -5.26 9.41
C SER D 85 28.13 -6.46 10.17
N LEU D 86 27.69 -6.61 11.41
CA LEU D 86 28.25 -7.61 12.30
C LEU D 86 27.84 -9.01 11.86
N ARG D 87 28.66 -9.99 12.28
CA ARG D 87 28.44 -11.39 12.00
C ARG D 87 28.90 -12.20 13.20
N SER D 88 28.54 -13.49 13.21
CA SER D 88 28.93 -14.35 14.32
C SER D 88 30.45 -14.39 14.47
N GLU D 89 31.19 -14.34 13.36
CA GLU D 89 32.64 -14.38 13.42
C GLU D 89 33.25 -13.14 14.07
N ASP D 90 32.47 -12.07 14.24
CA ASP D 90 32.95 -10.88 14.93
C ASP D 90 32.87 -11.01 16.45
N THR D 91 32.31 -12.11 16.96
CA THR D 91 32.29 -12.36 18.40
C THR D 91 33.72 -12.40 18.94
N ALA D 92 34.08 -11.44 19.77
CA ALA D 92 35.45 -11.32 20.25
C ALA D 92 35.50 -10.31 21.39
N VAL D 93 36.63 -10.31 22.09
CA VAL D 93 36.95 -9.27 23.06
C VAL D 93 37.73 -8.19 22.35
N TYR D 94 37.35 -6.93 22.58
CA TYR D 94 37.93 -5.79 21.88
C TYR D 94 38.68 -4.92 22.87
N TYR D 95 39.99 -4.75 22.63
CA TYR D 95 40.85 -3.95 23.48
C TYR D 95 41.23 -2.65 22.79
N CYS D 96 41.38 -1.60 23.60
CA CYS D 96 42.07 -0.38 23.19
C CYS D 96 43.44 -0.38 23.85
N ALA D 97 44.48 -0.09 23.05
CA ALA D 97 45.86 -0.19 23.53
C ALA D 97 46.64 1.06 23.17
N ARG D 98 47.62 1.38 24.02
CA ARG D 98 48.49 2.53 23.85
C ARG D 98 49.93 2.08 23.99
N ARG D 99 50.83 2.81 23.34
CA ARG D 99 52.23 2.40 23.31
C ARG D 99 52.90 2.65 24.66
N ALA D 100 54.04 1.99 24.85
CA ALA D 100 54.85 2.22 26.04
C ALA D 100 55.45 3.62 26.01
N MET D 101 55.81 4.11 27.19
CA MET D 101 56.31 5.49 27.30
C MET D 101 57.56 5.69 26.47
N ASP D 102 58.46 4.70 26.43
CA ASP D 102 59.76 4.85 25.80
C ASP D 102 59.98 3.93 24.61
N ASN D 103 58.94 3.26 24.12
CA ASN D 103 59.08 2.44 22.91
C ASN D 103 57.71 2.29 22.27
N TYR D 104 57.72 1.73 21.06
CA TYR D 104 56.52 1.66 20.24
C TYR D 104 55.60 0.49 20.59
N GLY D 105 56.05 -0.43 21.45
CA GLY D 105 55.22 -1.58 21.77
C GLY D 105 54.01 -1.20 22.60
N PHE D 106 52.97 -2.02 22.50
CA PHE D 106 51.72 -1.80 23.24
C PHE D 106 51.93 -2.25 24.68
N ALA D 107 52.14 -1.30 25.58
CA ALA D 107 52.33 -1.61 27.00
C ALA D 107 51.06 -1.45 27.82
N TYR D 108 50.13 -0.60 27.40
CA TYR D 108 48.92 -0.30 28.16
C TYR D 108 47.70 -0.80 27.40
N TRP D 109 46.88 -1.60 28.06
CA TRP D 109 45.68 -2.18 27.47
C TRP D 109 44.48 -1.91 28.38
N GLY D 110 43.31 -1.78 27.76
CA GLY D 110 42.09 -1.73 28.52
C GLY D 110 41.68 -3.10 29.03
N GLN D 111 40.64 -3.12 29.86
CA GLN D 111 40.17 -4.38 30.42
C GLN D 111 39.60 -5.31 29.35
N GLY D 112 39.20 -4.76 28.20
CA GLY D 112 38.58 -5.55 27.16
C GLY D 112 37.07 -5.46 27.19
N THR D 113 36.45 -5.42 26.01
CA THR D 113 35.00 -5.33 25.89
C THR D 113 34.52 -6.50 25.04
N LEU D 114 33.75 -7.41 25.66
CA LEU D 114 33.21 -8.55 24.94
C LEU D 114 32.00 -8.11 24.11
N VAL D 115 32.03 -8.44 22.83
CA VAL D 115 30.89 -8.25 21.94
C VAL D 115 30.52 -9.63 21.39
N THR D 116 29.31 -10.08 21.71
CA THR D 116 28.81 -11.36 21.24
C THR D 116 27.79 -11.11 20.14
N VAL D 117 28.07 -11.62 18.95
CA VAL D 117 27.18 -11.49 17.80
C VAL D 117 26.45 -12.82 17.63
N SER D 118 25.13 -12.78 17.74
CA SER D 118 24.31 -13.98 17.68
C SER D 118 22.86 -13.58 17.64
N SER D 119 22.03 -14.45 17.07
CA SER D 119 20.60 -14.21 17.00
C SER D 119 19.88 -14.63 18.28
N ALA D 120 20.60 -15.12 19.28
CA ALA D 120 19.99 -15.56 20.52
C ALA D 120 19.69 -14.38 21.44
N SER D 121 18.71 -14.56 22.31
CA SER D 121 18.35 -13.59 23.32
C SER D 121 19.00 -13.94 24.65
N THR D 122 19.08 -12.94 25.53
CA THR D 122 19.65 -13.17 26.85
C THR D 122 18.78 -14.14 27.64
N LYS D 123 19.43 -15.03 28.40
CA LYS D 123 18.72 -16.00 29.20
C LYS D 123 19.64 -16.48 30.31
N GLY D 124 19.08 -16.64 31.51
CA GLY D 124 19.82 -17.15 32.65
C GLY D 124 20.01 -18.65 32.58
N PRO D 125 20.94 -19.17 33.36
CA PRO D 125 21.19 -20.61 33.33
C PRO D 125 20.25 -21.39 34.24
N SER D 126 20.23 -22.70 34.02
CA SER D 126 19.59 -23.64 34.92
C SER D 126 20.69 -24.49 35.55
N VAL D 127 20.75 -24.49 36.88
CA VAL D 127 21.81 -25.19 37.62
C VAL D 127 21.28 -26.55 38.04
N PHE D 128 22.03 -27.60 37.70
CA PHE D 128 21.64 -28.96 38.03
C PHE D 128 22.76 -29.65 38.80
N PRO D 129 22.43 -30.46 39.81
CA PRO D 129 23.47 -31.13 40.57
C PRO D 129 24.14 -32.24 39.78
N LEU D 130 25.42 -32.45 40.06
CA LEU D 130 26.19 -33.60 39.58
C LEU D 130 26.57 -34.38 40.84
N ALA D 131 25.68 -35.26 41.29
CA ALA D 131 25.80 -35.82 42.63
C ALA D 131 26.74 -37.03 42.65
N PRO D 132 27.35 -37.31 43.80
CA PRO D 132 28.30 -38.43 43.88
C PRO D 132 27.68 -39.72 44.40
N SER D 133 28.26 -40.86 44.05
CA SER D 133 27.92 -42.14 44.69
C SER D 133 28.84 -43.21 44.15
N SER D 134 29.15 -44.20 45.00
CA SER D 134 29.98 -45.35 44.63
C SER D 134 30.96 -45.07 43.49
N GLY D 140 38.62 -43.86 47.85
CA GLY D 140 39.44 -42.77 48.32
C GLY D 140 38.87 -41.40 48.00
N THR D 141 38.70 -41.12 46.72
CA THR D 141 38.31 -39.80 46.24
C THR D 141 37.05 -39.86 45.41
N ALA D 142 36.15 -38.90 45.63
CA ALA D 142 34.89 -38.80 44.91
C ALA D 142 34.77 -37.43 44.25
N ALA D 143 33.94 -37.36 43.22
CA ALA D 143 33.75 -36.14 42.44
C ALA D 143 32.33 -35.63 42.58
N LEU D 144 32.18 -34.31 42.43
CA LEU D 144 30.95 -33.61 42.74
C LEU D 144 30.96 -32.29 41.96
N GLY D 145 29.78 -31.86 41.52
CA GLY D 145 29.76 -30.67 40.69
C GLY D 145 28.36 -30.17 40.41
N CYS D 146 28.31 -29.10 39.61
CA CYS D 146 27.07 -28.47 39.17
C CYS D 146 27.12 -28.29 37.65
N LEU D 147 25.97 -28.43 37.01
CA LEU D 147 25.84 -28.25 35.57
C LEU D 147 25.09 -26.96 35.31
N VAL D 148 25.78 -25.96 34.79
CA VAL D 148 25.21 -24.67 34.43
C VAL D 148 24.89 -24.72 32.95
N LYS D 149 23.61 -24.75 32.61
CA LYS D 149 23.17 -25.09 31.27
C LYS D 149 22.25 -24.03 30.67
N ASP D 150 22.39 -23.82 29.37
CA ASP D 150 21.45 -23.02 28.56
C ASP D 150 21.35 -21.59 29.10
N TYR D 151 22.45 -20.88 28.99
CA TYR D 151 22.49 -19.44 29.29
C TYR D 151 23.10 -18.69 28.12
N PHE D 152 22.77 -17.40 28.03
CA PHE D 152 23.33 -16.53 27.00
C PHE D 152 23.19 -15.09 27.47
N PRO D 153 24.20 -14.24 27.25
CA PRO D 153 25.53 -14.53 26.68
C PRO D 153 26.50 -14.98 27.75
N GLU D 154 27.78 -15.09 27.42
CA GLU D 154 28.81 -15.22 28.44
C GLU D 154 29.00 -13.86 29.12
N PRO D 155 29.59 -13.84 30.32
CA PRO D 155 30.14 -14.94 31.10
C PRO D 155 29.29 -15.38 32.28
N VAL D 156 29.66 -16.51 32.87
CA VAL D 156 29.10 -16.99 34.13
C VAL D 156 30.25 -17.22 35.10
N THR D 157 29.98 -16.98 36.38
CA THR D 157 30.96 -17.20 37.43
C THR D 157 30.45 -18.26 38.39
N VAL D 158 31.32 -19.19 38.77
CA VAL D 158 30.99 -20.27 39.68
C VAL D 158 31.99 -20.26 40.83
N SER D 159 31.47 -20.33 42.05
CA SER D 159 32.28 -20.52 43.25
C SER D 159 31.65 -21.63 44.08
N TRP D 160 32.42 -22.15 45.04
CA TRP D 160 31.98 -23.22 45.91
C TRP D 160 32.10 -22.77 47.36
N ASN D 161 31.04 -22.94 48.13
CA ASN D 161 31.00 -22.51 49.52
C ASN D 161 31.38 -21.04 49.66
N SER D 162 30.89 -20.22 48.73
CA SER D 162 31.14 -18.78 48.73
C SER D 162 32.63 -18.47 48.74
N GLY D 163 33.40 -19.24 47.97
CA GLY D 163 34.82 -19.04 47.86
C GLY D 163 35.66 -19.79 48.87
N ALA D 164 35.02 -20.42 49.86
CA ALA D 164 35.78 -21.17 50.86
C ALA D 164 36.47 -22.38 50.24
N LEU D 165 35.87 -22.97 49.21
CA LEU D 165 36.40 -24.17 48.57
C LEU D 165 37.00 -23.79 47.22
N THR D 166 38.32 -23.94 47.09
CA THR D 166 39.00 -23.69 45.83
C THR D 166 39.85 -24.90 45.44
N SER D 167 40.42 -25.58 46.45
CA SER D 167 41.26 -26.72 46.18
C SER D 167 40.44 -27.85 45.54
N GLY D 168 40.93 -28.35 44.41
CA GLY D 168 40.29 -29.45 43.73
C GLY D 168 39.19 -29.06 42.76
N VAL D 169 38.84 -27.78 42.70
CA VAL D 169 37.76 -27.33 41.82
C VAL D 169 38.26 -27.21 40.39
N HIS D 170 37.39 -27.53 39.43
CA HIS D 170 37.69 -27.37 38.01
C HIS D 170 36.41 -26.89 37.33
N THR D 171 36.37 -25.60 36.99
CA THR D 171 35.27 -25.01 36.24
C THR D 171 35.64 -25.01 34.77
N PHE D 172 34.86 -25.69 33.95
CA PHE D 172 35.22 -25.94 32.57
C PHE D 172 34.84 -24.75 31.67
N PRO D 173 35.55 -24.56 30.57
CA PRO D 173 35.15 -23.52 29.61
C PRO D 173 33.76 -23.77 29.06
N ALA D 174 33.03 -22.69 28.81
CA ALA D 174 31.68 -22.80 28.28
C ALA D 174 31.71 -23.38 26.88
N VAL D 175 30.70 -24.18 26.56
CA VAL D 175 30.54 -24.79 25.23
C VAL D 175 29.31 -24.17 24.57
N LEU D 176 29.47 -23.70 23.34
CA LEU D 176 28.36 -23.15 22.58
C LEU D 176 27.59 -24.31 21.93
N GLN D 177 26.35 -24.49 22.35
CA GLN D 177 25.54 -25.60 21.89
C GLN D 177 24.90 -25.28 20.53
N SER D 178 24.36 -26.33 19.90
CA SER D 178 23.68 -26.15 18.62
C SER D 178 22.51 -25.17 18.74
N SER D 179 21.90 -25.10 19.92
CA SER D 179 20.80 -24.17 20.14
C SER D 179 21.24 -22.71 20.18
N GLY D 180 22.55 -22.45 20.20
CA GLY D 180 23.06 -21.11 20.36
C GLY D 180 23.23 -20.67 21.80
N LEU D 181 22.89 -21.53 22.77
CA LEU D 181 23.05 -21.24 24.18
C LEU D 181 24.31 -21.91 24.71
N TYR D 182 24.88 -21.31 25.75
CA TYR D 182 26.11 -21.82 26.35
C TYR D 182 25.80 -22.82 27.46
N SER D 183 26.80 -23.62 27.80
CA SER D 183 26.68 -24.60 28.88
C SER D 183 28.07 -24.98 29.36
N LEU D 184 28.25 -24.99 30.68
CA LEU D 184 29.49 -25.42 31.30
C LEU D 184 29.17 -26.19 32.57
N SER D 185 30.17 -26.92 33.07
CA SER D 185 30.06 -27.66 34.32
C SER D 185 31.23 -27.30 35.22
N SER D 186 30.95 -27.13 36.51
CA SER D 186 31.98 -26.93 37.52
C SER D 186 32.01 -28.17 38.42
N VAL D 187 33.19 -28.77 38.54
CA VAL D 187 33.37 -30.01 39.28
C VAL D 187 34.40 -29.77 40.37
N VAL D 188 34.32 -30.57 41.43
CA VAL D 188 35.27 -30.52 42.52
C VAL D 188 35.48 -31.93 43.04
N THR D 189 36.72 -32.20 43.45
CA THR D 189 37.14 -33.52 43.93
C THR D 189 37.29 -33.45 45.45
N VAL D 190 36.63 -34.37 46.15
CA VAL D 190 36.56 -34.34 47.61
C VAL D 190 36.75 -35.75 48.14
N PRO D 191 37.16 -35.87 49.41
CA PRO D 191 37.26 -37.21 50.02
C PRO D 191 35.91 -37.90 50.04
N SER D 192 35.92 -39.21 49.79
CA SER D 192 34.67 -39.97 49.79
C SER D 192 34.03 -40.02 51.16
N SER D 193 34.83 -40.03 52.23
CA SER D 193 34.29 -40.12 53.57
C SER D 193 33.49 -38.88 53.97
N SER D 194 33.68 -37.76 53.27
CA SER D 194 32.98 -36.53 53.58
C SER D 194 31.55 -36.51 53.03
N LEU D 195 31.10 -37.59 52.42
CA LEU D 195 29.75 -37.64 51.87
C LEU D 195 28.72 -37.38 52.95
N GLY D 196 27.72 -36.57 52.61
CA GLY D 196 26.56 -36.40 53.46
C GLY D 196 26.78 -35.57 54.71
N THR D 197 28.03 -35.47 55.15
CA THR D 197 28.37 -34.73 56.37
C THR D 197 28.95 -33.36 56.09
N GLN D 198 29.76 -33.22 55.04
CA GLN D 198 30.29 -31.94 54.61
C GLN D 198 29.42 -31.38 53.50
N THR D 199 28.98 -30.13 53.67
CA THR D 199 28.06 -29.51 52.73
C THR D 199 28.83 -28.78 51.63
N TYR D 200 28.46 -29.05 50.39
CA TYR D 200 29.06 -28.41 49.22
C TYR D 200 27.98 -27.68 48.44
N ILE D 201 28.16 -26.36 48.29
CA ILE D 201 27.21 -25.51 47.60
C ILE D 201 27.96 -24.77 46.50
N CYS D 202 27.41 -24.81 45.29
CA CYS D 202 27.98 -24.09 44.15
C CYS D 202 27.18 -22.81 43.95
N ASN D 203 27.89 -21.68 43.91
CA ASN D 203 27.28 -20.37 43.73
C ASN D 203 27.45 -19.93 42.29
N VAL D 204 26.33 -19.77 41.58
CA VAL D 204 26.32 -19.46 40.16
C VAL D 204 25.74 -18.06 39.97
N ASN D 205 26.48 -17.20 39.28
CA ASN D 205 26.03 -15.84 38.98
C ASN D 205 26.08 -15.61 37.48
N HIS D 206 24.99 -15.08 36.93
CA HIS D 206 24.91 -14.66 35.53
C HIS D 206 24.27 -13.27 35.54
N LYS D 207 25.10 -12.24 35.67
CA LYS D 207 24.58 -10.88 35.73
C LYS D 207 23.74 -10.50 34.52
N PRO D 208 24.11 -10.87 33.28
CA PRO D 208 23.31 -10.41 32.13
C PRO D 208 21.83 -10.72 32.25
N SER D 209 21.47 -11.89 32.79
CA SER D 209 20.08 -12.26 32.97
C SER D 209 19.57 -11.98 34.39
N ASN D 210 20.39 -11.38 35.25
CA ASN D 210 20.04 -11.16 36.64
C ASN D 210 19.63 -12.48 37.30
N THR D 211 20.51 -13.47 37.18
CA THR D 211 20.28 -14.81 37.73
C THR D 211 21.43 -15.18 38.64
N LYS D 212 21.16 -15.29 39.93
CA LYS D 212 22.12 -15.79 40.91
C LYS D 212 21.50 -16.98 41.62
N VAL D 213 22.24 -18.10 41.66
CA VAL D 213 21.71 -19.37 42.13
C VAL D 213 22.76 -20.06 42.99
N ASP D 214 22.37 -20.46 44.20
CA ASP D 214 23.18 -21.33 45.04
C ASP D 214 22.51 -22.70 45.09
N LYS D 215 23.27 -23.75 44.83
CA LYS D 215 22.75 -25.10 44.72
C LYS D 215 23.58 -26.04 45.60
N LYS D 216 22.94 -26.64 46.59
CA LYS D 216 23.60 -27.63 47.42
C LYS D 216 23.55 -28.99 46.73
N VAL D 217 24.69 -29.67 46.68
CA VAL D 217 24.82 -30.97 46.03
C VAL D 217 25.07 -32.01 47.11
N GLU D 218 24.19 -33.01 47.19
CA GLU D 218 24.26 -34.07 48.18
C GLU D 218 24.34 -35.42 47.49
N PRO D 219 24.77 -36.47 48.20
CA PRO D 219 24.76 -37.81 47.61
C PRO D 219 23.36 -38.27 47.27
N LYS D 220 23.26 -39.14 46.27
CA LYS D 220 21.98 -39.69 45.85
C LYS D 220 21.53 -40.76 46.83
N SER D 221 20.29 -40.66 47.30
CA SER D 221 19.74 -41.60 48.25
C SER D 221 19.30 -42.88 47.54
N CYS D 222 18.99 -43.90 48.34
CA CYS D 222 18.62 -45.21 47.81
C CYS D 222 17.21 -45.59 48.25
N GLU E 1 51.90 -8.32 1.20
CA GLU E 1 51.66 -7.84 2.55
C GLU E 1 52.43 -8.68 3.57
N ILE E 2 52.83 -8.05 4.67
CA ILE E 2 53.67 -8.70 5.67
C ILE E 2 52.79 -9.61 6.53
N VAL E 3 53.09 -10.90 6.52
CA VAL E 3 52.39 -11.90 7.31
C VAL E 3 53.40 -12.58 8.22
N LEU E 4 53.08 -12.62 9.52
CA LEU E 4 53.96 -13.20 10.52
C LEU E 4 53.47 -14.60 10.87
N THR E 5 54.31 -15.60 10.64
CA THR E 5 54.00 -17.00 10.94
C THR E 5 54.84 -17.42 12.13
N GLN E 6 54.17 -17.90 13.19
CA GLN E 6 54.84 -18.33 14.42
C GLN E 6 54.85 -19.85 14.48
N SER E 7 56.02 -20.41 14.76
CA SER E 7 56.17 -21.85 14.93
C SER E 7 56.94 -22.14 16.21
N PRO E 8 56.53 -23.14 16.99
CA PRO E 8 55.33 -23.99 16.82
C PRO E 8 54.09 -23.34 17.39
N ASP E 9 52.90 -23.80 17.00
CA ASP E 9 51.69 -23.29 17.62
C ASP E 9 51.56 -23.74 19.08
N PHE E 10 52.20 -24.85 19.44
CA PHE E 10 51.97 -25.51 20.73
C PHE E 10 53.24 -26.25 21.13
N GLN E 11 53.65 -26.12 22.39
CA GLN E 11 54.95 -26.67 22.80
C GLN E 11 54.92 -27.00 24.28
N SER E 12 55.21 -28.27 24.60
CA SER E 12 55.47 -28.70 25.97
C SER E 12 56.96 -28.68 26.27
N VAL E 13 57.31 -28.13 27.43
CA VAL E 13 58.71 -28.07 27.88
C VAL E 13 58.75 -28.31 29.38
N THR E 14 59.69 -29.15 29.82
CA THR E 14 59.92 -29.37 31.24
C THR E 14 60.52 -28.12 31.86
N PRO E 15 60.17 -27.82 33.12
CA PRO E 15 60.80 -26.68 33.79
C PRO E 15 62.32 -26.86 33.87
N LYS E 16 63.04 -25.75 33.81
CA LYS E 16 64.49 -25.64 33.81
C LYS E 16 65.11 -25.90 32.43
N GLU E 17 64.31 -26.11 31.40
CA GLU E 17 64.82 -26.35 30.05
C GLU E 17 64.72 -25.10 29.20
N LYS E 18 65.44 -25.13 28.07
CA LYS E 18 65.42 -24.03 27.11
C LYS E 18 64.28 -24.23 26.12
N VAL E 19 63.64 -23.13 25.72
CA VAL E 19 62.62 -23.15 24.68
C VAL E 19 62.81 -21.92 23.80
N THR E 20 62.75 -22.13 22.49
CA THR E 20 62.91 -21.06 21.51
C THR E 20 61.63 -20.97 20.67
N ILE E 21 61.10 -19.75 20.54
CA ILE E 21 59.89 -19.49 19.79
C ILE E 21 60.27 -18.64 18.58
N THR E 22 59.89 -19.11 17.39
CA THR E 22 60.23 -18.45 16.14
C THR E 22 59.02 -17.69 15.60
N CYS E 23 59.28 -16.52 15.02
CA CYS E 23 58.26 -15.71 14.35
C CYS E 23 58.84 -15.32 13.00
N SER E 24 58.45 -16.05 11.95
CA SER E 24 59.03 -15.87 10.63
C SER E 24 58.20 -14.90 9.79
N ALA E 25 58.87 -14.19 8.89
CA ALA E 25 58.22 -13.17 8.07
C ALA E 25 58.54 -13.37 6.59
N ASN E 26 58.20 -12.39 5.77
CA ASN E 26 58.57 -12.38 4.36
C ASN E 26 59.81 -11.53 4.09
N SER E 27 60.01 -10.47 4.86
CA SER E 27 61.20 -9.63 4.79
C SER E 27 61.42 -9.03 6.17
N ALA E 28 62.21 -7.96 6.23
CA ALA E 28 62.34 -7.15 7.45
C ALA E 28 63.27 -7.79 8.46
N TYR E 31 62.49 -4.45 13.50
CA TYR E 31 62.01 -4.14 14.84
C TYR E 31 60.80 -4.99 15.20
N MET E 32 61.03 -6.02 16.01
CA MET E 32 60.02 -7.00 16.38
C MET E 32 59.64 -6.83 17.85
N TYR E 33 58.37 -7.06 18.15
CA TYR E 33 57.84 -6.90 19.50
C TYR E 33 57.13 -8.19 19.91
N TRP E 34 57.22 -8.50 21.21
CA TRP E 34 56.68 -9.74 21.74
C TRP E 34 55.79 -9.45 22.95
N TYR E 35 54.80 -10.31 23.15
CA TYR E 35 53.84 -10.16 24.23
C TYR E 35 53.59 -11.51 24.89
N GLN E 36 53.32 -11.47 26.19
CA GLN E 36 52.91 -12.64 26.95
C GLN E 36 51.47 -12.45 27.40
N GLN E 37 50.61 -13.41 27.08
CA GLN E 37 49.22 -13.38 27.49
C GLN E 37 48.85 -14.68 28.18
N LYS E 38 48.24 -14.57 29.35
CA LYS E 38 47.68 -15.69 30.09
C LYS E 38 46.15 -15.62 30.05
N PRO E 39 45.47 -16.75 30.26
CA PRO E 39 44.02 -16.75 30.08
C PRO E 39 43.31 -15.72 30.94
N ASP E 40 42.27 -15.11 30.37
CA ASP E 40 41.44 -14.12 31.06
C ASP E 40 42.27 -12.92 31.50
N GLN E 41 43.23 -12.53 30.67
CA GLN E 41 44.05 -11.36 30.96
C GLN E 41 44.41 -10.65 29.66
N SER E 42 44.75 -9.38 29.78
CA SER E 42 45.29 -8.63 28.66
C SER E 42 46.73 -9.07 28.38
N PRO E 43 47.20 -8.90 27.15
CA PRO E 43 48.62 -9.19 26.88
C PRO E 43 49.53 -8.22 27.62
N LYS E 44 50.72 -8.71 27.94
CA LYS E 44 51.77 -7.91 28.56
C LYS E 44 52.91 -7.73 27.58
N LEU E 45 53.32 -6.48 27.37
CA LEU E 45 54.49 -6.23 26.54
C LEU E 45 55.70 -6.92 27.16
N TRP E 46 56.43 -7.67 26.33
CA TRP E 46 57.55 -8.48 26.81
C TRP E 46 58.88 -8.07 26.21
N VAL E 47 58.93 -7.88 24.90
CA VAL E 47 60.17 -7.49 24.21
C VAL E 47 59.83 -6.42 23.18
N HIS E 48 60.71 -5.43 23.07
CA HIS E 48 60.58 -4.37 22.09
C HIS E 48 61.94 -4.11 21.47
N GLY E 49 61.94 -3.63 20.22
CA GLY E 49 63.19 -3.46 19.51
C GLY E 49 63.90 -4.75 19.20
N THR E 50 63.20 -5.88 19.25
CA THR E 50 63.69 -7.19 18.88
C THR E 50 64.65 -7.80 19.91
N SER E 51 65.13 -7.00 20.86
CA SER E 51 66.02 -7.55 21.89
C SER E 51 65.81 -6.98 23.28
N ASN E 52 65.13 -5.85 23.44
CA ASN E 52 65.05 -5.17 24.72
C ASN E 52 63.86 -5.68 25.52
N LEU E 53 64.11 -6.16 26.73
CA LEU E 53 63.05 -6.65 27.59
C LEU E 53 62.25 -5.50 28.18
N ALA E 54 60.94 -5.72 28.33
CA ALA E 54 60.09 -4.74 28.98
C ALA E 54 60.26 -4.80 30.49
N SER E 55 59.84 -3.74 31.16
CA SER E 55 60.03 -3.63 32.60
C SER E 55 59.31 -4.77 33.31
N GLY E 56 60.01 -5.38 34.27
CA GLY E 56 59.47 -6.49 35.03
C GLY E 56 59.75 -7.85 34.44
N VAL E 57 60.27 -7.92 33.22
CA VAL E 57 60.54 -9.21 32.58
C VAL E 57 61.85 -9.77 33.12
N PRO E 58 61.88 -11.00 33.62
CA PRO E 58 63.14 -11.56 34.12
C PRO E 58 64.14 -11.77 33.00
N SER E 59 65.42 -11.72 33.37
CA SER E 59 66.50 -11.74 32.39
C SER E 59 66.64 -13.08 31.67
N ARG E 60 65.97 -14.14 32.15
CA ARG E 60 66.04 -15.41 31.43
C ARG E 60 65.36 -15.35 30.07
N PHE E 61 64.46 -14.39 29.87
CA PHE E 61 63.89 -14.14 28.55
C PHE E 61 64.88 -13.36 27.70
N SER E 62 65.02 -13.77 26.44
CA SER E 62 65.95 -13.12 25.52
C SER E 62 65.29 -12.99 24.16
N GLY E 63 65.29 -11.78 23.63
CA GLY E 63 64.78 -11.51 22.29
C GLY E 63 65.92 -11.37 21.30
N SER E 64 65.66 -11.80 20.06
CA SER E 64 66.67 -11.79 19.03
C SER E 64 65.98 -11.94 17.68
N GLY E 65 66.76 -11.79 16.62
CA GLY E 65 66.25 -11.99 15.28
C GLY E 65 67.00 -11.12 14.27
N SER E 66 66.94 -11.56 13.02
CA SER E 66 67.52 -10.82 11.91
C SER E 66 66.88 -11.33 10.63
N GLY E 67 66.85 -10.48 9.62
CA GLY E 67 66.33 -10.89 8.33
C GLY E 67 64.87 -11.29 8.44
N THR E 68 64.58 -12.54 8.06
CA THR E 68 63.22 -13.06 8.06
C THR E 68 62.87 -13.80 9.34
N ASP E 69 63.84 -14.12 10.18
CA ASP E 69 63.64 -14.95 11.36
C ASP E 69 63.87 -14.15 12.62
N PHE E 70 62.91 -14.22 13.55
CA PHE E 70 63.02 -13.59 14.85
C PHE E 70 62.62 -14.59 15.92
N THR E 71 63.30 -14.56 17.06
CA THR E 71 63.15 -15.58 18.08
C THR E 71 62.97 -14.97 19.46
N LEU E 72 62.14 -15.62 20.27
CA LEU E 72 62.03 -15.36 21.71
C LEU E 72 62.45 -16.62 22.44
N THR E 73 63.43 -16.49 23.33
CA THR E 73 64.04 -17.63 23.99
C THR E 73 63.86 -17.52 25.49
N ILE E 74 63.44 -18.62 26.13
CA ILE E 74 63.33 -18.71 27.58
C ILE E 74 64.39 -19.68 28.06
N ASN E 75 65.29 -19.20 28.92
CA ASN E 75 66.32 -20.04 29.53
C ASN E 75 65.85 -20.46 30.91
N SER E 76 65.94 -21.75 31.21
CA SER E 76 65.51 -22.30 32.49
C SER E 76 64.06 -21.91 32.78
N LEU E 77 63.18 -22.44 31.92
CA LEU E 77 61.74 -22.18 32.04
C LEU E 77 61.27 -22.41 33.48
N GLU E 78 60.21 -21.70 33.85
CA GLU E 78 59.58 -21.84 35.15
C GLU E 78 58.08 -22.01 34.96
N ALA E 79 57.41 -22.42 36.04
CA ALA E 79 55.97 -22.68 35.97
C ALA E 79 55.22 -21.46 35.47
N GLU E 80 55.54 -20.28 36.02
CA GLU E 80 54.81 -19.06 35.65
C GLU E 80 55.01 -18.68 34.20
N ASP E 81 56.03 -19.22 33.53
CA ASP E 81 56.31 -18.83 32.15
C ASP E 81 55.31 -19.42 31.15
N ALA E 82 54.45 -20.33 31.58
CA ALA E 82 53.46 -20.89 30.66
C ALA E 82 52.46 -19.81 30.25
N ALA E 83 52.30 -19.63 28.95
CA ALA E 83 51.44 -18.59 28.40
C ALA E 83 51.48 -18.71 26.88
N THR E 84 50.64 -17.91 26.22
CA THR E 84 50.67 -17.78 24.77
C THR E 84 51.46 -16.53 24.43
N TYR E 85 52.50 -16.69 23.62
CA TYR E 85 53.41 -15.61 23.25
C TYR E 85 53.16 -15.19 21.81
N TYR E 86 53.02 -13.88 21.59
CA TYR E 86 52.70 -13.33 20.29
C TYR E 86 53.81 -12.39 19.84
N CYS E 87 54.03 -12.35 18.53
CA CYS E 87 54.95 -11.41 17.91
C CYS E 87 54.17 -10.34 17.16
N HIS E 88 54.82 -9.19 16.97
CA HIS E 88 54.13 -7.98 16.57
C HIS E 88 55.09 -7.09 15.80
N HIS E 89 54.66 -6.61 14.63
CA HIS E 89 55.53 -5.85 13.75
C HIS E 89 54.71 -4.82 12.99
N TRP E 90 55.38 -3.72 12.61
CA TRP E 90 54.76 -2.63 11.89
C TRP E 90 55.32 -2.58 10.48
N SER E 91 54.47 -2.83 9.49
CA SER E 91 54.77 -2.59 8.09
C SER E 91 53.81 -1.50 7.60
N ASN E 92 54.36 -0.48 6.95
CA ASN E 92 53.56 0.69 6.58
C ASN E 92 52.33 0.25 5.79
N THR E 93 51.14 0.66 6.25
CA THR E 93 50.80 1.55 7.35
C THR E 93 49.90 0.84 8.37
N GLN E 94 50.29 -0.38 8.75
CA GLN E 94 49.49 -1.20 9.65
C GLN E 94 50.38 -2.02 10.55
N TRP E 95 49.87 -2.35 11.73
CA TRP E 95 50.47 -3.36 12.59
C TRP E 95 49.94 -4.74 12.21
N THR E 96 50.66 -5.78 12.63
CA THR E 96 50.21 -7.14 12.41
C THR E 96 50.77 -8.03 13.52
N PHE E 97 49.95 -9.00 13.96
CA PHE E 97 50.31 -9.91 15.02
C PHE E 97 50.60 -11.30 14.47
N GLY E 98 51.41 -12.05 15.21
CA GLY E 98 51.62 -13.45 14.88
C GLY E 98 50.47 -14.32 15.36
N GLY E 99 50.48 -15.57 14.91
CA GLY E 99 49.42 -16.50 15.30
C GLY E 99 49.40 -16.77 16.78
N GLY E 100 50.57 -16.91 17.38
CA GLY E 100 50.69 -17.17 18.80
C GLY E 100 51.29 -18.55 19.04
N THR E 101 52.12 -18.64 20.07
CA THR E 101 52.79 -19.89 20.46
C THR E 101 52.54 -20.15 21.93
N LYS E 102 51.68 -21.12 22.23
CA LYS E 102 51.40 -21.48 23.62
C LYS E 102 52.53 -22.35 24.15
N VAL E 103 53.22 -21.85 25.18
CA VAL E 103 54.22 -22.64 25.90
C VAL E 103 53.53 -23.21 27.14
N GLU E 104 53.56 -24.54 27.26
CA GLU E 104 52.95 -25.31 28.33
C GLU E 104 54.05 -26.00 29.13
N ILE E 105 53.67 -26.74 30.16
CA ILE E 105 54.61 -27.43 31.04
C ILE E 105 54.53 -28.92 30.73
N LYS E 106 55.69 -29.59 30.81
CA LYS E 106 55.79 -31.02 30.60
C LYS E 106 56.00 -31.71 31.94
N ARG E 107 55.18 -32.72 32.21
CA ARG E 107 55.27 -33.51 33.43
C ARG E 107 55.18 -34.99 33.05
N THR E 108 55.32 -35.86 34.04
CA THR E 108 55.19 -37.28 33.78
C THR E 108 53.75 -37.63 33.40
N VAL E 109 53.61 -38.75 32.68
CA VAL E 109 52.30 -39.19 32.25
C VAL E 109 51.43 -39.49 33.47
N ALA E 110 50.16 -39.11 33.39
CA ALA E 110 49.21 -39.33 34.48
C ALA E 110 47.87 -39.76 33.91
N ALA E 111 47.37 -40.90 34.38
CA ALA E 111 46.09 -41.41 33.91
C ALA E 111 44.93 -40.61 34.50
N PRO E 112 43.82 -40.54 33.78
CA PRO E 112 42.66 -39.82 34.32
C PRO E 112 41.85 -40.65 35.29
N SER E 113 41.24 -39.95 36.25
CA SER E 113 40.25 -40.54 37.15
C SER E 113 38.87 -40.25 36.55
N VAL E 114 38.17 -41.30 36.13
CA VAL E 114 36.97 -41.16 35.31
C VAL E 114 35.74 -41.33 36.18
N PHE E 115 34.80 -40.40 36.04
CA PHE E 115 33.51 -40.45 36.73
C PHE E 115 32.40 -40.16 35.74
N ILE E 116 31.26 -40.81 35.93
CA ILE E 116 30.08 -40.62 35.11
C ILE E 116 28.92 -40.19 36.00
N PHE E 117 28.21 -39.14 35.59
CA PHE E 117 27.12 -38.58 36.37
C PHE E 117 25.81 -38.76 35.63
N PRO E 118 24.80 -39.42 36.23
CA PRO E 118 23.49 -39.48 35.58
C PRO E 118 22.79 -38.13 35.63
N PRO E 119 21.81 -37.89 34.77
CA PRO E 119 21.10 -36.61 34.79
C PRO E 119 20.27 -36.45 36.05
N SER E 120 20.04 -35.19 36.44
CA SER E 120 19.34 -34.88 37.67
C SER E 120 17.83 -34.92 37.44
N ASP E 121 17.12 -35.64 38.32
CA ASP E 121 15.67 -35.76 38.21
C ASP E 121 15.01 -34.41 37.95
N GLU E 122 15.60 -33.33 38.47
CA GLU E 122 15.08 -32.00 38.16
C GLU E 122 15.14 -31.72 36.67
N GLN E 123 16.25 -32.08 36.02
CA GLN E 123 16.39 -31.84 34.58
C GLN E 123 15.49 -32.77 33.78
N LEU E 124 15.31 -34.01 34.24
CA LEU E 124 14.45 -34.94 33.51
C LEU E 124 13.05 -34.35 33.34
N LYS E 125 12.49 -33.80 34.42
CA LYS E 125 11.15 -33.22 34.37
C LYS E 125 11.08 -31.98 33.51
N SER E 126 12.22 -31.42 33.11
CA SER E 126 12.24 -30.31 32.16
C SER E 126 12.28 -30.77 30.71
N GLY E 127 12.46 -32.08 30.48
CA GLY E 127 12.40 -32.64 29.14
C GLY E 127 13.73 -33.00 28.52
N THR E 128 14.85 -32.59 29.13
CA THR E 128 16.18 -32.86 28.60
C THR E 128 16.99 -33.64 29.60
N ALA E 129 17.96 -34.41 29.10
CA ALA E 129 18.83 -35.23 29.94
C ALA E 129 20.27 -35.01 29.51
N SER E 130 21.11 -34.55 30.43
CA SER E 130 22.54 -34.38 30.21
C SER E 130 23.29 -35.44 30.99
N VAL E 131 24.07 -36.25 30.30
CA VAL E 131 24.91 -37.28 30.91
C VAL E 131 26.35 -36.80 30.81
N VAL E 132 27.01 -36.66 31.97
CA VAL E 132 28.31 -36.03 32.06
C VAL E 132 29.35 -37.10 32.43
N CYS E 133 30.46 -37.11 31.71
CA CYS E 133 31.61 -37.96 32.01
C CYS E 133 32.79 -37.06 32.31
N LEU E 134 33.48 -37.33 33.42
CA LEU E 134 34.57 -36.49 33.90
C LEU E 134 35.87 -37.26 33.81
N LEU E 135 36.84 -36.71 33.09
CA LEU E 135 38.22 -37.19 33.08
C LEU E 135 39.06 -36.18 33.86
N ASN E 136 39.63 -36.61 34.98
CA ASN E 136 40.19 -35.70 35.98
C ASN E 136 41.68 -35.92 36.14
N ASN E 137 42.45 -34.82 36.09
CA ASN E 137 43.84 -34.78 36.51
C ASN E 137 44.69 -35.81 35.76
N PHE E 138 44.82 -35.55 34.45
CA PHE E 138 45.60 -36.42 33.58
C PHE E 138 46.56 -35.59 32.73
N TYR E 139 47.64 -36.24 32.30
CA TYR E 139 48.62 -35.67 31.38
C TYR E 139 49.10 -36.80 30.46
N PRO E 140 49.27 -36.53 29.16
CA PRO E 140 49.10 -35.25 28.46
C PRO E 140 47.66 -34.93 28.09
N ARG E 141 47.46 -33.84 27.34
CA ARG E 141 46.13 -33.34 27.05
C ARG E 141 45.29 -34.27 26.20
N GLU E 142 45.92 -35.16 25.44
CA GLU E 142 45.21 -35.95 24.44
C GLU E 142 44.46 -37.10 25.10
N ALA E 143 43.15 -37.16 24.89
CA ALA E 143 42.33 -38.24 25.41
C ALA E 143 41.14 -38.44 24.48
N LYS E 144 40.57 -39.65 24.52
CA LYS E 144 39.48 -40.04 23.63
C LYS E 144 38.34 -40.59 24.48
N VAL E 145 37.21 -39.89 24.48
CA VAL E 145 36.00 -40.32 25.17
C VAL E 145 35.04 -40.92 24.15
N GLN E 146 34.35 -41.98 24.54
CA GLN E 146 33.46 -42.71 23.65
C GLN E 146 32.20 -43.07 24.40
N TRP E 147 31.05 -42.76 23.82
CA TRP E 147 29.75 -42.97 24.45
C TRP E 147 29.05 -44.17 23.84
N LYS E 148 28.40 -44.97 24.69
CA LYS E 148 27.62 -46.11 24.23
C LYS E 148 26.35 -46.20 25.05
N VAL E 149 25.20 -46.18 24.38
CA VAL E 149 23.89 -46.32 25.01
C VAL E 149 23.39 -47.72 24.68
N ASP E 150 23.29 -48.57 25.70
CA ASP E 150 22.92 -49.98 25.51
C ASP E 150 23.83 -50.62 24.46
N ASN E 151 25.12 -50.29 24.53
CA ASN E 151 26.19 -50.80 23.68
C ASN E 151 26.17 -50.16 22.29
N ALA E 152 25.21 -49.29 21.98
CA ALA E 152 25.14 -48.62 20.69
C ALA E 152 26.00 -47.36 20.74
N LEU E 153 26.97 -47.26 19.83
CA LEU E 153 27.86 -46.11 19.81
C LEU E 153 27.09 -44.83 19.48
N GLN E 154 27.36 -43.78 20.24
CA GLN E 154 26.78 -42.46 20.00
C GLN E 154 27.76 -41.61 19.19
N SER E 155 27.21 -40.77 18.32
CA SER E 155 28.03 -39.99 17.41
C SER E 155 27.37 -38.63 17.17
N GLY E 156 28.08 -37.56 17.53
CA GLY E 156 27.65 -36.21 17.24
C GLY E 156 26.79 -35.56 18.30
N ASN E 157 26.28 -36.31 19.27
CA ASN E 157 25.40 -35.78 20.30
C ASN E 157 26.14 -35.53 21.61
N SER E 158 27.44 -35.27 21.55
CA SER E 158 28.23 -35.00 22.74
C SER E 158 29.24 -33.90 22.43
N GLN E 159 29.58 -33.13 23.46
CA GLN E 159 30.55 -32.04 23.35
C GLN E 159 31.51 -32.13 24.53
N GLU E 160 32.73 -31.61 24.32
CA GLU E 160 33.80 -31.77 25.28
C GLU E 160 34.40 -30.42 25.64
N SER E 161 34.95 -30.35 26.86
CA SER E 161 35.65 -29.18 27.36
C SER E 161 36.90 -29.64 28.09
N VAL E 162 37.94 -28.80 28.05
CA VAL E 162 39.21 -29.10 28.69
C VAL E 162 39.65 -27.87 29.50
N THR E 163 40.07 -28.10 30.74
CA THR E 163 40.58 -27.03 31.56
C THR E 163 41.98 -26.61 31.09
N GLU E 164 42.37 -25.40 31.50
CA GLU E 164 43.76 -25.00 31.34
C GLU E 164 44.64 -25.83 32.27
N GLN E 165 45.91 -25.96 31.90
CA GLN E 165 46.82 -26.77 32.70
C GLN E 165 46.86 -26.27 34.14
N ASP E 166 46.64 -27.17 35.08
CA ASP E 166 46.64 -26.81 36.49
C ASP E 166 47.99 -26.24 36.88
N SER E 167 47.96 -25.16 37.67
CA SER E 167 49.19 -24.47 38.04
C SER E 167 50.00 -25.22 39.08
N LYS E 168 49.39 -26.18 39.79
CA LYS E 168 50.04 -26.86 40.89
C LYS E 168 50.57 -28.24 40.53
N ASP E 169 49.79 -29.05 39.81
CA ASP E 169 50.24 -30.38 39.40
C ASP E 169 50.34 -30.53 37.88
N SER E 170 50.04 -29.48 37.12
CA SER E 170 50.25 -29.48 35.67
C SER E 170 49.41 -30.54 34.95
N THR E 171 48.26 -30.89 35.51
CA THR E 171 47.36 -31.85 34.89
C THR E 171 46.19 -31.12 34.22
N TYR E 172 45.50 -31.86 33.36
CA TYR E 172 44.28 -31.39 32.72
C TYR E 172 43.08 -32.18 33.25
N SER E 173 41.90 -31.59 33.07
CA SER E 173 40.64 -32.27 33.31
C SER E 173 39.72 -32.00 32.13
N LEU E 174 38.90 -32.99 31.79
CA LEU E 174 38.03 -32.93 30.63
C LEU E 174 36.63 -33.38 30.99
N SER E 175 35.63 -32.74 30.39
CA SER E 175 34.23 -33.08 30.58
C SER E 175 33.62 -33.39 29.22
N SER E 176 32.97 -34.56 29.12
CA SER E 176 32.20 -34.93 27.95
C SER E 176 30.73 -35.02 28.35
N THR E 177 29.87 -34.27 27.67
CA THR E 177 28.46 -34.18 28.01
C THR E 177 27.64 -34.76 26.87
N LEU E 178 26.91 -35.84 27.16
CA LEU E 178 25.98 -36.45 26.22
C LEU E 178 24.59 -35.89 26.49
N THR E 179 23.96 -35.32 25.46
CA THR E 179 22.67 -34.66 25.59
C THR E 179 21.64 -35.36 24.72
N LEU E 180 20.53 -35.76 25.33
CA LEU E 180 19.43 -36.38 24.62
C LEU E 180 18.13 -36.03 25.34
N SER E 181 17.02 -36.21 24.64
CA SER E 181 15.72 -35.86 25.20
C SER E 181 15.36 -36.83 26.33
N LYS E 182 14.42 -36.38 27.18
CA LYS E 182 13.87 -37.25 28.21
C LYS E 182 13.30 -38.51 27.57
N ALA E 183 12.60 -38.38 26.45
CA ALA E 183 12.03 -39.53 25.77
C ALA E 183 13.12 -40.51 25.34
N ASP E 184 14.13 -40.01 24.64
CA ASP E 184 15.22 -40.88 24.20
C ASP E 184 15.94 -41.52 25.38
N TYR E 185 16.14 -40.75 26.45
CA TYR E 185 16.86 -41.24 27.60
C TYR E 185 16.15 -42.43 28.23
N GLU E 186 14.82 -42.38 28.32
CA GLU E 186 14.07 -43.41 29.03
C GLU E 186 13.84 -44.68 28.21
N LYS E 187 14.17 -44.67 26.91
CA LYS E 187 14.07 -45.91 26.14
C LYS E 187 15.29 -46.81 26.33
N HIS E 188 16.31 -46.36 27.06
CA HIS E 188 17.57 -47.07 27.18
C HIS E 188 17.98 -47.13 28.64
N LYS E 189 18.79 -48.14 28.96
CA LYS E 189 19.21 -48.39 30.35
C LYS E 189 20.70 -48.19 30.55
N VAL E 190 21.55 -48.86 29.78
CA VAL E 190 22.98 -48.85 30.02
C VAL E 190 23.58 -47.63 29.34
N TYR E 191 24.27 -46.80 30.12
CA TYR E 191 24.95 -45.61 29.62
C TYR E 191 26.42 -45.72 30.00
N ALA E 192 27.29 -45.79 29.00
CA ALA E 192 28.70 -46.09 29.21
C ALA E 192 29.57 -44.99 28.63
N CYS E 193 30.63 -44.64 29.37
CA CYS E 193 31.65 -43.69 28.93
C CYS E 193 32.99 -44.40 28.93
N GLU E 194 33.61 -44.51 27.76
CA GLU E 194 34.86 -45.22 27.59
C GLU E 194 35.98 -44.23 27.29
N VAL E 195 37.06 -44.32 28.06
CA VAL E 195 38.15 -43.35 28.00
C VAL E 195 39.41 -44.07 27.53
N THR E 196 40.08 -43.51 26.53
CA THR E 196 41.40 -43.95 26.10
C THR E 196 42.40 -42.84 26.37
N HIS E 197 43.52 -43.18 26.97
CA HIS E 197 44.55 -42.19 27.31
C HIS E 197 45.88 -42.90 27.42
N GLN E 198 46.95 -42.16 27.14
CA GLN E 198 48.28 -42.75 27.07
C GLN E 198 48.66 -43.41 28.39
N GLY E 199 48.23 -42.86 29.52
CA GLY E 199 48.55 -43.40 30.81
C GLY E 199 47.77 -44.63 31.22
N LEU E 200 46.74 -44.97 30.44
CA LEU E 200 45.90 -46.17 30.70
C LEU E 200 46.36 -47.32 29.79
N SER E 201 46.76 -48.46 30.35
CA SER E 201 47.23 -49.65 29.60
C SER E 201 46.13 -50.12 28.65
N SER E 202 44.89 -50.12 29.10
CA SER E 202 43.72 -50.51 28.28
C SER E 202 42.58 -49.53 28.60
N PRO E 203 41.76 -49.13 27.61
CA PRO E 203 40.62 -48.26 27.87
C PRO E 203 39.88 -48.56 29.17
N VAL E 204 39.29 -47.54 29.78
CA VAL E 204 38.56 -47.66 31.08
C VAL E 204 37.12 -47.22 30.87
N THR E 205 36.13 -48.05 31.20
CA THR E 205 34.73 -47.71 31.00
C THR E 205 34.04 -47.45 32.33
N LYS E 206 33.34 -46.33 32.41
CA LYS E 206 32.45 -46.02 33.53
C LYS E 206 31.04 -45.96 33.01
N SER E 207 30.14 -46.73 33.62
CA SER E 207 28.77 -46.85 33.14
C SER E 207 27.82 -46.95 34.33
N PHE E 208 26.55 -46.67 34.06
CA PHE E 208 25.49 -46.82 35.05
C PHE E 208 24.24 -47.35 34.36
N ASN E 209 23.40 -48.00 35.16
CA ASN E 209 22.10 -48.46 34.71
C ASN E 209 21.04 -47.46 35.19
N ARG E 210 20.28 -46.92 34.25
CA ARG E 210 19.25 -45.94 34.60
C ARG E 210 18.39 -46.48 35.74
N GLY E 211 18.47 -45.86 36.92
CA GLY E 211 17.66 -46.24 38.07
C GLY E 211 18.42 -46.71 39.30
N GLU E 212 19.75 -46.68 39.34
CA GLU E 212 20.48 -47.09 40.53
C GLU E 212 20.50 -45.95 41.54
N CYS E 213 21.32 -46.07 42.58
CA CYS E 213 21.49 -45.02 43.57
C CYS E 213 22.98 -44.79 43.87
N CYS F 1 54.34 6.49 10.98
CA CYS F 1 55.37 5.75 11.77
C CYS F 1 54.69 4.73 12.69
N PRO F 2 55.49 3.84 13.30
CA PRO F 2 54.90 2.90 14.28
C PRO F 2 54.30 3.59 15.49
N GLY F 3 54.59 4.87 15.71
CA GLY F 3 54.02 5.60 16.82
C GLY F 3 54.34 7.07 16.69
N LYS F 4 53.86 7.83 17.68
CA LYS F 4 53.94 9.28 17.67
C LYS F 4 54.67 9.76 18.91
N GLY F 5 55.51 10.78 18.74
CA GLY F 5 56.19 11.40 19.86
C GLY F 5 57.52 10.80 20.24
N LEU F 6 58.18 10.07 19.34
CA LEU F 6 59.48 9.48 19.64
C LEU F 6 60.48 9.86 18.57
N PRO F 7 61.76 9.97 18.93
CA PRO F 7 62.77 10.38 17.93
C PRO F 7 62.87 9.44 16.75
N SER F 8 62.67 8.14 16.95
CA SER F 8 62.89 7.14 15.92
C SER F 8 62.37 7.61 14.56
N CYS F 9 61.19 8.23 14.55
CA CYS F 9 60.67 8.88 13.35
C CYS F 9 59.33 9.53 13.66
N GLN G 1 27.37 44.27 30.16
CA GLN G 1 26.20 44.91 30.84
C GLN G 1 25.46 43.89 31.70
N VAL G 2 24.89 44.35 32.81
CA VAL G 2 24.06 43.49 33.65
C VAL G 2 22.80 43.11 32.86
N GLN G 3 22.50 41.83 32.82
CA GLN G 3 21.38 41.32 32.04
C GLN G 3 20.64 40.24 32.81
N LEU G 4 19.30 40.33 32.79
CA LEU G 4 18.43 39.35 33.43
C LEU G 4 17.42 38.88 32.39
N VAL G 5 17.62 37.66 31.88
CA VAL G 5 16.75 37.08 30.86
C VAL G 5 15.92 35.99 31.52
N GLN G 6 14.61 36.15 31.48
CA GLN G 6 13.69 35.24 32.15
C GLN G 6 13.12 34.22 31.17
N SER G 7 12.42 33.23 31.72
CA SER G 7 11.78 32.22 30.91
C SER G 7 10.56 32.81 30.19
N GLY G 8 10.01 32.03 29.26
CA GLY G 8 8.90 32.50 28.46
C GLY G 8 7.57 32.47 29.17
N ALA G 9 6.57 33.07 28.53
CA ALA G 9 5.22 33.10 29.08
C ALA G 9 4.68 31.69 29.21
N GLU G 10 3.70 31.53 30.10
CA GLU G 10 3.14 30.22 30.41
C GLU G 10 1.64 30.32 30.68
N VAL G 11 0.92 29.29 30.25
CA VAL G 11 -0.50 29.14 30.57
C VAL G 11 -0.63 27.98 31.54
N LYS G 12 -1.31 28.23 32.66
CA LYS G 12 -1.42 27.24 33.71
C LYS G 12 -2.88 27.12 34.12
N LYS G 13 -3.25 25.89 34.48
CA LYS G 13 -4.56 25.51 34.96
C LYS G 13 -4.59 25.64 36.48
N PRO G 14 -5.72 26.03 37.06
CA PRO G 14 -5.76 26.21 38.52
C PRO G 14 -5.36 24.93 39.24
N GLY G 15 -4.63 25.08 40.34
CA GLY G 15 -4.14 23.97 41.12
C GLY G 15 -2.75 23.51 40.77
N SER G 16 -2.25 23.86 39.58
CA SER G 16 -0.92 23.48 39.17
C SER G 16 0.12 24.42 39.77
N SER G 17 1.39 24.13 39.50
CA SER G 17 2.50 24.96 39.95
C SER G 17 3.34 25.36 38.74
N VAL G 18 3.92 26.56 38.81
CA VAL G 18 4.73 27.12 37.74
C VAL G 18 6.09 27.49 38.32
N LYS G 19 7.15 27.10 37.62
CA LYS G 19 8.51 27.52 37.96
C LYS G 19 9.01 28.47 36.88
N VAL G 20 9.48 29.64 37.29
CA VAL G 20 9.96 30.68 36.39
C VAL G 20 11.46 30.85 36.62
N SER G 21 12.23 30.90 35.54
CA SER G 21 13.67 31.02 35.61
C SER G 21 14.11 32.45 35.30
N CYS G 22 15.35 32.76 35.67
CA CYS G 22 15.91 34.10 35.45
C CYS G 22 17.42 33.93 35.31
N LYS G 23 17.90 33.96 34.06
CA LYS G 23 19.32 33.82 33.79
C LYS G 23 20.02 35.16 33.96
N ALA G 24 21.07 35.18 34.77
CA ALA G 24 21.80 36.40 35.10
C ALA G 24 23.16 36.39 34.43
N SER G 25 23.57 37.56 33.93
CA SER G 25 24.84 37.70 33.24
C SER G 25 25.33 39.13 33.38
N GLY G 26 26.61 39.34 33.09
CA GLY G 26 27.22 40.64 33.19
C GLY G 26 27.67 41.02 34.58
N TYR G 27 27.55 40.12 35.56
CA TYR G 27 27.99 40.39 36.91
C TYR G 27 28.19 39.05 37.62
N THR G 28 29.00 39.09 38.68
CA THR G 28 29.23 37.89 39.48
C THR G 28 27.94 37.51 40.20
N PHE G 29 27.44 36.31 39.91
CA PHE G 29 26.07 35.97 40.27
C PHE G 29 25.85 35.96 41.79
N THR G 30 26.81 35.42 42.54
CA THR G 30 26.58 35.14 43.95
C THR G 30 26.75 36.36 44.85
N ASN G 31 27.20 37.50 44.34
CA ASN G 31 27.40 38.66 45.18
C ASN G 31 26.14 39.48 45.42
N TYR G 32 25.05 39.17 44.72
CA TYR G 32 23.84 39.97 44.79
C TYR G 32 22.63 39.10 45.06
N PHE G 33 21.73 39.61 45.91
CA PHE G 33 20.43 38.99 46.07
C PHE G 33 19.66 39.04 44.76
N MET G 34 18.81 38.05 44.52
CA MET G 34 17.91 38.02 43.38
C MET G 34 16.49 38.10 43.92
N ASN G 35 15.83 39.23 43.68
CA ASN G 35 14.47 39.46 44.14
C ASN G 35 13.48 39.06 43.08
N TRP G 36 12.27 38.70 43.52
CA TRP G 36 11.17 38.35 42.64
C TRP G 36 9.98 39.25 42.93
N VAL G 37 9.45 39.89 41.89
CA VAL G 37 8.34 40.81 41.99
C VAL G 37 7.31 40.42 40.95
N ARG G 38 6.04 40.68 41.27
CA ARG G 38 4.94 40.36 40.38
C ARG G 38 3.97 41.53 40.32
N GLN G 39 3.25 41.62 39.20
CA GLN G 39 2.33 42.72 38.96
C GLN G 39 1.18 42.20 38.10
N ALA G 40 -0.01 42.09 38.68
CA ALA G 40 -1.18 41.76 37.90
C ALA G 40 -1.49 42.89 36.92
N PRO G 41 -2.16 42.58 35.81
CA PRO G 41 -2.26 43.55 34.70
C PRO G 41 -2.45 45.00 35.09
N GLY G 42 -3.52 45.30 35.84
CA GLY G 42 -3.81 46.67 36.21
C GLY G 42 -3.47 47.04 37.64
N GLN G 43 -2.65 46.23 38.30
CA GLN G 43 -2.41 46.36 39.73
C GLN G 43 -0.98 46.83 40.01
N GLY G 44 -0.68 47.01 41.28
CA GLY G 44 0.62 47.48 41.71
C GLY G 44 1.65 46.38 41.82
N LEU G 45 2.83 46.77 42.30
CA LEU G 45 3.93 45.82 42.44
C LEU G 45 3.83 45.10 43.78
N GLU G 46 4.15 43.80 43.76
CA GLU G 46 4.17 42.97 44.95
C GLU G 46 5.53 42.31 45.06
N TRP G 47 6.24 42.55 46.16
CA TRP G 47 7.47 41.82 46.43
C TRP G 47 7.13 40.43 46.92
N MET G 48 7.72 39.42 46.28
CA MET G 48 7.44 38.02 46.60
C MET G 48 8.49 37.39 47.51
N GLY G 49 9.76 37.56 47.16
CA GLY G 49 10.83 36.97 47.94
C GLY G 49 12.17 37.25 47.29
N ARG G 50 13.20 36.67 47.88
CA ARG G 50 14.57 36.81 47.37
C ARG G 50 15.37 35.60 47.82
N VAL G 51 16.46 35.35 47.10
CA VAL G 51 17.37 34.25 47.41
C VAL G 51 18.80 34.76 47.29
N ASP G 52 19.63 34.43 48.27
CA ASP G 52 21.07 34.71 48.19
C ASP G 52 21.73 33.52 47.50
N PRO G 53 22.26 33.69 46.28
CA PRO G 53 22.79 32.53 45.54
C PRO G 53 24.12 32.02 46.08
N GLU G 54 24.70 32.66 47.10
CA GLU G 54 25.96 32.18 47.65
C GLU G 54 25.74 30.90 48.45
N GLN G 55 24.84 30.94 49.44
CA GLN G 55 24.47 29.76 50.22
C GLN G 55 23.11 29.20 49.87
N GLY G 56 22.26 29.99 49.20
CA GLY G 56 20.93 29.54 48.85
C GLY G 56 19.84 29.92 49.81
N ARG G 57 20.11 30.83 50.75
CA ARG G 57 19.11 31.22 51.74
C ARG G 57 18.13 32.22 51.13
N ALA G 58 16.86 32.09 51.52
CA ALA G 58 15.79 32.86 50.91
C ALA G 58 14.94 33.55 51.97
N ASP G 59 14.36 34.68 51.56
CA ASP G 59 13.40 35.42 52.38
C ASP G 59 12.13 35.61 51.55
N TYR G 60 10.98 35.45 52.20
CA TYR G 60 9.70 35.50 51.51
C TYR G 60 8.77 36.50 52.18
N ALA G 61 7.88 37.07 51.38
CA ALA G 61 6.81 37.89 51.92
C ALA G 61 5.81 37.01 52.67
N GLU G 62 5.13 37.60 53.66
CA GLU G 62 4.22 36.81 54.49
C GLU G 62 3.12 36.18 53.66
N LYS G 63 2.57 36.94 52.72
CA LYS G 63 1.53 36.40 51.86
C LYS G 63 2.03 35.20 51.05
N PHE G 64 3.30 35.19 50.69
CA PHE G 64 3.84 34.20 49.76
C PHE G 64 4.69 33.13 50.44
N LYS G 65 4.76 33.12 51.78
CA LYS G 65 5.58 32.12 52.45
C LYS G 65 5.09 30.70 52.17
N LYS G 66 3.77 30.51 52.15
CA LYS G 66 3.21 29.16 52.13
C LYS G 66 3.45 28.47 50.80
N ARG G 67 3.38 29.21 49.68
CA ARG G 67 3.33 28.61 48.37
C ARG G 67 4.56 28.87 47.49
N VAL G 68 5.38 29.86 47.82
CA VAL G 68 6.51 30.24 46.97
C VAL G 68 7.78 29.62 47.52
N THR G 69 8.56 29.01 46.62
CA THR G 69 9.92 28.56 46.93
C THR G 69 10.85 29.17 45.89
N ILE G 70 11.83 29.94 46.35
CA ILE G 70 12.79 30.62 45.49
C ILE G 70 14.15 29.98 45.67
N THR G 71 14.77 29.57 44.57
CA THR G 71 16.06 28.89 44.58
C THR G 71 16.98 29.53 43.55
N ALA G 72 18.25 29.15 43.61
CA ALA G 72 19.26 29.67 42.69
C ALA G 72 20.29 28.58 42.42
N ASP G 73 20.74 28.49 41.17
CA ASP G 73 21.74 27.53 40.74
C ASP G 73 23.00 28.30 40.35
N LYS G 74 24.08 28.10 41.11
CA LYS G 74 25.31 28.83 40.85
C LYS G 74 25.93 28.41 39.51
N SER G 75 25.82 27.13 39.16
CA SER G 75 26.51 26.62 37.98
C SER G 75 26.08 27.35 36.72
N THR G 76 24.77 27.59 36.58
CA THR G 76 24.23 28.27 35.40
C THR G 76 23.81 29.71 35.70
N SER G 77 24.19 30.26 36.84
CA SER G 77 23.85 31.62 37.22
C SER G 77 22.38 31.92 36.93
N THR G 78 21.52 30.98 37.31
CA THR G 78 20.09 31.08 37.06
C THR G 78 19.33 31.01 38.38
N ALA G 79 18.32 31.87 38.51
CA ALA G 79 17.46 31.92 39.67
C ALA G 79 16.07 31.44 39.30
N TYR G 80 15.37 30.83 40.26
CA TYR G 80 14.07 30.23 40.01
C TYR G 80 13.07 30.66 41.09
N MET G 81 11.82 30.77 40.66
CA MET G 81 10.69 31.02 41.57
C MET G 81 9.58 30.06 41.19
N GLU G 82 9.16 29.23 42.15
CA GLU G 82 8.08 28.27 41.95
C GLU G 82 6.89 28.65 42.81
N LEU G 83 5.73 28.78 42.17
CA LEU G 83 4.48 29.11 42.85
C LEU G 83 3.53 27.92 42.70
N SER G 84 3.05 27.42 43.84
CA SER G 84 2.20 26.24 43.86
C SER G 84 0.74 26.63 44.09
N SER G 85 -0.15 25.66 43.89
CA SER G 85 -1.59 25.83 44.09
C SER G 85 -2.07 27.11 43.44
N LEU G 86 -1.88 27.18 42.12
CA LEU G 86 -2.18 28.39 41.37
C LEU G 86 -3.69 28.66 41.34
N ARG G 87 -4.03 29.94 41.21
CA ARG G 87 -5.41 30.37 41.10
C ARG G 87 -5.47 31.54 40.10
N SER G 88 -6.69 31.96 39.78
CA SER G 88 -6.86 32.97 38.73
C SER G 88 -6.21 34.28 39.13
N GLU G 89 -6.30 34.67 40.40
CA GLU G 89 -5.72 35.94 40.82
C GLU G 89 -4.19 35.89 40.87
N ASP G 90 -3.57 34.73 40.63
CA ASP G 90 -2.13 34.67 40.43
C ASP G 90 -1.72 35.09 39.01
N THR G 91 -2.68 35.29 38.12
CA THR G 91 -2.39 35.78 36.78
C THR G 91 -1.66 37.12 36.87
N ALA G 92 -0.41 37.16 36.43
CA ALA G 92 0.41 38.35 36.59
C ALA G 92 1.68 38.21 35.77
N VAL G 93 2.39 39.33 35.61
CA VAL G 93 3.74 39.33 35.07
C VAL G 93 4.70 39.21 36.24
N TYR G 94 5.68 38.32 36.10
CA TYR G 94 6.63 38.01 37.17
C TYR G 94 8.01 38.48 36.75
N TYR G 95 8.59 39.39 37.53
CA TYR G 95 9.92 39.93 37.27
C TYR G 95 10.92 39.36 38.27
N CYS G 96 12.15 39.17 37.80
CA CYS G 96 13.31 39.01 38.67
C CYS G 96 14.11 40.31 38.64
N ALA G 97 14.49 40.79 39.81
CA ALA G 97 15.13 42.10 39.93
C ALA G 97 16.38 41.99 40.80
N ARG G 98 17.39 42.78 40.43
CA ARG G 98 18.63 42.89 41.18
C ARG G 98 18.82 44.33 41.63
N ARG G 99 19.53 44.50 42.75
CA ARG G 99 19.83 45.84 43.24
C ARG G 99 20.77 46.54 42.27
N ALA G 100 21.00 47.82 42.54
CA ALA G 100 21.96 48.61 41.77
C ALA G 100 23.36 48.24 42.25
N MET G 101 24.35 49.07 41.93
CA MET G 101 25.71 48.81 42.40
C MET G 101 26.07 49.66 43.62
N ASP G 102 25.52 50.87 43.72
CA ASP G 102 25.80 51.76 44.84
C ASP G 102 24.64 51.93 45.80
N ASN G 103 23.44 51.48 45.44
CA ASN G 103 22.26 51.61 46.29
C ASN G 103 21.56 50.26 46.40
N TYR G 104 20.67 50.16 47.39
CA TYR G 104 19.90 48.95 47.62
C TYR G 104 18.66 48.83 46.74
N GLY G 105 18.31 49.89 46.01
CA GLY G 105 17.11 49.86 45.20
C GLY G 105 17.24 48.95 44.00
N PHE G 106 16.09 48.53 43.48
CA PHE G 106 16.04 47.61 42.35
C PHE G 106 16.26 48.40 41.07
N ALA G 107 17.48 48.36 40.54
CA ALA G 107 17.80 49.07 39.31
C ALA G 107 17.69 48.20 38.07
N TYR G 108 17.87 46.88 38.21
CA TYR G 108 17.89 45.96 37.09
C TYR G 108 16.72 45.00 37.19
N TRP G 109 15.95 44.91 36.11
CA TRP G 109 14.77 44.07 36.05
C TRP G 109 14.83 43.20 34.79
N GLY G 110 14.25 42.00 34.89
CA GLY G 110 14.07 41.17 33.72
C GLY G 110 12.93 41.68 32.85
N GLN G 111 12.82 41.08 31.67
CA GLN G 111 11.77 41.48 30.74
C GLN G 111 10.37 41.19 31.29
N GLY G 112 10.27 40.27 32.24
CA GLY G 112 8.98 39.87 32.77
C GLY G 112 8.47 38.59 32.14
N THR G 113 7.83 37.74 32.94
CA THR G 113 7.28 36.47 32.48
C THR G 113 5.78 36.46 32.82
N LEU G 114 4.95 36.48 31.80
CA LEU G 114 3.50 36.43 32.00
C LEU G 114 3.07 35.01 32.29
N VAL G 115 2.38 34.82 33.41
CA VAL G 115 1.77 33.54 33.78
C VAL G 115 0.28 33.77 33.86
N THR G 116 -0.47 33.11 32.98
CA THR G 116 -1.93 33.21 32.95
C THR G 116 -2.52 31.95 33.55
N VAL G 117 -3.27 32.10 34.64
CA VAL G 117 -3.89 30.98 35.32
C VAL G 117 -5.35 30.95 34.89
N SER G 118 -5.74 29.89 34.18
CA SER G 118 -7.07 29.77 33.62
C SER G 118 -7.23 28.38 33.02
N SER G 119 -8.47 27.90 33.01
CA SER G 119 -8.77 26.59 32.41
C SER G 119 -8.99 26.68 30.91
N ALA G 120 -8.79 27.85 30.31
CA ALA G 120 -9.01 28.02 28.89
C ALA G 120 -7.81 27.52 28.08
N SER G 121 -8.07 27.18 26.84
CA SER G 121 -7.03 26.74 25.91
C SER G 121 -6.57 27.92 25.06
N THR G 122 -5.34 27.81 24.54
CA THR G 122 -4.82 28.83 23.65
C THR G 122 -5.68 28.90 22.39
N LYS G 123 -5.96 30.11 21.94
CA LYS G 123 -6.88 30.32 20.83
C LYS G 123 -6.57 31.64 20.17
N GLY G 124 -6.55 31.63 18.84
CA GLY G 124 -6.36 32.84 18.06
C GLY G 124 -7.61 33.70 18.04
N PRO G 125 -7.46 34.97 17.68
CA PRO G 125 -8.62 35.86 17.66
C PRO G 125 -9.40 35.75 16.35
N SER G 126 -10.65 36.22 16.41
CA SER G 126 -11.46 36.46 15.23
C SER G 126 -11.54 37.97 15.03
N VAL G 127 -11.06 38.43 13.87
CA VAL G 127 -10.99 39.86 13.57
C VAL G 127 -12.21 40.22 12.73
N PHE G 128 -12.97 41.20 13.20
CA PHE G 128 -14.18 41.63 12.53
C PHE G 128 -14.08 43.11 12.16
N PRO G 129 -14.56 43.50 10.98
CA PRO G 129 -14.49 44.91 10.61
C PRO G 129 -15.41 45.78 11.45
N LEU G 130 -14.98 47.02 11.67
CA LEU G 130 -15.81 48.06 12.27
C LEU G 130 -15.91 49.16 11.21
N ALA G 131 -16.88 49.00 10.27
CA ALA G 131 -17.07 49.94 9.18
C ALA G 131 -18.17 50.95 9.53
N PRO G 132 -18.13 52.14 8.93
CA PRO G 132 -18.99 53.22 9.45
C PRO G 132 -20.46 53.06 9.12
N SER G 133 -20.79 52.61 7.92
CA SER G 133 -22.18 52.60 7.45
C SER G 133 -22.74 54.02 7.44
N GLY G 140 -16.68 65.46 7.96
CA GLY G 140 -15.26 65.75 7.96
C GLY G 140 -14.40 64.54 8.24
N THR G 141 -14.55 63.97 9.44
CA THR G 141 -13.75 62.84 9.88
C THR G 141 -14.64 61.63 10.09
N ALA G 142 -14.18 60.48 9.60
CA ALA G 142 -14.88 59.20 9.77
C ALA G 142 -13.98 58.24 10.53
N ALA G 143 -14.61 57.29 11.21
CA ALA G 143 -13.91 56.33 12.04
C ALA G 143 -14.16 54.91 11.55
N LEU G 144 -13.15 54.06 11.73
CA LEU G 144 -13.23 52.64 11.39
C LEU G 144 -12.26 51.90 12.29
N GLY G 145 -12.39 50.58 12.33
CA GLY G 145 -11.55 49.79 13.20
C GLY G 145 -11.73 48.32 12.99
N CYS G 146 -11.10 47.54 13.88
CA CYS G 146 -11.19 46.09 13.90
C CYS G 146 -11.54 45.63 15.30
N LEU G 147 -12.42 44.63 15.39
CA LEU G 147 -12.80 44.02 16.66
C LEU G 147 -12.05 42.70 16.77
N VAL G 148 -11.06 42.66 17.67
CA VAL G 148 -10.29 41.45 17.93
C VAL G 148 -10.94 40.72 19.10
N LYS G 149 -11.54 39.57 18.82
CA LYS G 149 -12.47 38.94 19.75
C LYS G 149 -12.09 37.49 20.01
N ASP G 150 -12.27 37.06 21.25
CA ASP G 150 -12.20 35.66 21.66
C ASP G 150 -10.83 35.05 21.32
N TYR G 151 -9.81 35.56 22.01
CA TYR G 151 -8.48 35.00 21.95
C TYR G 151 -7.98 34.73 23.36
N PHE G 152 -7.00 33.81 23.46
CA PHE G 152 -6.41 33.46 24.74
C PHE G 152 -5.06 32.81 24.49
N PRO G 153 -4.03 33.13 25.29
CA PRO G 153 -3.98 34.14 26.36
C PRO G 153 -3.62 35.50 25.78
N GLU G 154 -3.31 36.46 26.63
CA GLU G 154 -2.70 37.71 26.16
C GLU G 154 -1.24 37.44 25.80
N PRO G 155 -0.63 38.31 24.98
CA PRO G 155 -1.16 39.54 24.40
C PRO G 155 -1.51 39.44 22.92
N VAL G 156 -2.11 40.51 22.39
CA VAL G 156 -2.31 40.71 20.97
C VAL G 156 -1.75 42.09 20.62
N THR G 157 -1.15 42.19 19.43
CA THR G 157 -0.62 43.45 18.93
C THR G 157 -1.32 43.81 17.63
N VAL G 158 -1.65 45.08 17.47
CA VAL G 158 -2.41 45.57 16.32
C VAL G 158 -1.62 46.71 15.67
N SER G 159 -1.50 46.63 14.35
CA SER G 159 -0.96 47.72 13.54
C SER G 159 -1.89 47.94 12.37
N TRP G 160 -1.74 49.09 11.71
CA TRP G 160 -2.55 49.47 10.57
C TRP G 160 -1.66 49.75 9.38
N ASN G 161 -1.96 49.12 8.24
CA ASN G 161 -1.16 49.27 7.03
C ASN G 161 0.30 48.93 7.30
N SER G 162 0.52 47.87 8.08
CA SER G 162 1.86 47.39 8.39
C SER G 162 2.73 48.49 9.01
N GLY G 163 2.13 49.28 9.89
CA GLY G 163 2.84 50.34 10.57
C GLY G 163 2.87 51.66 9.85
N ALA G 164 2.41 51.70 8.59
CA ALA G 164 2.38 52.97 7.86
C ALA G 164 1.41 53.96 8.50
N LEU G 165 0.35 53.46 9.13
CA LEU G 165 -0.68 54.31 9.74
C LEU G 165 -0.55 54.22 11.25
N THR G 166 -0.15 55.33 11.87
CA THR G 166 -0.07 55.39 13.33
C THR G 166 -0.85 56.58 13.84
N SER G 167 -0.85 57.67 13.05
CA SER G 167 -1.59 58.86 13.43
C SER G 167 -3.09 58.57 13.48
N GLY G 168 -3.70 58.81 14.63
CA GLY G 168 -5.13 58.67 14.80
C GLY G 168 -5.59 57.29 15.27
N VAL G 169 -4.69 56.32 15.36
CA VAL G 169 -5.09 54.97 15.76
C VAL G 169 -5.19 54.91 17.27
N HIS G 170 -6.18 54.16 17.77
CA HIS G 170 -6.36 53.94 19.20
C HIS G 170 -6.70 52.48 19.42
N THR G 171 -5.76 51.73 19.99
CA THR G 171 -5.96 50.33 20.32
C THR G 171 -6.30 50.22 21.81
N PHE G 172 -7.44 49.63 22.12
CA PHE G 172 -7.96 49.64 23.47
C PHE G 172 -7.42 48.47 24.28
N PRO G 173 -7.37 48.61 25.61
CA PRO G 173 -6.93 47.49 26.46
C PRO G 173 -7.87 46.30 26.34
N ALA G 174 -7.31 45.11 26.45
CA ALA G 174 -8.09 43.89 26.38
C ALA G 174 -9.03 43.78 27.57
N VAL G 175 -10.19 43.16 27.33
CA VAL G 175 -11.19 42.90 28.36
C VAL G 175 -11.34 41.40 28.50
N LEU G 176 -11.28 40.90 29.73
CA LEU G 176 -11.51 39.49 29.99
C LEU G 176 -13.01 39.23 30.06
N GLN G 177 -13.52 38.44 29.12
CA GLN G 177 -14.95 38.23 29.01
C GLN G 177 -15.42 37.14 29.98
N SER G 178 -16.73 37.02 30.12
CA SER G 178 -17.29 35.97 30.97
C SER G 178 -16.85 34.60 30.53
N SER G 179 -16.63 34.41 29.22
CA SER G 179 -16.21 33.12 28.69
C SER G 179 -14.78 32.76 29.07
N GLY G 180 -14.02 33.69 29.64
CA GLY G 180 -12.62 33.47 29.93
C GLY G 180 -11.68 33.83 28.81
N LEU G 181 -12.20 34.22 27.65
CA LEU G 181 -11.40 34.70 26.54
C LEU G 181 -11.26 36.21 26.61
N TYR G 182 -10.31 36.74 25.84
CA TYR G 182 -10.04 38.17 25.80
C TYR G 182 -10.64 38.79 24.54
N SER G 183 -10.79 40.11 24.58
CA SER G 183 -11.36 40.84 23.45
C SER G 183 -10.99 42.31 23.57
N LEU G 184 -10.58 42.89 22.44
CA LEU G 184 -10.28 44.32 22.37
C LEU G 184 -10.67 44.83 20.98
N SER G 185 -10.66 46.14 20.83
CA SER G 185 -10.94 46.79 19.56
C SER G 185 -9.88 47.85 19.28
N SER G 186 -9.49 47.97 18.02
CA SER G 186 -8.60 49.02 17.56
C SER G 186 -9.36 49.88 16.54
N VAL G 187 -9.29 51.20 16.73
CA VAL G 187 -9.99 52.14 15.87
C VAL G 187 -9.00 53.17 15.34
N VAL G 188 -9.41 53.87 14.30
CA VAL G 188 -8.60 54.92 13.69
C VAL G 188 -9.54 55.90 13.00
N THR G 189 -9.21 57.19 13.08
CA THR G 189 -10.01 58.24 12.48
C THR G 189 -9.33 58.71 11.20
N VAL G 190 -10.10 58.79 10.12
CA VAL G 190 -9.57 59.12 8.80
C VAL G 190 -10.52 60.08 8.10
N PRO G 191 -10.04 60.78 7.07
CA PRO G 191 -10.91 61.69 6.33
C PRO G 191 -12.08 60.94 5.71
N SER G 192 -13.24 61.60 5.69
CA SER G 192 -14.44 60.97 5.15
C SER G 192 -14.27 60.65 3.67
N SER G 193 -13.60 61.52 2.92
CA SER G 193 -13.41 61.30 1.49
C SER G 193 -12.59 60.06 1.21
N SER G 194 -11.81 59.57 2.18
CA SER G 194 -10.94 58.42 1.98
C SER G 194 -11.69 57.09 2.07
N LEU G 195 -12.95 57.10 2.46
CA LEU G 195 -13.69 55.85 2.62
C LEU G 195 -13.97 55.21 1.27
N GLY G 196 -13.63 53.94 1.13
CA GLY G 196 -13.83 53.20 -0.09
C GLY G 196 -12.76 53.40 -1.14
N THR G 197 -11.96 54.45 -1.03
CA THR G 197 -10.87 54.73 -1.96
C THR G 197 -9.50 54.48 -1.35
N GLN G 198 -9.29 54.90 -0.11
CA GLN G 198 -8.06 54.63 0.62
C GLN G 198 -8.23 53.32 1.39
N THR G 199 -7.29 52.40 1.20
CA THR G 199 -7.40 51.06 1.75
C THR G 199 -6.75 51.01 3.14
N TYR G 200 -7.50 50.52 4.12
CA TYR G 200 -7.05 50.41 5.50
C TYR G 200 -7.10 48.95 5.92
N ILE G 201 -5.97 48.43 6.37
CA ILE G 201 -5.84 47.03 6.78
C ILE G 201 -5.26 47.01 8.19
N CYS G 202 -5.94 46.31 9.09
CA CYS G 202 -5.45 46.13 10.46
C CYS G 202 -4.72 44.79 10.55
N ASN G 203 -3.47 44.84 11.02
CA ASN G 203 -2.64 43.65 11.15
C ASN G 203 -2.66 43.20 12.61
N VAL G 204 -3.22 42.02 12.85
CA VAL G 204 -3.40 41.48 14.19
C VAL G 204 -2.46 40.30 14.35
N ASN G 205 -1.57 40.38 15.34
CA ASN G 205 -0.62 39.32 15.63
C ASN G 205 -0.91 38.74 17.01
N HIS G 206 -0.96 37.42 17.09
CA HIS G 206 -1.19 36.69 18.34
C HIS G 206 -0.15 35.58 18.42
N LYS G 207 1.02 35.91 18.97
CA LYS G 207 2.11 34.95 19.02
C LYS G 207 1.73 33.65 19.74
N PRO G 208 1.02 33.67 20.87
CA PRO G 208 0.76 32.41 21.57
C PRO G 208 0.14 31.33 20.70
N SER G 209 -0.74 31.69 19.77
CA SER G 209 -1.34 30.74 18.84
C SER G 209 -0.64 30.71 17.49
N ASN G 210 0.46 31.45 17.34
CA ASN G 210 1.17 31.53 16.07
C ASN G 210 0.23 31.96 14.95
N THR G 211 -0.56 33.00 15.22
CA THR G 211 -1.59 33.47 14.30
C THR G 211 -1.39 34.95 14.00
N LYS G 212 -1.33 35.28 12.71
CA LYS G 212 -1.33 36.65 12.23
C LYS G 212 -2.50 36.82 11.27
N VAL G 213 -3.24 37.92 11.42
CA VAL G 213 -4.44 38.16 10.65
C VAL G 213 -4.42 39.59 10.14
N ASP G 214 -4.54 39.75 8.83
CA ASP G 214 -4.74 41.05 8.20
C ASP G 214 -6.20 41.15 7.74
N LYS G 215 -6.88 42.22 8.13
CA LYS G 215 -8.29 42.41 7.82
C LYS G 215 -8.46 43.78 7.17
N LYS G 216 -8.89 43.80 5.91
CA LYS G 216 -9.16 45.03 5.20
C LYS G 216 -10.56 45.53 5.55
N VAL G 217 -10.66 46.81 5.90
CA VAL G 217 -11.91 47.40 6.37
C VAL G 217 -12.38 48.41 5.33
N GLU G 218 -13.56 48.17 4.76
CA GLU G 218 -14.22 49.07 3.84
C GLU G 218 -15.68 49.18 4.23
N PRO G 219 -16.36 50.25 3.80
CA PRO G 219 -17.78 50.39 4.12
C PRO G 219 -18.60 49.22 3.59
N LYS G 220 -19.75 48.99 4.21
CA LYS G 220 -20.56 47.83 3.89
C LYS G 220 -21.12 47.93 2.48
N SER G 221 -21.48 46.76 1.93
CA SER G 221 -21.63 46.60 0.50
C SER G 221 -22.71 47.45 -0.14
N CYS G 222 -23.97 47.19 0.18
CA CYS G 222 -25.12 47.70 -0.57
C CYS G 222 -24.80 48.20 -1.98
N GLN H 1 -1.25 48.26 -25.84
CA GLN H 1 -1.79 46.89 -25.73
C GLN H 1 -3.30 46.92 -25.57
N VAL H 2 -4.00 46.05 -26.29
CA VAL H 2 -5.43 45.88 -26.05
C VAL H 2 -5.64 45.26 -24.68
N GLN H 3 -6.45 45.91 -23.86
CA GLN H 3 -6.62 45.49 -22.47
C GLN H 3 -8.09 45.55 -22.08
N LEU H 4 -8.54 44.50 -21.38
CA LEU H 4 -9.91 44.40 -20.89
C LEU H 4 -9.86 44.11 -19.40
N VAL H 5 -10.19 45.11 -18.59
CA VAL H 5 -10.17 45.00 -17.13
C VAL H 5 -11.61 44.97 -16.64
N GLN H 6 -11.99 43.88 -15.98
CA GLN H 6 -13.35 43.66 -15.55
C GLN H 6 -13.52 44.03 -14.07
N SER H 7 -14.78 44.02 -13.64
CA SER H 7 -15.09 44.32 -12.25
C SER H 7 -14.70 43.15 -11.35
N GLY H 8 -14.77 43.38 -10.04
CA GLY H 8 -14.34 42.39 -9.09
C GLY H 8 -15.37 41.29 -8.84
N ALA H 9 -14.94 40.27 -8.13
CA ALA H 9 -15.81 39.14 -7.80
C ALA H 9 -17.00 39.62 -6.98
N GLU H 10 -18.06 38.81 -6.98
CA GLU H 10 -19.30 39.20 -6.34
C GLU H 10 -19.99 37.97 -5.75
N VAL H 11 -20.69 38.18 -4.64
CA VAL H 11 -21.55 37.18 -4.02
C VAL H 11 -22.99 37.66 -4.17
N LYS H 12 -23.88 36.77 -4.58
CA LYS H 12 -25.26 37.13 -4.86
C LYS H 12 -26.20 36.10 -4.25
N LYS H 13 -27.38 36.58 -3.79
CA LYS H 13 -28.42 35.68 -3.33
C LYS H 13 -29.36 35.33 -4.48
N PRO H 14 -29.94 34.13 -4.48
CA PRO H 14 -30.83 33.76 -5.58
C PRO H 14 -31.98 34.74 -5.74
N GLY H 15 -32.34 35.00 -6.99
CA GLY H 15 -33.37 35.95 -7.32
C GLY H 15 -32.86 37.35 -7.62
N SER H 16 -31.64 37.67 -7.21
CA SER H 16 -31.05 38.97 -7.47
C SER H 16 -30.48 39.01 -8.88
N SER H 17 -29.99 40.19 -9.27
CA SER H 17 -29.32 40.39 -10.54
C SER H 17 -27.91 40.93 -10.29
N VAL H 18 -26.98 40.54 -11.17
CA VAL H 18 -25.59 40.95 -11.07
C VAL H 18 -25.22 41.70 -12.34
N LYS H 19 -24.57 42.86 -12.18
CA LYS H 19 -24.08 43.66 -13.29
C LYS H 19 -22.56 43.63 -13.28
N VAL H 20 -21.96 43.19 -14.38
CA VAL H 20 -20.52 43.05 -14.50
C VAL H 20 -20.02 44.04 -15.54
N SER H 21 -18.94 44.76 -15.21
CA SER H 21 -18.36 45.76 -16.08
C SER H 21 -17.09 45.23 -16.73
N CYS H 22 -16.67 45.91 -17.80
CA CYS H 22 -15.47 45.52 -18.55
C CYS H 22 -14.91 46.79 -19.20
N LYS H 23 -13.84 47.33 -18.61
CA LYS H 23 -13.21 48.53 -19.14
C LYS H 23 -12.25 48.15 -20.25
N ALA H 24 -12.40 48.81 -21.41
CA ALA H 24 -11.59 48.53 -22.58
C ALA H 24 -10.60 49.66 -22.83
N SER H 25 -9.39 49.30 -23.23
CA SER H 25 -8.35 50.29 -23.51
C SER H 25 -7.39 49.70 -24.54
N GLY H 26 -6.58 50.59 -25.11
CA GLY H 26 -5.63 50.19 -26.14
C GLY H 26 -6.19 50.10 -27.53
N TYR H 27 -7.47 50.41 -27.72
CA TYR H 27 -8.09 50.36 -29.04
C TYR H 27 -9.34 51.23 -29.03
N THR H 28 -9.77 51.62 -30.22
CA THR H 28 -10.99 52.42 -30.34
C THR H 28 -12.19 51.56 -29.95
N PHE H 29 -12.90 51.99 -28.90
CA PHE H 29 -13.89 51.13 -28.27
C PHE H 29 -15.01 50.76 -29.23
N THR H 30 -15.49 51.73 -30.02
CA THR H 30 -16.71 51.52 -30.81
C THR H 30 -16.46 50.77 -32.11
N ASN H 31 -15.21 50.47 -32.46
CA ASN H 31 -14.92 49.78 -33.71
C ASN H 31 -15.03 48.27 -33.62
N TYR H 32 -15.25 47.72 -32.42
CA TYR H 32 -15.26 46.28 -32.24
C TYR H 32 -16.45 45.86 -31.37
N PHE H 33 -17.03 44.71 -31.70
CA PHE H 33 -18.00 44.08 -30.82
C PHE H 33 -17.34 43.75 -29.48
N MET H 34 -18.15 43.74 -28.42
CA MET H 34 -17.71 43.27 -27.11
C MET H 34 -18.55 42.04 -26.76
N ASN H 35 -17.92 40.88 -26.73
CA ASN H 35 -18.60 39.62 -26.44
C ASN H 35 -18.49 39.30 -24.96
N TRP H 36 -19.48 38.55 -24.46
CA TRP H 36 -19.50 38.09 -23.08
C TRP H 36 -19.60 36.58 -23.06
N VAL H 37 -18.71 35.94 -22.30
CA VAL H 37 -18.64 34.49 -22.19
C VAL H 37 -18.58 34.13 -20.71
N ARG H 38 -19.12 32.96 -20.37
CA ARG H 38 -19.12 32.48 -18.99
C ARG H 38 -18.70 31.02 -18.96
N GLN H 39 -18.15 30.61 -17.82
CA GLN H 39 -17.65 29.25 -17.66
C GLN H 39 -17.80 28.87 -16.19
N ALA H 40 -18.71 27.95 -15.91
CA ALA H 40 -18.83 27.42 -14.56
C ALA H 40 -17.56 26.64 -14.22
N PRO H 41 -17.16 26.61 -12.93
CA PRO H 41 -15.90 25.95 -12.56
C PRO H 41 -15.81 24.52 -13.09
N GLY H 42 -14.87 24.28 -13.99
CA GLY H 42 -14.67 22.96 -14.56
C GLY H 42 -15.59 22.61 -15.70
N GLN H 43 -16.44 23.53 -16.14
CA GLN H 43 -17.42 23.29 -17.19
C GLN H 43 -17.03 24.04 -18.45
N GLY H 44 -17.83 23.88 -19.50
CA GLY H 44 -17.49 24.42 -20.79
C GLY H 44 -17.78 25.91 -20.92
N LEU H 45 -17.28 26.48 -22.01
CA LEU H 45 -17.50 27.88 -22.32
C LEU H 45 -18.89 28.08 -22.92
N GLU H 46 -19.55 29.16 -22.52
CA GLU H 46 -20.87 29.51 -23.04
C GLU H 46 -20.84 30.95 -23.53
N TRP H 47 -21.13 31.14 -24.82
CA TRP H 47 -21.32 32.50 -25.34
C TRP H 47 -22.65 33.04 -24.86
N MET H 48 -22.64 34.23 -24.29
CA MET H 48 -23.83 34.86 -23.72
C MET H 48 -24.43 35.90 -24.64
N GLY H 49 -23.61 36.78 -25.20
CA GLY H 49 -24.11 37.80 -26.09
C GLY H 49 -23.00 38.77 -26.45
N ARG H 50 -23.38 39.83 -27.16
CA ARG H 50 -22.44 40.85 -27.57
C ARG H 50 -23.19 42.15 -27.78
N VAL H 51 -22.46 43.25 -27.74
CA VAL H 51 -23.02 44.58 -27.97
C VAL H 51 -22.08 45.35 -28.89
N ASP H 52 -22.65 46.02 -29.89
CA ASP H 52 -21.90 46.93 -30.73
C ASP H 52 -21.92 48.30 -30.05
N PRO H 53 -20.78 48.80 -29.54
CA PRO H 53 -20.82 50.04 -28.76
C PRO H 53 -21.04 51.30 -29.59
N GLU H 54 -21.09 51.20 -30.92
CA GLU H 54 -21.32 52.39 -31.73
C GLU H 54 -22.77 52.85 -31.61
N GLN H 55 -23.73 51.96 -31.88
CA GLN H 55 -25.14 52.26 -31.73
C GLN H 55 -25.76 51.64 -30.50
N GLY H 56 -25.14 50.61 -29.93
CA GLY H 56 -25.68 49.92 -28.78
C GLY H 56 -26.48 48.69 -29.09
N ARG H 57 -26.49 48.23 -30.35
CA ARG H 57 -27.24 47.03 -30.70
C ARG H 57 -26.57 45.80 -30.14
N ALA H 58 -27.37 44.85 -29.67
CA ALA H 58 -26.87 43.66 -29.00
C ALA H 58 -27.49 42.40 -29.61
N ASP H 59 -26.73 41.31 -29.54
CA ASP H 59 -27.19 39.99 -29.94
C ASP H 59 -26.94 39.04 -28.78
N TYR H 60 -27.93 38.19 -28.50
CA TYR H 60 -27.88 37.28 -27.36
C TYR H 60 -28.05 35.83 -27.81
N ALA H 61 -27.49 34.92 -27.03
CA ALA H 61 -27.71 33.50 -27.24
C ALA H 61 -29.14 33.13 -26.83
N GLU H 62 -29.64 32.03 -27.41
CA GLU H 62 -31.01 31.61 -27.15
C GLU H 62 -31.23 31.39 -25.66
N LYS H 63 -30.31 30.68 -25.01
CA LYS H 63 -30.47 30.37 -23.59
C LYS H 63 -30.54 31.62 -22.73
N PHE H 64 -29.86 32.69 -23.14
CA PHE H 64 -29.69 33.87 -22.31
C PHE H 64 -30.49 35.08 -22.79
N LYS H 65 -31.38 34.90 -23.76
CA LYS H 65 -32.09 36.05 -24.30
C LYS H 65 -33.09 36.63 -23.30
N LYS H 66 -33.63 35.81 -22.41
CA LYS H 66 -34.66 36.29 -21.50
C LYS H 66 -34.09 37.12 -20.36
N ARG H 67 -32.90 36.76 -19.86
CA ARG H 67 -32.40 37.30 -18.60
C ARG H 67 -31.18 38.21 -18.75
N VAL H 68 -30.48 38.17 -19.87
CA VAL H 68 -29.22 38.88 -20.02
C VAL H 68 -29.45 40.17 -20.81
N THR H 69 -28.96 41.28 -20.28
CA THR H 69 -28.97 42.57 -20.95
C THR H 69 -27.55 43.09 -21.00
N ILE H 70 -27.02 43.28 -22.22
CA ILE H 70 -25.65 43.71 -22.43
C ILE H 70 -25.68 45.13 -22.97
N THR H 71 -24.93 46.03 -22.33
CA THR H 71 -24.92 47.45 -22.67
C THR H 71 -23.47 47.94 -22.77
N ALA H 72 -23.34 49.19 -23.17
CA ALA H 72 -22.01 49.80 -23.34
C ALA H 72 -22.11 51.30 -23.15
N ASP H 73 -21.09 51.88 -22.54
CA ASP H 73 -20.97 53.32 -22.38
C ASP H 73 -19.78 53.80 -23.20
N LYS H 74 -20.04 54.65 -24.19
CA LYS H 74 -18.98 55.11 -25.07
C LYS H 74 -18.03 56.07 -24.36
N SER H 75 -18.53 56.84 -23.39
CA SER H 75 -17.68 57.80 -22.70
C SER H 75 -16.56 57.11 -21.94
N THR H 76 -16.91 56.15 -21.09
CA THR H 76 -15.94 55.42 -20.28
C THR H 76 -15.44 54.16 -20.96
N SER H 77 -15.75 53.97 -22.24
CA SER H 77 -15.31 52.80 -22.99
C SER H 77 -15.49 51.54 -22.16
N THR H 78 -16.60 51.43 -21.44
CA THR H 78 -16.87 50.32 -20.55
C THR H 78 -18.11 49.58 -21.03
N ALA H 79 -18.03 48.25 -21.02
CA ALA H 79 -19.14 47.39 -21.39
C ALA H 79 -19.71 46.72 -20.16
N TYR H 80 -21.01 46.42 -20.20
CA TYR H 80 -21.71 45.86 -19.06
C TYR H 80 -22.55 44.66 -19.49
N MET H 81 -22.68 43.70 -18.58
CA MET H 81 -23.55 42.55 -18.76
C MET H 81 -24.32 42.32 -17.48
N GLU H 82 -25.65 42.36 -17.57
CA GLU H 82 -26.52 42.16 -16.42
C GLU H 82 -27.29 40.86 -16.58
N LEU H 83 -27.19 39.98 -15.58
CA LEU H 83 -27.92 38.72 -15.54
C LEU H 83 -28.91 38.79 -14.39
N SER H 84 -30.18 38.59 -14.69
CA SER H 84 -31.26 38.70 -13.72
C SER H 84 -31.75 37.32 -13.29
N SER H 85 -32.56 37.32 -12.24
CA SER H 85 -33.15 36.09 -11.69
C SER H 85 -32.08 35.01 -11.52
N LEU H 86 -31.11 35.31 -10.67
CA LEU H 86 -29.96 34.44 -10.48
C LEU H 86 -30.35 33.17 -9.72
N ARG H 87 -29.59 32.10 -9.97
CA ARG H 87 -29.74 30.84 -9.27
C ARG H 87 -28.35 30.26 -9.05
N SER H 88 -28.28 29.21 -8.22
CA SER H 88 -26.99 28.61 -7.89
C SER H 88 -26.26 28.14 -9.14
N GLU H 89 -27.00 27.68 -10.14
CA GLU H 89 -26.37 27.19 -11.37
C GLU H 89 -25.75 28.31 -12.19
N ASP H 90 -26.02 29.57 -11.86
CA ASP H 90 -25.38 30.70 -12.53
C ASP H 90 -24.01 31.01 -11.95
N THR H 91 -23.59 30.30 -10.90
CA THR H 91 -22.24 30.45 -10.38
C THR H 91 -21.23 30.14 -11.47
N ALA H 92 -20.42 31.12 -11.83
CA ALA H 92 -19.49 30.96 -12.93
C ALA H 92 -18.54 32.16 -12.98
N VAL H 93 -17.48 32.00 -13.77
CA VAL H 93 -16.60 33.11 -14.12
C VAL H 93 -17.09 33.72 -15.41
N TYR H 94 -17.19 35.05 -15.45
CA TYR H 94 -17.75 35.76 -16.59
C TYR H 94 -16.66 36.60 -17.24
N TYR H 95 -16.41 36.33 -18.52
CA TYR H 95 -15.39 37.02 -19.30
C TYR H 95 -16.03 37.97 -20.30
N CYS H 96 -15.34 39.07 -20.57
CA CYS H 96 -15.59 39.92 -21.74
C CYS H 96 -14.45 39.71 -22.72
N ALA H 97 -14.79 39.54 -24.00
CA ALA H 97 -13.82 39.17 -25.01
C ALA H 97 -14.00 40.03 -26.25
N ARG H 98 -12.90 40.20 -26.99
CA ARG H 98 -12.89 40.97 -28.22
C ARG H 98 -12.19 40.16 -29.30
N ARG H 99 -12.54 40.42 -30.55
CA ARG H 99 -12.02 39.64 -31.66
C ARG H 99 -10.56 39.98 -31.94
N ALA H 100 -9.88 39.08 -32.64
CA ALA H 100 -8.52 39.32 -33.07
C ALA H 100 -8.49 40.44 -34.10
N MET H 101 -7.31 41.03 -34.27
CA MET H 101 -7.18 42.16 -35.19
C MET H 101 -7.54 41.76 -36.61
N ASP H 102 -7.08 40.60 -37.05
CA ASP H 102 -7.19 40.20 -38.46
C ASP H 102 -8.14 39.03 -38.68
N ASN H 103 -8.93 38.64 -37.68
CA ASN H 103 -9.94 37.60 -37.88
C ASN H 103 -11.01 37.73 -36.81
N TYR H 104 -12.07 36.94 -36.97
CA TYR H 104 -13.25 37.04 -36.13
C TYR H 104 -13.12 36.29 -34.80
N GLY H 105 -12.07 35.50 -34.61
CA GLY H 105 -11.93 34.76 -33.38
C GLY H 105 -11.62 35.65 -32.19
N PHE H 106 -11.95 35.14 -31.00
CA PHE H 106 -11.74 35.88 -29.76
C PHE H 106 -10.29 35.76 -29.35
N ALA H 107 -9.50 36.81 -29.58
CA ALA H 107 -8.09 36.81 -29.20
C ALA H 107 -7.82 37.49 -27.87
N TYR H 108 -8.67 38.44 -27.47
CA TYR H 108 -8.46 39.23 -26.28
C TYR H 108 -9.56 38.96 -25.27
N TRP H 109 -9.17 38.62 -24.05
CA TRP H 109 -10.09 38.28 -22.98
C TRP H 109 -9.75 39.07 -21.73
N GLY H 110 -10.77 39.37 -20.93
CA GLY H 110 -10.55 39.94 -19.62
C GLY H 110 -10.10 38.90 -18.62
N GLN H 111 -9.73 39.38 -17.42
CA GLN H 111 -9.25 38.47 -16.39
C GLN H 111 -10.34 37.52 -15.90
N GLY H 112 -11.60 37.89 -16.07
CA GLY H 112 -12.70 37.08 -15.59
C GLY H 112 -13.25 37.59 -14.26
N THR H 113 -14.57 37.51 -14.09
CA THR H 113 -15.24 37.98 -12.88
C THR H 113 -16.05 36.82 -12.32
N LEU H 114 -15.67 36.34 -11.13
CA LEU H 114 -16.38 35.26 -10.48
C LEU H 114 -17.64 35.79 -9.81
N VAL H 115 -18.77 35.18 -10.11
CA VAL H 115 -20.04 35.48 -9.46
C VAL H 115 -20.53 34.20 -8.80
N THR H 116 -20.71 34.24 -7.48
CA THR H 116 -21.18 33.10 -6.70
C THR H 116 -22.59 33.38 -6.23
N VAL H 117 -23.52 32.50 -6.60
CA VAL H 117 -24.93 32.65 -6.27
C VAL H 117 -25.29 31.60 -5.23
N SER H 118 -25.23 31.97 -3.96
CA SER H 118 -25.53 31.03 -2.88
C SER H 118 -26.51 31.55 -1.86
N SER H 119 -26.47 32.86 -1.55
CA SER H 119 -27.20 33.51 -0.47
C SER H 119 -26.62 33.19 0.90
N ALA H 120 -25.60 32.34 0.99
CA ALA H 120 -24.92 32.10 2.25
C ALA H 120 -23.95 33.25 2.53
N SER H 121 -23.59 33.39 3.81
CA SER H 121 -22.78 34.52 4.24
C SER H 121 -21.30 34.26 4.01
N THR H 122 -20.58 35.33 3.66
CA THR H 122 -19.13 35.25 3.51
C THR H 122 -18.48 34.96 4.86
N LYS H 123 -17.39 34.19 4.83
CA LYS H 123 -16.71 33.79 6.05
C LYS H 123 -15.26 33.48 5.74
N GLY H 124 -14.36 33.96 6.61
CA GLY H 124 -12.95 33.69 6.48
C GLY H 124 -12.60 32.29 6.95
N PRO H 125 -11.45 31.78 6.53
CA PRO H 125 -11.06 30.42 6.90
C PRO H 125 -10.43 30.34 8.27
N SER H 126 -10.37 29.11 8.80
CA SER H 126 -9.58 28.77 9.98
C SER H 126 -8.42 27.89 9.50
N VAL H 127 -7.20 28.35 9.77
CA VAL H 127 -5.99 27.67 9.29
C VAL H 127 -5.41 26.85 10.43
N PHE H 128 -5.21 25.56 10.19
CA PHE H 128 -4.68 24.65 11.19
C PHE H 128 -3.41 23.97 10.70
N PRO H 129 -2.44 23.76 11.57
CA PRO H 129 -1.18 23.15 11.14
C PRO H 129 -1.35 21.67 10.80
N LEU H 130 -0.56 21.23 9.82
CA LEU H 130 -0.37 19.81 9.51
C LEU H 130 1.11 19.54 9.79
N ALA H 131 1.42 19.24 11.05
CA ALA H 131 2.80 19.23 11.52
C ALA H 131 3.55 17.99 11.04
N PRO H 132 4.86 18.09 10.87
CA PRO H 132 5.65 16.95 10.41
C PRO H 132 6.19 16.08 11.54
N SER H 133 6.37 14.80 11.21
CA SER H 133 7.04 13.85 12.09
C SER H 133 7.14 12.49 11.39
N GLY H 140 14.56 11.07 5.04
CA GLY H 140 15.07 11.96 4.02
C GLY H 140 14.22 13.20 3.82
N THR H 141 12.98 12.99 3.39
CA THR H 141 12.05 14.06 3.07
C THR H 141 10.88 14.03 4.05
N ALA H 142 10.52 15.20 4.57
CA ALA H 142 9.39 15.35 5.48
C ALA H 142 8.34 16.23 4.84
N ALA H 143 7.07 15.97 5.18
CA ALA H 143 5.95 16.70 4.63
C ALA H 143 5.21 17.45 5.74
N LEU H 144 4.71 18.63 5.39
CA LEU H 144 3.93 19.44 6.30
C LEU H 144 2.90 20.21 5.48
N GLY H 145 2.00 20.92 6.15
CA GLY H 145 1.01 21.69 5.43
C GLY H 145 0.10 22.45 6.37
N CYS H 146 -0.89 23.10 5.77
CA CYS H 146 -1.90 23.86 6.47
C CYS H 146 -3.27 23.42 5.99
N LEU H 147 -4.21 23.30 6.93
CA LEU H 147 -5.59 22.93 6.61
C LEU H 147 -6.43 24.20 6.67
N VAL H 148 -6.87 24.67 5.50
CA VAL H 148 -7.72 25.85 5.40
C VAL H 148 -9.16 25.37 5.38
N LYS H 149 -9.91 25.68 6.44
CA LYS H 149 -11.19 25.03 6.70
C LYS H 149 -12.29 26.07 6.91
N ASP H 150 -13.48 25.75 6.39
CA ASP H 150 -14.71 26.47 6.68
C ASP H 150 -14.60 27.95 6.28
N TYR H 151 -14.47 28.16 4.98
CA TYR H 151 -14.51 29.49 4.40
C TYR H 151 -15.55 29.53 3.28
N PHE H 152 -16.05 30.73 3.00
CA PHE H 152 -17.01 30.92 1.93
C PHE H 152 -16.98 32.36 1.46
N PRO H 153 -17.04 32.64 0.16
CA PRO H 153 -17.04 31.69 -0.97
C PRO H 153 -15.62 31.38 -1.40
N GLU H 154 -15.45 30.73 -2.55
CA GLU H 154 -14.13 30.61 -3.15
C GLU H 154 -13.73 31.96 -3.75
N PRO H 155 -12.43 32.17 -4.00
CA PRO H 155 -11.30 31.27 -3.82
C PRO H 155 -10.41 31.60 -2.63
N VAL H 156 -9.50 30.70 -2.29
CA VAL H 156 -8.43 30.95 -1.32
C VAL H 156 -7.11 30.65 -2.02
N THR H 157 -6.11 31.48 -1.75
CA THR H 157 -4.76 31.28 -2.26
C THR H 157 -3.80 31.07 -1.10
N VAL H 158 -2.84 30.17 -1.30
CA VAL H 158 -1.88 29.82 -0.26
C VAL H 158 -0.47 29.99 -0.81
N SER H 159 0.39 30.64 -0.03
CA SER H 159 1.82 30.73 -0.30
C SER H 159 2.57 30.31 0.95
N TRP H 160 3.85 30.02 0.79
CA TRP H 160 4.69 29.56 1.89
C TRP H 160 5.91 30.47 2.02
N ASN H 161 6.16 30.94 3.23
CA ASN H 161 7.28 31.85 3.49
C ASN H 161 7.21 33.07 2.57
N SER H 162 6.00 33.58 2.35
CA SER H 162 5.78 34.77 1.54
C SER H 162 6.35 34.60 0.13
N GLY H 163 6.14 33.42 -0.44
CA GLY H 163 6.58 33.13 -1.79
C GLY H 163 8.00 32.62 -1.90
N ALA H 164 8.75 32.61 -0.79
CA ALA H 164 10.12 32.09 -0.84
C ALA H 164 10.14 30.59 -1.13
N LEU H 165 9.10 29.86 -0.73
CA LEU H 165 9.02 28.41 -0.90
C LEU H 165 7.94 28.11 -1.93
N THR H 166 8.35 27.58 -3.09
CA THR H 166 7.42 27.19 -4.13
C THR H 166 7.66 25.75 -4.57
N SER H 167 8.93 25.32 -4.53
CA SER H 167 9.26 23.96 -4.93
C SER H 167 8.67 22.97 -3.94
N GLY H 168 7.99 21.95 -4.46
CA GLY H 168 7.42 20.90 -3.65
C GLY H 168 6.04 21.19 -3.09
N VAL H 169 5.49 22.37 -3.34
CA VAL H 169 4.20 22.74 -2.76
C VAL H 169 3.08 22.16 -3.60
N HIS H 170 2.00 21.74 -2.93
CA HIS H 170 0.79 21.26 -3.57
C HIS H 170 -0.40 21.83 -2.82
N THR H 171 -1.06 22.83 -3.39
CA THR H 171 -2.29 23.39 -2.84
C THR H 171 -3.47 22.73 -3.54
N PHE H 172 -4.31 22.04 -2.78
CA PHE H 172 -5.33 21.19 -3.36
C PHE H 172 -6.57 22.00 -3.74
N PRO H 173 -7.34 21.50 -4.71
CA PRO H 173 -8.63 22.14 -5.02
C PRO H 173 -9.56 22.10 -3.81
N ALA H 174 -10.37 23.16 -3.69
CA ALA H 174 -11.30 23.26 -2.58
C ALA H 174 -12.39 22.18 -2.68
N VAL H 175 -12.83 21.71 -1.52
CA VAL H 175 -13.89 20.72 -1.42
C VAL H 175 -15.08 21.37 -0.73
N LEU H 176 -16.26 21.25 -1.34
CA LEU H 176 -17.49 21.76 -0.74
C LEU H 176 -17.99 20.77 0.30
N GLN H 177 -18.10 21.21 1.54
CA GLN H 177 -18.48 20.34 2.64
C GLN H 177 -19.99 20.25 2.78
N SER H 178 -20.44 19.29 3.62
CA SER H 178 -21.86 19.16 3.88
C SER H 178 -22.45 20.43 4.45
N SER H 179 -21.66 21.18 5.22
CA SER H 179 -22.13 22.44 5.80
C SER H 179 -22.33 23.54 4.77
N GLY H 180 -21.88 23.33 3.53
CA GLY H 180 -21.91 24.37 2.53
C GLY H 180 -20.68 25.25 2.50
N LEU H 181 -19.74 25.05 3.42
CA LEU H 181 -18.50 25.80 3.45
C LEU H 181 -17.40 25.01 2.77
N TYR H 182 -16.40 25.73 2.27
CA TYR H 182 -15.31 25.11 1.53
C TYR H 182 -14.15 24.74 2.46
N SER H 183 -13.29 23.86 1.97
CA SER H 183 -12.12 23.43 2.73
C SER H 183 -11.08 22.87 1.78
N LEU H 184 -9.83 23.28 1.96
CA LEU H 184 -8.71 22.76 1.19
C LEU H 184 -7.50 22.65 2.10
N SER H 185 -6.47 21.96 1.61
CA SER H 185 -5.21 21.82 2.32
C SER H 185 -4.06 22.13 1.37
N SER H 186 -3.04 22.79 1.90
CA SER H 186 -1.80 23.06 1.17
C SER H 186 -0.67 22.32 1.87
N VAL H 187 0.07 21.52 1.12
CA VAL H 187 1.16 20.72 1.66
C VAL H 187 2.44 21.05 0.90
N VAL H 188 3.57 20.70 1.50
CA VAL H 188 4.88 20.92 0.89
C VAL H 188 5.84 19.91 1.48
N THR H 189 6.78 19.45 0.65
CA THR H 189 7.80 18.50 1.05
C THR H 189 9.13 19.21 1.21
N VAL H 190 9.78 19.02 2.36
CA VAL H 190 11.03 19.69 2.67
C VAL H 190 12.00 18.68 3.29
N PRO H 191 13.30 18.98 3.24
CA PRO H 191 14.28 18.07 3.84
C PRO H 191 14.02 17.91 5.34
N SER H 192 14.24 16.68 5.83
CA SER H 192 13.99 16.40 7.23
C SER H 192 14.98 17.12 8.14
N SER H 193 16.17 17.44 7.64
CA SER H 193 17.17 18.12 8.45
C SER H 193 16.83 19.58 8.70
N SER H 194 15.93 20.16 7.93
CA SER H 194 15.60 21.58 8.03
C SER H 194 14.57 21.89 9.10
N LEU H 195 14.05 20.87 9.79
CA LEU H 195 12.90 21.08 10.67
C LEU H 195 13.27 21.79 11.95
N GLY H 196 14.53 21.66 12.41
CA GLY H 196 14.98 22.40 13.58
C GLY H 196 15.56 23.77 13.31
N THR H 197 15.83 24.07 12.05
CA THR H 197 16.46 25.33 11.65
C THR H 197 15.53 26.25 10.89
N GLN H 198 14.74 25.72 9.96
CA GLN H 198 13.94 26.52 9.05
C GLN H 198 12.49 26.56 9.52
N THR H 199 11.96 27.78 9.67
CA THR H 199 10.58 27.98 10.07
C THR H 199 9.70 28.13 8.84
N TYR H 200 8.60 27.39 8.81
CA TYR H 200 7.71 27.34 7.67
C TYR H 200 6.38 27.96 8.04
N ILE H 201 5.96 28.97 7.29
CA ILE H 201 4.73 29.71 7.54
C ILE H 201 3.91 29.73 6.26
N CYS H 202 2.65 29.31 6.37
CA CYS H 202 1.73 29.32 5.23
C CYS H 202 0.90 30.59 5.29
N ASN H 203 0.89 31.33 4.19
CA ASN H 203 0.16 32.60 4.09
C ASN H 203 -1.11 32.34 3.30
N VAL H 204 -2.25 32.47 3.98
CA VAL H 204 -3.56 32.14 3.42
C VAL H 204 -4.30 33.44 3.16
N ASN H 205 -4.72 33.66 1.91
CA ASN H 205 -5.42 34.87 1.52
C ASN H 205 -6.82 34.51 1.04
N HIS H 206 -7.81 35.22 1.58
CA HIS H 206 -9.22 35.04 1.20
C HIS H 206 -9.79 36.44 0.95
N LYS H 207 -9.65 36.91 -0.30
CA LYS H 207 -10.13 38.25 -0.63
C LYS H 207 -11.61 38.46 -0.37
N PRO H 208 -12.50 37.49 -0.65
CA PRO H 208 -13.93 37.75 -0.42
C PRO H 208 -14.25 38.25 0.97
N SER H 209 -13.59 37.72 1.99
CA SER H 209 -13.75 38.20 3.36
C SER H 209 -12.70 39.24 3.74
N ASN H 210 -11.83 39.63 2.81
CA ASN H 210 -10.76 40.59 3.10
C ASN H 210 -9.91 40.09 4.27
N THR H 211 -9.56 38.81 4.25
CA THR H 211 -8.86 38.16 5.34
C THR H 211 -7.58 37.51 4.83
N LYS H 212 -6.47 37.75 5.54
CA LYS H 212 -5.22 37.04 5.34
C LYS H 212 -4.84 36.40 6.66
N VAL H 213 -4.30 35.18 6.60
CA VAL H 213 -3.91 34.45 7.80
C VAL H 213 -2.53 33.84 7.58
N ASP H 214 -1.59 34.17 8.46
CA ASP H 214 -0.28 33.54 8.48
C ASP H 214 -0.21 32.56 9.65
N LYS H 215 0.12 31.31 9.34
CA LYS H 215 0.16 30.25 10.34
C LYS H 215 1.51 29.56 10.28
N LYS H 216 2.23 29.58 11.40
CA LYS H 216 3.52 28.90 11.50
C LYS H 216 3.28 27.43 11.88
N VAL H 217 3.98 26.54 11.20
CA VAL H 217 3.84 25.10 11.39
C VAL H 217 5.15 24.57 11.96
N GLU H 218 5.07 24.00 13.15
CA GLU H 218 6.22 23.44 13.86
C GLU H 218 6.03 21.94 14.05
N PRO H 219 7.10 21.21 14.37
CA PRO H 219 6.96 19.79 14.69
C PRO H 219 6.02 19.58 15.86
N LYS H 220 5.33 18.44 15.86
CA LYS H 220 4.27 18.16 16.81
C LYS H 220 4.73 18.35 18.26
N ILE I 2 3.13 48.00 58.91
CA ILE I 2 4.12 47.49 57.96
C ILE I 2 3.71 47.82 56.53
N VAL I 3 2.77 48.75 56.38
CA VAL I 3 2.12 49.02 55.11
C VAL I 3 2.43 50.46 54.70
N LEU I 4 2.79 50.64 53.43
CA LEU I 4 3.05 51.96 52.86
C LEU I 4 1.79 52.41 52.12
N THR I 5 1.27 53.57 52.52
CA THR I 5 0.08 54.16 51.90
C THR I 5 0.51 55.37 51.08
N GLN I 6 0.19 55.34 49.79
CA GLN I 6 0.55 56.43 48.88
C GLN I 6 -0.69 57.27 48.59
N SER I 7 -0.55 58.59 48.71
CA SER I 7 -1.62 59.52 48.37
C SER I 7 -1.06 60.63 47.49
N PRO I 8 -1.79 61.04 46.45
CA PRO I 8 -3.09 60.51 45.97
C PRO I 8 -2.91 59.30 45.08
N ASP I 9 -3.96 58.51 44.87
CA ASP I 9 -3.88 57.42 43.90
C ASP I 9 -3.82 57.95 42.48
N PHE I 10 -4.45 59.10 42.23
CA PHE I 10 -4.54 59.69 40.90
C PHE I 10 -4.33 61.19 41.00
N GLN I 11 -3.62 61.75 40.01
CA GLN I 11 -3.34 63.18 39.99
C GLN I 11 -3.17 63.63 38.55
N SER I 12 -3.84 64.72 38.19
CA SER I 12 -3.73 65.34 36.87
C SER I 12 -3.08 66.71 37.03
N VAL I 13 -2.01 66.95 36.29
CA VAL I 13 -1.16 68.12 36.47
C VAL I 13 -0.92 68.77 35.12
N THR I 14 -1.05 70.09 35.07
CA THR I 14 -0.68 70.83 33.87
C THR I 14 0.85 70.90 33.76
N PRO I 15 1.41 70.79 32.57
CA PRO I 15 2.88 70.86 32.43
C PRO I 15 3.43 72.17 32.96
N LYS I 16 4.65 72.10 33.49
CA LYS I 16 5.41 73.17 34.11
C LYS I 16 4.96 73.43 35.55
N GLU I 17 4.02 72.65 36.08
CA GLU I 17 3.53 72.83 37.44
C GLU I 17 4.19 71.83 38.39
N LYS I 18 3.99 72.05 39.68
CA LYS I 18 4.61 71.24 40.72
C LYS I 18 3.66 70.13 41.17
N VAL I 19 4.22 68.96 41.46
CA VAL I 19 3.47 67.83 41.98
C VAL I 19 4.27 67.22 43.14
N THR I 20 3.58 66.92 44.24
CA THR I 20 4.18 66.25 45.38
C THR I 20 3.42 64.96 45.64
N ILE I 21 4.15 63.84 45.71
CA ILE I 21 3.59 62.53 45.93
C ILE I 21 4.02 62.05 47.32
N THR I 22 3.05 61.68 48.15
CA THR I 22 3.30 61.27 49.51
C THR I 22 3.23 59.76 49.64
N CYS I 23 4.14 59.20 50.44
CA CYS I 23 4.16 57.77 50.77
C CYS I 23 4.31 57.67 52.28
N SER I 24 3.21 57.43 52.98
CA SER I 24 3.18 57.45 54.43
C SER I 24 3.28 56.04 55.00
N ALA I 25 3.81 55.95 56.22
CA ALA I 25 4.03 54.67 56.88
C ALA I 25 3.40 54.67 58.28
N ASN I 26 3.69 53.64 59.06
CA ASN I 26 3.18 53.54 60.42
C ASN I 26 4.22 54.01 61.42
N SER I 30 13.37 54.69 57.70
CA SER I 30 14.48 55.26 56.95
C SER I 30 14.62 54.59 55.59
N TYR I 31 15.38 55.23 54.69
CA TYR I 31 15.78 54.64 53.42
C TYR I 31 14.57 54.28 52.56
N MET I 32 13.87 55.33 52.12
CA MET I 32 12.78 55.17 51.16
C MET I 32 13.33 55.14 49.73
N TYR I 33 12.65 54.37 48.87
CA TYR I 33 13.03 54.21 47.48
C TYR I 33 11.80 54.43 46.60
N TRP I 34 12.03 54.95 45.39
CA TRP I 34 10.96 55.29 44.47
C TRP I 34 11.25 54.74 43.08
N TYR I 35 10.18 54.52 42.31
CA TYR I 35 10.28 53.96 40.97
C TYR I 35 9.28 54.65 40.05
N GLN I 36 9.63 54.70 38.77
CA GLN I 36 8.74 55.19 37.72
C GLN I 36 8.44 54.05 36.76
N GLN I 37 7.16 53.81 36.50
CA GLN I 37 6.75 52.78 35.55
C GLN I 37 5.75 53.35 34.57
N LYS I 38 5.98 53.10 33.28
CA LYS I 38 5.07 53.43 32.21
C LYS I 38 4.47 52.15 31.62
N PRO I 39 3.35 52.25 30.92
CA PRO I 39 2.68 51.03 30.43
C PRO I 39 3.60 50.19 29.57
N ASP I 40 3.48 48.86 29.73
CA ASP I 40 4.24 47.89 28.94
C ASP I 40 5.74 48.08 29.12
N GLN I 41 6.15 48.41 30.35
CA GLN I 41 7.57 48.57 30.66
C GLN I 41 7.82 48.12 32.09
N SER I 42 9.08 47.76 32.36
CA SER I 42 9.51 47.49 33.71
C SER I 42 9.62 48.79 34.49
N PRO I 43 9.50 48.72 35.82
CA PRO I 43 9.76 49.92 36.63
C PRO I 43 11.22 50.34 36.52
N LYS I 44 11.45 51.65 36.65
CA LYS I 44 12.79 52.21 36.60
C LYS I 44 13.08 52.87 37.94
N LEU I 45 14.19 52.47 38.57
CA LEU I 45 14.59 53.06 39.84
C LEU I 45 14.77 54.57 39.66
N TRP I 46 14.15 55.34 40.55
CA TRP I 46 14.11 56.79 40.43
C TRP I 46 14.81 57.50 41.59
N VAL I 47 14.53 57.08 42.83
CA VAL I 47 15.15 57.69 44.00
C VAL I 47 15.54 56.58 44.97
N HIS I 48 16.71 56.74 45.60
CA HIS I 48 17.20 55.81 46.60
C HIS I 48 17.77 56.61 47.77
N GLY I 49 17.75 55.99 48.95
CA GLY I 49 18.19 56.69 50.14
C GLY I 49 17.32 57.87 50.52
N THR I 50 16.09 57.90 50.01
CA THR I 50 15.09 58.91 50.33
C THR I 50 15.36 60.27 49.69
N SER I 51 16.56 60.49 49.16
CA SER I 51 16.84 61.77 48.52
C SER I 51 17.72 61.68 47.27
N ASN I 52 18.41 60.58 47.02
CA ASN I 52 19.38 60.51 45.94
C ASN I 52 18.70 60.05 44.66
N LEU I 53 18.84 60.85 43.60
CA LEU I 53 18.27 60.49 42.31
C LEU I 53 19.08 59.38 41.67
N ALA I 54 18.39 58.46 41.00
CA ALA I 54 19.06 57.39 40.28
C ALA I 54 19.65 57.92 38.98
N SER I 55 20.57 57.12 38.42
CA SER I 55 21.26 57.53 37.20
C SER I 55 20.26 57.83 36.09
N GLY I 56 20.47 58.96 35.40
CA GLY I 56 19.63 59.35 34.30
C GLY I 56 18.40 60.16 34.67
N VAL I 57 18.13 60.33 35.96
CA VAL I 57 16.92 61.04 36.40
C VAL I 57 17.20 62.55 36.36
N PRO I 58 16.37 63.33 35.67
CA PRO I 58 16.61 64.78 35.63
C PRO I 58 16.43 65.41 37.00
N SER I 59 17.10 66.55 37.20
CA SER I 59 17.18 67.17 38.51
C SER I 59 15.87 67.81 38.97
N ARG I 60 14.88 67.93 38.10
CA ARG I 60 13.59 68.46 38.53
C ARG I 60 12.87 67.51 39.47
N PHE I 61 13.26 66.24 39.50
CA PHE I 61 12.74 65.31 40.48
C PHE I 61 13.50 65.46 41.80
N SER I 62 12.76 65.46 42.91
CA SER I 62 13.34 65.64 44.23
C SER I 62 12.74 64.65 45.21
N GLY I 63 13.60 63.93 45.92
CA GLY I 63 13.17 63.02 46.96
C GLY I 63 13.44 63.59 48.34
N SER I 64 12.56 63.27 49.28
CA SER I 64 12.64 63.83 50.63
C SER I 64 11.77 63.00 51.56
N GLY I 65 11.88 63.30 52.84
CA GLY I 65 11.03 62.66 53.83
C GLY I 65 11.75 62.49 55.15
N SER I 66 10.96 62.21 56.18
CA SER I 66 11.49 61.95 57.52
C SER I 66 10.41 61.26 58.33
N GLY I 67 10.85 60.47 59.32
CA GLY I 67 9.92 59.79 60.20
C GLY I 67 8.98 58.85 59.49
N THR I 68 7.70 59.22 59.45
CA THR I 68 6.67 58.41 58.82
C THR I 68 6.24 58.92 57.45
N ASP I 69 6.66 60.11 57.05
CA ASP I 69 6.22 60.75 55.83
C ASP I 69 7.39 60.91 54.88
N PHE I 70 7.21 60.48 53.63
CA PHE I 70 8.21 60.63 52.58
C PHE I 70 7.53 61.12 51.32
N THR I 71 8.25 61.96 50.55
CA THR I 71 7.66 62.64 49.42
C THR I 71 8.57 62.56 48.20
N LEU I 72 7.94 62.48 47.03
CA LEU I 72 8.61 62.64 45.74
C LEU I 72 7.99 63.84 45.04
N THR I 73 8.83 64.76 44.58
CA THR I 73 8.36 66.03 44.04
C THR I 73 8.87 66.21 42.62
N ILE I 74 7.98 66.63 41.73
CA ILE I 74 8.32 67.04 40.37
C ILE I 74 8.05 68.53 40.27
N ASN I 75 9.10 69.31 40.01
CA ASN I 75 9.02 70.76 40.15
C ASN I 75 8.47 71.45 38.90
N SER I 76 8.89 71.02 37.72
CA SER I 76 8.33 71.53 36.46
C SER I 76 7.96 70.31 35.62
N LEU I 77 6.69 69.91 35.70
CA LEU I 77 6.23 68.70 35.05
C LEU I 77 6.42 68.79 33.54
N GLU I 78 6.74 67.65 32.92
CA GLU I 78 6.87 67.55 31.47
C GLU I 78 6.03 66.37 30.99
N ALA I 79 5.72 66.38 29.69
CA ALA I 79 4.87 65.34 29.13
C ALA I 79 5.38 63.95 29.45
N GLU I 80 6.70 63.74 29.29
CA GLU I 80 7.28 62.42 29.51
C GLU I 80 7.14 61.97 30.96
N ASP I 81 6.93 62.89 31.90
CA ASP I 81 6.90 62.53 33.31
C ASP I 81 5.62 61.79 33.72
N ALA I 82 4.62 61.71 32.85
CA ALA I 82 3.41 60.97 33.17
C ALA I 82 3.75 59.50 33.34
N ALA I 83 3.36 58.94 34.49
CA ALA I 83 3.65 57.55 34.81
C ALA I 83 3.03 57.24 36.17
N THR I 84 3.11 55.98 36.56
CA THR I 84 2.73 55.55 37.89
C THR I 84 4.01 55.43 38.73
N TYR I 85 4.04 56.12 39.86
CA TYR I 85 5.21 56.17 40.72
C TYR I 85 4.94 55.37 41.99
N TYR I 86 5.86 54.47 42.33
CA TYR I 86 5.74 53.60 43.47
C TYR I 86 6.82 53.93 44.49
N CYS I 87 6.50 53.72 45.77
CA CYS I 87 7.48 53.81 46.84
C CYS I 87 7.77 52.41 47.39
N HIS I 88 8.95 52.28 48.00
CA HIS I 88 9.55 50.97 48.26
C HIS I 88 10.39 51.07 49.52
N HIS I 89 10.16 50.17 50.47
CA HIS I 89 10.82 50.22 51.76
C HIS I 89 11.08 48.80 52.27
N TRP I 90 12.11 48.68 53.11
CA TRP I 90 12.49 47.40 53.71
C TRP I 90 12.22 47.45 55.21
N SER I 91 11.26 46.65 55.66
CA SER I 91 11.01 46.41 57.07
C SER I 91 11.37 44.95 57.35
N ASN I 92 12.20 44.72 58.35
CA ASN I 92 12.78 43.39 58.56
C ASN I 92 11.68 42.33 58.64
N THR I 93 11.80 41.29 57.81
CA THR I 93 12.85 40.98 56.84
C THR I 93 12.28 40.92 55.42
N GLN I 94 11.42 41.88 55.09
CA GLN I 94 10.70 41.86 53.81
C GLN I 94 10.68 43.26 53.20
N TRP I 95 10.63 43.30 51.87
CA TRP I 95 10.37 44.52 51.13
C TRP I 95 8.84 44.71 50.99
N THR I 96 8.44 45.95 50.78
CA THR I 96 7.03 46.26 50.55
C THR I 96 6.93 47.48 49.64
N PHE I 97 5.96 47.44 48.73
CA PHE I 97 5.73 48.51 47.77
C PHE I 97 4.50 49.31 48.15
N GLY I 98 4.48 50.57 47.73
CA GLY I 98 3.31 51.39 47.90
C GLY I 98 2.24 51.08 46.88
N GLY I 99 1.05 51.62 47.11
CA GLY I 99 -0.06 51.37 46.20
C GLY I 99 0.21 51.89 44.80
N GLY I 100 0.84 53.05 44.70
CA GLY I 100 1.16 53.65 43.42
C GLY I 100 0.35 54.91 43.20
N THR I 101 0.99 55.91 42.57
CA THR I 101 0.35 57.18 42.25
C THR I 101 0.48 57.40 40.75
N LYS I 102 -0.66 57.39 40.05
CA LYS I 102 -0.65 57.66 38.62
C LYS I 102 -0.70 59.17 38.39
N VAL I 103 0.22 59.66 37.56
CA VAL I 103 0.33 61.07 37.23
C VAL I 103 -0.04 61.25 35.77
N GLU I 104 -1.02 62.11 35.50
CA GLU I 104 -1.52 62.35 34.15
C GLU I 104 -1.50 63.85 33.87
N ILE I 105 -1.60 64.19 32.61
CA ILE I 105 -1.47 65.57 32.14
C ILE I 105 -2.84 66.22 32.18
N LYS I 106 -2.87 67.51 32.52
CA LYS I 106 -4.09 68.30 32.52
C LYS I 106 -4.10 69.22 31.30
N ARG I 107 -5.19 69.16 30.54
CA ARG I 107 -5.37 69.99 29.36
C ARG I 107 -6.78 70.58 29.40
N THR I 108 -7.10 71.40 28.41
CA THR I 108 -8.42 72.00 28.32
C THR I 108 -9.46 70.94 28.00
N VAL I 109 -10.72 71.26 28.33
CA VAL I 109 -11.81 70.32 28.06
C VAL I 109 -11.93 70.10 26.56
N ALA I 110 -12.27 68.86 26.19
CA ALA I 110 -12.44 68.48 24.79
C ALA I 110 -13.59 67.48 24.69
N ALA I 111 -14.59 67.83 23.89
CA ALA I 111 -15.74 66.95 23.74
C ALA I 111 -15.38 65.73 22.90
N PRO I 112 -16.07 64.61 23.10
CA PRO I 112 -15.79 63.42 22.29
C PRO I 112 -16.48 63.47 20.94
N SER I 113 -15.84 62.82 19.97
CA SER I 113 -16.44 62.54 18.66
C SER I 113 -17.01 61.13 18.71
N VAL I 114 -18.32 61.00 18.53
CA VAL I 114 -19.03 59.76 18.81
C VAL I 114 -19.32 59.04 17.49
N PHE I 115 -18.99 57.75 17.44
CA PHE I 115 -19.29 56.89 16.31
C PHE I 115 -19.90 55.59 16.82
N ILE I 116 -20.85 55.05 16.07
CA ILE I 116 -21.48 53.78 16.39
C ILE I 116 -21.28 52.84 15.21
N PHE I 117 -20.91 51.60 15.51
CA PHE I 117 -20.59 50.61 14.50
C PHE I 117 -21.53 49.41 14.63
N PRO I 118 -22.22 49.02 13.56
CA PRO I 118 -23.06 47.81 13.63
C PRO I 118 -22.21 46.56 13.62
N PRO I 119 -22.75 45.43 14.07
CA PRO I 119 -21.99 44.17 14.02
C PRO I 119 -21.75 43.71 12.59
N SER I 120 -20.66 42.98 12.40
CA SER I 120 -20.32 42.45 11.09
C SER I 120 -21.16 41.23 10.76
N ASP I 121 -21.58 41.12 9.49
CA ASP I 121 -22.32 39.94 9.07
C ASP I 121 -21.55 38.66 9.36
N GLU I 122 -20.21 38.73 9.30
CA GLU I 122 -19.40 37.56 9.65
C GLU I 122 -19.64 37.15 11.10
N GLN I 123 -19.68 38.12 12.02
CA GLN I 123 -19.93 37.79 13.42
C GLN I 123 -21.36 37.31 13.62
N LEU I 124 -22.31 37.90 12.91
CA LEU I 124 -23.71 37.49 13.04
C LEU I 124 -23.85 35.99 12.80
N LYS I 125 -23.25 35.48 11.73
CA LYS I 125 -23.38 34.06 11.40
C LYS I 125 -22.61 33.17 12.37
N SER I 126 -21.85 33.75 13.31
CA SER I 126 -21.27 33.00 14.41
C SER I 126 -22.20 32.91 15.63
N GLY I 127 -23.32 33.63 15.61
CA GLY I 127 -24.30 33.57 16.67
C GLY I 127 -24.29 34.72 17.64
N THR I 128 -23.28 35.58 17.60
CA THR I 128 -23.16 36.70 18.53
C THR I 128 -23.08 38.01 17.76
N ALA I 129 -23.53 39.08 18.40
CA ALA I 129 -23.52 40.41 17.81
C ALA I 129 -22.91 41.38 18.81
N SER I 130 -21.85 42.07 18.40
CA SER I 130 -21.21 43.10 19.19
C SER I 130 -21.48 44.45 18.53
N VAL I 131 -22.10 45.36 19.29
CA VAL I 131 -22.37 46.73 18.84
C VAL I 131 -21.42 47.65 19.57
N VAL I 132 -20.61 48.39 18.83
CA VAL I 132 -19.51 49.17 19.37
C VAL I 132 -19.82 50.65 19.20
N CYS I 133 -19.66 51.41 20.28
CA CYS I 133 -19.78 52.87 20.26
C CYS I 133 -18.43 53.46 20.65
N LEU I 134 -17.94 54.40 19.86
CA LEU I 134 -16.61 54.97 20.02
C LEU I 134 -16.72 56.43 20.45
N LEU I 135 -16.15 56.75 21.61
CA LEU I 135 -15.98 58.12 22.07
C LEU I 135 -14.50 58.46 21.91
N ASN I 136 -14.20 59.43 21.04
CA ASN I 136 -12.85 59.65 20.55
C ASN I 136 -12.32 61.01 20.96
N ASN I 137 -11.10 61.03 21.51
CA ASN I 137 -10.31 62.24 21.69
C ASN I 137 -11.06 63.28 22.52
N PHE I 138 -11.26 62.93 23.79
CA PHE I 138 -11.94 63.81 24.74
C PHE I 138 -11.13 63.93 26.03
N TYR I 139 -11.36 65.03 26.73
CA TYR I 139 -10.81 65.29 28.05
C TYR I 139 -11.86 66.04 28.84
N PRO I 140 -12.07 65.70 30.12
CA PRO I 140 -11.36 64.70 30.93
C PRO I 140 -11.87 63.28 30.73
N ARG I 141 -11.34 62.35 31.55
CA ARG I 141 -11.58 60.94 31.34
C ARG I 141 -13.03 60.54 31.57
N GLU I 142 -13.75 61.25 32.44
CA GLU I 142 -15.10 60.85 32.81
C GLU I 142 -16.08 61.08 31.68
N ALA I 143 -16.84 60.05 31.33
CA ALA I 143 -17.91 60.15 30.36
C ALA I 143 -18.94 59.08 30.68
N LYS I 144 -20.17 59.28 30.19
CA LYS I 144 -21.27 58.36 30.44
C LYS I 144 -21.88 57.94 29.11
N VAL I 145 -21.84 56.64 28.83
CA VAL I 145 -22.46 56.06 27.65
C VAL I 145 -23.75 55.37 28.06
N GLN I 146 -24.76 55.45 27.21
CA GLN I 146 -26.07 54.88 27.50
C GLN I 146 -26.60 54.20 26.24
N TRP I 147 -27.07 52.97 26.38
CA TRP I 147 -27.54 52.17 25.26
C TRP I 147 -29.06 52.06 25.29
N LYS I 148 -29.67 52.16 24.10
CA LYS I 148 -31.11 52.03 23.96
C LYS I 148 -31.41 51.22 22.71
N VAL I 149 -32.10 50.10 22.87
CA VAL I 149 -32.50 49.23 21.77
C VAL I 149 -33.99 49.46 21.55
N ASP I 150 -34.34 50.04 20.41
CA ASP I 150 -35.73 50.43 20.13
C ASP I 150 -36.28 51.30 21.26
N ASN I 151 -35.43 52.20 21.76
CA ASN I 151 -35.73 53.15 22.83
C ASN I 151 -35.74 52.48 24.21
N ALA I 152 -35.57 51.16 24.30
CA ALA I 152 -35.56 50.46 25.57
C ALA I 152 -34.16 50.51 26.16
N LEU I 153 -34.04 51.06 27.36
CA LEU I 153 -32.73 51.18 28.00
C LEU I 153 -32.14 49.81 28.29
N GLN I 154 -30.85 49.66 27.97
CA GLN I 154 -30.10 48.44 28.26
C GLN I 154 -29.32 48.62 29.56
N SER I 155 -29.17 47.53 30.30
CA SER I 155 -28.54 47.58 31.61
C SER I 155 -27.74 46.31 31.85
N GLY I 156 -26.42 46.47 31.98
CA GLY I 156 -25.55 45.37 32.37
C GLY I 156 -24.96 44.57 31.24
N ASN I 157 -25.49 44.72 30.01
CA ASN I 157 -25.01 43.95 28.87
C ASN I 157 -24.01 44.72 28.02
N SER I 158 -23.27 45.64 28.64
CA SER I 158 -22.26 46.42 27.93
C SER I 158 -21.06 46.64 28.85
N GLN I 159 -19.88 46.77 28.24
CA GLN I 159 -18.64 47.01 28.93
C GLN I 159 -17.89 48.13 28.23
N GLU I 160 -17.02 48.81 28.99
CA GLU I 160 -16.29 49.97 28.47
C GLU I 160 -14.79 49.78 28.64
N SER I 161 -14.03 50.39 27.73
CA SER I 161 -12.59 50.40 27.78
C SER I 161 -12.10 51.81 27.47
N VAL I 162 -10.96 52.18 28.06
CA VAL I 162 -10.40 53.51 27.92
C VAL I 162 -8.92 53.40 27.58
N THR I 163 -8.48 54.17 26.60
CA THR I 163 -7.08 54.22 26.24
C THR I 163 -6.27 54.96 27.30
N GLU I 164 -4.95 54.75 27.24
CA GLU I 164 -4.05 55.62 27.99
C GLU I 164 -4.06 57.01 27.38
N GLN I 165 -3.77 58.01 28.21
CA GLN I 165 -3.76 59.39 27.74
C GLN I 165 -2.81 59.52 26.55
N ASP I 166 -3.33 60.08 25.45
CA ASP I 166 -2.51 60.23 24.25
C ASP I 166 -1.31 61.11 24.53
N SER I 167 -0.14 60.67 24.04
CA SER I 167 1.09 61.38 24.33
C SER I 167 1.20 62.70 23.58
N LYS I 168 0.40 62.91 22.53
CA LYS I 168 0.52 64.08 21.67
C LYS I 168 -0.50 65.17 22.01
N ASP I 169 -1.77 64.79 22.16
CA ASP I 169 -2.82 65.76 22.47
C ASP I 169 -3.44 65.55 23.85
N SER I 170 -2.99 64.55 24.60
CA SER I 170 -3.41 64.34 25.99
C SER I 170 -4.91 64.07 26.10
N THR I 171 -5.51 63.46 25.08
CA THR I 171 -6.92 63.11 25.11
C THR I 171 -7.09 61.62 25.40
N TYR I 172 -8.31 61.25 25.76
CA TYR I 172 -8.70 59.86 25.95
C TYR I 172 -9.70 59.46 24.88
N SER I 173 -9.75 58.15 24.62
CA SER I 173 -10.79 57.56 23.78
C SER I 173 -11.38 56.37 24.53
N LEU I 174 -12.68 56.16 24.34
CA LEU I 174 -13.41 55.13 25.05
C LEU I 174 -14.26 54.32 24.08
N SER I 175 -14.37 53.03 24.35
CA SER I 175 -15.19 52.11 23.55
C SER I 175 -16.21 51.45 24.45
N SER I 176 -17.48 51.54 24.08
CA SER I 176 -18.57 50.85 24.76
C SER I 176 -19.10 49.76 23.83
N THR I 177 -19.08 48.52 24.29
CA THR I 177 -19.45 47.37 23.48
C THR I 177 -20.71 46.74 24.05
N LEU I 178 -21.79 46.75 23.27
CA LEU I 178 -23.03 46.08 23.62
C LEU I 178 -23.04 44.70 22.98
N THR I 179 -23.22 43.67 23.79
CA THR I 179 -23.15 42.28 23.34
C THR I 179 -24.49 41.60 23.57
N LEU I 180 -25.05 41.02 22.51
CA LEU I 180 -26.28 40.27 22.59
C LEU I 180 -26.26 39.20 21.52
N SER I 181 -27.13 38.20 21.69
CA SER I 181 -27.17 37.09 20.75
C SER I 181 -27.69 37.54 19.40
N LYS I 182 -27.39 36.75 18.37
CA LYS I 182 -27.95 37.01 17.05
C LYS I 182 -29.46 37.05 17.10
N ALA I 183 -30.07 36.15 17.88
CA ALA I 183 -31.52 36.13 17.99
C ALA I 183 -32.05 37.43 18.60
N ASP I 184 -31.46 37.85 19.72
CA ASP I 184 -31.91 39.09 20.36
C ASP I 184 -31.66 40.29 19.46
N TYR I 185 -30.55 40.28 18.72
CA TYR I 185 -30.23 41.39 17.85
C TYR I 185 -31.27 41.57 16.75
N GLU I 186 -31.74 40.47 16.17
CA GLU I 186 -32.60 40.53 15.00
C GLU I 186 -34.06 40.81 15.32
N LYS I 187 -34.45 40.80 16.60
CA LYS I 187 -35.81 41.16 16.98
C LYS I 187 -35.96 42.65 17.29
N HIS I 188 -34.92 43.44 17.05
CA HIS I 188 -34.96 44.88 17.27
C HIS I 188 -34.28 45.58 16.10
N LYS I 189 -34.65 46.84 15.91
CA LYS I 189 -34.16 47.62 14.77
C LYS I 189 -33.27 48.79 15.19
N VAL I 190 -33.77 49.68 16.05
CA VAL I 190 -33.06 50.90 16.39
C VAL I 190 -32.05 50.62 17.49
N TYR I 191 -30.79 50.97 17.24
CA TYR I 191 -29.71 50.80 18.20
C TYR I 191 -29.05 52.16 18.41
N ALA I 192 -29.15 52.69 19.62
CA ALA I 192 -28.74 54.06 19.92
C ALA I 192 -27.70 54.08 21.02
N CYS I 193 -26.72 54.96 20.88
CA CYS I 193 -25.66 55.18 21.87
C CYS I 193 -25.68 56.64 22.25
N GLU I 194 -25.93 56.93 23.52
CA GLU I 194 -26.07 58.29 24.03
C GLU I 194 -24.90 58.60 24.94
N VAL I 195 -24.22 59.72 24.68
CA VAL I 195 -22.99 60.09 25.36
C VAL I 195 -23.21 61.39 26.12
N THR I 196 -22.81 61.40 27.39
CA THR I 196 -22.76 62.61 28.19
C THR I 196 -21.31 62.89 28.57
N HIS I 197 -20.88 64.14 28.46
CA HIS I 197 -19.52 64.52 28.77
C HIS I 197 -19.48 66.01 29.08
N GLN I 198 -18.51 66.40 29.90
CA GLN I 198 -18.45 67.78 30.38
C GLN I 198 -18.38 68.77 29.23
N GLY I 199 -17.67 68.41 28.16
CA GLY I 199 -17.51 69.28 27.02
C GLY I 199 -18.70 69.38 26.09
N LEU I 200 -19.75 68.60 26.36
CA LEU I 200 -20.97 68.65 25.57
C LEU I 200 -22.02 69.45 26.33
N SER I 201 -22.63 70.42 25.64
CA SER I 201 -23.67 71.23 26.27
C SER I 201 -24.96 70.45 26.48
N SER I 202 -25.12 69.31 25.81
CA SER I 202 -26.23 68.41 26.04
C SER I 202 -25.85 67.03 25.50
N PRO I 203 -26.53 65.98 25.93
CA PRO I 203 -26.15 64.63 25.50
C PRO I 203 -26.26 64.48 23.98
N VAL I 204 -25.45 63.58 23.43
CA VAL I 204 -25.34 63.36 22.00
C VAL I 204 -25.61 61.88 21.73
N THR I 205 -26.49 61.61 20.75
CA THR I 205 -26.92 60.26 20.44
C THR I 205 -26.49 59.89 19.03
N LYS I 206 -25.85 58.74 18.90
CA LYS I 206 -25.54 58.12 17.60
C LYS I 206 -26.29 56.80 17.53
N SER I 207 -27.03 56.59 16.43
CA SER I 207 -27.87 55.42 16.30
C SER I 207 -27.88 54.96 14.85
N PHE I 208 -28.28 53.70 14.65
CA PHE I 208 -28.44 53.15 13.31
C PHE I 208 -29.66 52.23 13.31
N ASN I 209 -30.22 52.02 12.13
CA ASN I 209 -31.31 51.09 11.92
C ASN I 209 -30.75 49.82 11.29
N ARG I 210 -31.00 48.68 11.93
CA ARG I 210 -30.48 47.41 11.44
C ARG I 210 -30.85 47.21 9.98
N GLY I 211 -29.85 47.21 9.10
CA GLY I 211 -30.05 46.90 7.70
C GLY I 211 -29.91 48.04 6.72
N GLU I 212 -29.41 49.20 7.13
CA GLU I 212 -29.29 50.34 6.22
C GLU I 212 -28.02 50.19 5.37
N CYS I 213 -27.68 51.26 4.64
CA CYS I 213 -26.56 51.24 3.71
C CYS I 213 -25.53 52.32 4.05
N CYS J 1 18.89 42.40 56.09
CA CYS J 1 19.46 43.61 55.43
C CYS J 1 18.75 43.85 54.10
N PRO J 2 18.61 45.12 53.70
CA PRO J 2 17.97 45.40 52.40
C PRO J 2 18.74 44.84 51.22
N GLY J 3 19.97 44.37 51.42
CA GLY J 3 20.72 43.77 50.34
C GLY J 3 22.06 43.28 50.85
N LYS J 4 22.81 42.64 49.95
CA LYS J 4 24.12 42.10 50.26
C LYS J 4 25.22 43.03 49.74
N GLY J 5 26.41 42.83 50.28
CA GLY J 5 27.60 43.47 49.73
C GLY J 5 27.56 44.98 49.67
N LEU J 6 27.08 45.62 50.72
CA LEU J 6 27.09 47.07 50.83
C LEU J 6 27.51 47.46 52.23
N PRO J 7 28.04 48.67 52.41
CA PRO J 7 28.57 49.04 53.73
C PRO J 7 27.48 49.24 54.78
N SER J 8 26.44 49.99 54.41
CA SER J 8 25.46 50.45 55.39
C SER J 8 25.03 49.34 56.36
N CYS J 9 25.10 48.08 55.93
CA CYS J 9 24.80 46.96 56.81
C CYS J 9 25.30 45.64 56.23
N GLN K 1 4.56 -36.98 19.74
CA GLN K 1 4.08 -36.31 18.49
C GLN K 1 3.47 -37.38 17.58
N VAL K 2 2.13 -37.39 17.54
CA VAL K 2 1.39 -38.55 17.07
C VAL K 2 1.54 -38.73 15.57
N GLN K 3 1.68 -39.99 15.15
CA GLN K 3 1.89 -40.32 13.75
C GLN K 3 1.24 -41.67 13.46
N LEU K 4 0.49 -41.75 12.36
CA LEU K 4 -0.14 -42.98 11.91
C LEU K 4 0.22 -43.21 10.45
N VAL K 5 0.99 -44.25 10.19
CA VAL K 5 1.41 -44.61 8.83
C VAL K 5 0.79 -45.97 8.50
N GLN K 6 -0.01 -46.01 7.44
CA GLN K 6 -0.72 -47.21 7.04
C GLN K 6 0.02 -47.94 5.93
N SER K 7 -0.46 -49.14 5.63
CA SER K 7 0.10 -49.94 4.54
C SER K 7 -0.37 -49.38 3.19
N GLY K 8 0.25 -49.90 2.12
CA GLY K 8 -0.03 -49.39 0.79
C GLY K 8 -1.30 -49.97 0.19
N ALA K 9 -1.67 -49.41 -0.96
CA ALA K 9 -2.86 -49.84 -1.67
C ALA K 9 -2.74 -51.31 -2.07
N GLU K 10 -3.90 -51.94 -2.28
CA GLU K 10 -3.96 -53.37 -2.57
C GLU K 10 -5.02 -53.65 -3.62
N VAL K 11 -4.73 -54.63 -4.47
CA VAL K 11 -5.70 -55.15 -5.43
C VAL K 11 -6.04 -56.58 -5.00
N LYS K 12 -7.32 -56.91 -4.99
CA LYS K 12 -7.77 -58.21 -4.51
C LYS K 12 -8.84 -58.78 -5.43
N LYS K 13 -8.84 -60.11 -5.54
CA LYS K 13 -9.87 -60.85 -6.25
C LYS K 13 -11.00 -61.22 -5.29
N PRO K 14 -12.23 -61.33 -5.78
CA PRO K 14 -13.35 -61.70 -4.88
C PRO K 14 -13.08 -63.03 -4.20
N GLY K 15 -13.49 -63.11 -2.94
CA GLY K 15 -13.28 -64.30 -2.13
C GLY K 15 -12.02 -64.29 -1.30
N SER K 16 -11.05 -63.44 -1.64
CA SER K 16 -9.82 -63.34 -0.88
C SER K 16 -10.02 -62.46 0.35
N SER K 17 -8.99 -62.42 1.19
CA SER K 17 -8.96 -61.58 2.37
C SER K 17 -7.78 -60.62 2.30
N VAL K 18 -7.96 -59.43 2.86
CA VAL K 18 -6.93 -58.39 2.86
C VAL K 18 -6.67 -57.97 4.30
N LYS K 19 -5.39 -57.84 4.64
CA LYS K 19 -4.95 -57.35 5.94
C LYS K 19 -4.29 -56.00 5.75
N VAL K 20 -4.78 -54.98 6.46
CA VAL K 20 -4.28 -53.62 6.36
C VAL K 20 -3.64 -53.25 7.70
N SER K 21 -2.45 -52.66 7.65
CA SER K 21 -1.69 -52.31 8.83
C SER K 21 -1.74 -50.81 9.08
N CYS K 22 -1.40 -50.42 10.30
CA CYS K 22 -1.38 -49.01 10.70
C CYS K 22 -0.34 -48.86 11.82
N LYS K 23 0.83 -48.37 11.46
CA LYS K 23 1.91 -48.19 12.42
C LYS K 23 1.73 -46.89 13.18
N ALA K 24 1.75 -46.98 14.51
CA ALA K 24 1.53 -45.84 15.39
C ALA K 24 2.83 -45.45 16.07
N SER K 25 3.04 -44.14 16.23
CA SER K 25 4.23 -43.62 16.87
C SER K 25 3.91 -42.27 17.48
N GLY K 26 4.79 -41.82 18.39
CA GLY K 26 4.62 -40.56 19.06
C GLY K 26 3.71 -40.58 20.26
N TYR K 27 3.22 -41.75 20.66
CA TYR K 27 2.36 -41.86 21.83
C TYR K 27 2.41 -43.30 22.32
N THR K 28 2.06 -43.49 23.59
CA THR K 28 2.04 -44.84 24.16
C THR K 28 0.91 -45.63 23.51
N PHE K 29 1.27 -46.68 22.78
CA PHE K 29 0.33 -47.35 21.89
C PHE K 29 -0.87 -47.89 22.64
N THR K 30 -0.66 -48.39 23.86
CA THR K 30 -1.68 -49.16 24.56
C THR K 30 -2.69 -48.30 25.30
N ASN K 31 -2.46 -47.00 25.43
CA ASN K 31 -3.36 -46.12 26.15
C ASN K 31 -4.50 -45.60 25.31
N TYR K 32 -4.58 -45.99 24.04
CA TYR K 32 -5.58 -45.45 23.12
C TYR K 32 -6.20 -46.53 22.27
N PHE K 33 -7.52 -46.44 22.11
CA PHE K 33 -8.21 -47.23 21.09
C PHE K 33 -7.63 -46.91 19.72
N MET K 34 -7.64 -47.90 18.84
CA MET K 34 -7.33 -47.69 17.42
C MET K 34 -8.58 -48.00 16.62
N ASN K 35 -9.19 -46.97 16.07
CA ASN K 35 -10.42 -47.10 15.30
C ASN K 35 -10.10 -47.31 13.83
N TRP K 36 -11.02 -47.98 13.13
CA TRP K 36 -10.91 -48.20 11.69
C TRP K 36 -12.15 -47.66 11.01
N VAL K 37 -11.96 -46.84 9.98
CA VAL K 37 -13.03 -46.20 9.23
C VAL K 37 -12.78 -46.47 7.75
N ARG K 38 -13.87 -46.54 6.98
CA ARG K 38 -13.76 -46.75 5.55
C ARG K 38 -14.70 -45.82 4.82
N GLN K 39 -14.37 -45.54 3.55
CA GLN K 39 -15.18 -44.67 2.71
C GLN K 39 -15.05 -45.17 1.27
N ALA K 40 -16.05 -45.95 0.83
CA ALA K 40 -16.04 -46.48 -0.53
C ALA K 40 -15.97 -45.34 -1.54
N PRO K 41 -15.60 -45.65 -2.80
CA PRO K 41 -15.43 -44.60 -3.81
C PRO K 41 -16.66 -43.71 -3.90
N GLY K 42 -16.51 -42.43 -3.54
CA GLY K 42 -17.62 -41.51 -3.55
C GLY K 42 -18.71 -41.86 -2.56
N GLN K 43 -18.34 -42.40 -1.40
CA GLN K 43 -19.27 -42.81 -0.36
C GLN K 43 -18.98 -42.04 0.93
N GLY K 44 -19.82 -42.29 1.96
CA GLY K 44 -19.69 -41.59 3.22
C GLY K 44 -18.85 -42.36 4.23
N LEU K 45 -18.54 -41.69 5.34
CA LEU K 45 -17.72 -42.29 6.38
C LEU K 45 -18.47 -43.41 7.09
N GLU K 46 -17.83 -44.57 7.23
CA GLU K 46 -18.39 -45.70 7.96
C GLU K 46 -17.41 -46.11 9.05
N TRP K 47 -17.87 -46.15 10.29
CA TRP K 47 -17.07 -46.73 11.37
C TRP K 47 -17.14 -48.26 11.27
N MET K 48 -15.97 -48.90 11.26
CA MET K 48 -15.86 -50.35 11.13
C MET K 48 -15.70 -51.03 12.48
N GLY K 49 -14.75 -50.57 13.29
CA GLY K 49 -14.51 -51.17 14.58
C GLY K 49 -13.33 -50.53 15.24
N ARG K 50 -12.94 -51.09 16.39
CA ARG K 50 -11.79 -50.60 17.12
C ARG K 50 -11.20 -51.74 17.95
N VAL K 51 -9.94 -51.57 18.33
CA VAL K 51 -9.23 -52.53 19.17
C VAL K 51 -8.51 -51.75 20.27
N ASP K 52 -8.62 -52.23 21.50
CA ASP K 52 -7.79 -51.74 22.59
C ASP K 52 -6.51 -52.55 22.59
N PRO K 53 -5.35 -51.94 22.30
CA PRO K 53 -4.12 -52.72 22.17
C PRO K 53 -3.49 -53.15 23.49
N GLU K 54 -4.11 -52.88 24.63
CA GLU K 54 -3.57 -53.36 25.90
C GLU K 54 -3.83 -54.85 26.07
N GLN K 55 -5.10 -55.26 26.06
CA GLN K 55 -5.46 -56.66 26.14
C GLN K 55 -5.90 -57.26 24.81
N GLY K 56 -6.23 -56.42 23.83
CA GLY K 56 -6.60 -56.90 22.51
C GLY K 56 -8.07 -57.09 22.27
N ARG K 57 -8.94 -56.60 23.16
CA ARG K 57 -10.38 -56.70 22.95
C ARG K 57 -10.82 -55.67 21.91
N ALA K 58 -11.79 -56.07 21.08
CA ALA K 58 -12.23 -55.26 19.96
C ALA K 58 -13.75 -55.10 19.99
N ASP K 59 -14.21 -53.99 19.40
CA ASP K 59 -15.63 -53.71 19.24
C ASP K 59 -15.89 -53.41 17.77
N TYR K 60 -16.93 -54.02 17.21
CA TYR K 60 -17.24 -53.91 15.80
C TYR K 60 -18.66 -53.37 15.60
N ALA K 61 -18.87 -52.67 14.50
CA ALA K 61 -20.21 -52.29 14.08
C ALA K 61 -20.96 -53.51 13.56
N GLU K 62 -22.29 -53.45 13.64
CA GLU K 62 -23.10 -54.63 13.34
C GLU K 62 -22.83 -55.15 11.94
N LYS K 63 -22.85 -54.25 10.94
CA LYS K 63 -22.59 -54.67 9.56
C LYS K 63 -21.28 -55.45 9.47
N PHE K 64 -20.26 -54.99 10.18
CA PHE K 64 -18.90 -55.46 10.00
C PHE K 64 -18.50 -56.53 11.00
N LYS K 65 -19.43 -57.05 11.80
CA LYS K 65 -19.08 -58.04 12.79
C LYS K 65 -18.60 -59.34 12.15
N LYS K 66 -19.27 -59.78 11.08
CA LYS K 66 -19.06 -61.14 10.58
C LYS K 66 -17.68 -61.33 9.99
N ARG K 67 -17.21 -60.37 9.19
CA ARG K 67 -16.05 -60.58 8.34
C ARG K 67 -14.81 -59.80 8.73
N VAL K 68 -14.92 -58.82 9.62
CA VAL K 68 -13.80 -57.97 10.00
C VAL K 68 -13.24 -58.45 11.34
N THR K 69 -11.92 -58.66 11.38
CA THR K 69 -11.21 -58.95 12.61
C THR K 69 -10.11 -57.90 12.78
N ILE K 70 -10.17 -57.17 13.88
CA ILE K 70 -9.24 -56.08 14.16
C ILE K 70 -8.33 -56.52 15.30
N THR K 71 -7.02 -56.38 15.10
CA THR K 71 -6.03 -56.85 16.07
C THR K 71 -4.96 -55.78 16.24
N ALA K 72 -4.14 -55.97 17.28
CA ALA K 72 -3.03 -55.07 17.59
C ALA K 72 -1.87 -55.90 18.10
N ASP K 73 -0.65 -55.38 17.92
CA ASP K 73 0.56 -56.16 18.09
C ASP K 73 1.30 -55.87 19.39
N LYS K 74 1.48 -54.60 19.73
CA LYS K 74 2.22 -54.09 20.88
C LYS K 74 3.73 -54.18 20.68
N SER K 75 4.21 -54.82 19.62
CA SER K 75 5.63 -54.87 19.27
C SER K 75 5.83 -53.94 18.08
N THR K 76 6.42 -52.78 18.32
CA THR K 76 6.51 -51.69 17.34
C THR K 76 5.15 -51.10 17.01
N SER K 77 4.15 -51.33 17.86
CA SER K 77 2.92 -50.54 17.89
C SER K 77 2.26 -50.45 16.52
N THR K 78 1.79 -51.61 16.05
CA THR K 78 1.08 -51.72 14.78
C THR K 78 -0.30 -52.32 15.00
N ALA K 79 -1.30 -51.73 14.36
CA ALA K 79 -2.67 -52.21 14.39
C ALA K 79 -3.06 -52.76 13.03
N TYR K 80 -3.94 -53.77 13.04
CA TYR K 80 -4.33 -54.46 11.82
C TYR K 80 -5.85 -54.55 11.71
N MET K 81 -6.32 -54.61 10.47
CA MET K 81 -7.74 -54.81 10.17
C MET K 81 -7.83 -55.75 8.98
N GLU K 82 -8.42 -56.92 9.19
CA GLU K 82 -8.50 -57.95 8.16
C GLU K 82 -9.95 -58.14 7.74
N LEU K 83 -10.20 -58.04 6.44
CA LEU K 83 -11.50 -58.25 5.83
C LEU K 83 -11.45 -59.54 5.02
N SER K 84 -12.36 -60.47 5.32
CA SER K 84 -12.42 -61.76 4.64
C SER K 84 -13.55 -61.78 3.62
N SER K 85 -13.52 -62.79 2.76
CA SER K 85 -14.55 -63.02 1.76
C SER K 85 -14.89 -61.72 1.03
N LEU K 86 -13.89 -61.18 0.35
CA LEU K 86 -14.03 -59.86 -0.27
C LEU K 86 -15.02 -59.90 -1.43
N ARG K 87 -15.62 -58.74 -1.71
CA ARG K 87 -16.51 -58.55 -2.84
C ARG K 87 -16.27 -57.16 -3.42
N SER K 88 -16.87 -56.92 -4.59
CA SER K 88 -16.66 -55.64 -5.26
C SER K 88 -17.13 -54.48 -4.40
N GLU K 89 -18.21 -54.68 -3.63
CA GLU K 89 -18.73 -53.61 -2.78
C GLU K 89 -17.78 -53.25 -1.66
N ASP K 90 -16.76 -54.06 -1.39
CA ASP K 90 -15.75 -53.73 -0.38
C ASP K 90 -14.68 -52.78 -0.92
N THR K 91 -14.73 -52.44 -2.20
CA THR K 91 -13.85 -51.41 -2.75
C THR K 91 -14.00 -50.12 -1.94
N ALA K 92 -12.93 -49.71 -1.27
CA ALA K 92 -13.01 -48.52 -0.44
C ALA K 92 -11.62 -48.13 0.05
N VAL K 93 -11.54 -46.90 0.55
CA VAL K 93 -10.36 -46.43 1.27
C VAL K 93 -10.57 -46.73 2.74
N TYR K 94 -9.55 -47.26 3.39
CA TYR K 94 -9.64 -47.71 4.79
C TYR K 94 -8.67 -46.90 5.63
N TYR K 95 -9.21 -46.16 6.60
CA TYR K 95 -8.41 -45.33 7.49
C TYR K 95 -8.31 -45.96 8.87
N CYS K 96 -7.20 -45.68 9.55
CA CYS K 96 -7.05 -45.92 10.97
C CYS K 96 -7.00 -44.56 11.67
N ALA K 97 -7.82 -44.39 12.71
CA ALA K 97 -7.96 -43.12 13.40
C ALA K 97 -7.61 -43.28 14.87
N ARG K 98 -7.47 -42.14 15.56
CA ARG K 98 -7.10 -42.15 16.97
C ARG K 98 -7.75 -40.95 17.66
N ARG K 99 -7.95 -41.09 18.97
CA ARG K 99 -8.59 -40.06 19.77
C ARG K 99 -7.69 -38.82 19.87
N ALA K 100 -8.31 -37.69 20.24
CA ALA K 100 -7.68 -36.38 20.24
C ALA K 100 -7.18 -35.97 21.62
N MET K 101 -6.67 -36.92 22.40
CA MET K 101 -6.04 -36.63 23.69
C MET K 101 -7.06 -36.19 24.73
N ASP K 102 -7.60 -34.99 24.57
CA ASP K 102 -8.47 -34.37 25.56
C ASP K 102 -9.95 -34.62 25.28
N ASN K 103 -10.29 -35.21 24.15
CA ASN K 103 -11.69 -35.49 23.83
C ASN K 103 -11.76 -36.78 23.03
N TYR K 104 -12.99 -37.32 22.92
CA TYR K 104 -13.22 -38.60 22.26
C TYR K 104 -13.26 -38.52 20.74
N GLY K 105 -13.23 -37.33 20.16
CA GLY K 105 -13.28 -37.21 18.71
C GLY K 105 -12.02 -37.71 18.04
N PHE K 106 -12.18 -38.10 16.78
CA PHE K 106 -11.06 -38.62 15.99
C PHE K 106 -10.28 -37.44 15.41
N ALA K 107 -9.13 -37.12 16.02
CA ALA K 107 -8.29 -36.03 15.55
C ALA K 107 -7.14 -36.50 14.66
N TYR K 108 -6.67 -37.72 14.85
CA TYR K 108 -5.50 -38.23 14.13
C TYR K 108 -5.94 -39.34 13.20
N TRP K 109 -5.63 -39.18 11.91
CA TRP K 109 -5.99 -40.14 10.88
C TRP K 109 -4.75 -40.51 10.09
N GLY K 110 -4.70 -41.77 9.66
CA GLY K 110 -3.70 -42.21 8.71
C GLY K 110 -4.06 -41.77 7.31
N GLN K 111 -3.16 -42.08 6.37
CA GLN K 111 -3.32 -41.56 5.02
C GLN K 111 -4.44 -42.25 4.26
N GLY K 112 -4.88 -43.43 4.71
CA GLY K 112 -5.89 -44.18 3.99
C GLY K 112 -5.27 -45.24 3.10
N THR K 113 -5.87 -46.43 3.07
CA THR K 113 -5.37 -47.54 2.26
C THR K 113 -6.48 -47.98 1.31
N LEU K 114 -6.27 -47.75 0.02
CA LEU K 114 -7.24 -48.15 -0.99
C LEU K 114 -7.13 -49.65 -1.25
N VAL K 115 -8.26 -50.34 -1.14
CA VAL K 115 -8.36 -51.76 -1.48
C VAL K 115 -9.38 -51.88 -2.60
N THR K 116 -8.92 -52.33 -3.77
CA THR K 116 -9.80 -52.54 -4.92
C THR K 116 -10.07 -54.03 -5.07
N VAL K 117 -11.35 -54.40 -5.01
CA VAL K 117 -11.77 -55.79 -5.19
C VAL K 117 -12.35 -55.92 -6.58
N SER K 118 -11.74 -56.77 -7.40
CA SER K 118 -12.23 -57.05 -8.75
C SER K 118 -11.42 -58.21 -9.32
N SER K 119 -12.03 -58.92 -10.26
CA SER K 119 -11.41 -60.09 -10.89
C SER K 119 -10.61 -59.74 -12.15
N ALA K 120 -10.56 -58.47 -12.52
CA ALA K 120 -9.88 -58.07 -13.75
C ALA K 120 -8.38 -57.94 -13.52
N SER K 121 -7.62 -58.05 -14.62
CA SER K 121 -6.18 -58.08 -14.55
C SER K 121 -5.60 -56.67 -14.45
N THR K 122 -4.52 -56.54 -13.68
CA THR K 122 -3.85 -55.26 -13.53
C THR K 122 -3.04 -54.93 -14.77
N LYS K 123 -2.95 -53.63 -15.08
CA LYS K 123 -2.17 -53.16 -16.21
C LYS K 123 -1.70 -51.73 -15.94
N GLY K 124 -0.45 -51.45 -16.27
CA GLY K 124 0.11 -50.14 -16.09
C GLY K 124 -0.33 -49.17 -17.18
N PRO K 125 -0.15 -47.88 -16.94
CA PRO K 125 -0.59 -46.87 -17.91
C PRO K 125 0.47 -46.58 -18.97
N SER K 126 0.01 -45.93 -20.04
CA SER K 126 0.88 -45.32 -21.04
C SER K 126 0.72 -43.80 -20.93
N VAL K 127 1.82 -43.11 -20.69
CA VAL K 127 1.81 -41.67 -20.46
C VAL K 127 2.19 -40.98 -21.77
N PHE K 128 1.35 -40.05 -22.21
CA PHE K 128 1.57 -39.31 -23.44
C PHE K 128 1.60 -37.81 -23.17
N PRO K 129 2.43 -37.06 -23.89
CA PRO K 129 2.50 -35.62 -23.65
C PRO K 129 1.31 -34.87 -24.24
N LEU K 130 0.91 -33.81 -23.54
CA LEU K 130 -0.04 -32.83 -24.04
C LEU K 130 0.74 -31.52 -24.15
N ALA K 131 1.42 -31.34 -25.29
CA ALA K 131 2.39 -30.28 -25.42
C ALA K 131 1.71 -28.92 -25.57
N PRO K 132 2.34 -27.85 -25.10
CA PRO K 132 1.76 -26.51 -25.24
C PRO K 132 1.91 -25.98 -26.66
N SER K 133 1.04 -25.02 -26.98
CA SER K 133 1.03 -24.40 -28.29
C SER K 133 1.51 -22.95 -28.22
N GLY K 139 1.70 -11.55 -18.38
CA GLY K 139 2.81 -12.33 -18.92
C GLY K 139 2.36 -13.17 -20.12
N GLY K 140 1.25 -13.89 -19.93
CA GLY K 140 0.80 -14.86 -20.92
C GLY K 140 0.96 -16.27 -20.39
N THR K 141 -0.14 -17.00 -20.30
CA THR K 141 -0.18 -18.30 -19.64
C THR K 141 -0.35 -19.41 -20.67
N ALA K 142 0.46 -20.46 -20.54
CA ALA K 142 0.39 -21.63 -21.41
C ALA K 142 -0.01 -22.84 -20.58
N ALA K 143 -0.71 -23.78 -21.22
CA ALA K 143 -1.19 -24.99 -20.56
C ALA K 143 -0.55 -26.21 -21.21
N LEU K 144 -0.24 -27.20 -20.38
CA LEU K 144 0.36 -28.44 -20.83
C LEU K 144 -0.05 -29.54 -19.85
N GLY K 145 0.12 -30.79 -20.27
CA GLY K 145 -0.33 -31.88 -19.44
C GLY K 145 0.18 -33.22 -19.93
N CYS K 146 -0.26 -34.26 -19.23
CA CYS K 146 0.08 -35.65 -19.55
C CYS K 146 -1.21 -36.46 -19.63
N LEU K 147 -1.27 -37.37 -20.61
CA LEU K 147 -2.42 -38.25 -20.78
C LEU K 147 -2.03 -39.64 -20.28
N VAL K 148 -2.60 -40.02 -19.14
CA VAL K 148 -2.36 -41.34 -18.55
C VAL K 148 -3.50 -42.24 -19.02
N LYS K 149 -3.17 -43.21 -19.87
CA LYS K 149 -4.16 -43.95 -20.63
C LYS K 149 -4.01 -45.45 -20.45
N ASP K 150 -5.16 -46.14 -20.42
CA ASP K 150 -5.22 -47.60 -20.48
C ASP K 150 -4.45 -48.25 -19.33
N TYR K 151 -4.97 -48.00 -18.12
CA TYR K 151 -4.47 -48.64 -16.91
C TYR K 151 -5.63 -49.26 -16.15
N PHE K 152 -5.30 -50.24 -15.30
CA PHE K 152 -6.29 -50.88 -14.45
C PHE K 152 -5.59 -51.56 -13.30
N PRO K 153 -6.13 -51.48 -12.06
CA PRO K 153 -7.31 -50.73 -11.64
C PRO K 153 -6.95 -49.30 -11.26
N GLU K 154 -7.88 -48.56 -10.64
CA GLU K 154 -7.53 -47.30 -10.02
C GLU K 154 -6.77 -47.58 -8.72
N PRO K 155 -6.03 -46.59 -8.19
CA PRO K 155 -5.87 -45.22 -8.68
C PRO K 155 -4.53 -44.92 -9.33
N VAL K 156 -4.43 -43.75 -9.96
CA VAL K 156 -3.17 -43.19 -10.44
C VAL K 156 -3.01 -41.82 -9.79
N THR K 157 -1.77 -41.50 -9.41
CA THR K 157 -1.45 -40.19 -8.84
C THR K 157 -0.42 -39.52 -9.73
N VAL K 158 -0.57 -38.21 -9.91
CA VAL K 158 0.29 -37.42 -10.78
C VAL K 158 0.85 -36.25 -10.00
N SER K 159 2.16 -36.02 -10.13
CA SER K 159 2.81 -34.82 -9.63
C SER K 159 3.61 -34.20 -10.77
N TRP K 160 3.97 -32.93 -10.60
CA TRP K 160 4.68 -32.18 -11.63
C TRP K 160 5.97 -31.64 -11.04
N ASN K 161 7.09 -31.91 -11.73
CA ASN K 161 8.41 -31.50 -11.27
C ASN K 161 8.66 -31.98 -9.84
N SER K 162 8.27 -33.23 -9.57
CA SER K 162 8.45 -33.84 -8.26
C SER K 162 7.81 -33.00 -7.16
N GLY K 163 6.62 -32.49 -7.44
CA GLY K 163 5.86 -31.73 -6.46
C GLY K 163 6.11 -30.24 -6.48
N ALA K 164 7.12 -29.77 -7.21
CA ALA K 164 7.39 -28.33 -7.24
C ALA K 164 6.19 -27.54 -7.74
N LEU K 165 5.37 -28.14 -8.59
CA LEU K 165 4.17 -27.51 -9.13
C LEU K 165 2.95 -28.23 -8.56
N THR K 166 2.21 -27.55 -7.70
CA THR K 166 0.95 -28.06 -7.20
C THR K 166 -0.21 -27.09 -7.41
N SER K 167 0.01 -25.79 -7.21
CA SER K 167 -1.01 -24.79 -7.48
C SER K 167 -1.13 -24.59 -8.98
N GLY K 168 -2.37 -24.64 -9.49
CA GLY K 168 -2.63 -24.57 -10.90
C GLY K 168 -2.67 -25.90 -11.62
N VAL K 169 -2.28 -26.98 -10.93
CA VAL K 169 -2.39 -28.32 -11.50
C VAL K 169 -3.83 -28.78 -11.39
N HIS K 170 -4.30 -29.50 -12.42
CA HIS K 170 -5.64 -30.10 -12.42
C HIS K 170 -5.50 -31.54 -12.91
N THR K 171 -5.54 -32.49 -11.98
CA THR K 171 -5.55 -33.92 -12.30
C THR K 171 -7.00 -34.38 -12.29
N PHE K 172 -7.50 -34.81 -13.44
CA PHE K 172 -8.92 -35.07 -13.61
C PHE K 172 -9.31 -36.45 -13.10
N PRO K 173 -10.57 -36.63 -12.72
CA PRO K 173 -11.03 -37.97 -12.33
C PRO K 173 -10.88 -38.96 -13.48
N ALA K 174 -10.55 -40.21 -13.14
CA ALA K 174 -10.39 -41.25 -14.14
C ALA K 174 -11.72 -41.54 -14.81
N VAL K 175 -11.65 -41.90 -16.09
CA VAL K 175 -12.82 -42.28 -16.88
C VAL K 175 -12.67 -43.74 -17.29
N LEU K 176 -13.73 -44.52 -17.07
CA LEU K 176 -13.73 -45.92 -17.48
C LEU K 176 -14.11 -46.01 -18.95
N GLN K 177 -13.18 -46.54 -19.76
CA GLN K 177 -13.36 -46.57 -21.20
C GLN K 177 -14.18 -47.79 -21.62
N SER K 178 -14.55 -47.81 -22.91
CA SER K 178 -15.28 -48.94 -23.45
C SER K 178 -14.48 -50.23 -23.31
N SER K 179 -13.15 -50.15 -23.36
CA SER K 179 -12.30 -51.32 -23.23
C SER K 179 -12.26 -51.89 -21.82
N GLY K 180 -12.85 -51.18 -20.84
CA GLY K 180 -12.74 -51.58 -19.46
C GLY K 180 -11.53 -51.03 -18.75
N LEU K 181 -10.67 -50.29 -19.44
CA LEU K 181 -9.49 -49.69 -18.86
C LEU K 181 -9.76 -48.22 -18.54
N TYR K 182 -9.02 -47.70 -17.57
CA TYR K 182 -9.20 -46.32 -17.13
C TYR K 182 -8.30 -45.38 -17.91
N SER K 183 -8.63 -44.09 -17.84
CA SER K 183 -7.83 -43.06 -18.50
C SER K 183 -8.14 -41.72 -17.87
N LEU K 184 -7.09 -40.97 -17.52
CA LEU K 184 -7.22 -39.63 -16.99
C LEU K 184 -6.13 -38.75 -17.58
N SER K 185 -6.31 -37.44 -17.44
CA SER K 185 -5.34 -36.46 -17.90
C SER K 185 -5.04 -35.49 -16.77
N SER K 186 -3.76 -35.12 -16.63
CA SER K 186 -3.33 -34.10 -15.69
C SER K 186 -2.77 -32.92 -16.47
N VAL K 187 -3.28 -31.72 -16.17
CA VAL K 187 -2.86 -30.51 -16.86
C VAL K 187 -2.35 -29.52 -15.81
N VAL K 188 -1.61 -28.53 -16.29
CA VAL K 188 -1.08 -27.47 -15.43
C VAL K 188 -0.86 -26.24 -16.28
N THR K 189 -1.10 -25.07 -15.68
CA THR K 189 -0.89 -23.79 -16.34
C THR K 189 0.38 -23.15 -15.83
N VAL K 190 1.26 -22.75 -16.76
CA VAL K 190 2.55 -22.17 -16.42
C VAL K 190 2.78 -20.94 -17.28
N PRO K 191 3.64 -20.04 -16.81
CA PRO K 191 3.95 -18.84 -17.62
C PRO K 191 4.55 -19.24 -18.96
N SER K 192 4.16 -18.51 -20.02
CA SER K 192 4.69 -18.81 -21.34
C SER K 192 6.18 -18.53 -21.42
N SER K 193 6.68 -17.55 -20.67
CA SER K 193 8.09 -17.21 -20.70
C SER K 193 8.98 -18.32 -20.15
N SER K 194 8.42 -19.24 -19.37
CA SER K 194 9.19 -20.29 -18.73
C SER K 194 9.39 -21.51 -19.61
N LEU K 195 8.82 -21.52 -20.82
CA LEU K 195 8.80 -22.74 -21.62
C LEU K 195 10.16 -23.08 -22.20
N GLY K 196 11.00 -22.07 -22.44
CA GLY K 196 12.32 -22.33 -22.99
C GLY K 196 13.38 -22.59 -21.95
N THR K 197 13.12 -22.19 -20.70
CA THR K 197 14.07 -22.31 -19.62
C THR K 197 13.73 -23.41 -18.63
N GLN K 198 12.45 -23.61 -18.34
CA GLN K 198 12.02 -24.57 -17.32
C GLN K 198 11.49 -25.83 -18.00
N THR K 199 12.06 -26.97 -17.61
CA THR K 199 11.63 -28.27 -18.13
C THR K 199 10.53 -28.82 -17.23
N TYR K 200 9.46 -29.31 -17.85
CA TYR K 200 8.27 -29.75 -17.14
C TYR K 200 8.12 -31.25 -17.31
N ILE K 201 8.06 -31.97 -16.18
CA ILE K 201 8.00 -33.43 -16.17
C ILE K 201 6.86 -33.84 -15.24
N CYS K 202 5.98 -34.71 -15.73
CA CYS K 202 4.88 -35.25 -14.94
C CYS K 202 5.28 -36.61 -14.40
N ASN K 203 5.17 -36.77 -13.07
CA ASN K 203 5.52 -38.01 -12.39
C ASN K 203 4.24 -38.79 -12.15
N VAL K 204 4.12 -39.94 -12.79
CA VAL K 204 2.90 -40.75 -12.76
C VAL K 204 3.20 -42.02 -11.95
N ASN K 205 2.39 -42.27 -10.93
CA ASN K 205 2.51 -43.45 -10.10
C ASN K 205 1.24 -44.28 -10.23
N HIS K 206 1.41 -45.58 -10.47
CA HIS K 206 0.31 -46.56 -10.48
C HIS K 206 0.77 -47.70 -9.59
N LYS K 207 0.52 -47.57 -8.28
CA LYS K 207 0.96 -48.60 -7.34
C LYS K 207 0.44 -49.99 -7.68
N PRO K 208 -0.80 -50.18 -8.11
CA PRO K 208 -1.29 -51.55 -8.36
C PRO K 208 -0.38 -52.35 -9.28
N SER K 209 0.17 -51.73 -10.31
CA SER K 209 1.08 -52.40 -11.23
C SER K 209 2.55 -52.15 -10.91
N ASN K 210 2.84 -51.45 -9.81
CA ASN K 210 4.21 -51.16 -9.41
C ASN K 210 4.97 -50.46 -10.54
N THR K 211 4.35 -49.43 -11.11
CA THR K 211 4.93 -48.68 -12.21
C THR K 211 4.95 -47.20 -11.85
N LYS K 212 6.12 -46.59 -11.97
CA LYS K 212 6.29 -45.14 -11.84
C LYS K 212 6.93 -44.63 -13.12
N VAL K 213 6.38 -43.56 -13.67
CA VAL K 213 6.77 -43.05 -14.97
C VAL K 213 6.98 -41.54 -14.88
N ASP K 214 8.16 -41.09 -15.30
CA ASP K 214 8.45 -39.67 -15.45
C ASP K 214 8.47 -39.36 -16.94
N LYS K 215 7.63 -38.42 -17.37
CA LYS K 215 7.50 -38.06 -18.78
C LYS K 215 7.72 -36.57 -18.94
N LYS K 216 8.68 -36.20 -19.78
CA LYS K 216 8.97 -34.81 -20.09
C LYS K 216 8.04 -34.33 -21.20
N VAL K 217 7.47 -33.14 -21.01
CA VAL K 217 6.57 -32.53 -21.98
C VAL K 217 7.27 -31.30 -22.55
N GLU K 218 7.52 -31.31 -23.85
CA GLU K 218 8.26 -30.26 -24.53
C GLU K 218 7.35 -29.54 -25.52
N PRO K 219 7.67 -28.28 -25.87
CA PRO K 219 6.88 -27.54 -26.85
C PRO K 219 6.90 -28.19 -28.25
N GLU L 1 -29.99 24.43 -32.68
CA GLU L 1 -30.01 24.42 -34.14
C GLU L 1 -28.61 24.10 -34.68
N ILE L 2 -27.60 24.66 -34.03
CA ILE L 2 -26.19 24.35 -34.34
C ILE L 2 -25.54 24.04 -33.00
N VAL L 3 -25.28 22.75 -32.75
CA VAL L 3 -24.67 22.30 -31.51
C VAL L 3 -23.35 21.61 -31.88
N LEU L 4 -22.26 22.08 -31.28
CA LEU L 4 -20.94 21.53 -31.54
C LEU L 4 -20.62 20.47 -30.48
N THR L 5 -20.44 19.24 -30.92
CA THR L 5 -20.12 18.12 -30.04
C THR L 5 -18.64 17.77 -30.22
N GLN L 6 -17.89 17.80 -29.13
CA GLN L 6 -16.46 17.53 -29.14
C GLN L 6 -16.19 16.15 -28.56
N SER L 7 -15.39 15.36 -29.28
CA SER L 7 -14.98 14.05 -28.80
C SER L 7 -13.47 13.90 -28.98
N PRO L 8 -12.77 13.31 -27.99
CA PRO L 8 -13.25 12.85 -26.69
C PRO L 8 -13.30 13.99 -25.67
N ASP L 9 -14.01 13.83 -24.55
CA ASP L 9 -13.95 14.85 -23.51
C ASP L 9 -12.64 14.78 -22.73
N PHE L 10 -12.01 13.62 -22.66
CA PHE L 10 -10.74 13.46 -21.98
C PHE L 10 -9.82 12.58 -22.82
N GLN L 11 -8.52 12.85 -22.74
CA GLN L 11 -7.53 12.08 -23.46
C GLN L 11 -6.18 12.22 -22.78
N SER L 12 -5.46 11.11 -22.64
CA SER L 12 -4.10 11.09 -22.13
C SER L 12 -3.17 10.61 -23.23
N VAL L 13 -2.08 11.32 -23.44
CA VAL L 13 -1.18 11.10 -24.57
C VAL L 13 0.25 11.06 -24.07
N THR L 14 1.02 10.07 -24.50
CA THR L 14 2.45 10.05 -24.22
C THR L 14 3.15 11.10 -25.09
N PRO L 15 4.17 11.78 -24.58
CA PRO L 15 4.85 12.80 -25.40
C PRO L 15 5.41 12.23 -26.69
N LYS L 16 5.40 13.07 -27.73
CA LYS L 16 5.85 12.79 -29.10
C LYS L 16 4.87 11.95 -29.88
N GLU L 17 3.66 11.73 -29.37
CA GLU L 17 2.64 11.00 -30.09
C GLU L 17 1.64 11.98 -30.72
N LYS L 18 0.76 11.43 -31.55
CA LYS L 18 -0.26 12.20 -32.23
C LYS L 18 -1.59 12.09 -31.48
N VAL L 19 -2.30 13.22 -31.40
CA VAL L 19 -3.64 13.25 -30.84
C VAL L 19 -4.52 14.10 -31.76
N THR L 20 -5.72 13.61 -32.04
CA THR L 20 -6.68 14.30 -32.89
C THR L 20 -7.93 14.61 -32.07
N ILE L 21 -8.38 15.86 -32.14
CA ILE L 21 -9.56 16.32 -31.41
C ILE L 21 -10.62 16.64 -32.45
N THR L 22 -11.78 16.02 -32.33
CA THR L 22 -12.88 16.19 -33.28
C THR L 22 -13.95 17.10 -32.70
N CYS L 23 -14.47 17.99 -33.55
CA CYS L 23 -15.57 18.88 -33.19
C CYS L 23 -16.63 18.75 -34.29
N SER L 24 -17.63 17.90 -34.04
CA SER L 24 -18.65 17.58 -35.02
C SER L 24 -19.89 18.44 -34.82
N ALA L 25 -20.70 18.52 -35.87
CA ALA L 25 -21.89 19.36 -35.88
C ALA L 25 -23.07 18.56 -36.41
N ASN L 26 -24.23 19.22 -36.47
CA ASN L 26 -25.44 18.64 -37.03
C ASN L 26 -25.81 19.21 -38.39
N SER L 27 -25.28 20.39 -38.74
CA SER L 27 -25.48 21.00 -40.04
C SER L 27 -24.12 21.32 -40.65
N ALA L 28 -24.09 21.47 -41.98
CA ALA L 28 -22.87 21.84 -42.67
C ALA L 28 -22.46 23.25 -42.28
N LEU L 29 -21.16 23.44 -42.06
CA LEU L 29 -20.64 24.70 -41.54
C LEU L 29 -19.40 25.13 -42.30
N SER L 30 -18.94 26.34 -41.98
CA SER L 30 -17.67 26.87 -42.47
C SER L 30 -17.01 27.66 -41.35
N TYR L 31 -15.69 27.82 -41.46
CA TYR L 31 -14.93 28.75 -40.63
C TYR L 31 -15.04 28.41 -39.14
N MET L 32 -14.44 27.27 -38.80
CA MET L 32 -14.29 26.86 -37.41
C MET L 32 -13.11 27.58 -36.74
N TYR L 33 -13.20 27.71 -35.42
CA TYR L 33 -12.15 28.31 -34.61
C TYR L 33 -11.87 27.44 -33.40
N TRP L 34 -10.64 27.52 -32.87
CA TRP L 34 -10.22 26.71 -31.75
C TRP L 34 -9.49 27.57 -30.72
N TYR L 35 -9.49 27.09 -29.47
CA TYR L 35 -8.87 27.80 -28.37
C TYR L 35 -8.18 26.81 -27.43
N GLN L 36 -7.12 27.28 -26.78
CA GLN L 36 -6.43 26.53 -25.73
C GLN L 36 -6.60 27.27 -24.41
N GLN L 37 -7.06 26.54 -23.39
CA GLN L 37 -7.23 27.10 -22.05
C GLN L 37 -6.52 26.22 -21.04
N LYS L 38 -5.70 26.83 -20.20
CA LYS L 38 -5.03 26.17 -19.10
C LYS L 38 -5.62 26.64 -17.77
N PRO L 39 -5.40 25.88 -16.69
CA PRO L 39 -6.09 26.19 -15.43
C PRO L 39 -5.82 27.61 -14.96
N ASP L 40 -6.86 28.25 -14.42
CA ASP L 40 -6.76 29.59 -13.86
C ASP L 40 -6.31 30.60 -14.91
N GLN L 41 -6.78 30.43 -16.14
CA GLN L 41 -6.44 31.35 -17.22
C GLN L 41 -7.60 31.47 -18.18
N SER L 42 -7.61 32.56 -18.94
CA SER L 42 -8.55 32.73 -20.03
C SER L 42 -8.12 31.89 -21.22
N PRO L 43 -9.06 31.57 -22.12
CA PRO L 43 -8.67 30.83 -23.33
C PRO L 43 -7.79 31.68 -24.24
N LYS L 44 -6.94 30.99 -25.00
CA LYS L 44 -6.09 31.63 -26.00
C LYS L 44 -6.53 31.17 -27.38
N LEU L 45 -6.76 32.13 -28.28
CA LEU L 45 -7.08 31.78 -29.66
C LEU L 45 -5.93 30.96 -30.25
N TRP L 46 -6.27 29.83 -30.86
CA TRP L 46 -5.27 28.89 -31.35
C TRP L 46 -5.26 28.75 -32.86
N VAL L 47 -6.42 28.50 -33.48
CA VAL L 47 -6.53 28.49 -34.93
C VAL L 47 -7.82 29.21 -35.32
N HIS L 48 -7.80 29.81 -36.50
CA HIS L 48 -8.94 30.53 -37.05
C HIS L 48 -9.06 30.20 -38.52
N GLY L 49 -10.27 30.35 -39.06
CA GLY L 49 -10.50 29.97 -40.43
C GLY L 49 -10.34 28.50 -40.70
N THR L 50 -10.44 27.67 -39.66
CA THR L 50 -10.42 26.22 -39.74
C THR L 50 -9.04 25.63 -40.01
N SER L 51 -8.08 26.46 -40.41
CA SER L 51 -6.72 25.94 -40.64
C SER L 51 -5.60 26.88 -40.24
N ASN L 52 -5.84 28.17 -40.03
CA ASN L 52 -4.78 29.13 -39.83
C ASN L 52 -4.43 29.23 -38.35
N LEU L 53 -3.17 28.98 -38.03
CA LEU L 53 -2.71 29.04 -36.64
C LEU L 53 -2.60 30.49 -36.18
N ALA L 54 -2.95 30.73 -34.92
CA ALA L 54 -2.80 32.05 -34.33
C ALA L 54 -1.33 32.31 -34.02
N SER L 55 -1.00 33.59 -33.86
CA SER L 55 0.39 33.99 -33.65
C SER L 55 0.95 33.31 -32.41
N GLY L 56 2.16 32.77 -32.55
CA GLY L 56 2.83 32.09 -31.46
C GLY L 56 2.51 30.61 -31.33
N VAL L 57 1.58 30.09 -32.11
CA VAL L 57 1.22 28.67 -32.03
C VAL L 57 2.24 27.87 -32.83
N PRO L 58 2.87 26.85 -32.23
CA PRO L 58 3.85 26.06 -32.99
C PRO L 58 3.19 25.26 -34.10
N SER L 59 3.98 24.97 -35.13
CA SER L 59 3.46 24.36 -36.35
C SER L 59 3.04 22.91 -36.16
N ARG L 60 3.37 22.27 -35.05
CA ARG L 60 2.91 20.91 -34.81
C ARG L 60 1.40 20.85 -34.61
N PHE L 61 0.78 21.97 -34.24
CA PHE L 61 -0.67 22.07 -34.22
C PHE L 61 -1.19 22.24 -35.65
N SER L 62 -2.26 21.51 -35.97
CA SER L 62 -2.83 21.55 -37.31
C SER L 62 -4.35 21.60 -37.21
N GLY L 63 -4.95 22.61 -37.83
CA GLY L 63 -6.39 22.72 -37.93
C GLY L 63 -6.88 22.28 -39.30
N SER L 64 -8.07 21.68 -39.32
CA SER L 64 -8.64 21.13 -40.55
C SER L 64 -10.11 20.86 -40.31
N GLY L 65 -10.80 20.51 -41.38
CA GLY L 65 -12.20 20.15 -41.30
C GLY L 65 -12.94 20.48 -42.58
N SER L 66 -14.09 19.84 -42.75
CA SER L 66 -14.97 20.10 -43.88
C SER L 66 -16.36 19.61 -43.54
N GLY L 67 -17.37 20.27 -44.11
CA GLY L 67 -18.74 19.89 -43.89
C GLY L 67 -19.16 19.93 -42.43
N THR L 68 -19.38 18.76 -41.85
CA THR L 68 -19.85 18.65 -40.47
C THR L 68 -18.75 18.29 -39.48
N ASP L 69 -17.57 17.88 -39.96
CA ASP L 69 -16.51 17.37 -39.10
C ASP L 69 -15.28 18.25 -39.22
N PHE L 70 -14.78 18.71 -38.07
CA PHE L 70 -13.59 19.55 -38.00
C PHE L 70 -12.66 18.98 -36.94
N THR L 71 -11.35 19.10 -37.17
CA THR L 71 -10.35 18.47 -36.34
C THR L 71 -9.24 19.43 -35.98
N LEU L 72 -8.71 19.26 -34.77
CA LEU L 72 -7.47 19.89 -34.33
C LEU L 72 -6.50 18.77 -33.96
N THR L 73 -5.30 18.81 -34.55
CA THR L 73 -4.35 17.71 -34.42
C THR L 73 -3.03 18.22 -33.85
N ILE L 74 -2.51 17.50 -32.86
CA ILE L 74 -1.17 17.73 -32.33
C ILE L 74 -0.32 16.54 -32.75
N ASN L 75 0.76 16.81 -33.48
CA ASN L 75 1.50 15.74 -34.16
C ASN L 75 2.64 15.18 -33.33
N SER L 76 3.32 16.01 -32.55
CA SER L 76 4.36 15.57 -31.62
C SER L 76 4.08 16.27 -30.29
N LEU L 77 3.26 15.64 -29.45
CA LEU L 77 2.79 16.27 -28.23
C LEU L 77 3.94 16.56 -27.29
N GLU L 78 3.80 17.64 -26.51
CA GLU L 78 4.78 18.07 -25.54
C GLU L 78 4.09 18.33 -24.20
N ALA L 79 4.90 18.45 -23.15
CA ALA L 79 4.37 18.68 -21.82
C ALA L 79 3.46 19.91 -21.79
N GLU L 80 3.92 21.01 -22.40
CA GLU L 80 3.16 22.25 -22.36
C GLU L 80 1.83 22.16 -23.11
N ASP L 81 1.66 21.16 -23.97
CA ASP L 81 0.43 21.07 -24.75
C ASP L 81 -0.77 20.58 -23.93
N ALA L 82 -0.55 20.14 -22.70
CA ALA L 82 -1.67 19.72 -21.85
C ALA L 82 -2.57 20.91 -21.55
N ALA L 83 -3.85 20.78 -21.91
CA ALA L 83 -4.81 21.86 -21.72
C ALA L 83 -6.18 21.35 -22.18
N THR L 84 -7.20 22.18 -21.97
CA THR L 84 -8.55 21.93 -22.47
C THR L 84 -8.73 22.75 -23.74
N TYR L 85 -9.09 22.08 -24.84
CA TYR L 85 -9.21 22.71 -26.14
C TYR L 85 -10.68 22.80 -26.53
N TYR L 86 -11.11 23.99 -26.95
CA TYR L 86 -12.49 24.26 -27.31
C TYR L 86 -12.58 24.63 -28.78
N CYS L 87 -13.71 24.28 -29.40
CA CYS L 87 -14.03 24.71 -30.75
C CYS L 87 -15.15 25.75 -30.70
N HIS L 88 -15.22 26.56 -31.75
CA HIS L 88 -15.99 27.80 -31.73
C HIS L 88 -16.46 28.10 -33.14
N HIS L 89 -17.76 28.37 -33.29
CA HIS L 89 -18.34 28.58 -34.61
C HIS L 89 -19.48 29.59 -34.52
N TRP L 90 -19.71 30.29 -35.63
CA TRP L 90 -20.76 31.30 -35.73
C TRP L 90 -21.82 30.81 -36.70
N SER L 91 -23.01 30.53 -36.18
CA SER L 91 -24.21 30.30 -36.99
C SER L 91 -25.16 31.47 -36.74
N ASN L 92 -25.66 32.06 -37.82
CA ASN L 92 -26.45 33.29 -37.70
C ASN L 92 -27.59 33.09 -36.72
N THR L 93 -27.66 33.94 -35.69
CA THR L 93 -26.84 35.10 -35.38
C THR L 93 -26.22 34.98 -33.98
N GLN L 94 -25.64 33.81 -33.69
CA GLN L 94 -25.03 33.56 -32.41
C GLN L 94 -23.72 32.80 -32.59
N TRP L 95 -22.83 32.96 -31.61
CA TRP L 95 -21.66 32.10 -31.47
C TRP L 95 -22.04 30.88 -30.62
N THR L 96 -21.25 29.82 -30.75
CA THR L 96 -21.44 28.64 -29.92
C THR L 96 -20.10 27.94 -29.72
N PHE L 97 -19.88 27.44 -28.52
CA PHE L 97 -18.64 26.78 -28.15
C PHE L 97 -18.86 25.27 -28.06
N GLY L 98 -17.78 24.52 -28.24
CA GLY L 98 -17.81 23.10 -28.00
C GLY L 98 -17.71 22.77 -26.53
N GLY L 99 -17.96 21.49 -26.21
CA GLY L 99 -17.90 21.07 -24.82
C GLY L 99 -16.52 21.20 -24.22
N GLY L 100 -15.50 20.87 -25.00
CA GLY L 100 -14.12 20.97 -24.54
C GLY L 100 -13.49 19.59 -24.43
N THR L 101 -12.22 19.49 -24.82
CA THR L 101 -11.45 18.26 -24.77
C THR L 101 -10.23 18.49 -23.89
N LYS L 102 -10.17 17.81 -22.74
CA LYS L 102 -9.04 17.92 -21.84
C LYS L 102 -7.94 16.96 -22.27
N VAL L 103 -6.72 17.48 -22.40
CA VAL L 103 -5.56 16.71 -22.82
C VAL L 103 -4.58 16.66 -21.65
N GLU L 104 -4.13 15.45 -21.32
CA GLU L 104 -3.18 15.25 -20.23
C GLU L 104 -2.07 14.33 -20.72
N ILE L 105 -0.97 14.31 -19.97
CA ILE L 105 0.25 13.63 -20.37
C ILE L 105 0.26 12.22 -19.81
N LYS L 106 0.76 11.28 -20.61
CA LYS L 106 1.05 9.94 -20.15
C LYS L 106 2.52 9.85 -19.77
N ARG L 107 2.78 9.33 -18.57
CA ARG L 107 4.14 9.09 -18.11
C ARG L 107 4.21 7.69 -17.50
N THR L 108 5.40 7.29 -17.08
CA THR L 108 5.58 5.99 -16.46
C THR L 108 4.86 5.95 -15.11
N VAL L 109 4.51 4.73 -14.69
CA VAL L 109 3.82 4.57 -13.42
C VAL L 109 4.71 5.04 -12.28
N ALA L 110 4.09 5.65 -11.27
CA ALA L 110 4.81 6.16 -10.11
C ALA L 110 3.95 5.97 -8.87
N ALA L 111 4.51 5.30 -7.87
CA ALA L 111 3.77 5.04 -6.64
C ALA L 111 3.67 6.30 -5.79
N PRO L 112 2.64 6.42 -4.98
CA PRO L 112 2.52 7.59 -4.10
C PRO L 112 3.35 7.44 -2.84
N SER L 113 3.79 8.59 -2.33
CA SER L 113 4.40 8.69 -1.01
C SER L 113 3.32 9.14 -0.03
N VAL L 114 3.02 8.29 0.95
CA VAL L 114 1.83 8.46 1.79
C VAL L 114 2.23 9.08 3.13
N PHE L 115 1.45 10.06 3.57
CA PHE L 115 1.64 10.71 4.86
C PHE L 115 0.28 10.87 5.52
N ILE L 116 0.25 10.74 6.85
CA ILE L 116 -0.96 10.92 7.63
C ILE L 116 -0.70 12.00 8.69
N PHE L 117 -1.65 12.92 8.83
CA PHE L 117 -1.53 14.04 9.76
C PHE L 117 -2.63 13.94 10.82
N PRO L 118 -2.30 13.94 12.10
CA PRO L 118 -3.36 13.97 13.14
C PRO L 118 -3.97 15.35 13.24
N PRO L 119 -5.15 15.47 13.85
CA PRO L 119 -5.74 16.80 14.04
C PRO L 119 -4.94 17.64 15.01
N SER L 120 -4.99 18.95 14.81
CA SER L 120 -4.33 19.89 15.71
C SER L 120 -5.11 20.02 17.00
N ASP L 121 -4.37 20.14 18.12
CA ASP L 121 -5.03 20.35 19.40
C ASP L 121 -5.89 21.61 19.38
N GLU L 122 -5.50 22.61 18.60
CA GLU L 122 -6.31 23.81 18.47
C GLU L 122 -7.67 23.49 17.88
N GLN L 123 -7.71 22.67 16.83
CA GLN L 123 -8.98 22.28 16.25
C GLN L 123 -9.77 21.38 17.18
N LEU L 124 -9.07 20.53 17.94
CA LEU L 124 -9.76 19.62 18.85
C LEU L 124 -10.57 20.40 19.88
N LYS L 125 -10.00 21.48 20.43
CA LYS L 125 -10.71 22.30 21.40
C LYS L 125 -11.88 23.08 20.77
N SER L 126 -11.98 23.12 19.44
CA SER L 126 -13.12 23.74 18.77
C SER L 126 -14.26 22.76 18.55
N GLY L 127 -14.08 21.47 18.86
CA GLY L 127 -15.12 20.49 18.78
C GLY L 127 -15.06 19.57 17.57
N THR L 128 -14.20 19.86 16.60
CA THR L 128 -14.09 19.06 15.40
C THR L 128 -12.66 18.56 15.23
N ALA L 129 -12.52 17.40 14.58
CA ALA L 129 -11.23 16.77 14.34
C ALA L 129 -11.14 16.37 12.87
N SER L 130 -10.16 16.92 12.16
CA SER L 130 -9.90 16.57 10.77
C SER L 130 -8.61 15.76 10.70
N VAL L 131 -8.69 14.57 10.12
CA VAL L 131 -7.54 13.70 9.94
C VAL L 131 -7.24 13.65 8.44
N VAL L 132 -6.01 13.99 8.07
CA VAL L 132 -5.62 14.19 6.69
C VAL L 132 -4.63 13.11 6.28
N CYS L 133 -4.87 12.49 5.13
CA CYS L 133 -3.96 11.54 4.53
C CYS L 133 -3.52 12.07 3.17
N LEU L 134 -2.21 12.06 2.91
CA LEU L 134 -1.64 12.68 1.72
C LEU L 134 -1.02 11.60 0.85
N LEU L 135 -1.49 11.51 -0.39
CA LEU L 135 -0.88 10.68 -1.43
C LEU L 135 -0.19 11.63 -2.42
N ASN L 136 1.13 11.55 -2.51
CA ASN L 136 1.93 12.58 -3.15
C ASN L 136 2.67 12.02 -4.37
N ASN L 137 2.56 12.73 -5.49
CA ASN L 137 3.41 12.53 -6.66
C ASN L 137 3.34 11.08 -7.18
N PHE L 138 2.16 10.75 -7.69
CA PHE L 138 1.92 9.43 -8.25
C PHE L 138 1.28 9.55 -9.63
N TYR L 139 1.46 8.50 -10.43
CA TYR L 139 0.79 8.34 -11.72
C TYR L 139 0.47 6.86 -11.89
N PRO L 140 -0.71 6.52 -12.42
CA PRO L 140 -1.78 7.39 -12.93
C PRO L 140 -2.70 7.97 -11.86
N ARG L 141 -3.75 8.66 -12.31
CA ARG L 141 -4.61 9.41 -11.40
C ARG L 141 -5.31 8.51 -10.39
N GLU L 142 -5.61 7.26 -10.77
CA GLU L 142 -6.49 6.43 -9.98
C GLU L 142 -5.76 5.87 -8.76
N ALA L 143 -6.35 6.08 -7.58
CA ALA L 143 -5.83 5.52 -6.34
C ALA L 143 -7.01 5.29 -5.40
N LYS L 144 -6.86 4.35 -4.48
CA LYS L 144 -7.91 3.97 -3.54
C LYS L 144 -7.40 4.20 -2.13
N VAL L 145 -8.01 5.16 -1.42
CA VAL L 145 -7.70 5.44 -0.02
C VAL L 145 -8.78 4.81 0.84
N GLN L 146 -8.39 4.25 1.98
CA GLN L 146 -9.31 3.58 2.89
C GLN L 146 -8.98 3.96 4.31
N TRP L 147 -10.00 4.34 5.07
CA TRP L 147 -9.86 4.76 6.45
C TRP L 147 -10.31 3.66 7.40
N LYS L 148 -9.54 3.45 8.47
CA LYS L 148 -9.88 2.45 9.47
C LYS L 148 -9.59 3.03 10.85
N VAL L 149 -10.62 3.10 11.69
CA VAL L 149 -10.50 3.57 13.07
C VAL L 149 -10.56 2.34 13.97
N ASP L 150 -9.46 2.04 14.65
CA ASP L 150 -9.36 0.84 15.48
C ASP L 150 -9.77 -0.40 14.68
N ASN L 151 -9.32 -0.47 13.42
CA ASN L 151 -9.56 -1.53 12.47
C ASN L 151 -10.97 -1.49 11.89
N ALA L 152 -11.83 -0.59 12.34
CA ALA L 152 -13.20 -0.49 11.83
C ALA L 152 -13.21 0.39 10.59
N LEU L 153 -13.68 -0.16 9.47
CA LEU L 153 -13.72 0.59 8.23
C LEU L 153 -14.67 1.77 8.36
N GLN L 154 -14.24 2.92 7.84
CA GLN L 154 -15.06 4.12 7.81
C GLN L 154 -15.70 4.29 6.44
N SER L 155 -16.89 4.89 6.43
CA SER L 155 -17.67 4.99 5.20
C SER L 155 -18.50 6.28 5.26
N GLY L 156 -18.25 7.17 4.29
CA GLY L 156 -19.06 8.35 4.10
C GLY L 156 -18.57 9.59 4.80
N ASN L 157 -17.64 9.46 5.76
CA ASN L 157 -17.18 10.58 6.56
C ASN L 157 -15.82 11.10 6.10
N SER L 158 -15.50 10.97 4.81
CA SER L 158 -14.25 11.48 4.27
C SER L 158 -14.50 12.05 2.88
N GLN L 159 -13.66 13.02 2.51
CA GLN L 159 -13.70 13.65 1.20
C GLN L 159 -12.29 13.68 0.62
N GLU L 160 -12.22 13.73 -0.71
CA GLU L 160 -10.94 13.65 -1.41
C GLU L 160 -10.79 14.82 -2.38
N SER L 161 -9.53 15.18 -2.63
CA SER L 161 -9.19 16.20 -3.60
C SER L 161 -7.96 15.73 -4.38
N VAL L 162 -7.89 16.11 -5.65
CA VAL L 162 -6.79 15.72 -6.52
C VAL L 162 -6.27 16.96 -7.24
N THR L 163 -4.96 17.13 -7.23
CA THR L 163 -4.34 18.25 -7.94
C THR L 163 -4.42 18.03 -9.44
N GLU L 164 -4.27 19.12 -10.18
CA GLU L 164 -4.05 19.02 -11.61
C GLU L 164 -2.66 18.43 -11.87
N GLN L 165 -2.49 17.81 -13.03
CA GLN L 165 -1.23 17.17 -13.36
C GLN L 165 -0.08 18.17 -13.23
N ASP L 166 0.94 17.79 -12.47
CA ASP L 166 2.08 18.66 -12.28
C ASP L 166 2.75 18.95 -13.61
N SER L 167 3.10 20.22 -13.83
CA SER L 167 3.65 20.63 -15.11
C SER L 167 5.09 20.16 -15.30
N LYS L 168 5.78 19.78 -14.23
CA LYS L 168 7.19 19.42 -14.29
C LYS L 168 7.42 17.92 -14.37
N ASP L 169 6.79 17.14 -13.49
CA ASP L 169 6.98 15.69 -13.47
C ASP L 169 5.71 14.92 -13.84
N SER L 170 4.62 15.61 -14.16
CA SER L 170 3.41 14.99 -14.67
C SER L 170 2.78 14.02 -13.68
N THR L 171 2.98 14.25 -12.39
CA THR L 171 2.39 13.43 -11.34
C THR L 171 1.17 14.13 -10.74
N TYR L 172 0.38 13.35 -10.02
CA TYR L 172 -0.76 13.84 -9.26
C TYR L 172 -0.50 13.69 -7.77
N SER L 173 -1.25 14.45 -6.98
CA SER L 173 -1.28 14.30 -5.53
C SER L 173 -2.73 14.33 -5.08
N LEU L 174 -3.02 13.60 -4.01
CA LEU L 174 -4.38 13.45 -3.51
C LEU L 174 -4.40 13.61 -2.00
N SER L 175 -5.45 14.24 -1.50
CA SER L 175 -5.67 14.42 -0.07
C SER L 175 -7.02 13.82 0.31
N SER L 176 -7.01 12.93 1.31
CA SER L 176 -8.22 12.36 1.88
C SER L 176 -8.36 12.86 3.31
N THR L 177 -9.49 13.51 3.60
CA THR L 177 -9.71 14.15 4.89
C THR L 177 -10.85 13.43 5.61
N LEU L 178 -10.54 12.83 6.75
CA LEU L 178 -11.53 12.20 7.61
C LEU L 178 -11.96 13.20 8.67
N THR L 179 -13.26 13.46 8.76
CA THR L 179 -13.80 14.47 9.66
C THR L 179 -14.76 13.81 10.64
N LEU L 180 -14.48 13.96 11.93
CA LEU L 180 -15.34 13.46 12.99
C LEU L 180 -15.39 14.48 14.11
N SER L 181 -16.37 14.32 14.99
CA SER L 181 -16.48 15.20 16.14
C SER L 181 -15.37 14.92 17.15
N LYS L 182 -15.13 15.89 18.03
CA LYS L 182 -14.19 15.68 19.12
C LYS L 182 -14.60 14.46 19.94
N ALA L 183 -15.89 14.31 20.21
CA ALA L 183 -16.35 13.16 20.99
C ALA L 183 -16.02 11.86 20.29
N ASP L 184 -16.41 11.73 19.02
CA ASP L 184 -16.16 10.48 18.30
C ASP L 184 -14.67 10.21 18.17
N TYR L 185 -13.87 11.27 17.97
CA TYR L 185 -12.44 11.10 17.81
C TYR L 185 -11.81 10.49 19.05
N GLU L 186 -12.23 10.93 20.23
CA GLU L 186 -11.60 10.51 21.47
C GLU L 186 -12.08 9.15 21.98
N LYS L 187 -13.11 8.56 21.36
CA LYS L 187 -13.49 7.21 21.70
C LYS L 187 -12.56 6.16 21.10
N HIS L 188 -11.67 6.55 20.19
CA HIS L 188 -10.86 5.62 19.42
C HIS L 188 -9.40 6.05 19.46
N LYS L 189 -8.52 5.08 19.22
CA LYS L 189 -7.08 5.28 19.34
C LYS L 189 -6.36 5.16 18.01
N VAL L 190 -6.52 4.04 17.31
CA VAL L 190 -5.74 3.76 16.10
C VAL L 190 -6.47 4.37 14.91
N TYR L 191 -5.76 5.21 14.16
CA TYR L 191 -6.28 5.85 12.95
C TYR L 191 -5.36 5.50 11.80
N ALA L 192 -5.89 4.76 10.82
CA ALA L 192 -5.10 4.20 9.74
C ALA L 192 -5.61 4.66 8.39
N CYS L 193 -4.68 4.96 7.49
CA CYS L 193 -4.98 5.30 6.11
C CYS L 193 -4.29 4.29 5.20
N GLU L 194 -5.07 3.55 4.43
CA GLU L 194 -4.57 2.47 3.59
C GLU L 194 -4.72 2.86 2.12
N VAL L 195 -3.63 2.76 1.37
CA VAL L 195 -3.57 3.24 -0.01
C VAL L 195 -3.31 2.06 -0.93
N THR L 196 -4.09 1.98 -2.00
CA THR L 196 -3.86 1.03 -3.09
C THR L 196 -3.64 1.82 -4.38
N HIS L 197 -2.64 1.42 -5.15
CA HIS L 197 -2.31 2.13 -6.39
C HIS L 197 -1.55 1.18 -7.30
N GLN L 198 -1.64 1.46 -8.61
CA GLN L 198 -1.06 0.55 -9.60
C GLN L 198 0.44 0.38 -9.39
N GLY L 199 1.12 1.45 -8.98
CA GLY L 199 2.55 1.37 -8.74
C GLY L 199 2.95 0.68 -7.46
N LEU L 200 2.00 0.33 -6.61
CA LEU L 200 2.27 -0.39 -5.38
C LEU L 200 1.96 -1.87 -5.59
N SER L 201 2.90 -2.73 -5.20
CA SER L 201 2.70 -4.17 -5.31
C SER L 201 1.83 -4.75 -4.21
N SER L 202 1.56 -3.97 -3.16
CA SER L 202 0.60 -4.35 -2.13
C SER L 202 0.18 -3.09 -1.39
N PRO L 203 -0.96 -3.12 -0.69
CA PRO L 203 -1.43 -1.89 -0.04
C PRO L 203 -0.46 -1.39 1.01
N VAL L 204 -0.48 -0.06 1.20
CA VAL L 204 0.42 0.64 2.11
C VAL L 204 -0.43 1.37 3.14
N THR L 205 -0.11 1.19 4.41
CA THR L 205 -0.88 1.76 5.51
C THR L 205 -0.03 2.74 6.30
N LYS L 206 -0.55 3.94 6.50
CA LYS L 206 0.03 4.93 7.42
C LYS L 206 -0.98 5.17 8.53
N SER L 207 -0.54 5.00 9.78
CA SER L 207 -1.43 5.10 10.92
C SER L 207 -0.71 5.77 12.08
N PHE L 208 -1.49 6.28 13.03
CA PHE L 208 -0.96 6.86 14.25
C PHE L 208 -1.89 6.50 15.40
N ASN L 209 -1.32 6.52 16.60
CA ASN L 209 -2.05 6.27 17.83
C ASN L 209 -2.31 7.62 18.50
N ARG L 210 -3.59 7.93 18.75
CA ARG L 210 -3.97 9.22 19.31
C ARG L 210 -3.10 9.54 20.52
N GLY L 211 -2.27 10.57 20.40
CA GLY L 211 -1.33 10.93 21.43
C GLY L 211 0.09 10.48 21.14
N GLU L 212 0.91 11.41 20.63
CA GLU L 212 2.34 11.17 20.42
C GLU L 212 3.03 12.49 20.14
N CYS L 213 4.09 12.80 20.90
CA CYS L 213 4.82 14.05 20.72
C CYS L 213 6.28 13.91 21.12
N GLU M 1 -29.51 -48.83 16.73
CA GLU M 1 -30.34 -47.64 16.59
C GLU M 1 -29.46 -46.41 16.37
N ILE M 2 -30.10 -45.24 16.35
CA ILE M 2 -29.42 -43.96 16.11
C ILE M 2 -28.99 -43.90 14.66
N VAL M 3 -29.73 -43.15 13.85
CA VAL M 3 -29.33 -42.83 12.48
C VAL M 3 -29.23 -41.31 12.37
N LEU M 4 -28.08 -40.82 11.93
CA LEU M 4 -27.84 -39.39 11.81
C LEU M 4 -28.12 -38.96 10.38
N THR M 5 -29.05 -38.03 10.22
CA THR M 5 -29.50 -37.56 8.91
C THR M 5 -29.03 -36.12 8.72
N GLN M 6 -28.23 -35.89 7.69
CA GLN M 6 -27.76 -34.56 7.31
C GLN M 6 -28.61 -34.07 6.15
N SER M 7 -29.33 -32.97 6.34
CA SER M 7 -30.44 -32.61 5.46
C SER M 7 -29.98 -32.23 4.06
N PRO M 8 -29.27 -31.11 3.86
CA PRO M 8 -28.83 -30.76 2.50
C PRO M 8 -27.61 -31.59 2.11
N ASP M 9 -27.82 -32.58 1.23
CA ASP M 9 -26.69 -33.32 0.69
C ASP M 9 -25.73 -32.40 -0.06
N PHE M 10 -26.23 -31.26 -0.55
CA PHE M 10 -25.42 -30.28 -1.24
C PHE M 10 -25.97 -28.90 -0.92
N GLN M 11 -25.10 -27.89 -0.95
CA GLN M 11 -25.51 -26.52 -0.65
C GLN M 11 -24.50 -25.57 -1.27
N SER M 12 -24.98 -24.61 -2.05
CA SER M 12 -24.13 -23.61 -2.69
C SER M 12 -24.49 -22.24 -2.12
N VAL M 13 -23.48 -21.53 -1.63
CA VAL M 13 -23.67 -20.28 -0.90
C VAL M 13 -22.64 -19.26 -1.37
N THR M 14 -23.08 -18.02 -1.53
CA THR M 14 -22.18 -16.95 -1.93
C THR M 14 -21.19 -16.65 -0.80
N PRO M 15 -19.94 -16.29 -1.14
CA PRO M 15 -18.98 -15.95 -0.08
C PRO M 15 -19.46 -14.78 0.77
N LYS M 16 -19.04 -14.79 2.04
CA LYS M 16 -19.37 -13.81 3.07
C LYS M 16 -20.78 -14.01 3.62
N GLU M 17 -21.49 -15.04 3.19
CA GLU M 17 -22.83 -15.32 3.69
C GLU M 17 -22.80 -16.45 4.72
N LYS M 18 -23.94 -16.66 5.36
CA LYS M 18 -24.08 -17.68 6.39
C LYS M 18 -24.61 -18.97 5.79
N VAL M 19 -24.06 -20.09 6.25
CA VAL M 19 -24.54 -21.42 5.87
C VAL M 19 -24.71 -22.24 7.13
N THR M 20 -25.83 -22.94 7.24
CA THR M 20 -26.14 -23.77 8.40
C THR M 20 -26.35 -25.20 7.95
N ILE M 21 -25.69 -26.14 8.64
CA ILE M 21 -25.75 -27.56 8.33
C ILE M 21 -26.43 -28.26 9.48
N THR M 22 -27.49 -29.01 9.18
CA THR M 22 -28.27 -29.71 10.19
C THR M 22 -27.93 -31.20 10.19
N CYS M 23 -27.77 -31.77 11.38
CA CYS M 23 -27.56 -33.20 11.56
C CYS M 23 -28.58 -33.68 12.60
N SER M 24 -29.69 -34.22 12.12
CA SER M 24 -30.80 -34.62 12.97
C SER M 24 -30.73 -36.11 13.28
N ALA M 25 -31.36 -36.49 14.38
CA ALA M 25 -31.36 -37.85 14.89
C ALA M 25 -32.80 -38.33 15.07
N ASN M 26 -32.92 -39.56 15.58
CA ASN M 26 -34.22 -40.13 15.95
C ASN M 26 -34.40 -40.29 17.45
N SER M 27 -33.30 -40.35 18.21
CA SER M 27 -33.33 -40.33 19.66
C SER M 27 -32.53 -39.15 20.18
N ALA M 28 -32.91 -38.65 21.36
CA ALA M 28 -32.16 -37.57 21.98
C ALA M 28 -30.80 -38.09 22.44
N LEU M 29 -29.76 -37.30 22.19
CA LEU M 29 -28.39 -37.74 22.42
C LEU M 29 -27.51 -36.52 22.68
N SER M 30 -26.26 -36.79 23.01
CA SER M 30 -25.34 -35.74 23.44
C SER M 30 -23.98 -35.90 22.78
N TYR M 31 -23.18 -34.85 22.86
CA TYR M 31 -21.77 -34.83 22.45
C TYR M 31 -21.61 -35.19 20.98
N MET M 32 -22.12 -34.28 20.15
CA MET M 32 -21.97 -34.34 18.70
C MET M 32 -20.57 -33.93 18.28
N TYR M 33 -20.07 -34.57 17.22
CA TYR M 33 -18.78 -34.26 16.63
C TYR M 33 -18.94 -33.99 15.14
N TRP M 34 -18.03 -33.19 14.58
CA TRP M 34 -18.09 -32.80 13.18
C TRP M 34 -16.71 -32.92 12.55
N TYR M 35 -16.69 -33.10 11.22
CA TYR M 35 -15.47 -33.25 10.46
C TYR M 35 -15.57 -32.48 9.15
N GLN M 36 -14.41 -32.04 8.65
CA GLN M 36 -14.29 -31.45 7.33
C GLN M 36 -13.38 -32.34 6.48
N GLN M 37 -13.86 -32.72 5.30
CA GLN M 37 -13.09 -33.54 4.37
C GLN M 37 -13.10 -32.90 3.00
N LYS M 38 -11.92 -32.76 2.41
CA LYS M 38 -11.75 -32.36 1.02
C LYS M 38 -11.41 -33.57 0.16
N PRO M 39 -11.62 -33.50 -1.14
CA PRO M 39 -11.41 -34.67 -1.99
C PRO M 39 -9.98 -35.20 -1.89
N ASP M 40 -9.85 -36.53 -1.92
CA ASP M 40 -8.56 -37.19 -1.90
C ASP M 40 -7.77 -36.87 -0.63
N GLN M 41 -8.49 -36.74 0.47
CA GLN M 41 -7.85 -36.45 1.75
C GLN M 41 -8.62 -37.15 2.87
N SER M 42 -7.94 -37.32 4.00
CA SER M 42 -8.60 -37.80 5.21
C SER M 42 -9.42 -36.68 5.83
N PRO M 43 -10.45 -37.03 6.59
CA PRO M 43 -11.22 -35.99 7.30
C PRO M 43 -10.38 -35.33 8.38
N LYS M 44 -10.75 -34.09 8.69
CA LYS M 44 -10.14 -33.32 9.77
C LYS M 44 -11.18 -33.08 10.85
N LEU M 45 -10.81 -33.36 12.10
CA LEU M 45 -11.70 -33.04 13.21
C LEU M 45 -11.93 -31.54 13.25
N TRP M 46 -13.20 -31.15 13.32
CA TRP M 46 -13.59 -29.74 13.24
C TRP M 46 -14.25 -29.26 14.51
N VAL M 47 -15.19 -30.01 15.06
CA VAL M 47 -15.92 -29.61 16.27
C VAL M 47 -16.05 -30.83 17.17
N HIS M 48 -15.97 -30.60 18.48
CA HIS M 48 -16.13 -31.65 19.47
C HIS M 48 -16.92 -31.10 20.64
N GLY M 49 -17.58 -32.01 21.37
CA GLY M 49 -18.45 -31.59 22.46
C GLY M 49 -19.64 -30.80 22.00
N THR M 50 -19.98 -30.87 20.71
CA THR M 50 -21.13 -30.21 20.11
C THR M 50 -20.94 -28.71 19.96
N SER M 51 -19.90 -28.14 20.60
CA SER M 51 -19.67 -26.70 20.45
C SER M 51 -18.19 -26.30 20.39
N ASN M 52 -17.26 -27.16 20.76
CA ASN M 52 -15.86 -26.77 20.87
C ASN M 52 -15.14 -26.99 19.55
N LEU M 53 -14.50 -25.94 19.06
CA LEU M 53 -13.76 -26.03 17.81
C LEU M 53 -12.43 -26.74 18.02
N ALA M 54 -12.05 -27.55 17.03
CA ALA M 54 -10.76 -28.22 17.07
C ALA M 54 -9.63 -27.22 16.75
N SER M 55 -8.43 -27.58 17.16
CA SER M 55 -7.29 -26.68 17.01
C SER M 55 -7.10 -26.31 15.55
N GLY M 56 -6.90 -25.01 15.30
CA GLY M 56 -6.71 -24.50 13.97
C GLY M 56 -7.97 -24.11 13.23
N VAL M 57 -9.13 -24.40 13.79
CA VAL M 57 -10.40 -24.08 13.12
C VAL M 57 -10.73 -22.61 13.37
N PRO M 58 -10.96 -21.81 12.33
CA PRO M 58 -11.28 -20.39 12.55
C PRO M 58 -12.60 -20.23 13.28
N SER M 59 -12.70 -19.12 14.03
CA SER M 59 -13.84 -18.91 14.91
C SER M 59 -15.15 -18.65 14.18
N ARG M 60 -15.11 -18.42 12.86
CA ARG M 60 -16.35 -18.24 12.12
C ARG M 60 -17.16 -19.53 12.06
N PHE M 61 -16.53 -20.69 12.25
CA PHE M 61 -17.25 -21.94 12.42
C PHE M 61 -17.85 -22.01 13.81
N SER M 62 -19.09 -22.46 13.90
CA SER M 62 -19.80 -22.55 15.18
C SER M 62 -20.55 -23.87 15.24
N GLY M 63 -20.28 -24.64 16.29
CA GLY M 63 -21.03 -25.86 16.56
C GLY M 63 -22.07 -25.62 17.63
N SER M 64 -23.20 -26.31 17.50
CA SER M 64 -24.32 -26.12 18.42
C SER M 64 -25.29 -27.28 18.25
N GLY M 65 -26.27 -27.35 19.13
CA GLY M 65 -27.31 -28.34 19.05
C GLY M 65 -27.80 -28.76 20.42
N SER M 66 -28.96 -29.42 20.43
CA SER M 66 -29.54 -29.95 21.65
C SER M 66 -30.58 -30.99 21.28
N GLY M 67 -30.77 -31.95 22.18
CA GLY M 67 -31.78 -32.98 21.97
C GLY M 67 -31.56 -33.78 20.70
N THR M 68 -32.43 -33.58 19.72
CA THR M 68 -32.39 -34.33 18.47
C THR M 68 -31.77 -33.56 17.32
N ASP M 69 -31.56 -32.25 17.46
CA ASP M 69 -31.09 -31.40 16.38
C ASP M 69 -29.73 -30.82 16.72
N PHE M 70 -28.78 -30.94 15.80
CA PHE M 70 -27.45 -30.37 15.95
C PHE M 70 -27.06 -29.66 14.66
N THR M 71 -26.28 -28.58 14.81
CA THR M 71 -26.02 -27.68 13.70
C THR M 71 -24.54 -27.28 13.67
N LEU M 72 -24.00 -27.19 12.46
CA LEU M 72 -22.70 -26.59 12.21
C LEU M 72 -22.93 -25.38 11.31
N THR M 73 -22.46 -24.21 11.76
CA THR M 73 -22.73 -22.95 11.07
C THR M 73 -21.41 -22.30 10.68
N ILE M 74 -21.36 -21.81 9.44
CA ILE M 74 -20.22 -21.04 8.94
C ILE M 74 -20.68 -19.61 8.72
N ASN M 75 -20.08 -18.67 9.44
CA ASN M 75 -20.34 -17.26 9.27
C ASN M 75 -19.29 -16.65 8.35
N SER M 76 -19.74 -15.84 7.40
CA SER M 76 -18.84 -15.23 6.42
C SER M 76 -18.03 -16.30 5.70
N LEU M 77 -18.75 -17.16 4.97
CA LEU M 77 -18.11 -18.24 4.23
C LEU M 77 -16.95 -17.71 3.40
N GLU M 78 -15.97 -18.59 3.17
CA GLU M 78 -14.79 -18.27 2.38
C GLU M 78 -14.52 -19.38 1.39
N ALA M 79 -13.60 -19.12 0.46
CA ALA M 79 -13.28 -20.09 -0.58
C ALA M 79 -12.81 -21.41 0.02
N GLU M 80 -11.93 -21.35 1.02
CA GLU M 80 -11.35 -22.56 1.59
C GLU M 80 -12.38 -23.41 2.32
N ASP M 81 -13.54 -22.85 2.67
CA ASP M 81 -14.54 -23.59 3.43
C ASP M 81 -15.29 -24.62 2.59
N ALA M 82 -15.07 -24.64 1.27
CA ALA M 82 -15.72 -25.64 0.43
C ALA M 82 -15.22 -27.02 0.79
N ALA M 83 -16.14 -27.91 1.17
CA ALA M 83 -15.78 -29.26 1.56
C ALA M 83 -17.07 -30.03 1.88
N THR M 84 -16.92 -31.32 2.14
CA THR M 84 -18.01 -32.15 2.63
C THR M 84 -17.87 -32.30 4.14
N TYR M 85 -18.92 -31.95 4.87
CA TYR M 85 -18.90 -31.93 6.33
C TYR M 85 -19.75 -33.07 6.87
N TYR M 86 -19.18 -33.82 7.81
CA TYR M 86 -19.84 -34.98 8.41
C TYR M 86 -20.06 -34.75 9.89
N CYS M 87 -21.11 -35.37 10.43
CA CYS M 87 -21.39 -35.38 11.85
C CYS M 87 -21.21 -36.80 12.40
N HIS M 88 -20.80 -36.89 13.65
CA HIS M 88 -20.32 -38.14 14.22
C HIS M 88 -20.72 -38.23 15.69
N HIS M 89 -21.34 -39.35 16.07
CA HIS M 89 -21.82 -39.56 17.44
C HIS M 89 -21.60 -41.01 17.84
N TRP M 90 -21.43 -41.22 19.15
CA TRP M 90 -21.24 -42.54 19.73
C TRP M 90 -22.51 -42.97 20.44
N SER M 91 -23.10 -44.07 19.99
CA SER M 91 -24.29 -44.63 20.59
C SER M 91 -24.08 -46.12 20.85
N ASN M 92 -24.73 -46.62 21.92
CA ASN M 92 -24.72 -48.05 22.23
C ASN M 92 -23.27 -48.48 22.41
N THR M 93 -22.73 -49.34 21.55
CA THR M 93 -21.31 -49.64 21.52
C THR M 93 -20.77 -49.48 20.11
N GLN M 94 -21.17 -48.41 19.43
CA GLN M 94 -20.80 -48.18 18.05
C GLN M 94 -20.78 -46.68 17.76
N TRP M 95 -19.92 -46.28 16.84
CA TRP M 95 -19.94 -44.96 16.26
C TRP M 95 -20.86 -44.94 15.04
N THR M 96 -21.33 -43.75 14.68
CA THR M 96 -22.16 -43.60 13.49
C THR M 96 -21.93 -42.23 12.89
N PHE M 97 -21.81 -42.18 11.57
CA PHE M 97 -21.56 -40.95 10.83
C PHE M 97 -22.83 -40.45 10.15
N GLY M 98 -22.85 -39.15 9.87
CA GLY M 98 -23.90 -38.59 9.05
C GLY M 98 -23.65 -38.84 7.57
N GLY M 99 -24.70 -38.59 6.77
CA GLY M 99 -24.58 -38.82 5.34
C GLY M 99 -23.52 -37.93 4.70
N GLY M 100 -23.42 -36.69 5.15
CA GLY M 100 -22.44 -35.76 4.62
C GLY M 100 -23.14 -34.66 3.84
N THR M 101 -22.64 -33.44 3.98
CA THR M 101 -23.17 -32.27 3.29
C THR M 101 -22.04 -31.59 2.54
N LYS M 102 -22.15 -31.57 1.21
CA LYS M 102 -21.17 -30.89 0.38
C LYS M 102 -21.50 -29.40 0.29
N VAL M 103 -20.50 -28.57 0.56
CA VAL M 103 -20.66 -27.12 0.55
C VAL M 103 -19.88 -26.56 -0.63
N GLU M 104 -20.55 -25.81 -1.48
CA GLU M 104 -19.95 -25.17 -2.64
C GLU M 104 -20.07 -23.66 -2.51
N ILE M 105 -19.06 -22.95 -3.00
CA ILE M 105 -19.03 -21.50 -2.96
C ILE M 105 -19.70 -20.97 -4.23
N LYS M 106 -20.66 -20.06 -4.05
CA LYS M 106 -21.35 -19.45 -5.18
C LYS M 106 -20.53 -18.24 -5.64
N ARG M 107 -19.42 -18.55 -6.32
CA ARG M 107 -18.47 -17.57 -6.82
C ARG M 107 -19.06 -16.83 -8.02
N THR M 108 -18.48 -15.66 -8.30
CA THR M 108 -18.89 -14.90 -9.46
C THR M 108 -18.69 -15.71 -10.73
N VAL M 109 -19.44 -15.35 -11.77
CA VAL M 109 -19.34 -16.06 -13.04
C VAL M 109 -17.93 -15.91 -13.61
N ALA M 110 -17.43 -16.98 -14.21
CA ALA M 110 -16.11 -16.96 -14.83
C ALA M 110 -16.14 -17.85 -16.06
N ALA M 111 -15.85 -17.26 -17.22
CA ALA M 111 -15.84 -18.03 -18.45
C ALA M 111 -14.61 -18.92 -18.52
N PRO M 112 -14.69 -20.06 -19.23
CA PRO M 112 -13.55 -20.96 -19.30
C PRO M 112 -12.50 -20.51 -20.30
N SER M 113 -11.26 -20.90 -20.04
CA SER M 113 -10.16 -20.76 -20.98
C SER M 113 -10.02 -22.11 -21.69
N VAL M 114 -10.30 -22.11 -22.99
CA VAL M 114 -10.44 -23.35 -23.76
C VAL M 114 -9.16 -23.61 -24.54
N PHE M 115 -8.60 -24.81 -24.37
CA PHE M 115 -7.41 -25.24 -25.10
C PHE M 115 -7.67 -26.62 -25.68
N ILE M 116 -7.04 -26.87 -26.83
CA ILE M 116 -7.22 -28.13 -27.56
C ILE M 116 -5.83 -28.70 -27.85
N PHE M 117 -5.66 -30.00 -27.59
CA PHE M 117 -4.38 -30.68 -27.73
C PHE M 117 -4.49 -31.79 -28.78
N PRO M 118 -3.63 -31.80 -29.79
CA PRO M 118 -3.63 -32.91 -30.75
C PRO M 118 -2.99 -34.15 -30.13
N PRO M 119 -3.12 -35.30 -30.79
CA PRO M 119 -2.42 -36.50 -30.31
C PRO M 119 -0.91 -36.35 -30.42
N SER M 120 -0.21 -37.18 -29.65
CA SER M 120 1.18 -36.93 -29.28
C SER M 120 2.23 -37.39 -30.29
N ASP M 121 1.82 -38.08 -31.37
CA ASP M 121 2.75 -38.66 -32.34
C ASP M 121 3.46 -39.87 -31.76
N GLU M 122 3.30 -40.11 -30.46
CA GLU M 122 3.70 -41.35 -29.81
C GLU M 122 2.52 -42.29 -29.63
N GLN M 123 1.35 -41.73 -29.34
CA GLN M 123 0.12 -42.50 -29.34
C GLN M 123 -0.33 -42.86 -30.76
N LEU M 124 -0.07 -41.97 -31.73
CA LEU M 124 -0.46 -42.25 -33.10
C LEU M 124 0.19 -43.52 -33.62
N LYS M 125 1.49 -43.69 -33.37
CA LYS M 125 2.17 -44.90 -33.83
C LYS M 125 1.76 -46.13 -33.05
N SER M 126 0.98 -45.97 -31.98
CA SER M 126 0.38 -47.11 -31.28
C SER M 126 -0.99 -47.49 -31.84
N GLY M 127 -1.54 -46.71 -32.78
CA GLY M 127 -2.78 -47.05 -33.44
C GLY M 127 -4.00 -46.30 -32.98
N THR M 128 -3.91 -45.55 -31.88
CA THR M 128 -5.04 -44.81 -31.34
C THR M 128 -4.69 -43.33 -31.28
N ALA M 129 -5.72 -42.48 -31.37
CA ALA M 129 -5.56 -41.03 -31.32
C ALA M 129 -6.55 -40.47 -30.31
N SER M 130 -6.04 -39.79 -29.29
CA SER M 130 -6.85 -39.09 -28.30
C SER M 130 -6.71 -37.60 -28.52
N VAL M 131 -7.83 -36.90 -28.72
CA VAL M 131 -7.86 -35.46 -28.89
C VAL M 131 -8.49 -34.87 -27.63
N VAL M 132 -7.75 -33.99 -26.95
CA VAL M 132 -8.11 -33.49 -25.63
C VAL M 132 -8.47 -32.02 -25.74
N CYS M 133 -9.61 -31.65 -25.15
CA CYS M 133 -10.05 -30.27 -25.04
C CYS M 133 -10.15 -29.91 -23.56
N LEU M 134 -9.58 -28.78 -23.18
CA LEU M 134 -9.47 -28.37 -21.79
C LEU M 134 -10.26 -27.09 -21.56
N LEU M 135 -11.29 -27.16 -20.72
CA LEU M 135 -12.01 -25.99 -20.23
C LEU M 135 -11.52 -25.71 -18.82
N ASN M 136 -10.88 -24.55 -18.63
CA ASN M 136 -10.09 -24.27 -17.44
C ASN M 136 -10.68 -23.11 -16.66
N ASN M 137 -10.85 -23.30 -15.35
CA ASN M 137 -11.08 -22.23 -14.39
C ASN M 137 -12.33 -21.41 -14.75
N PHE M 138 -13.47 -22.08 -14.66
CA PHE M 138 -14.76 -21.47 -14.95
C PHE M 138 -15.74 -21.72 -13.82
N TYR M 139 -16.72 -20.82 -13.70
CA TYR M 139 -17.85 -20.97 -12.80
C TYR M 139 -19.08 -20.40 -13.51
N PRO M 140 -20.25 -21.05 -13.40
CA PRO M 140 -20.56 -22.25 -12.60
C PRO M 140 -20.16 -23.57 -13.27
N ARG M 141 -20.56 -24.68 -12.64
CA ARG M 141 -20.11 -26.00 -13.06
C ARG M 141 -20.61 -26.37 -14.44
N GLU M 142 -21.80 -25.92 -14.82
CA GLU M 142 -22.42 -26.38 -16.06
C GLU M 142 -21.65 -25.85 -17.27
N ALA M 143 -21.31 -26.75 -18.18
CA ALA M 143 -20.70 -26.41 -19.45
C ALA M 143 -21.01 -27.52 -20.44
N LYS M 144 -20.96 -27.17 -21.73
CA LYS M 144 -21.26 -28.11 -22.80
C LYS M 144 -20.16 -28.07 -23.83
N VAL M 145 -19.53 -29.22 -24.07
CA VAL M 145 -18.48 -29.37 -25.08
C VAL M 145 -19.07 -30.12 -26.27
N GLN M 146 -18.72 -29.68 -27.48
CA GLN M 146 -19.17 -30.31 -28.70
C GLN M 146 -17.98 -30.50 -29.64
N TRP M 147 -17.89 -31.67 -30.25
CA TRP M 147 -16.79 -32.03 -31.13
C TRP M 147 -17.25 -32.03 -32.57
N LYS M 148 -16.39 -31.53 -33.47
CA LYS M 148 -16.69 -31.49 -34.90
C LYS M 148 -15.42 -31.83 -35.67
N VAL M 149 -15.49 -32.89 -36.47
CA VAL M 149 -14.38 -33.32 -37.31
C VAL M 149 -14.72 -32.91 -38.73
N ASP M 150 -13.95 -31.97 -39.29
CA ASP M 150 -14.24 -31.40 -40.59
C ASP M 150 -15.68 -30.88 -40.64
N ASN M 151 -16.12 -30.28 -39.53
CA ASN M 151 -17.43 -29.70 -39.33
C ASN M 151 -18.51 -30.76 -39.10
N ALA M 152 -18.19 -32.04 -39.19
CA ALA M 152 -19.17 -33.09 -38.93
C ALA M 152 -19.25 -33.35 -37.43
N LEU M 153 -20.45 -33.22 -36.88
CA LEU M 153 -20.64 -33.39 -35.45
C LEU M 153 -20.32 -34.81 -35.02
N GLN M 154 -19.60 -34.95 -33.92
CA GLN M 154 -19.30 -36.24 -33.33
C GLN M 154 -20.28 -36.51 -32.19
N SER M 155 -20.59 -37.79 -31.99
CA SER M 155 -21.58 -38.18 -30.99
C SER M 155 -21.19 -39.53 -30.39
N GLY M 156 -20.94 -39.54 -29.09
CA GLY M 156 -20.72 -40.77 -28.35
C GLY M 156 -19.27 -41.18 -28.21
N ASN M 157 -18.38 -40.66 -29.05
CA ASN M 157 -16.97 -41.07 -29.03
C ASN M 157 -16.10 -40.14 -28.18
N SER M 158 -16.70 -39.49 -27.18
CA SER M 158 -15.95 -38.61 -26.29
C SER M 158 -16.45 -38.80 -24.86
N GLN M 159 -15.56 -38.54 -23.90
CA GLN M 159 -15.87 -38.64 -22.49
C GLN M 159 -15.31 -37.41 -21.78
N GLU M 160 -15.90 -37.09 -20.62
CA GLU M 160 -15.60 -35.86 -19.93
C GLU M 160 -15.27 -36.13 -18.46
N SER M 161 -14.52 -35.19 -17.87
CA SER M 161 -14.18 -35.20 -16.46
C SER M 161 -14.24 -33.78 -15.94
N VAL M 162 -14.60 -33.64 -14.66
CA VAL M 162 -14.70 -32.34 -14.01
C VAL M 162 -13.99 -32.40 -12.67
N THR M 163 -13.16 -31.40 -12.39
CA THR M 163 -12.52 -31.30 -11.09
C THR M 163 -13.51 -30.81 -10.04
N GLU M 164 -13.19 -31.10 -8.79
CA GLU M 164 -13.92 -30.49 -7.69
C GLU M 164 -13.55 -29.02 -7.57
N GLN M 165 -14.43 -28.25 -6.93
CA GLN M 165 -14.23 -26.81 -6.85
C GLN M 165 -12.87 -26.49 -6.26
N ASP M 166 -12.11 -25.65 -6.98
CA ASP M 166 -10.78 -25.27 -6.52
C ASP M 166 -10.85 -24.56 -5.19
N SER M 167 -9.95 -24.93 -4.28
CA SER M 167 -9.99 -24.39 -2.93
C SER M 167 -9.55 -22.94 -2.85
N LYS M 168 -8.88 -22.43 -3.89
CA LYS M 168 -8.30 -21.09 -3.85
C LYS M 168 -9.13 -20.07 -4.60
N ASP M 169 -9.57 -20.38 -5.83
CA ASP M 169 -10.36 -19.45 -6.63
C ASP M 169 -11.79 -19.94 -6.88
N SER M 170 -12.15 -21.11 -6.36
CA SER M 170 -13.52 -21.61 -6.41
C SER M 170 -14.00 -21.84 -7.84
N THR M 171 -13.08 -22.16 -8.75
CA THR M 171 -13.42 -22.47 -10.13
C THR M 171 -13.37 -23.97 -10.38
N TYR M 172 -13.95 -24.38 -11.50
CA TYR M 172 -13.87 -25.76 -11.97
C TYR M 172 -13.07 -25.81 -13.26
N SER M 173 -12.62 -27.02 -13.60
CA SER M 173 -12.00 -27.29 -14.90
C SER M 173 -12.54 -28.60 -15.43
N LEU M 174 -12.61 -28.71 -16.75
CA LEU M 174 -13.22 -29.85 -17.42
C LEU M 174 -12.35 -30.29 -18.59
N SER M 175 -12.27 -31.59 -18.79
CA SER M 175 -11.52 -32.18 -19.90
C SER M 175 -12.46 -33.05 -20.72
N SER M 176 -12.47 -32.83 -22.04
CA SER M 176 -13.21 -33.67 -22.98
C SER M 176 -12.20 -34.34 -23.90
N THR M 177 -12.28 -35.67 -23.97
CA THR M 177 -11.33 -36.47 -24.74
C THR M 177 -12.07 -37.16 -25.87
N LEU M 178 -11.69 -36.82 -27.11
CA LEU M 178 -12.23 -37.48 -28.30
C LEU M 178 -11.27 -38.59 -28.70
N THR M 179 -11.79 -39.81 -28.80
CA THR M 179 -10.97 -40.98 -29.09
C THR M 179 -11.42 -41.60 -30.41
N LEU M 180 -10.47 -41.80 -31.32
CA LEU M 180 -10.74 -42.45 -32.59
C LEU M 180 -9.46 -43.16 -33.04
N SER M 181 -9.64 -44.11 -33.94
CA SER M 181 -8.50 -44.87 -34.43
C SER M 181 -7.53 -43.97 -35.18
N LYS M 182 -6.28 -44.43 -35.29
CA LYS M 182 -5.32 -43.75 -36.14
C LYS M 182 -5.90 -43.55 -37.53
N ALA M 183 -6.42 -44.64 -38.12
CA ALA M 183 -6.94 -44.59 -39.48
C ALA M 183 -7.99 -43.49 -39.63
N ASP M 184 -9.01 -43.51 -38.76
CA ASP M 184 -10.07 -42.50 -38.85
C ASP M 184 -9.49 -41.10 -38.67
N TYR M 185 -8.47 -40.97 -37.80
CA TYR M 185 -7.90 -39.66 -37.54
C TYR M 185 -7.26 -39.06 -38.79
N GLU M 186 -6.55 -39.88 -39.57
CA GLU M 186 -5.80 -39.36 -40.70
C GLU M 186 -6.68 -39.10 -41.93
N LYS M 187 -7.93 -39.55 -41.94
CA LYS M 187 -8.82 -39.22 -43.03
C LYS M 187 -9.36 -37.80 -42.96
N HIS M 188 -9.13 -37.10 -41.84
CA HIS M 188 -9.75 -35.80 -41.58
C HIS M 188 -8.71 -34.80 -41.13
N LYS M 189 -9.03 -33.52 -41.33
CA LYS M 189 -8.09 -32.42 -41.14
C LYS M 189 -8.49 -31.51 -40.00
N VAL M 190 -9.69 -30.96 -40.01
CA VAL M 190 -10.11 -29.96 -39.05
C VAL M 190 -10.72 -30.66 -37.84
N TYR M 191 -10.19 -30.37 -36.67
CA TYR M 191 -10.68 -30.92 -35.40
C TYR M 191 -11.03 -29.76 -34.49
N ALA M 192 -12.32 -29.63 -34.17
CA ALA M 192 -12.84 -28.46 -33.46
C ALA M 192 -13.52 -28.87 -32.16
N CYS M 193 -13.29 -28.06 -31.12
CA CYS M 193 -13.94 -28.22 -29.83
C CYS M 193 -14.73 -26.96 -29.54
N GLU M 194 -16.05 -27.09 -29.41
CA GLU M 194 -16.95 -25.97 -29.24
C GLU M 194 -17.54 -26.00 -27.83
N VAL M 195 -17.41 -24.88 -27.11
CA VAL M 195 -17.74 -24.81 -25.70
C VAL M 195 -18.87 -23.81 -25.51
N THR M 196 -19.90 -24.21 -24.78
CA THR M 196 -20.97 -23.32 -24.33
C THR M 196 -20.91 -23.23 -22.81
N HIS M 197 -21.02 -22.01 -22.29
CA HIS M 197 -20.95 -21.79 -20.85
C HIS M 197 -21.68 -20.50 -20.52
N GLN M 198 -22.21 -20.43 -19.29
CA GLN M 198 -23.04 -19.30 -18.91
C GLN M 198 -22.29 -17.98 -19.01
N GLY M 199 -20.99 -18.00 -18.76
CA GLY M 199 -20.19 -16.78 -18.83
C GLY M 199 -19.83 -16.33 -20.23
N LEU M 200 -20.17 -17.12 -21.24
CA LEU M 200 -19.90 -16.78 -22.62
C LEU M 200 -21.16 -16.27 -23.29
N SER M 201 -21.06 -15.18 -24.03
CA SER M 201 -22.20 -14.63 -24.74
C SER M 201 -22.59 -15.48 -25.95
N SER M 202 -21.71 -16.36 -26.41
CA SER M 202 -22.02 -17.27 -27.49
C SER M 202 -20.95 -18.36 -27.51
N PRO M 203 -21.29 -19.57 -27.98
CA PRO M 203 -20.28 -20.64 -28.02
C PRO M 203 -18.94 -20.20 -28.58
N VAL M 204 -17.89 -20.91 -28.19
CA VAL M 204 -16.51 -20.58 -28.53
C VAL M 204 -15.83 -21.85 -29.00
N THR M 205 -15.05 -21.73 -30.08
CA THR M 205 -14.46 -22.88 -30.75
C THR M 205 -12.93 -22.78 -30.77
N LYS M 206 -12.28 -23.89 -30.44
CA LYS M 206 -10.84 -24.06 -30.58
C LYS M 206 -10.58 -25.26 -31.49
N SER M 207 -9.70 -25.11 -32.48
CA SER M 207 -9.51 -26.15 -33.48
C SER M 207 -8.07 -26.14 -34.00
N PHE M 208 -7.70 -27.24 -34.66
CA PHE M 208 -6.38 -27.38 -35.28
C PHE M 208 -6.49 -28.24 -36.54
N ASN M 209 -5.63 -27.93 -37.51
CA ASN M 209 -5.67 -28.57 -38.82
C ASN M 209 -4.67 -29.72 -38.99
N ARG M 210 -4.61 -30.66 -38.05
CA ARG M 210 -3.84 -31.90 -38.21
C ARG M 210 -2.53 -31.73 -38.97
N GLY M 211 -1.56 -31.03 -38.40
CA GLY M 211 -0.29 -30.88 -39.09
C GLY M 211 0.42 -29.57 -38.87
N GLU M 212 -0.17 -28.69 -38.08
CA GLU M 212 0.49 -27.44 -37.72
C GLU M 212 1.62 -27.76 -36.72
N CYS M 213 2.26 -26.71 -36.21
CA CYS M 213 3.35 -26.88 -35.25
C CYS M 213 3.17 -25.93 -34.06
N GLN N 1 -28.41 20.28 -55.36
CA GLN N 1 -28.67 18.99 -54.66
C GLN N 1 -30.14 18.85 -54.30
N VAL N 2 -30.66 17.62 -54.41
CA VAL N 2 -32.06 17.37 -54.07
C VAL N 2 -32.25 17.59 -52.57
N GLN N 3 -33.29 18.34 -52.21
CA GLN N 3 -33.54 18.69 -50.82
C GLN N 3 -35.03 18.65 -50.54
N LEU N 4 -35.38 18.06 -49.39
CA LEU N 4 -36.76 17.95 -48.93
C LEU N 4 -36.82 18.46 -47.50
N VAL N 5 -37.38 19.67 -47.32
CA VAL N 5 -37.45 20.32 -46.01
C VAL N 5 -38.91 20.35 -45.58
N GLN N 6 -39.20 19.77 -44.41
CA GLN N 6 -40.55 19.61 -43.91
C GLN N 6 -40.87 20.69 -42.88
N SER N 7 -42.15 20.75 -42.51
CA SER N 7 -42.68 21.86 -41.73
C SER N 7 -42.10 21.99 -40.32
N GLY N 8 -42.37 21.03 -39.46
CA GLY N 8 -41.98 21.12 -38.07
C GLY N 8 -42.95 20.40 -37.17
N ALA N 9 -42.50 20.14 -35.94
CA ALA N 9 -43.27 19.33 -35.01
C ALA N 9 -44.59 20.00 -34.63
N GLU N 10 -45.57 19.18 -34.26
CA GLU N 10 -46.90 19.68 -33.96
C GLU N 10 -47.54 18.86 -32.85
N VAL N 11 -48.40 19.50 -32.07
CA VAL N 11 -49.15 18.89 -30.99
C VAL N 11 -50.62 18.96 -31.36
N LYS N 12 -51.33 17.84 -31.20
CA LYS N 12 -52.72 17.75 -31.63
C LYS N 12 -53.57 17.01 -30.61
N LYS N 13 -54.83 17.48 -30.45
CA LYS N 13 -55.84 16.79 -29.66
C LYS N 13 -56.57 15.76 -30.50
N PRO N 14 -57.05 14.67 -29.89
CA PRO N 14 -57.82 13.69 -30.68
C PRO N 14 -59.03 14.33 -31.35
N GLY N 15 -59.30 13.89 -32.57
CA GLY N 15 -60.40 14.42 -33.36
C GLY N 15 -60.02 15.56 -34.28
N SER N 16 -58.89 16.22 -34.02
CA SER N 16 -58.43 17.29 -34.87
C SER N 16 -57.72 16.72 -36.09
N SER N 17 -57.28 17.61 -36.98
CA SER N 17 -56.53 17.24 -38.17
C SER N 17 -55.25 18.04 -38.24
N VAL N 18 -54.22 17.45 -38.85
CA VAL N 18 -52.90 18.07 -38.94
C VAL N 18 -52.49 18.11 -40.41
N LYS N 19 -51.90 19.23 -40.81
CA LYS N 19 -51.41 19.42 -42.17
C LYS N 19 -49.89 19.55 -42.11
N VAL N 20 -49.19 18.69 -42.85
CA VAL N 20 -47.73 18.67 -42.87
C VAL N 20 -47.27 19.05 -44.28
N SER N 21 -46.27 19.92 -44.35
CA SER N 21 -45.73 20.40 -45.61
C SER N 21 -44.36 19.80 -45.88
N CYS N 22 -43.93 19.87 -47.14
CA CYS N 22 -42.63 19.36 -47.54
C CYS N 22 -42.17 20.17 -48.75
N LYS N 23 -41.25 21.10 -48.51
CA LYS N 23 -40.73 21.95 -49.58
C LYS N 23 -39.64 21.20 -50.34
N ALA N 24 -39.74 21.19 -51.66
CA ALA N 24 -38.83 20.46 -52.52
C ALA N 24 -37.98 21.42 -53.33
N SER N 25 -36.69 21.08 -53.48
CA SER N 25 -35.75 21.91 -54.22
C SER N 25 -34.63 21.02 -54.76
N GLY N 26 -33.88 21.59 -55.70
CA GLY N 26 -32.79 20.86 -56.33
C GLY N 26 -33.21 19.96 -57.47
N TYR N 27 -34.48 19.99 -57.87
CA TYR N 27 -34.97 19.18 -58.98
C TYR N 27 -36.31 19.75 -59.40
N THR N 28 -36.71 19.42 -60.63
CA THR N 28 -37.98 19.90 -61.15
C THR N 28 -39.12 19.17 -60.43
N PHE N 29 -39.99 19.94 -59.77
CA PHE N 29 -40.89 19.35 -58.80
C PHE N 29 -41.85 18.35 -59.43
N THR N 30 -42.41 18.67 -60.60
CA THR N 30 -43.52 17.90 -61.14
C THR N 30 -43.11 16.61 -61.83
N ASN N 31 -41.81 16.37 -62.02
CA ASN N 31 -41.38 15.16 -62.71
C ASN N 31 -41.29 13.94 -61.80
N TYR N 32 -41.48 14.10 -60.49
CA TYR N 32 -41.32 13.00 -59.56
C TYR N 32 -42.51 12.93 -58.61
N PHE N 33 -42.97 11.71 -58.34
CA PHE N 33 -43.92 11.50 -57.27
C PHE N 33 -43.35 12.00 -55.95
N MET N 34 -44.23 12.39 -55.05
CA MET N 34 -43.86 12.72 -53.68
C MET N 34 -44.57 11.74 -52.75
N ASN N 35 -43.80 10.82 -52.16
CA ASN N 35 -44.36 9.82 -51.28
C ASN N 35 -44.34 10.32 -49.83
N TRP N 36 -45.26 9.80 -49.03
CA TRP N 36 -45.34 10.12 -47.62
C TRP N 36 -45.25 8.83 -46.81
N VAL N 37 -44.36 8.82 -45.83
CA VAL N 37 -44.11 7.66 -44.98
C VAL N 37 -44.14 8.12 -43.53
N ARG N 38 -44.56 7.21 -42.65
CA ARG N 38 -44.64 7.53 -41.22
C ARG N 38 -44.05 6.38 -40.42
N GLN N 39 -43.61 6.71 -39.20
CA GLN N 39 -42.96 5.74 -38.33
C GLN N 39 -43.26 6.13 -36.89
N ALA N 40 -44.10 5.34 -36.22
CA ALA N 40 -44.31 5.56 -34.80
C ALA N 40 -43.03 5.25 -34.03
N PRO N 41 -42.77 5.96 -32.93
CA PRO N 41 -41.48 5.82 -32.24
C PRO N 41 -41.15 4.36 -31.91
N GLY N 42 -40.09 3.84 -32.53
CA GLY N 42 -39.69 2.47 -32.33
C GLY N 42 -40.41 1.45 -33.17
N GLN N 43 -41.36 1.87 -34.00
CA GLN N 43 -42.10 0.97 -34.86
C GLN N 43 -41.53 1.01 -36.27
N GLY N 44 -42.12 0.21 -37.16
CA GLY N 44 -41.64 0.11 -38.53
C GLY N 44 -42.16 1.25 -39.40
N LEU N 45 -41.72 1.20 -40.66
CA LEU N 45 -42.10 2.21 -41.64
C LEU N 45 -43.42 1.83 -42.30
N GLU N 46 -44.27 2.83 -42.51
CA GLU N 46 -45.57 2.66 -43.15
C GLU N 46 -45.67 3.60 -44.34
N TRP N 47 -45.89 3.04 -45.53
CA TRP N 47 -46.21 3.86 -46.69
C TRP N 47 -47.66 4.33 -46.57
N MET N 48 -47.87 5.63 -46.73
CA MET N 48 -49.19 6.24 -46.61
C MET N 48 -49.81 6.55 -47.96
N GLY N 49 -49.08 7.21 -48.83
CA GLY N 49 -49.60 7.57 -50.13
C GLY N 49 -48.60 8.41 -50.90
N ARG N 50 -49.05 8.92 -52.04
CA ARG N 50 -48.20 9.74 -52.90
C ARG N 50 -49.10 10.61 -53.77
N VAL N 51 -48.49 11.64 -54.35
CA VAL N 51 -49.19 12.58 -55.23
C VAL N 51 -48.29 12.89 -56.42
N ASP N 52 -48.90 12.99 -57.61
CA ASP N 52 -48.19 13.50 -58.79
C ASP N 52 -48.39 14.99 -58.86
N PRO N 53 -47.38 15.81 -58.52
CA PRO N 53 -47.58 17.27 -58.57
C PRO N 53 -47.89 17.83 -59.95
N GLU N 54 -47.82 17.02 -61.02
CA GLU N 54 -48.10 17.56 -62.34
C GLU N 54 -49.59 17.82 -62.51
N GLN N 55 -50.42 16.79 -62.32
CA GLN N 55 -51.87 16.95 -62.37
C GLN N 55 -52.51 16.95 -61.00
N GLY N 56 -51.81 16.46 -59.96
CA GLY N 56 -52.36 16.40 -58.63
C GLY N 56 -53.01 15.09 -58.25
N ARG N 57 -52.80 14.03 -59.04
CA ARG N 57 -53.42 12.73 -58.76
C ARG N 57 -52.65 12.01 -57.66
N ALA N 58 -53.38 11.49 -56.69
CA ALA N 58 -52.80 10.84 -55.52
C ALA N 58 -53.21 9.37 -55.44
N ASP N 59 -52.35 8.57 -54.83
CA ASP N 59 -52.62 7.18 -54.52
C ASP N 59 -52.35 6.95 -53.05
N TYR N 60 -53.24 6.22 -52.38
CA TYR N 60 -53.18 6.02 -50.94
C TYR N 60 -53.13 4.54 -50.60
N ALA N 61 -52.55 4.25 -49.43
CA ALA N 61 -52.63 2.91 -48.88
C ALA N 61 -54.04 2.65 -48.35
N GLU N 62 -54.38 1.36 -48.23
CA GLU N 62 -55.74 0.99 -47.85
C GLU N 62 -56.13 1.62 -46.52
N LYS N 63 -55.29 1.44 -45.49
CA LYS N 63 -55.65 1.93 -44.16
C LYS N 63 -55.76 3.44 -44.10
N PHE N 64 -55.10 4.17 -45.00
CA PHE N 64 -55.10 5.62 -44.98
C PHE N 64 -56.00 6.26 -46.01
N LYS N 65 -56.72 5.46 -46.81
CA LYS N 65 -57.55 6.05 -47.87
C LYS N 65 -58.64 6.93 -47.29
N LYS N 66 -59.07 6.67 -46.06
CA LYS N 66 -60.24 7.35 -45.52
C LYS N 66 -59.94 8.76 -45.04
N ARG N 67 -58.68 9.06 -44.64
CA ARG N 67 -58.42 10.25 -43.84
C ARG N 67 -57.24 11.11 -44.30
N VAL N 68 -56.49 10.71 -45.33
CA VAL N 68 -55.11 11.18 -45.45
C VAL N 68 -54.87 12.25 -46.50
N THR N 69 -55.64 12.26 -47.58
CA THR N 69 -55.76 13.43 -48.47
C THR N 69 -54.45 14.18 -48.76
N ILE N 70 -53.53 13.55 -49.50
CA ILE N 70 -52.27 14.19 -49.88
C ILE N 70 -52.51 15.12 -51.06
N THR N 71 -51.81 16.26 -51.07
CA THR N 71 -51.91 17.24 -52.15
C THR N 71 -50.53 17.82 -52.45
N ALA N 72 -50.47 18.70 -53.45
CA ALA N 72 -49.23 19.36 -53.84
C ALA N 72 -49.53 20.70 -54.49
N ASP N 73 -48.60 21.65 -54.34
CA ASP N 73 -48.70 22.98 -54.93
C ASP N 73 -47.51 23.20 -55.85
N LYS N 74 -47.79 23.35 -57.15
CA LYS N 74 -46.71 23.53 -58.13
C LYS N 74 -45.97 24.84 -57.92
N SER N 75 -46.70 25.92 -57.61
CA SER N 75 -46.10 27.25 -57.63
C SER N 75 -44.93 27.34 -56.65
N THR N 76 -45.09 26.79 -55.45
CA THR N 76 -44.07 26.86 -54.42
C THR N 76 -43.29 25.55 -54.27
N SER N 77 -43.55 24.57 -55.13
CA SER N 77 -42.86 23.28 -55.09
C SER N 77 -42.94 22.68 -53.68
N THR N 78 -44.13 22.70 -53.10
CA THR N 78 -44.38 22.16 -51.78
C THR N 78 -45.46 21.08 -51.86
N ALA N 79 -45.23 19.98 -51.15
CA ALA N 79 -46.19 18.89 -51.06
C ALA N 79 -46.79 18.86 -49.66
N TYR N 80 -48.03 18.38 -49.57
CA TYR N 80 -48.79 18.42 -48.33
C TYR N 80 -49.42 17.07 -48.04
N MET N 81 -49.55 16.75 -46.75
CA MET N 81 -50.27 15.57 -46.29
C MET N 81 -51.10 15.97 -45.08
N GLU N 82 -52.41 15.77 -45.15
CA GLU N 82 -53.34 16.17 -44.10
C GLU N 82 -54.02 14.93 -43.55
N LEU N 83 -53.93 14.74 -42.23
CA LEU N 83 -54.55 13.62 -41.55
C LEU N 83 -55.70 14.12 -40.70
N SER N 84 -56.88 13.53 -40.89
CA SER N 84 -58.08 13.94 -40.18
C SER N 84 -58.47 12.90 -39.13
N SER N 85 -59.35 13.31 -38.23
CA SER N 85 -59.83 12.45 -37.14
C SER N 85 -58.67 11.76 -36.44
N LEU N 86 -57.80 12.59 -35.86
CA LEU N 86 -56.58 12.10 -35.25
C LEU N 86 -56.88 11.30 -33.98
N ARG N 87 -55.98 10.37 -33.67
CA ARG N 87 -56.05 9.57 -32.46
C ARG N 87 -54.64 9.38 -31.93
N SER N 88 -54.55 8.83 -30.72
CA SER N 88 -53.24 8.65 -30.09
C SER N 88 -52.33 7.76 -30.94
N GLU N 89 -52.91 6.76 -31.62
CA GLU N 89 -52.10 5.85 -32.43
C GLU N 89 -51.48 6.55 -33.65
N ASP N 90 -51.94 7.75 -33.99
CA ASP N 90 -51.34 8.51 -35.09
C ASP N 90 -50.07 9.24 -34.67
N THR N 91 -49.71 9.21 -33.39
CA THR N 91 -48.45 9.79 -32.93
C THR N 91 -47.29 9.12 -33.66
N ALA N 92 -46.57 9.86 -34.48
CA ALA N 92 -45.51 9.30 -35.30
C ALA N 92 -44.70 10.42 -35.92
N VAL N 93 -43.55 10.05 -36.47
CA VAL N 93 -42.74 10.94 -37.31
C VAL N 93 -43.18 10.71 -38.75
N TYR N 94 -43.39 11.80 -39.49
CA TYR N 94 -43.91 11.75 -40.84
C TYR N 94 -42.86 12.26 -41.81
N TYR N 95 -42.48 11.42 -42.77
CA TYR N 95 -41.48 11.75 -43.76
C TYR N 95 -42.13 11.95 -45.13
N CYS N 96 -41.56 12.86 -45.91
CA CYS N 96 -41.79 12.95 -47.35
C CYS N 96 -40.57 12.42 -48.06
N ALA N 97 -40.78 11.55 -49.05
CA ALA N 97 -39.70 10.85 -49.71
C ALA N 97 -39.86 10.92 -51.22
N ARG N 98 -38.73 10.83 -51.92
CA ARG N 98 -38.68 10.85 -53.37
C ARG N 98 -37.78 9.72 -53.86
N ARG N 99 -38.04 9.27 -55.08
CA ARG N 99 -37.31 8.13 -55.62
C ARG N 99 -35.90 8.53 -56.03
N ALA N 100 -35.06 7.52 -56.23
CA ALA N 100 -33.69 7.75 -56.68
C ALA N 100 -33.69 8.23 -58.13
N MET N 101 -32.56 8.79 -58.55
CA MET N 101 -32.48 9.37 -59.88
C MET N 101 -32.71 8.32 -60.95
N ASP N 102 -32.15 7.12 -60.78
CA ASP N 102 -32.16 6.10 -61.82
C ASP N 102 -32.90 4.82 -61.43
N ASN N 103 -33.68 4.85 -60.35
CA ASN N 103 -34.46 3.67 -59.98
C ASN N 103 -35.62 4.10 -59.10
N TYR N 104 -36.51 3.15 -58.81
CA TYR N 104 -37.76 3.41 -58.12
C TYR N 104 -37.61 3.53 -56.61
N GLY N 105 -36.49 3.10 -56.04
CA GLY N 105 -36.35 3.13 -54.60
C GLY N 105 -36.32 4.54 -54.04
N PHE N 106 -36.74 4.66 -52.78
CA PHE N 106 -36.77 5.95 -52.09
C PHE N 106 -35.36 6.29 -51.64
N ALA N 107 -34.69 7.18 -52.36
CA ALA N 107 -33.34 7.59 -52.02
C ALA N 107 -33.28 8.89 -51.24
N TYR N 108 -34.28 9.76 -51.37
CA TYR N 108 -34.27 11.08 -50.76
C TYR N 108 -35.41 11.20 -49.77
N TRP N 109 -35.08 11.60 -48.55
CA TRP N 109 -36.05 11.71 -47.47
C TRP N 109 -35.91 13.08 -46.80
N GLY N 110 -37.04 13.57 -46.28
CA GLY N 110 -37.02 14.76 -45.46
C GLY N 110 -36.55 14.46 -44.05
N GLN N 111 -36.35 15.52 -43.26
CA GLN N 111 -35.86 15.35 -41.91
C GLN N 111 -36.87 14.65 -41.00
N GLY N 112 -38.15 14.66 -41.37
CA GLY N 112 -39.18 14.07 -40.54
C GLY N 112 -39.90 15.10 -39.71
N THR N 113 -41.21 14.93 -39.53
CA THR N 113 -42.04 15.85 -38.78
C THR N 113 -42.80 15.07 -37.72
N LEU N 114 -42.50 15.35 -36.45
CA LEU N 114 -43.16 14.66 -35.35
C LEU N 114 -44.53 15.28 -35.10
N VAL N 115 -45.56 14.44 -35.09
CA VAL N 115 -46.91 14.84 -34.71
C VAL N 115 -47.30 14.00 -33.51
N THR N 116 -47.57 14.66 -32.39
CA THR N 116 -47.97 13.99 -31.15
C THR N 116 -49.46 14.24 -30.93
N VAL N 117 -50.22 13.15 -30.86
CA VAL N 117 -51.66 13.21 -30.65
C VAL N 117 -51.93 12.77 -29.22
N SER N 118 -52.55 13.65 -28.43
CA SER N 118 -52.84 13.37 -27.04
C SER N 118 -53.68 14.51 -26.49
N SER N 119 -54.41 14.21 -25.42
CA SER N 119 -55.24 15.21 -24.77
C SER N 119 -54.45 16.10 -23.81
N ALA N 120 -53.14 15.86 -23.68
CA ALA N 120 -52.31 16.68 -22.81
C ALA N 120 -51.91 17.98 -23.51
N SER N 121 -51.62 19.00 -22.70
CA SER N 121 -51.11 20.27 -23.19
C SER N 121 -49.59 20.29 -23.08
N THR N 122 -48.96 21.20 -23.82
CA THR N 122 -47.53 21.38 -23.73
C THR N 122 -47.16 21.77 -22.31
N LYS N 123 -46.12 21.13 -21.76
CA LYS N 123 -45.88 21.24 -20.33
C LYS N 123 -44.45 20.81 -20.00
N GLY N 124 -44.03 21.20 -18.79
CA GLY N 124 -42.85 20.63 -18.17
C GLY N 124 -41.54 21.15 -18.75
N PRO N 125 -40.42 20.53 -18.34
CA PRO N 125 -40.29 19.47 -17.34
C PRO N 125 -40.00 19.96 -15.93
N SER N 126 -40.09 19.07 -14.94
CA SER N 126 -39.57 19.30 -13.59
C SER N 126 -38.34 18.41 -13.44
N VAL N 127 -37.20 19.02 -13.15
CA VAL N 127 -35.92 18.32 -13.05
C VAL N 127 -35.62 18.06 -11.59
N PHE N 128 -35.22 16.82 -11.27
CA PHE N 128 -34.91 16.45 -9.90
C PHE N 128 -33.54 15.78 -9.84
N PRO N 129 -32.77 16.02 -8.79
CA PRO N 129 -31.43 15.44 -8.71
C PRO N 129 -31.48 13.96 -8.37
N LEU N 130 -30.56 13.21 -8.98
CA LEU N 130 -30.29 11.81 -8.62
C LEU N 130 -28.89 11.81 -8.01
N ALA N 131 -28.82 12.09 -6.71
CA ALA N 131 -27.56 12.38 -6.05
C ALA N 131 -26.74 11.10 -5.82
N PRO N 132 -25.42 11.22 -5.84
CA PRO N 132 -24.58 10.06 -5.50
C PRO N 132 -24.68 9.71 -4.02
N SER N 133 -24.44 8.44 -3.73
CA SER N 133 -24.65 7.91 -2.38
C SER N 133 -23.57 8.38 -1.42
N GLY N 139 -11.14 4.96 -4.73
CA GLY N 139 -11.17 5.82 -5.89
C GLY N 139 -11.69 5.12 -7.14
N GLY N 140 -12.96 4.71 -7.08
CA GLY N 140 -13.62 4.06 -8.19
C GLY N 140 -14.48 5.03 -8.98
N THR N 141 -15.64 4.54 -9.42
CA THR N 141 -16.56 5.33 -10.24
C THR N 141 -17.88 5.49 -9.50
N ALA N 142 -18.39 6.72 -9.48
CA ALA N 142 -19.67 7.04 -8.87
C ALA N 142 -20.64 7.51 -9.94
N ALA N 143 -21.93 7.29 -9.70
CA ALA N 143 -22.98 7.62 -10.66
C ALA N 143 -23.93 8.66 -10.09
N LEU N 144 -24.42 9.53 -10.96
CA LEU N 144 -25.37 10.57 -10.60
C LEU N 144 -26.16 10.92 -11.85
N GLY N 145 -27.28 11.63 -11.66
CA GLY N 145 -28.11 11.95 -12.80
C GLY N 145 -29.19 12.95 -12.45
N CYS N 146 -30.05 13.21 -13.43
CA CYS N 146 -31.18 14.10 -13.30
C CYS N 146 -32.43 13.38 -13.77
N LEU N 147 -33.54 13.57 -13.05
CA LEU N 147 -34.83 12.99 -13.41
C LEU N 147 -35.68 14.08 -14.03
N VAL N 148 -35.85 14.01 -15.36
CA VAL N 148 -36.67 14.97 -16.10
C VAL N 148 -38.07 14.37 -16.19
N LYS N 149 -39.03 14.98 -15.49
CA LYS N 149 -40.32 14.37 -15.24
C LYS N 149 -41.46 15.27 -15.64
N ASP N 150 -42.52 14.66 -16.15
CA ASP N 150 -43.81 15.33 -16.42
C ASP N 150 -43.63 16.50 -17.40
N TYR N 151 -43.24 16.16 -18.62
CA TYR N 151 -43.18 17.12 -19.71
C TYR N 151 -43.96 16.57 -20.90
N PHE N 152 -44.35 17.48 -21.79
CA PHE N 152 -45.10 17.11 -22.98
C PHE N 152 -45.01 18.24 -23.99
N PRO N 153 -44.85 17.95 -25.28
CA PRO N 153 -44.60 16.63 -25.89
C PRO N 153 -43.11 16.30 -25.87
N GLU N 154 -42.70 15.27 -26.60
CA GLU N 154 -41.28 15.05 -26.85
C GLU N 154 -40.79 16.06 -27.89
N PRO N 155 -39.47 16.29 -27.97
CA PRO N 155 -38.38 15.68 -27.20
C PRO N 155 -37.78 16.55 -26.10
N VAL N 156 -36.89 15.95 -25.31
CA VAL N 156 -36.05 16.67 -24.36
C VAL N 156 -34.61 16.26 -24.63
N THR N 157 -33.69 17.22 -24.55
CA THR N 157 -32.27 16.97 -24.72
C THR N 157 -31.54 17.35 -23.43
N VAL N 158 -30.56 16.54 -23.05
CA VAL N 158 -29.82 16.72 -21.81
C VAL N 158 -28.33 16.75 -22.12
N SER N 159 -27.63 17.73 -21.56
CA SER N 159 -26.18 17.79 -21.57
C SER N 159 -25.69 17.96 -20.14
N TRP N 160 -24.40 17.72 -19.93
CA TRP N 160 -23.81 17.79 -18.59
C TRP N 160 -22.62 18.73 -18.61
N ASN N 161 -22.62 19.67 -17.67
CA ASN N 161 -21.56 20.68 -17.58
C ASN N 161 -21.41 21.41 -18.92
N SER N 162 -22.54 21.73 -19.53
CA SER N 162 -22.58 22.46 -20.80
C SER N 162 -21.77 21.74 -21.88
N GLY N 163 -21.91 20.42 -21.94
CA GLY N 163 -21.25 19.62 -22.95
C GLY N 163 -19.85 19.17 -22.59
N ALA N 164 -19.31 19.60 -21.46
CA ALA N 164 -17.98 19.17 -21.08
C ALA N 164 -17.92 17.67 -20.84
N LEU N 165 -19.04 17.07 -20.44
CA LEU N 165 -19.11 15.65 -20.14
C LEU N 165 -20.02 14.98 -21.18
N THR N 166 -19.46 14.08 -21.96
CA THR N 166 -20.20 13.32 -22.96
C THR N 166 -19.87 11.84 -22.94
N SER N 167 -18.71 11.45 -22.44
CA SER N 167 -18.26 10.07 -22.55
C SER N 167 -19.21 9.13 -21.82
N GLY N 168 -19.32 9.29 -20.50
CA GLY N 168 -20.04 8.36 -19.67
C GLY N 168 -21.51 8.67 -19.42
N VAL N 169 -22.09 9.61 -20.15
CA VAL N 169 -23.48 9.98 -19.93
C VAL N 169 -24.40 9.02 -20.65
N HIS N 170 -25.53 8.71 -20.02
CA HIS N 170 -26.58 7.89 -20.63
C HIS N 170 -27.91 8.60 -20.44
N THR N 171 -28.44 9.19 -21.50
CA THR N 171 -29.77 9.79 -21.49
C THR N 171 -30.76 8.75 -22.00
N PHE N 172 -31.70 8.37 -21.15
CA PHE N 172 -32.57 7.25 -21.46
C PHE N 172 -33.76 7.68 -22.33
N PRO N 173 -34.32 6.78 -23.11
CA PRO N 173 -35.54 7.10 -23.85
C PRO N 173 -36.68 7.45 -22.91
N ALA N 174 -37.53 8.37 -23.35
CA ALA N 174 -38.65 8.80 -22.52
C ALA N 174 -39.69 7.71 -22.39
N VAL N 175 -40.39 7.71 -21.25
CA VAL N 175 -41.49 6.79 -20.99
C VAL N 175 -42.77 7.61 -20.89
N LEU N 176 -43.81 7.19 -21.61
CA LEU N 176 -45.12 7.81 -21.50
C LEU N 176 -45.80 7.28 -20.24
N GLN N 177 -46.12 8.19 -19.32
CA GLN N 177 -46.63 7.81 -18.02
C GLN N 177 -48.15 7.66 -18.04
N SER N 178 -48.70 7.10 -16.96
CA SER N 178 -50.14 6.97 -16.84
C SER N 178 -50.84 8.32 -16.94
N SER N 179 -50.16 9.39 -16.53
CA SER N 179 -50.74 10.72 -16.60
C SER N 179 -50.80 11.27 -18.01
N GLY N 180 -50.19 10.59 -18.98
CA GLY N 180 -50.08 11.13 -20.32
C GLY N 180 -48.88 12.03 -20.55
N LEU N 181 -48.08 12.27 -19.51
CA LEU N 181 -46.87 13.08 -19.62
C LEU N 181 -45.65 12.18 -19.71
N TYR N 182 -44.59 12.70 -20.33
CA TYR N 182 -43.37 11.95 -20.52
C TYR N 182 -42.43 12.11 -19.33
N SER N 183 -41.48 11.18 -19.22
CA SER N 183 -40.48 11.23 -18.17
C SER N 183 -39.26 10.44 -18.62
N LEU N 184 -38.07 11.00 -18.38
CA LEU N 184 -36.82 10.32 -18.66
C LEU N 184 -35.80 10.71 -17.61
N SER N 185 -34.74 9.92 -17.53
CA SER N 185 -33.63 10.19 -16.62
C SER N 185 -32.33 10.18 -17.40
N SER N 186 -31.44 11.11 -17.07
CA SER N 186 -30.09 11.15 -17.63
C SER N 186 -29.10 10.90 -16.51
N VAL N 187 -28.21 9.93 -16.70
CA VAL N 187 -27.22 9.56 -15.70
C VAL N 187 -25.84 9.68 -16.33
N VAL N 188 -24.83 9.77 -15.46
CA VAL N 188 -23.44 9.86 -15.90
C VAL N 188 -22.57 9.26 -14.80
N THR N 189 -21.54 8.54 -15.22
CA THR N 189 -20.57 7.94 -14.30
C THR N 189 -19.33 8.81 -14.26
N VAL N 190 -18.92 9.20 -13.06
CA VAL N 190 -17.80 10.12 -12.87
C VAL N 190 -16.88 9.56 -11.80
N PRO N 191 -15.62 10.00 -11.79
CA PRO N 191 -14.70 9.53 -10.73
C PRO N 191 -15.22 9.92 -9.36
N SER N 192 -15.07 9.00 -8.40
CA SER N 192 -15.54 9.27 -7.04
C SER N 192 -14.76 10.40 -6.40
N SER N 193 -13.47 10.54 -6.73
CA SER N 193 -12.64 11.57 -6.12
C SER N 193 -13.08 12.98 -6.53
N SER N 194 -13.86 13.12 -7.60
CA SER N 194 -14.23 14.42 -8.12
C SER N 194 -15.50 14.99 -7.49
N LEU N 195 -16.14 14.25 -6.57
CA LEU N 195 -17.46 14.64 -6.11
C LEU N 195 -17.42 15.86 -5.20
N GLY N 196 -16.34 16.06 -4.46
CA GLY N 196 -16.24 17.20 -3.57
C GLY N 196 -15.65 18.44 -4.22
N THR N 197 -14.98 18.26 -5.35
CA THR N 197 -14.29 19.35 -6.03
C THR N 197 -14.99 19.80 -7.30
N GLN N 198 -15.56 18.87 -8.07
CA GLN N 198 -16.18 19.18 -9.36
C GLN N 198 -17.69 19.22 -9.19
N THR N 199 -18.29 20.35 -9.56
CA THR N 199 -19.74 20.52 -9.50
C THR N 199 -20.36 20.03 -10.79
N TYR N 200 -21.44 19.26 -10.68
CA TYR N 200 -22.06 18.60 -11.82
C TYR N 200 -23.46 19.17 -12.03
N ILE N 201 -23.71 19.68 -13.23
CA ILE N 201 -24.96 20.35 -13.57
C ILE N 201 -25.48 19.75 -14.87
N CYS N 202 -26.74 19.35 -14.88
CA CYS N 202 -27.40 18.83 -16.07
C CYS N 202 -28.20 19.95 -16.72
N ASN N 203 -27.96 20.16 -18.02
CA ASN N 203 -28.64 21.19 -18.79
C ASN N 203 -29.76 20.52 -19.59
N VAL N 204 -31.00 20.86 -19.28
CA VAL N 204 -32.18 20.23 -19.86
C VAL N 204 -32.86 21.24 -20.77
N ASN N 205 -33.03 20.88 -22.03
CA ASN N 205 -33.68 21.74 -23.02
C ASN N 205 -34.97 21.07 -23.49
N HIS N 206 -36.07 21.82 -23.42
CA HIS N 206 -37.38 21.37 -23.90
C HIS N 206 -37.92 22.50 -24.78
N LYS N 207 -37.50 22.51 -26.04
CA LYS N 207 -37.93 23.55 -26.96
C LYS N 207 -39.44 23.60 -27.13
N PRO N 208 -40.17 22.48 -27.21
CA PRO N 208 -41.63 22.55 -27.38
C PRO N 208 -42.31 23.50 -26.40
N SER N 209 -41.68 23.78 -25.26
CA SER N 209 -42.20 24.74 -24.30
C SER N 209 -41.28 25.93 -24.12
N ASN N 210 -40.21 26.04 -24.91
CA ASN N 210 -39.20 27.09 -24.73
C ASN N 210 -38.74 27.13 -23.27
N THR N 211 -38.36 25.96 -22.75
CA THR N 211 -37.92 25.82 -21.37
C THR N 211 -36.52 25.23 -21.36
N LYS N 212 -35.58 25.94 -20.75
CA LYS N 212 -34.24 25.45 -20.51
C LYS N 212 -33.96 25.50 -19.02
N VAL N 213 -33.46 24.39 -18.47
CA VAL N 213 -33.28 24.24 -17.03
C VAL N 213 -31.90 23.69 -16.76
N ASP N 214 -31.14 24.39 -15.92
CA ASP N 214 -29.87 23.91 -15.40
C ASP N 214 -30.07 23.51 -13.95
N LYS N 215 -29.68 22.28 -13.61
CA LYS N 215 -29.88 21.75 -12.26
C LYS N 215 -28.58 21.19 -11.74
N LYS N 216 -28.17 21.65 -10.57
CA LYS N 216 -26.98 21.15 -9.88
C LYS N 216 -27.38 19.97 -8.99
N VAL N 217 -26.64 18.88 -9.11
CA VAL N 217 -26.89 17.67 -8.32
C VAL N 217 -25.70 17.50 -7.38
N GLU N 218 -25.98 17.55 -6.07
CA GLU N 218 -24.97 17.50 -5.03
C GLU N 218 -25.09 16.21 -4.23
N PRO N 219 -24.09 15.91 -3.38
CA PRO N 219 -24.15 14.69 -2.58
C PRO N 219 -25.12 14.72 -1.41
N LYS N 220 -25.05 13.66 -0.59
CA LYS N 220 -26.07 13.35 0.39
C LYS N 220 -26.44 14.54 1.27
N SER N 221 -25.52 15.05 2.08
CA SER N 221 -25.77 16.15 3.01
C SER N 221 -26.84 15.78 4.05
N CYS N 222 -26.48 14.85 4.93
CA CYS N 222 -27.34 14.50 6.06
C CYS N 222 -27.12 15.38 7.28
N CYS O 1 -23.39 38.84 -39.17
CA CYS O 1 -21.92 38.75 -39.41
C CYS O 1 -21.20 38.40 -38.10
N PRO O 2 -20.17 37.55 -38.17
CA PRO O 2 -19.47 37.15 -36.95
C PRO O 2 -18.77 38.31 -36.26
N GLY O 3 -18.59 39.44 -36.92
CA GLY O 3 -17.94 40.58 -36.32
C GLY O 3 -18.26 41.86 -37.04
N LYS O 4 -17.40 42.85 -36.86
CA LYS O 4 -17.54 44.14 -37.53
C LYS O 4 -16.17 44.72 -37.77
N GLY O 5 -16.05 45.44 -38.89
CA GLY O 5 -14.78 46.03 -39.28
C GLY O 5 -13.92 45.18 -40.18
N LEU O 6 -14.44 44.07 -40.69
CA LEU O 6 -13.71 43.18 -41.59
C LEU O 6 -14.48 43.02 -42.89
N PRO O 7 -13.80 42.64 -43.97
CA PRO O 7 -14.43 42.65 -45.30
C PRO O 7 -15.23 41.41 -45.65
N SER O 8 -15.42 40.47 -44.71
CA SER O 8 -16.26 39.30 -45.01
C SER O 8 -17.74 39.66 -44.95
N CYS O 9 -18.14 40.59 -44.09
CA CYS O 9 -19.53 41.00 -43.98
C CYS O 9 -19.64 42.28 -43.14
N GLU P 1 -53.20 -8.24 -49.75
CA GLU P 1 -52.80 -9.64 -49.70
C GLU P 1 -51.30 -9.77 -49.53
N ILE P 2 -50.55 -8.87 -50.15
CA ILE P 2 -49.09 -8.94 -50.15
C ILE P 2 -48.59 -8.37 -48.82
N VAL P 3 -47.97 -9.23 -48.01
CA VAL P 3 -47.39 -8.84 -46.73
C VAL P 3 -45.96 -9.36 -46.69
N LEU P 4 -45.03 -8.49 -46.33
CA LEU P 4 -43.61 -8.86 -46.22
C LEU P 4 -43.30 -9.16 -44.77
N THR P 5 -42.83 -10.39 -44.51
CA THR P 5 -42.43 -10.82 -43.18
C THR P 5 -40.92 -10.93 -43.14
N GLN P 6 -40.30 -10.13 -42.27
CA GLN P 6 -38.85 -10.10 -42.13
C GLN P 6 -38.44 -10.93 -40.91
N SER P 7 -37.49 -11.84 -41.11
CA SER P 7 -36.96 -12.64 -40.02
C SER P 7 -35.45 -12.61 -40.06
N PRO P 8 -34.77 -12.50 -38.90
CA PRO P 8 -35.32 -12.33 -37.54
C PRO P 8 -35.60 -10.87 -37.22
N ASP P 9 -36.41 -10.62 -36.18
CA ASP P 9 -36.63 -9.23 -35.76
C ASP P 9 -35.38 -8.65 -35.11
N PHE P 10 -34.64 -9.48 -34.37
CA PHE P 10 -33.42 -9.07 -33.68
C PHE P 10 -32.30 -10.04 -34.01
N GLN P 11 -31.09 -9.51 -34.18
CA GLN P 11 -29.92 -10.34 -34.46
C GLN P 11 -28.69 -9.64 -33.90
N SER P 12 -27.89 -10.39 -33.15
CA SER P 12 -26.61 -9.91 -32.62
C SER P 12 -25.49 -10.67 -33.32
N VAL P 13 -24.52 -9.93 -33.85
CA VAL P 13 -23.46 -10.50 -34.68
C VAL P 13 -22.11 -9.99 -34.19
N THR P 14 -21.14 -10.91 -34.09
CA THR P 14 -19.77 -10.47 -33.79
C THR P 14 -19.16 -9.85 -35.05
N PRO P 15 -18.33 -8.81 -34.89
CA PRO P 15 -17.70 -8.20 -36.08
C PRO P 15 -16.88 -9.22 -36.86
N LYS P 16 -16.89 -9.05 -38.19
CA LYS P 16 -16.22 -9.90 -39.18
C LYS P 16 -17.01 -11.16 -39.48
N GLU P 17 -18.20 -11.33 -38.94
CA GLU P 17 -19.03 -12.50 -39.20
C GLU P 17 -20.07 -12.20 -40.27
N LYS P 18 -20.72 -13.25 -40.75
CA LYS P 18 -21.76 -13.14 -41.76
C LYS P 18 -23.13 -13.07 -41.12
N VAL P 19 -24.01 -12.24 -41.68
CA VAL P 19 -25.40 -12.15 -41.24
C VAL P 19 -26.28 -12.09 -42.49
N THR P 20 -27.34 -12.89 -42.50
CA THR P 20 -28.30 -12.93 -43.59
C THR P 20 -29.67 -12.53 -43.07
N ILE P 21 -30.29 -11.57 -43.76
CA ILE P 21 -31.61 -11.05 -43.37
C ILE P 21 -32.60 -11.48 -44.43
N THR P 22 -33.67 -12.16 -44.02
CA THR P 22 -34.67 -12.67 -44.92
C THR P 22 -35.90 -11.78 -44.91
N CYS P 23 -36.47 -11.56 -46.10
CA CYS P 23 -37.73 -10.82 -46.26
C CYS P 23 -38.63 -11.67 -47.15
N SER P 24 -39.52 -12.44 -46.52
CA SER P 24 -40.39 -13.37 -47.24
C SER P 24 -41.70 -12.71 -47.62
N ALA P 25 -42.21 -13.10 -48.78
CA ALA P 25 -43.48 -12.56 -49.28
C ALA P 25 -44.54 -13.65 -49.40
N ALA P 28 -44.90 -13.59 -55.91
CA ALA P 28 -43.71 -13.13 -56.61
C ALA P 28 -44.05 -11.98 -57.57
N LEU P 29 -43.30 -10.88 -57.45
CA LEU P 29 -43.41 -9.78 -58.38
C LEU P 29 -42.07 -9.20 -58.78
N SER P 30 -40.96 -9.70 -58.21
CA SER P 30 -39.61 -9.22 -58.51
C SER P 30 -39.38 -7.81 -57.95
N TYR P 31 -38.14 -7.32 -58.07
CA TYR P 31 -37.78 -5.94 -57.73
C TYR P 31 -38.03 -5.64 -56.25
N MET P 32 -37.21 -6.29 -55.42
CA MET P 32 -37.17 -5.99 -53.99
C MET P 32 -36.17 -4.87 -53.71
N TYR P 33 -36.46 -4.08 -52.67
CA TYR P 33 -35.64 -2.95 -52.28
C TYR P 33 -35.37 -3.02 -50.78
N TRP P 34 -34.24 -2.44 -50.35
CA TRP P 34 -33.81 -2.49 -48.96
C TRP P 34 -33.33 -1.11 -48.51
N TYR P 35 -33.40 -0.90 -47.19
CA TYR P 35 -33.00 0.38 -46.60
C TYR P 35 -32.27 0.13 -45.28
N GLN P 36 -31.37 1.05 -44.94
CA GLN P 36 -30.69 1.07 -43.66
C GLN P 36 -31.11 2.32 -42.90
N GLN P 37 -31.57 2.15 -41.65
CA GLN P 37 -31.93 3.26 -40.80
C GLN P 37 -31.23 3.13 -39.47
N LYS P 38 -30.61 4.22 -39.02
CA LYS P 38 -30.00 4.33 -37.70
C LYS P 38 -30.81 5.27 -36.83
N PRO P 39 -30.69 5.17 -35.50
CA PRO P 39 -31.53 5.99 -34.62
C PRO P 39 -31.39 7.49 -34.94
N ASP P 40 -32.52 8.19 -34.86
CA ASP P 40 -32.57 9.63 -35.09
C ASP P 40 -32.11 10.00 -36.50
N GLN P 41 -32.46 9.16 -37.47
CA GLN P 41 -32.09 9.42 -38.86
C GLN P 41 -33.16 8.86 -39.79
N SER P 42 -33.21 9.42 -41.00
CA SER P 42 -34.07 8.90 -42.04
C SER P 42 -33.47 7.61 -42.60
N PRO P 43 -34.30 6.75 -43.19
CA PRO P 43 -33.74 5.56 -43.86
C PRO P 43 -32.90 5.95 -45.06
N LYS P 44 -31.91 5.11 -45.35
CA LYS P 44 -31.04 5.28 -46.51
C LYS P 44 -31.25 4.12 -47.46
N LEU P 45 -31.53 4.43 -48.73
CA LEU P 45 -31.67 3.39 -49.73
C LEU P 45 -30.37 2.60 -49.83
N TRP P 46 -30.48 1.27 -49.76
CA TRP P 46 -29.32 0.40 -49.70
C TRP P 46 -29.16 -0.48 -50.93
N VAL P 47 -30.19 -1.21 -51.32
CA VAL P 47 -30.15 -2.00 -52.55
C VAL P 47 -31.48 -1.82 -53.28
N HIS P 48 -31.41 -1.89 -54.61
CA HIS P 48 -32.57 -1.77 -55.47
C HIS P 48 -32.48 -2.82 -56.56
N GLY P 49 -33.64 -3.21 -57.10
CA GLY P 49 -33.66 -4.27 -58.08
C GLY P 49 -33.23 -5.61 -57.55
N THR P 50 -33.34 -5.80 -56.23
CA THR P 50 -33.09 -7.06 -55.53
C THR P 50 -31.62 -7.42 -55.43
N SER P 51 -30.76 -6.76 -56.22
CA SER P 51 -29.33 -7.06 -56.14
C SER P 51 -28.41 -5.86 -56.29
N ASN P 52 -28.87 -4.73 -56.80
CA ASN P 52 -28.00 -3.61 -57.11
C ASN P 52 -27.84 -2.70 -55.89
N LEU P 53 -26.60 -2.45 -55.50
CA LEU P 53 -26.32 -1.67 -54.31
C LEU P 53 -26.40 -0.19 -54.62
N ALA P 54 -26.99 0.57 -53.70
CA ALA P 54 -27.09 2.01 -53.86
C ALA P 54 -25.71 2.66 -53.73
N SER P 55 -25.60 3.86 -54.27
CA SER P 55 -24.31 4.56 -54.29
C SER P 55 -23.80 4.76 -52.86
N GLY P 56 -22.52 4.46 -52.66
CA GLY P 56 -21.90 4.58 -51.36
C GLY P 56 -21.98 3.35 -50.49
N VAL P 57 -22.71 2.33 -50.91
CA VAL P 57 -22.85 1.11 -50.11
C VAL P 57 -21.65 0.21 -50.38
N PRO P 58 -20.92 -0.23 -49.35
CA PRO P 58 -19.76 -1.10 -49.58
C PRO P 58 -20.17 -2.45 -50.13
N SER P 59 -19.22 -3.09 -50.83
CA SER P 59 -19.52 -4.30 -51.58
C SER P 59 -19.71 -5.53 -50.69
N ARG P 60 -19.39 -5.45 -49.40
CA ARG P 60 -19.66 -6.59 -48.52
C ARG P 60 -21.16 -6.84 -48.39
N PHE P 61 -21.98 -5.80 -48.56
CA PHE P 61 -23.42 -5.99 -48.63
C PHE P 61 -23.79 -6.67 -49.94
N SER P 62 -24.71 -7.63 -49.87
CA SER P 62 -25.14 -8.38 -51.05
C SER P 62 -26.65 -8.56 -51.01
N GLY P 63 -27.31 -8.10 -52.06
CA GLY P 63 -28.75 -8.31 -52.21
C GLY P 63 -29.02 -9.48 -53.14
N SER P 64 -30.09 -10.21 -52.83
CA SER P 64 -30.44 -11.40 -53.60
C SER P 64 -31.88 -11.76 -53.30
N GLY P 65 -32.40 -12.73 -54.03
CA GLY P 65 -33.73 -13.23 -53.81
C GLY P 65 -34.35 -13.78 -55.08
N SER P 66 -35.33 -14.65 -54.89
CA SER P 66 -36.09 -15.22 -56.00
C SER P 66 -37.41 -15.74 -55.48
N GLY P 67 -38.42 -15.71 -56.33
CA GLY P 67 -39.74 -16.21 -55.97
C GLY P 67 -40.32 -15.50 -54.77
N THR P 68 -40.39 -16.19 -53.63
CA THR P 68 -41.00 -15.66 -52.42
C THR P 68 -39.98 -15.22 -51.37
N ASP P 69 -38.71 -15.59 -51.52
CA ASP P 69 -37.69 -15.34 -50.50
C ASP P 69 -36.63 -14.41 -51.06
N PHE P 70 -36.36 -13.32 -50.33
CA PHE P 70 -35.35 -12.33 -50.69
C PHE P 70 -34.45 -12.09 -49.49
N THR P 71 -33.16 -11.87 -49.74
CA THR P 71 -32.17 -11.82 -48.67
C THR P 71 -31.25 -10.62 -48.84
N LEU P 72 -30.84 -10.06 -47.70
CA LEU P 72 -29.77 -9.08 -47.62
C LEU P 72 -28.68 -9.65 -46.73
N THR P 73 -27.45 -9.68 -47.24
CA THR P 73 -26.34 -10.36 -46.58
C THR P 73 -25.19 -9.38 -46.34
N ILE P 74 -24.66 -9.40 -45.11
CA ILE P 74 -23.44 -8.68 -44.75
C ILE P 74 -22.38 -9.75 -44.49
N ASN P 75 -21.29 -9.70 -45.28
CA ASN P 75 -20.34 -10.81 -45.28
C ASN P 75 -19.31 -10.68 -44.16
N SER P 76 -18.75 -9.49 -43.96
CA SER P 76 -17.81 -9.22 -42.85
C SER P 76 -18.35 -7.99 -42.13
N LEU P 77 -19.15 -8.23 -41.08
CA LEU P 77 -19.82 -7.14 -40.39
C LEU P 77 -18.81 -6.21 -39.74
N GLU P 78 -19.17 -4.93 -39.69
CA GLU P 78 -18.36 -3.89 -39.08
C GLU P 78 -19.23 -3.08 -38.13
N ALA P 79 -18.57 -2.26 -37.30
CA ALA P 79 -19.29 -1.50 -36.28
C ALA P 79 -20.38 -0.64 -36.91
N GLU P 80 -20.06 0.06 -38.00
CA GLU P 80 -21.02 0.96 -38.63
C GLU P 80 -22.24 0.24 -39.18
N ASP P 81 -22.16 -1.07 -39.39
CA ASP P 81 -23.26 -1.79 -40.01
C ASP P 81 -24.45 -2.00 -39.07
N ALA P 82 -24.29 -1.75 -37.77
CA ALA P 82 -25.39 -1.92 -36.83
C ALA P 82 -26.50 -0.93 -37.16
N ALA P 83 -27.69 -1.45 -37.43
CA ALA P 83 -28.83 -0.62 -37.81
C ALA P 83 -30.04 -1.53 -37.96
N THR P 84 -31.19 -0.91 -38.21
CA THR P 84 -32.42 -1.62 -38.54
C THR P 84 -32.60 -1.58 -40.05
N TYR P 85 -32.74 -2.76 -40.66
CA TYR P 85 -32.83 -2.89 -42.10
C TYR P 85 -34.25 -3.26 -42.49
N TYR P 86 -34.80 -2.54 -43.46
CA TYR P 86 -36.15 -2.75 -43.94
C TYR P 86 -36.14 -3.20 -45.40
N CYS P 87 -37.10 -4.04 -45.76
CA CYS P 87 -37.32 -4.42 -47.14
C CYS P 87 -38.58 -3.74 -47.66
N HIS P 88 -38.62 -3.49 -48.96
CA HIS P 88 -39.63 -2.66 -49.59
C HIS P 88 -40.01 -3.25 -50.94
N HIS P 89 -41.30 -3.22 -51.24
CA HIS P 89 -41.80 -3.87 -52.45
C HIS P 89 -43.09 -3.19 -52.89
N TRP P 90 -43.31 -3.17 -54.20
CA TRP P 90 -44.51 -2.59 -54.79
C TRP P 90 -45.42 -3.70 -55.29
N SER P 91 -46.60 -3.80 -54.68
CA SER P 91 -47.70 -4.61 -55.18
C SER P 91 -48.72 -3.66 -55.77
N ASN P 92 -49.19 -3.96 -56.99
CA ASN P 92 -49.87 -2.97 -57.82
C ASN P 92 -50.83 -2.12 -57.01
N THR P 93 -50.71 -0.81 -57.19
CA THR P 93 -51.44 0.27 -56.52
C THR P 93 -50.92 0.62 -55.14
N GLN P 94 -49.91 -0.06 -54.60
CA GLN P 94 -49.45 0.26 -53.26
C GLN P 94 -48.01 -0.20 -53.05
N TRP P 95 -47.24 0.60 -52.33
CA TRP P 95 -45.99 0.17 -51.73
C TRP P 95 -46.29 -0.44 -50.36
N THR P 96 -45.32 -1.17 -49.82
CA THR P 96 -45.45 -1.73 -48.48
C THR P 96 -44.07 -2.15 -47.97
N PHE P 97 -43.86 -1.98 -46.66
CA PHE P 97 -42.57 -2.19 -46.04
C PHE P 97 -42.57 -3.47 -45.21
N GLY P 98 -41.37 -3.96 -44.95
CA GLY P 98 -41.20 -5.06 -44.03
C GLY P 98 -41.19 -4.61 -42.58
N GLY P 99 -41.25 -5.58 -41.68
CA GLY P 99 -41.27 -5.27 -40.26
C GLY P 99 -39.98 -4.61 -39.79
N GLY P 100 -38.86 -5.06 -40.31
CA GLY P 100 -37.56 -4.52 -39.94
C GLY P 100 -36.76 -5.51 -39.13
N THR P 101 -35.45 -5.56 -39.40
CA THR P 101 -34.52 -6.43 -38.69
C THR P 101 -33.44 -5.57 -38.04
N LYS P 102 -33.40 -5.56 -36.72
CA LYS P 102 -32.39 -4.81 -35.99
C LYS P 102 -31.13 -5.66 -35.87
N VAL P 103 -29.99 -5.10 -36.29
CA VAL P 103 -28.70 -5.78 -36.25
C VAL P 103 -27.85 -5.10 -35.20
N GLU P 104 -27.32 -5.89 -34.26
CA GLU P 104 -26.58 -5.37 -33.12
C GLU P 104 -25.27 -6.14 -32.98
N ILE P 105 -24.32 -5.51 -32.29
CA ILE P 105 -22.98 -6.08 -32.13
C ILE P 105 -22.99 -7.07 -30.97
N LYS P 106 -22.27 -8.17 -31.14
CA LYS P 106 -22.08 -9.16 -30.08
C LYS P 106 -20.71 -8.99 -29.46
N ARG P 107 -20.67 -8.92 -28.14
CA ARG P 107 -19.43 -8.78 -27.37
C ARG P 107 -19.46 -9.78 -26.22
N THR P 108 -18.41 -9.75 -25.41
CA THR P 108 -18.36 -10.64 -24.25
C THR P 108 -19.40 -10.23 -23.22
N VAL P 109 -19.77 -11.18 -22.35
CA VAL P 109 -20.75 -10.90 -21.32
C VAL P 109 -20.19 -9.84 -20.36
N ALA P 110 -21.08 -8.97 -19.87
CA ALA P 110 -20.71 -7.93 -18.93
C ALA P 110 -21.85 -7.75 -17.95
N ALA P 111 -21.57 -7.98 -16.66
CA ALA P 111 -22.60 -7.83 -15.64
C ALA P 111 -22.89 -6.35 -15.40
N PRO P 112 -24.09 -6.01 -14.94
CA PRO P 112 -24.42 -4.61 -14.71
C PRO P 112 -23.88 -4.10 -13.38
N SER P 113 -23.61 -2.80 -13.35
CA SER P 113 -23.32 -2.08 -12.12
C SER P 113 -24.62 -1.43 -11.65
N VAL P 114 -25.10 -1.86 -10.49
CA VAL P 114 -26.44 -1.52 -10.03
C VAL P 114 -26.36 -0.38 -9.01
N PHE P 115 -27.18 0.64 -9.22
CA PHE P 115 -27.30 1.76 -8.30
C PHE P 115 -28.78 2.05 -8.05
N ILE P 116 -29.10 2.46 -6.82
CA ILE P 116 -30.46 2.83 -6.46
C ILE P 116 -30.43 4.25 -5.90
N PHE P 117 -31.36 5.09 -6.37
CA PHE P 117 -31.42 6.49 -5.98
C PHE P 117 -32.71 6.77 -5.22
N PRO P 118 -32.66 7.30 -4.01
CA PRO P 118 -33.90 7.68 -3.31
C PRO P 118 -34.51 8.91 -3.95
N PRO P 119 -35.78 9.18 -3.69
CA PRO P 119 -36.40 10.41 -4.22
C PRO P 119 -35.81 11.65 -3.58
N SER P 120 -35.81 12.74 -4.35
CA SER P 120 -35.32 14.02 -3.85
C SER P 120 -36.34 14.64 -2.91
N ASP P 121 -35.83 15.28 -1.84
CA ASP P 121 -36.71 16.01 -0.95
C ASP P 121 -37.52 17.05 -1.71
N GLU P 122 -36.97 17.60 -2.79
CA GLU P 122 -37.70 18.57 -3.59
C GLU P 122 -38.94 17.93 -4.22
N GLN P 123 -38.80 16.70 -4.73
CA GLN P 123 -39.95 16.02 -5.32
C GLN P 123 -40.94 15.58 -4.24
N LEU P 124 -40.44 15.18 -3.07
CA LEU P 124 -41.33 14.75 -2.00
C LEU P 124 -42.30 15.87 -1.62
N LYS P 125 -41.80 17.11 -1.57
CA LYS P 125 -42.67 18.24 -1.24
C LYS P 125 -43.71 18.51 -2.32
N SER P 126 -43.55 17.93 -3.51
CA SER P 126 -44.55 18.06 -4.57
C SER P 126 -45.62 16.97 -4.52
N GLY P 127 -45.48 15.99 -3.62
CA GLY P 127 -46.48 14.97 -3.42
C GLY P 127 -46.18 13.63 -4.07
N THR P 128 -45.15 13.54 -4.89
CA THR P 128 -44.81 12.32 -5.60
C THR P 128 -43.37 11.91 -5.27
N ALA P 129 -43.13 10.60 -5.28
CA ALA P 129 -41.80 10.05 -5.00
C ALA P 129 -41.43 9.08 -6.11
N SER P 130 -40.30 9.34 -6.77
CA SER P 130 -39.76 8.47 -7.79
C SER P 130 -38.50 7.81 -7.26
N VAL P 131 -38.47 6.49 -7.28
CA VAL P 131 -37.31 5.70 -6.85
C VAL P 131 -36.71 5.08 -8.10
N VAL P 132 -35.43 5.38 -8.35
CA VAL P 132 -34.76 5.03 -9.60
C VAL P 132 -33.70 3.97 -9.31
N CYS P 133 -33.68 2.93 -10.12
CA CYS P 133 -32.67 1.88 -10.08
C CYS P 133 -31.95 1.87 -11.43
N LEU P 134 -30.61 1.88 -11.39
CA LEU P 134 -29.79 1.99 -12.59
C LEU P 134 -28.99 0.71 -12.78
N LEU P 135 -29.16 0.07 -13.93
CA LEU P 135 -28.34 -1.04 -14.37
C LEU P 135 -27.45 -0.53 -15.50
N ASN P 136 -26.13 -0.51 -15.26
CA ASN P 136 -25.20 0.24 -16.10
C ASN P 136 -24.22 -0.68 -16.79
N ASN P 137 -24.07 -0.50 -18.11
CA ASN P 137 -22.98 -1.07 -18.89
C ASN P 137 -22.91 -2.59 -18.76
N PHE P 138 -23.95 -3.23 -19.29
CA PHE P 138 -24.05 -4.69 -19.26
C PHE P 138 -24.36 -5.22 -20.66
N TYR P 139 -23.95 -6.47 -20.89
CA TYR P 139 -24.27 -7.21 -22.10
C TYR P 139 -24.50 -8.66 -21.68
N PRO P 140 -25.52 -9.34 -22.24
CA PRO P 140 -26.45 -8.90 -23.28
C PRO P 140 -27.60 -8.04 -22.79
N ARG P 141 -28.54 -7.76 -23.69
CA ARG P 141 -29.63 -6.83 -23.40
C ARG P 141 -30.53 -7.33 -22.28
N GLU P 142 -30.69 -8.65 -22.15
CA GLU P 142 -31.73 -9.19 -21.28
C GLU P 142 -31.34 -9.05 -19.82
N ALA P 143 -32.24 -8.43 -19.04
CA ALA P 143 -32.06 -8.31 -17.60
C ALA P 143 -33.45 -8.22 -16.97
N LYS P 144 -33.52 -8.55 -15.69
CA LYS P 144 -34.77 -8.54 -14.94
C LYS P 144 -34.59 -7.73 -13.67
N VAL P 145 -35.37 -6.66 -13.54
CA VAL P 145 -35.40 -5.82 -12.34
C VAL P 145 -36.64 -6.17 -11.55
N GLN P 146 -36.52 -6.19 -10.23
CA GLN P 146 -37.64 -6.49 -9.34
C GLN P 146 -37.60 -5.54 -8.15
N TRP P 147 -38.76 -4.99 -7.81
CA TRP P 147 -38.90 -4.02 -6.73
C TRP P 147 -39.56 -4.67 -5.52
N LYS P 148 -39.09 -4.31 -4.34
CA LYS P 148 -39.66 -4.80 -3.09
C LYS P 148 -39.66 -3.69 -2.07
N VAL P 149 -40.84 -3.34 -1.57
CA VAL P 149 -41.02 -2.32 -0.54
C VAL P 149 -41.29 -3.05 0.77
N ASP P 150 -40.35 -2.96 1.71
CA ASP P 150 -40.44 -3.71 2.97
C ASP P 150 -40.64 -5.19 2.69
N ASN P 151 -39.96 -5.70 1.67
CA ASN P 151 -39.96 -7.08 1.21
C ASN P 151 -41.24 -7.43 0.46
N ALA P 152 -42.19 -6.51 0.31
CA ALA P 152 -43.40 -6.76 -0.44
C ALA P 152 -43.15 -6.48 -1.92
N LEU P 153 -43.41 -7.48 -2.77
CA LEU P 153 -43.16 -7.32 -4.19
C LEU P 153 -44.07 -6.24 -4.77
N GLN P 154 -43.50 -5.40 -5.63
CA GLN P 154 -44.24 -4.38 -6.36
C GLN P 154 -44.57 -4.87 -7.75
N SER P 155 -45.74 -4.48 -8.26
CA SER P 155 -46.21 -4.98 -9.54
C SER P 155 -47.00 -3.88 -10.25
N GLY P 156 -46.48 -3.43 -11.40
CA GLY P 156 -47.18 -2.51 -12.25
C GLY P 156 -46.87 -1.05 -12.03
N ASN P 157 -46.29 -0.69 -10.89
CA ASN P 157 -46.02 0.70 -10.55
C ASN P 157 -44.59 1.11 -10.89
N SER P 158 -44.00 0.49 -11.90
CA SER P 158 -42.65 0.84 -12.34
C SER P 158 -42.57 0.78 -13.86
N GLN P 159 -41.67 1.59 -14.41
CA GLN P 159 -41.43 1.66 -15.84
C GLN P 159 -39.95 1.59 -16.10
N GLU P 160 -39.58 1.10 -17.29
CA GLU P 160 -38.19 0.84 -17.62
C GLU P 160 -37.81 1.52 -18.93
N SER P 161 -36.52 1.85 -19.04
CA SER P 161 -35.94 2.37 -20.26
C SER P 161 -34.60 1.68 -20.50
N VAL P 162 -34.27 1.47 -21.77
CA VAL P 162 -33.02 0.84 -22.17
C VAL P 162 -32.36 1.68 -23.25
N THR P 163 -31.08 1.98 -23.07
CA THR P 163 -30.33 2.70 -24.08
C THR P 163 -30.08 1.82 -25.29
N GLU P 164 -29.82 2.47 -26.42
CA GLU P 164 -29.29 1.75 -27.58
C GLU P 164 -27.86 1.31 -27.30
N GLN P 165 -27.43 0.27 -28.00
CA GLN P 165 -26.10 -0.28 -27.77
C GLN P 165 -25.05 0.80 -27.91
N ASP P 166 -24.21 0.94 -26.87
CA ASP P 166 -23.18 1.96 -26.87
C ASP P 166 -22.21 1.74 -28.02
N SER P 167 -21.89 2.82 -28.72
CA SER P 167 -21.04 2.71 -29.91
C SER P 167 -19.60 2.39 -29.58
N LYS P 168 -19.16 2.62 -28.34
CA LYS P 168 -17.76 2.45 -27.97
C LYS P 168 -17.46 1.14 -27.26
N ASP P 169 -18.29 0.73 -26.30
CA ASP P 169 -18.09 -0.54 -25.60
C ASP P 169 -19.21 -1.54 -25.83
N SER P 170 -20.22 -1.19 -26.63
CA SER P 170 -21.26 -2.13 -27.05
C SER P 170 -22.06 -2.67 -25.87
N THR P 171 -22.17 -1.89 -24.80
CA THR P 171 -22.96 -2.27 -23.64
C THR P 171 -24.29 -1.52 -23.65
N TYR P 172 -25.22 -2.02 -22.84
CA TYR P 172 -26.51 -1.38 -22.60
C TYR P 172 -26.57 -0.86 -21.17
N SER P 173 -27.50 0.08 -20.95
CA SER P 173 -27.83 0.53 -19.61
C SER P 173 -29.35 0.61 -19.50
N LEU P 174 -29.86 0.36 -18.30
CA LEU P 174 -31.30 0.29 -18.07
C LEU P 174 -31.65 1.06 -16.81
N SER P 175 -32.77 1.77 -16.85
CA SER P 175 -33.30 2.50 -15.71
C SER P 175 -34.70 1.99 -15.39
N SER P 176 -34.92 1.61 -14.14
CA SER P 176 -36.23 1.23 -13.64
C SER P 176 -36.67 2.26 -12.61
N THR P 177 -37.84 2.87 -12.83
CA THR P 177 -38.35 3.93 -11.98
C THR P 177 -39.61 3.46 -11.28
N LEU P 178 -39.56 3.42 -9.95
CA LEU P 178 -40.72 3.09 -9.12
C LEU P 178 -41.36 4.40 -8.66
N THR P 179 -42.66 4.54 -8.92
CA THR P 179 -43.39 5.77 -8.63
C THR P 179 -44.55 5.47 -7.70
N LEU P 180 -44.59 6.17 -6.57
CA LEU P 180 -45.72 6.10 -5.65
C LEU P 180 -45.88 7.47 -5.00
N SER P 181 -47.00 7.65 -4.32
CA SER P 181 -47.29 8.93 -3.69
C SER P 181 -46.38 9.18 -2.50
N LYS P 182 -46.27 10.46 -2.12
CA LYS P 182 -45.55 10.81 -0.90
C LYS P 182 -46.13 10.06 0.30
N ALA P 183 -47.45 9.94 0.36
CA ALA P 183 -48.09 9.23 1.46
C ALA P 183 -47.67 7.77 1.48
N ASP P 184 -47.78 7.08 0.35
CA ASP P 184 -47.38 5.68 0.29
C ASP P 184 -45.90 5.53 0.59
N TYR P 185 -45.08 6.49 0.17
CA TYR P 185 -43.64 6.40 0.39
C TYR P 185 -43.31 6.37 1.88
N GLU P 186 -43.96 7.23 2.66
CA GLU P 186 -43.56 7.46 4.04
C GLU P 186 -44.11 6.42 5.01
N LYS P 187 -44.98 5.52 4.57
CA LYS P 187 -45.46 4.44 5.41
C LYS P 187 -44.61 3.17 5.27
N HIS P 188 -43.51 3.24 4.52
CA HIS P 188 -42.61 2.11 4.34
C HIS P 188 -41.17 2.59 4.47
N LYS P 189 -40.29 1.64 4.80
CA LYS P 189 -38.90 1.94 5.10
C LYS P 189 -37.93 1.35 4.08
N VAL P 190 -37.98 0.05 3.85
CA VAL P 190 -36.99 -0.64 3.05
C VAL P 190 -37.43 -0.63 1.59
N TYR P 191 -36.57 -0.10 0.72
CA TYR P 191 -36.81 -0.03 -0.71
C TYR P 191 -35.68 -0.75 -1.43
N ALA P 192 -36.01 -1.85 -2.11
CA ALA P 192 -35.01 -2.75 -2.67
C ALA P 192 -35.22 -2.92 -4.17
N CYS P 193 -34.12 -2.98 -4.89
CA CYS P 193 -34.10 -3.26 -6.33
C CYS P 193 -33.22 -4.48 -6.57
N GLU P 194 -33.81 -5.53 -7.14
CA GLU P 194 -33.14 -6.81 -7.33
C GLU P 194 -32.95 -7.07 -8.82
N VAL P 195 -31.71 -7.38 -9.21
CA VAL P 195 -31.32 -7.49 -10.60
C VAL P 195 -30.85 -8.92 -10.87
N THR P 196 -31.37 -9.52 -11.93
CA THR P 196 -30.87 -10.78 -12.46
C THR P 196 -30.32 -10.54 -13.87
N HIS P 197 -29.19 -11.16 -14.18
CA HIS P 197 -28.55 -10.97 -15.47
C HIS P 197 -27.61 -12.14 -15.71
N GLN P 198 -27.36 -12.44 -16.99
CA GLN P 198 -26.58 -13.63 -17.33
C GLN P 198 -25.18 -13.56 -16.73
N GLY P 199 -24.61 -12.35 -16.65
CA GLY P 199 -23.27 -12.20 -16.12
C GLY P 199 -23.18 -12.32 -14.60
N LEU P 200 -24.30 -12.40 -13.92
CA LEU P 200 -24.34 -12.56 -12.47
C LEU P 200 -24.61 -14.01 -12.11
N SER P 201 -23.84 -14.55 -11.17
CA SER P 201 -24.04 -15.91 -10.72
C SER P 201 -25.28 -16.07 -9.83
N SER P 202 -25.84 -14.97 -9.34
CA SER P 202 -27.08 -14.99 -8.57
C SER P 202 -27.60 -13.56 -8.49
N PRO P 203 -28.87 -13.38 -8.15
CA PRO P 203 -29.45 -12.03 -8.14
C PRO P 203 -28.74 -11.10 -7.17
N VAL P 204 -28.76 -9.80 -7.49
CA VAL P 204 -28.05 -8.78 -6.75
C VAL P 204 -29.05 -7.69 -6.36
N THR P 205 -29.01 -7.28 -5.10
CA THR P 205 -29.99 -6.37 -4.53
C THR P 205 -29.33 -5.09 -4.04
N LYS P 206 -29.90 -3.95 -4.40
CA LYS P 206 -29.52 -2.64 -3.89
C LYS P 206 -30.73 -2.03 -3.19
N SER P 207 -30.54 -1.53 -1.97
CA SER P 207 -31.66 -1.05 -1.17
C SER P 207 -31.22 0.08 -0.25
N PHE P 208 -32.21 0.81 0.27
CA PHE P 208 -31.96 1.91 1.19
C PHE P 208 -33.15 2.04 2.15
N ASN P 209 -32.85 2.46 3.38
CA ASN P 209 -33.85 2.54 4.45
C ASN P 209 -34.43 3.94 4.64
N ARG P 210 -34.91 4.56 3.56
CA ARG P 210 -35.67 5.81 3.63
C ARG P 210 -35.17 6.81 4.66
N GLY P 211 -33.99 7.38 4.47
CA GLY P 211 -33.64 8.57 5.23
C GLY P 211 -32.24 8.64 5.80
N GLU P 212 -31.37 7.69 5.47
CA GLU P 212 -30.06 7.65 6.10
C GLU P 212 -29.11 8.65 5.44
N CYS P 213 -28.77 8.43 4.17
CA CYS P 213 -27.85 9.30 3.45
C CYS P 213 -27.81 8.92 1.97
N CYS Q 1 -48.10 2.18 -61.11
CA CYS Q 1 -46.64 2.01 -61.34
C CYS Q 1 -45.82 2.40 -60.12
N PRO Q 2 -44.69 1.72 -59.87
CA PRO Q 2 -43.77 2.20 -58.83
C PRO Q 2 -43.44 3.68 -58.90
N GLY Q 3 -43.49 4.29 -60.07
CA GLY Q 3 -43.21 5.71 -60.18
C GLY Q 3 -43.30 6.19 -61.62
N LYS Q 4 -43.50 7.51 -61.73
CA LYS Q 4 -43.52 8.15 -63.04
C LYS Q 4 -42.11 8.24 -63.61
N GLY Q 5 -42.03 8.26 -64.93
CA GLY Q 5 -40.76 8.28 -65.61
C GLY Q 5 -40.18 6.88 -65.76
N LEU Q 6 -38.94 6.86 -66.24
CA LEU Q 6 -38.15 5.64 -66.39
C LEU Q 6 -38.74 4.73 -67.46
N PRO Q 7 -37.90 3.96 -68.15
CA PRO Q 7 -38.39 3.15 -69.28
C PRO Q 7 -39.62 2.30 -69.02
N SER Q 8 -39.78 1.75 -67.81
CA SER Q 8 -40.82 0.77 -67.56
C SER Q 8 -42.17 1.39 -67.19
N CYS Q 9 -42.43 2.63 -67.60
CA CYS Q 9 -43.74 3.24 -67.43
C CYS Q 9 -43.84 4.55 -68.20
N CYS R 1 -16.68 -47.99 26.10
CA CYS R 1 -16.78 -46.51 26.26
C CYS R 1 -16.62 -45.80 24.92
N PRO R 2 -17.01 -44.53 24.85
CA PRO R 2 -16.68 -43.73 23.67
C PRO R 2 -15.18 -43.60 23.45
N GLY R 3 -14.39 -43.79 24.51
CA GLY R 3 -12.94 -43.80 24.41
C GLY R 3 -12.31 -44.08 25.75
N LYS R 4 -11.15 -44.73 25.76
CA LYS R 4 -10.46 -45.10 26.98
C LYS R 4 -9.36 -44.08 27.27
N GLY R 5 -9.32 -43.59 28.51
CA GLY R 5 -8.26 -42.70 28.93
C GLY R 5 -8.76 -41.43 29.59
N LEU R 6 -9.86 -40.87 29.08
CA LEU R 6 -10.40 -39.66 29.66
C LEU R 6 -11.02 -39.95 31.02
N PRO R 7 -11.12 -38.94 31.89
CA PRO R 7 -11.34 -39.22 33.32
C PRO R 7 -12.63 -39.98 33.63
N SER R 8 -13.72 -39.75 32.89
CA SER R 8 -15.00 -40.31 33.29
C SER R 8 -15.12 -41.80 32.98
N CYS R 9 -14.33 -42.32 32.05
CA CYS R 9 -14.22 -43.77 31.82
C CYS R 9 -13.16 -44.07 30.76
#